data_2ENP
#
_entry.id   2ENP
#
_entity_poly.entity_id   1
_entity_poly.type   'polypeptide(L)'
_entity_poly.pdbx_seq_one_letter_code
;GSSGSSGSKYQLGMLHFSTQYDLLHNHLTVRVIEARDLPPPISHDGSRQDMAHSNPYVKICLLPDQKNSKQTGVKRKTQK
PVFEERYTFEIPFLEAQRRTLLLTVVDFDKFSRHCVIGKVSVPLCEVDLVKGGHWWKALIPSGPSSG
;
_entity_poly.pdbx_strand_id   A
#
# COMPACT_ATOMS: atom_id res chain seq x y z
N GLY A 1 -20.81 6.59 0.56
CA GLY A 1 -21.71 6.36 -0.56
C GLY A 1 -20.97 5.98 -1.83
N SER A 2 -20.61 4.70 -1.94
CA SER A 2 -19.91 4.21 -3.12
C SER A 2 -20.28 2.77 -3.42
N SER A 3 -19.97 2.32 -4.63
CA SER A 3 -20.27 0.96 -5.05
C SER A 3 -19.43 -0.05 -4.27
N GLY A 4 -19.74 -1.33 -4.44
CA GLY A 4 -19.01 -2.37 -3.75
C GLY A 4 -18.38 -3.37 -4.70
N SER A 5 -17.98 -4.52 -4.17
CA SER A 5 -17.35 -5.55 -4.99
C SER A 5 -17.91 -6.93 -4.65
N SER A 6 -18.40 -7.63 -5.67
CA SER A 6 -18.97 -8.96 -5.48
C SER A 6 -18.87 -9.78 -6.76
N GLY A 7 -18.15 -10.89 -6.69
CA GLY A 7 -17.99 -11.75 -7.85
C GLY A 7 -16.64 -12.44 -7.88
N SER A 8 -16.04 -12.50 -9.07
CA SER A 8 -14.74 -13.15 -9.23
C SER A 8 -13.72 -12.57 -8.26
N LYS A 9 -13.21 -13.41 -7.37
CA LYS A 9 -12.23 -12.98 -6.38
C LYS A 9 -11.17 -12.08 -7.02
N TYR A 10 -10.38 -11.41 -6.19
CA TYR A 10 -9.34 -10.52 -6.66
C TYR A 10 -7.95 -11.09 -6.36
N GLN A 11 -7.30 -11.64 -7.38
CA GLN A 11 -5.98 -12.21 -7.22
C GLN A 11 -4.89 -11.18 -7.52
N LEU A 12 -5.11 -9.95 -7.05
CA LEU A 12 -4.14 -8.87 -7.27
C LEU A 12 -2.81 -9.19 -6.61
N GLY A 13 -2.87 -9.61 -5.35
CA GLY A 13 -1.65 -9.95 -4.62
C GLY A 13 -1.77 -9.65 -3.14
N MET A 14 -0.63 -9.54 -2.47
CA MET A 14 -0.60 -9.27 -1.04
C MET A 14 0.59 -8.41 -0.67
N LEU A 15 0.40 -7.52 0.30
CA LEU A 15 1.48 -6.63 0.74
C LEU A 15 1.63 -6.68 2.26
N HIS A 16 2.87 -6.72 2.72
CA HIS A 16 3.16 -6.76 4.15
C HIS A 16 3.39 -5.36 4.71
N PHE A 17 2.78 -5.08 5.85
CA PHE A 17 2.92 -3.77 6.48
C PHE A 17 2.56 -3.85 7.97
N SER A 18 3.16 -2.95 8.76
CA SER A 18 2.92 -2.92 10.20
C SER A 18 2.63 -1.50 10.67
N THR A 19 1.52 -1.34 11.39
CA THR A 19 1.13 -0.03 11.90
C THR A 19 1.28 0.04 13.41
N GLN A 20 2.19 0.89 13.87
CA GLN A 20 2.43 1.05 15.29
C GLN A 20 2.62 2.53 15.66
N TYR A 21 1.99 2.94 16.76
CA TYR A 21 2.08 4.33 17.21
C TYR A 21 2.99 4.44 18.44
N ASP A 22 3.93 5.38 18.38
CA ASP A 22 4.85 5.59 19.49
C ASP A 22 4.29 6.62 20.47
N LEU A 23 4.11 6.20 21.72
CA LEU A 23 3.58 7.09 22.76
C LEU A 23 4.67 8.03 23.26
N LEU A 24 5.89 7.52 23.36
CA LEU A 24 7.02 8.32 23.84
C LEU A 24 7.26 9.51 22.92
N HIS A 25 7.20 9.28 21.62
CA HIS A 25 7.42 10.34 20.64
C HIS A 25 6.09 11.00 20.26
N ASN A 26 4.99 10.34 20.60
CA ASN A 26 3.67 10.87 20.30
C ASN A 26 3.48 11.04 18.80
N HIS A 27 3.88 10.03 18.03
CA HIS A 27 3.76 10.08 16.58
C HIS A 27 3.40 8.69 16.03
N LEU A 28 3.03 8.66 14.75
CA LEU A 28 2.67 7.40 14.10
C LEU A 28 3.87 6.80 13.38
N THR A 29 4.28 5.61 13.82
CA THR A 29 5.41 4.91 13.23
C THR A 29 4.95 3.82 12.26
N VAL A 30 4.95 4.15 10.97
CA VAL A 30 4.53 3.19 9.95
C VAL A 30 5.73 2.65 9.18
N ARG A 31 6.12 1.42 9.50
CA ARG A 31 7.26 0.78 8.84
C ARG A 31 6.80 -0.03 7.64
N VAL A 32 7.36 0.27 6.48
CA VAL A 32 7.01 -0.44 5.25
C VAL A 32 7.73 -1.78 5.16
N ILE A 33 6.97 -2.84 4.91
CA ILE A 33 7.53 -4.17 4.81
C ILE A 33 7.48 -4.69 3.37
N GLU A 34 8.25 -5.72 3.08
CA GLU A 34 8.29 -6.30 1.75
C GLU A 34 6.93 -6.84 1.34
N ALA A 35 6.85 -7.40 0.15
CA ALA A 35 5.60 -7.96 -0.35
C ALA A 35 5.86 -9.09 -1.34
N ARG A 36 4.78 -9.65 -1.89
CA ARG A 36 4.89 -10.75 -2.83
C ARG A 36 3.58 -10.95 -3.58
N ASP A 37 3.61 -11.78 -4.62
CA ASP A 37 2.43 -12.06 -5.42
C ASP A 37 1.96 -10.80 -6.16
N LEU A 38 2.92 -10.07 -6.73
CA LEU A 38 2.60 -8.84 -7.45
C LEU A 38 2.66 -9.07 -8.96
N PRO A 39 1.67 -8.55 -9.68
CA PRO A 39 1.59 -8.68 -11.15
C PRO A 39 2.66 -7.86 -11.85
N PRO A 40 3.06 -8.32 -13.04
CA PRO A 40 4.08 -7.63 -13.85
C PRO A 40 3.58 -6.30 -14.42
N PRO A 41 4.50 -5.52 -14.99
CA PRO A 41 4.19 -4.21 -15.57
C PRO A 41 3.36 -4.34 -16.85
N ILE A 42 2.04 -4.22 -16.71
CA ILE A 42 1.14 -4.32 -17.85
C ILE A 42 0.15 -3.16 -17.88
N SER A 43 -0.25 -2.77 -19.08
CA SER A 43 -1.20 -1.66 -19.23
C SER A 43 -2.61 -2.19 -19.45
N HIS A 44 -2.82 -2.87 -20.57
CA HIS A 44 -4.12 -3.43 -20.90
C HIS A 44 -4.27 -4.84 -20.34
N ASP A 45 -3.44 -5.75 -20.82
CA ASP A 45 -3.48 -7.14 -20.37
C ASP A 45 -2.26 -7.91 -20.88
N GLY A 46 -2.20 -9.19 -20.54
CA GLY A 46 -1.07 -10.01 -20.97
C GLY A 46 -0.48 -10.83 -19.82
N SER A 47 -0.48 -12.14 -19.99
CA SER A 47 0.05 -13.04 -18.95
C SER A 47 1.45 -12.60 -18.53
N ARG A 48 2.05 -13.35 -17.62
CA ARG A 48 3.38 -13.04 -17.12
C ARG A 48 4.32 -12.70 -18.27
N GLN A 49 4.49 -11.40 -18.54
CA GLN A 49 5.37 -10.96 -19.61
C GLN A 49 6.79 -11.45 -19.40
N ASP A 50 7.42 -11.92 -20.48
CA ASP A 50 8.79 -12.42 -20.40
C ASP A 50 9.78 -11.26 -20.28
N MET A 51 10.86 -11.50 -19.54
CA MET A 51 11.88 -10.48 -19.34
C MET A 51 11.25 -9.13 -19.02
N ALA A 52 10.39 -9.10 -18.01
CA ALA A 52 9.72 -7.87 -17.61
C ALA A 52 10.00 -7.54 -16.16
N HIS A 53 11.04 -6.75 -15.92
CA HIS A 53 11.43 -6.37 -14.56
C HIS A 53 11.56 -4.85 -14.45
N SER A 54 10.88 -4.28 -13.46
CA SER A 54 10.92 -2.83 -13.25
C SER A 54 11.23 -2.51 -11.79
N ASN A 55 11.22 -1.22 -11.46
CA ASN A 55 11.50 -0.78 -10.10
C ASN A 55 10.22 -0.30 -9.41
N PRO A 56 9.48 -1.26 -8.83
CA PRO A 56 8.23 -0.96 -8.13
C PRO A 56 8.46 -0.22 -6.81
N TYR A 57 7.40 0.33 -6.25
CA TYR A 57 7.49 1.07 -5.00
C TYR A 57 6.13 1.14 -4.31
N VAL A 58 6.15 1.30 -2.99
CA VAL A 58 4.92 1.39 -2.21
C VAL A 58 4.72 2.80 -1.65
N LYS A 59 3.47 3.25 -1.65
CA LYS A 59 3.15 4.57 -1.15
C LYS A 59 2.42 4.48 0.20
N ILE A 60 2.35 5.60 0.91
CA ILE A 60 1.69 5.63 2.21
C ILE A 60 0.78 6.86 2.31
N CYS A 61 -0.25 6.75 3.15
CA CYS A 61 -1.19 7.85 3.36
C CYS A 61 -2.12 7.55 4.52
N LEU A 62 -2.65 8.61 5.14
CA LEU A 62 -3.56 8.46 6.26
C LEU A 62 -4.92 9.10 5.96
N LEU A 63 -5.86 8.28 5.51
CA LEU A 63 -7.19 8.76 5.18
C LEU A 63 -7.86 9.41 6.39
N PRO A 64 -8.90 10.21 6.15
CA PRO A 64 -9.40 10.47 4.79
C PRO A 64 -8.42 11.32 3.97
N ASP A 65 -7.41 11.86 4.64
CA ASP A 65 -6.41 12.69 3.97
C ASP A 65 -5.70 11.91 2.87
N GLN A 66 -5.95 12.30 1.62
CA GLN A 66 -5.33 11.63 0.48
C GLN A 66 -4.49 12.60 -0.33
N LYS A 67 -3.93 13.59 0.34
CA LYS A 67 -3.10 14.60 -0.32
C LYS A 67 -1.62 14.36 -0.05
N ASN A 68 -1.23 14.49 1.22
CA ASN A 68 0.16 14.27 1.61
C ASN A 68 0.50 12.79 1.64
N SER A 69 0.83 12.24 0.47
CA SER A 69 1.16 10.82 0.37
C SER A 69 2.68 10.63 0.32
N LYS A 70 3.15 9.58 0.98
CA LYS A 70 4.59 9.29 1.01
C LYS A 70 4.92 8.14 0.05
N GLN A 71 6.22 7.90 -0.13
CA GLN A 71 6.68 6.84 -1.02
C GLN A 71 8.09 6.39 -0.66
N THR A 72 8.31 5.08 -0.64
CA THR A 72 9.61 4.52 -0.30
C THR A 72 10.57 4.61 -1.49
N GLY A 73 11.86 4.53 -1.20
CA GLY A 73 12.85 4.60 -2.26
C GLY A 73 12.53 3.69 -3.42
N VAL A 74 13.32 3.80 -4.50
CA VAL A 74 13.11 2.98 -5.68
C VAL A 74 14.11 1.83 -5.74
N LYS A 75 13.59 0.60 -5.70
CA LYS A 75 14.44 -0.58 -5.75
C LYS A 75 14.79 -0.94 -7.19
N ARG A 76 15.76 -1.85 -7.35
CA ARG A 76 16.19 -2.28 -8.67
C ARG A 76 15.27 -3.36 -9.23
N LYS A 77 15.36 -3.61 -10.53
CA LYS A 77 14.54 -4.62 -11.17
C LYS A 77 14.28 -5.80 -10.24
N THR A 78 13.04 -5.93 -9.79
CA THR A 78 12.65 -7.02 -8.89
C THR A 78 11.14 -7.17 -8.83
N GLN A 79 10.69 -8.39 -8.59
CA GLN A 79 9.26 -8.67 -8.50
C GLN A 79 8.73 -8.40 -7.09
N LYS A 80 9.53 -8.74 -6.09
CA LYS A 80 9.15 -8.52 -4.70
C LYS A 80 9.84 -7.30 -4.12
N PRO A 81 9.12 -6.17 -4.07
CA PRO A 81 9.66 -4.91 -3.54
C PRO A 81 9.87 -4.96 -2.04
N VAL A 82 11.13 -4.86 -1.62
CA VAL A 82 11.46 -4.89 -0.19
C VAL A 82 12.36 -3.71 0.19
N PHE A 83 11.94 -2.97 1.20
CA PHE A 83 12.70 -1.82 1.67
C PHE A 83 12.94 -1.90 3.17
N GLU A 84 11.93 -2.31 3.92
CA GLU A 84 12.03 -2.43 5.36
C GLU A 84 12.45 -1.10 5.98
N GLU A 85 11.81 -0.02 5.55
CA GLU A 85 12.12 1.31 6.06
C GLU A 85 11.04 1.78 7.04
N ARG A 86 11.42 2.65 7.96
CA ARG A 86 10.49 3.18 8.95
C ARG A 86 10.16 4.63 8.65
N TYR A 87 8.96 5.04 9.04
CA TYR A 87 8.52 6.42 8.82
C TYR A 87 7.81 6.97 10.05
N THR A 88 7.71 8.29 10.14
CA THR A 88 7.07 8.95 11.26
C THR A 88 6.05 9.98 10.79
N PHE A 89 5.06 10.26 11.64
CA PHE A 89 4.02 11.22 11.31
C PHE A 89 3.42 11.84 12.57
N GLU A 90 3.72 13.13 12.79
CA GLU A 90 3.21 13.83 13.97
C GLU A 90 1.69 13.92 13.93
N ILE A 91 1.03 12.99 14.60
CA ILE A 91 -0.43 12.96 14.65
C ILE A 91 -0.92 12.55 16.03
N PRO A 92 -1.89 13.31 16.56
CA PRO A 92 -2.47 13.06 17.88
C PRO A 92 -3.32 11.79 17.90
N PHE A 93 -3.04 10.90 18.83
CA PHE A 93 -3.78 9.65 18.95
C PHE A 93 -5.24 9.86 18.59
N LEU A 94 -5.93 10.70 19.35
CA LEU A 94 -7.34 10.98 19.12
C LEU A 94 -7.65 10.94 17.63
N GLU A 95 -6.86 11.67 16.84
CA GLU A 95 -7.05 11.72 15.39
C GLU A 95 -6.73 10.36 14.76
N ALA A 96 -5.57 9.81 15.11
CA ALA A 96 -5.15 8.53 14.57
C ALA A 96 -6.31 7.55 14.51
N GLN A 97 -6.98 7.34 15.63
CA GLN A 97 -8.11 6.43 15.69
C GLN A 97 -9.11 6.71 14.57
N ARG A 98 -9.32 8.00 14.29
CA ARG A 98 -10.24 8.41 13.24
C ARG A 98 -9.62 8.21 11.86
N ARG A 99 -8.31 8.41 11.77
CA ARG A 99 -7.61 8.25 10.50
C ARG A 99 -7.50 6.78 10.12
N THR A 100 -7.14 6.52 8.87
CA THR A 100 -7.00 5.16 8.38
C THR A 100 -5.70 4.99 7.60
N LEU A 101 -5.03 3.86 7.83
CA LEU A 101 -3.76 3.58 7.16
C LEU A 101 -4.02 2.91 5.80
N LEU A 102 -3.71 3.63 4.73
CA LEU A 102 -3.91 3.10 3.38
C LEU A 102 -2.58 3.04 2.63
N LEU A 103 -2.32 1.89 2.02
CA LEU A 103 -1.09 1.69 1.27
C LEU A 103 -1.38 1.38 -0.19
N THR A 104 -0.74 2.12 -1.09
CA THR A 104 -0.93 1.92 -2.53
C THR A 104 0.33 1.40 -3.19
N VAL A 105 0.18 0.38 -4.03
CA VAL A 105 1.31 -0.21 -4.73
C VAL A 105 1.29 0.16 -6.21
N VAL A 106 2.18 1.08 -6.59
CA VAL A 106 2.26 1.52 -7.98
C VAL A 106 3.68 1.31 -8.54
N ASP A 107 3.75 0.84 -9.78
CA ASP A 107 5.03 0.59 -10.42
C ASP A 107 5.63 1.89 -10.95
N PHE A 108 6.96 1.93 -11.03
CA PHE A 108 7.65 3.12 -11.52
C PHE A 108 8.53 2.77 -12.73
N ASP A 109 8.26 3.44 -13.84
CA ASP A 109 9.02 3.20 -15.07
C ASP A 109 8.59 4.17 -16.16
N LYS A 110 9.41 4.30 -17.20
CA LYS A 110 9.12 5.19 -18.31
C LYS A 110 7.64 5.13 -18.67
N PHE A 111 7.21 4.01 -19.26
CA PHE A 111 5.82 3.84 -19.65
C PHE A 111 5.00 3.27 -18.51
N SER A 112 5.30 3.73 -17.29
CA SER A 112 4.58 3.27 -16.10
C SER A 112 3.39 4.18 -15.80
N ARG A 113 2.31 3.99 -16.54
CA ARG A 113 1.10 4.78 -16.34
C ARG A 113 0.55 4.61 -14.93
N HIS A 114 -0.46 5.40 -14.59
CA HIS A 114 -1.08 5.33 -13.28
C HIS A 114 -2.01 4.13 -13.18
N CYS A 115 -1.47 2.95 -13.41
CA CYS A 115 -2.26 1.71 -13.35
C CYS A 115 -2.00 0.96 -12.05
N VAL A 116 -2.11 1.67 -10.94
CA VAL A 116 -1.87 1.07 -9.62
C VAL A 116 -2.36 -0.37 -9.59
N ILE A 117 -1.56 -1.25 -8.99
CA ILE A 117 -1.91 -2.66 -8.88
C ILE A 117 -3.06 -2.87 -7.90
N GLY A 118 -2.98 -2.19 -6.76
CA GLY A 118 -4.01 -2.31 -5.74
C GLY A 118 -3.71 -1.49 -4.51
N LYS A 119 -4.70 -1.37 -3.63
CA LYS A 119 -4.54 -0.61 -2.39
C LYS A 119 -4.94 -1.44 -1.18
N VAL A 120 -4.57 -0.96 0.00
CA VAL A 120 -4.89 -1.66 1.24
C VAL A 120 -5.20 -0.67 2.37
N SER A 121 -6.48 -0.58 2.72
CA SER A 121 -6.91 0.32 3.78
C SER A 121 -7.21 -0.44 5.06
N VAL A 122 -6.91 0.19 6.20
CA VAL A 122 -7.14 -0.43 7.50
C VAL A 122 -7.36 0.61 8.58
N PRO A 123 -8.52 0.56 9.24
CA PRO A 123 -8.87 1.50 10.32
C PRO A 123 -8.03 1.29 11.57
N LEU A 124 -7.46 2.37 12.08
CA LEU A 124 -6.63 2.31 13.28
C LEU A 124 -7.48 2.54 14.53
N CYS A 125 -8.79 2.39 14.40
CA CYS A 125 -9.70 2.59 15.52
C CYS A 125 -9.77 1.34 16.40
N GLU A 126 -9.94 0.19 15.76
CA GLU A 126 -10.01 -1.08 16.49
C GLU A 126 -8.62 -1.56 16.89
N VAL A 127 -7.72 -1.62 15.92
CA VAL A 127 -6.35 -2.06 16.17
C VAL A 127 -5.72 -1.27 17.31
N ASP A 128 -4.80 -1.91 18.02
CA ASP A 128 -4.11 -1.27 19.14
C ASP A 128 -2.75 -0.72 18.71
N LEU A 129 -2.69 0.57 18.43
CA LEU A 129 -1.46 1.21 18.00
C LEU A 129 -0.41 1.16 19.10
N VAL A 130 -0.78 1.62 20.28
CA VAL A 130 0.12 1.63 21.43
C VAL A 130 0.88 0.30 21.53
N LYS A 131 0.22 -0.78 21.13
CA LYS A 131 0.83 -2.10 21.18
C LYS A 131 1.49 -2.44 19.85
N GLY A 132 1.04 -1.79 18.78
CA GLY A 132 1.60 -2.04 17.46
C GLY A 132 0.74 -2.98 16.64
N GLY A 133 0.91 -2.94 15.32
CA GLY A 133 0.14 -3.81 14.44
C GLY A 133 1.02 -4.53 13.44
N HIS A 134 0.55 -5.70 13.00
CA HIS A 134 1.29 -6.49 12.02
C HIS A 134 0.44 -7.65 11.51
N TRP A 135 0.01 -7.54 10.25
CA TRP A 135 -0.80 -8.58 9.63
C TRP A 135 -0.61 -8.60 8.11
N TRP A 136 -1.30 -9.52 7.45
CA TRP A 136 -1.20 -9.64 6.00
C TRP A 136 -2.56 -9.43 5.34
N LYS A 137 -2.59 -8.61 4.29
CA LYS A 137 -3.82 -8.34 3.57
C LYS A 137 -3.64 -8.54 2.07
N ALA A 138 -4.75 -8.66 1.35
CA ALA A 138 -4.70 -8.85 -0.09
C ALA A 138 -5.17 -7.61 -0.83
N LEU A 139 -4.25 -6.94 -1.51
CA LEU A 139 -4.57 -5.73 -2.25
C LEU A 139 -5.94 -5.83 -2.90
N ILE A 140 -6.66 -4.72 -2.93
CA ILE A 140 -8.00 -4.69 -3.53
C ILE A 140 -8.04 -3.74 -4.72
N PRO A 141 -8.95 -4.01 -5.66
CA PRO A 141 -9.12 -3.19 -6.86
C PRO A 141 -9.72 -1.82 -6.55
N SER A 142 -8.86 -0.80 -6.46
CA SER A 142 -9.31 0.55 -6.16
C SER A 142 -10.41 0.99 -7.12
N GLY A 143 -11.18 1.99 -6.71
CA GLY A 143 -12.27 2.47 -7.54
C GLY A 143 -12.54 3.96 -7.34
N PRO A 144 -13.57 4.48 -8.01
CA PRO A 144 -13.95 5.89 -7.91
C PRO A 144 -14.54 6.23 -6.55
N SER A 145 -14.39 7.48 -6.14
CA SER A 145 -14.92 7.94 -4.85
C SER A 145 -15.38 9.39 -4.94
N SER A 146 -16.64 9.63 -4.59
CA SER A 146 -17.20 10.97 -4.62
C SER A 146 -17.29 11.56 -3.22
N GLY A 147 -16.22 11.39 -2.45
CA GLY A 147 -16.20 11.91 -1.10
C GLY A 147 -14.82 12.41 -0.69
N GLY A 1 -23.25 4.22 2.79
CA GLY A 1 -23.89 2.91 2.74
C GLY A 1 -22.90 1.77 2.79
N SER A 2 -23.16 0.72 2.03
CA SER A 2 -22.28 -0.45 2.00
C SER A 2 -22.42 -1.19 0.68
N SER A 3 -21.44 -2.05 0.39
CA SER A 3 -21.45 -2.83 -0.84
C SER A 3 -21.60 -4.32 -0.55
N GLY A 4 -21.75 -5.11 -1.60
CA GLY A 4 -21.90 -6.55 -1.43
C GLY A 4 -20.63 -7.31 -1.72
N SER A 5 -20.76 -8.58 -2.10
CA SER A 5 -19.61 -9.42 -2.41
C SER A 5 -19.27 -9.36 -3.89
N SER A 6 -18.26 -8.58 -4.24
CA SER A 6 -17.84 -8.44 -5.62
C SER A 6 -17.72 -9.81 -6.30
N GLY A 7 -18.01 -9.84 -7.60
CA GLY A 7 -17.93 -11.08 -8.34
C GLY A 7 -16.52 -11.64 -8.41
N SER A 8 -15.90 -11.52 -9.56
CA SER A 8 -14.54 -12.01 -9.76
C SER A 8 -13.69 -11.78 -8.51
N LYS A 9 -12.75 -12.68 -8.26
CA LYS A 9 -11.87 -12.57 -7.11
C LYS A 9 -10.70 -11.64 -7.39
N TYR A 10 -10.41 -10.75 -6.44
CA TYR A 10 -9.31 -9.81 -6.60
C TYR A 10 -8.11 -10.46 -7.26
N GLN A 11 -7.54 -11.46 -6.59
CA GLN A 11 -6.38 -12.17 -7.12
C GLN A 11 -5.30 -11.19 -7.59
N LEU A 12 -5.18 -10.08 -6.88
CA LEU A 12 -4.19 -9.06 -7.22
C LEU A 12 -2.86 -9.33 -6.53
N GLY A 13 -2.93 -9.72 -5.25
CA GLY A 13 -1.73 -10.01 -4.50
C GLY A 13 -1.88 -9.68 -3.03
N MET A 14 -0.75 -9.45 -2.36
CA MET A 14 -0.76 -9.12 -0.94
C MET A 14 0.41 -8.24 -0.57
N LEU A 15 0.21 -7.33 0.38
CA LEU A 15 1.26 -6.42 0.82
C LEU A 15 1.48 -6.54 2.33
N HIS A 16 2.74 -6.45 2.74
CA HIS A 16 3.09 -6.55 4.15
C HIS A 16 3.34 -5.16 4.75
N PHE A 17 2.70 -4.89 5.88
CA PHE A 17 2.84 -3.60 6.55
C PHE A 17 2.59 -3.73 8.04
N SER A 18 3.16 -2.81 8.81
CA SER A 18 3.01 -2.83 10.27
C SER A 18 2.74 -1.42 10.80
N THR A 19 1.59 -1.25 11.43
CA THR A 19 1.21 0.04 11.99
C THR A 19 1.41 0.07 13.50
N GLN A 20 2.31 0.94 13.97
CA GLN A 20 2.59 1.06 15.38
C GLN A 20 2.75 2.52 15.79
N TYR A 21 2.01 2.93 16.82
CA TYR A 21 2.06 4.31 17.29
C TYR A 21 3.02 4.44 18.47
N ASP A 22 3.92 5.41 18.39
CA ASP A 22 4.89 5.65 19.45
C ASP A 22 4.37 6.67 20.45
N LEU A 23 4.12 6.23 21.67
CA LEU A 23 3.61 7.11 22.73
C LEU A 23 4.69 8.08 23.18
N LEU A 24 5.93 7.59 23.28
CA LEU A 24 7.05 8.42 23.71
C LEU A 24 7.13 9.69 22.87
N HIS A 25 7.06 9.53 21.55
CA HIS A 25 7.12 10.67 20.63
C HIS A 25 5.73 11.09 20.20
N ASN A 26 4.71 10.34 20.63
CA ASN A 26 3.33 10.64 20.29
C ASN A 26 3.17 10.76 18.77
N HIS A 27 3.79 9.84 18.04
CA HIS A 27 3.71 9.84 16.58
C HIS A 27 3.30 8.47 16.06
N LEU A 28 3.10 8.37 14.75
CA LEU A 28 2.72 7.11 14.12
C LEU A 28 3.87 6.52 13.33
N THR A 29 4.50 5.48 13.89
CA THR A 29 5.62 4.82 13.24
C THR A 29 5.13 3.77 12.24
N VAL A 30 5.08 4.16 10.97
CA VAL A 30 4.63 3.25 9.92
C VAL A 30 5.81 2.72 9.12
N ARG A 31 6.15 1.45 9.33
CA ARG A 31 7.26 0.82 8.63
C ARG A 31 6.77 0.02 7.44
N VAL A 32 7.05 0.51 6.24
CA VAL A 32 6.64 -0.17 5.02
C VAL A 32 7.41 -1.47 4.81
N ILE A 33 6.75 -2.60 5.03
CA ILE A 33 7.37 -3.89 4.87
C ILE A 33 7.31 -4.37 3.43
N GLU A 34 8.08 -5.40 3.11
CA GLU A 34 8.11 -5.94 1.75
C GLU A 34 6.75 -6.52 1.37
N ALA A 35 6.67 -7.08 0.17
CA ALA A 35 5.42 -7.68 -0.31
C ALA A 35 5.70 -8.81 -1.29
N ARG A 36 4.63 -9.47 -1.75
CA ARG A 36 4.77 -10.57 -2.69
C ARG A 36 3.44 -10.84 -3.40
N ASP A 37 3.48 -11.70 -4.40
CA ASP A 37 2.28 -12.06 -5.16
C ASP A 37 1.80 -10.87 -5.99
N LEU A 38 2.74 -10.03 -6.43
CA LEU A 38 2.40 -8.87 -7.23
C LEU A 38 2.56 -9.16 -8.72
N PRO A 39 1.60 -8.65 -9.52
CA PRO A 39 1.60 -8.85 -10.97
C PRO A 39 2.72 -8.08 -11.67
N PRO A 40 3.30 -8.68 -12.71
CA PRO A 40 4.39 -8.06 -13.48
C PRO A 40 3.92 -6.86 -14.29
N PRO A 41 4.88 -6.09 -14.84
CA PRO A 41 4.59 -4.91 -15.64
C PRO A 41 3.97 -5.26 -16.99
N ILE A 42 2.64 -5.24 -17.05
CA ILE A 42 1.93 -5.55 -18.28
C ILE A 42 0.81 -4.55 -18.56
N SER A 43 0.66 -4.17 -19.82
CA SER A 43 -0.38 -3.22 -20.20
C SER A 43 -1.65 -3.93 -20.64
N HIS A 44 -2.52 -4.21 -19.68
CA HIS A 44 -3.78 -4.90 -19.98
C HIS A 44 -3.56 -6.04 -20.97
N ASP A 45 -2.64 -6.94 -20.63
CA ASP A 45 -2.34 -8.08 -21.49
C ASP A 45 -2.23 -9.36 -20.68
N GLY A 46 -1.96 -10.47 -21.36
CA GLY A 46 -1.82 -11.75 -20.69
C GLY A 46 -0.41 -12.01 -20.20
N SER A 47 0.26 -12.97 -20.83
CA SER A 47 1.62 -13.32 -20.45
C SER A 47 2.54 -13.33 -21.69
N ARG A 48 2.33 -12.35 -22.56
CA ARG A 48 3.14 -12.24 -23.78
C ARG A 48 4.45 -11.52 -23.50
N GLN A 49 5.06 -11.84 -22.36
CA GLN A 49 6.33 -11.23 -21.97
C GLN A 49 7.16 -12.19 -21.14
N ASP A 50 8.46 -11.92 -21.07
CA ASP A 50 9.38 -12.76 -20.30
C ASP A 50 10.41 -11.92 -19.56
N MET A 51 11.00 -12.48 -18.52
CA MET A 51 12.02 -11.77 -17.74
C MET A 51 11.72 -10.27 -17.70
N ALA A 52 10.44 -9.93 -17.66
CA ALA A 52 10.02 -8.53 -17.62
C ALA A 52 9.92 -8.03 -16.17
N HIS A 53 10.91 -7.26 -15.75
CA HIS A 53 10.94 -6.73 -14.39
C HIS A 53 10.76 -5.22 -14.41
N SER A 54 10.77 -4.61 -13.22
CA SER A 54 10.61 -3.17 -13.10
C SER A 54 10.95 -2.70 -11.69
N ASN A 55 10.89 -1.39 -11.48
CA ASN A 55 11.20 -0.81 -10.17
C ASN A 55 9.92 -0.32 -9.48
N PRO A 56 9.23 -1.24 -8.80
CA PRO A 56 7.98 -0.93 -8.09
C PRO A 56 8.23 -0.06 -6.85
N TYR A 57 7.16 0.44 -6.26
CA TYR A 57 7.25 1.28 -5.08
C TYR A 57 5.89 1.45 -4.42
N VAL A 58 5.86 1.36 -3.10
CA VAL A 58 4.63 1.51 -2.33
C VAL A 58 4.45 2.95 -1.86
N LYS A 59 3.19 3.38 -1.76
CA LYS A 59 2.88 4.73 -1.30
C LYS A 59 2.10 4.70 0.00
N ILE A 60 2.05 5.84 0.69
CA ILE A 60 1.34 5.95 1.95
C ILE A 60 0.45 7.19 1.98
N CYS A 61 -0.69 7.08 2.64
CA CYS A 61 -1.63 8.20 2.75
C CYS A 61 -2.55 8.02 3.95
N LEU A 62 -2.61 9.03 4.81
CA LEU A 62 -3.45 8.98 6.00
C LEU A 62 -4.82 9.59 5.70
N LEU A 63 -5.79 8.73 5.41
CA LEU A 63 -7.15 9.18 5.11
C LEU A 63 -7.88 9.57 6.40
N PRO A 64 -8.89 10.44 6.26
CA PRO A 64 -9.28 11.01 4.97
C PRO A 64 -8.22 11.98 4.43
N ASP A 65 -7.53 12.66 5.33
CA ASP A 65 -6.51 13.63 4.95
C ASP A 65 -5.76 13.15 3.70
N GLN A 66 -5.68 14.02 2.70
CA GLN A 66 -5.00 13.69 1.46
C GLN A 66 -3.95 14.75 1.11
N LYS A 67 -3.32 15.30 2.13
CA LYS A 67 -2.30 16.33 1.94
C LYS A 67 -0.91 15.78 2.21
N ASN A 68 -0.72 15.25 3.41
CA ASN A 68 0.57 14.67 3.80
C ASN A 68 0.66 13.21 3.39
N SER A 69 1.36 12.94 2.29
CA SER A 69 1.53 11.58 1.79
C SER A 69 3.00 11.19 1.74
N LYS A 70 3.30 9.99 2.23
CA LYS A 70 4.68 9.50 2.24
C LYS A 70 4.84 8.36 1.24
N GLN A 71 6.03 8.27 0.66
CA GLN A 71 6.33 7.22 -0.32
C GLN A 71 7.75 6.70 -0.14
N THR A 72 7.95 5.43 -0.47
CA THR A 72 9.27 4.80 -0.36
C THR A 72 10.10 5.02 -1.61
N GLY A 73 11.41 4.93 -1.46
CA GLY A 73 12.31 5.13 -2.60
C GLY A 73 12.11 4.07 -3.67
N VAL A 74 12.56 4.38 -4.88
CA VAL A 74 12.43 3.46 -6.00
C VAL A 74 13.43 2.30 -5.87
N LYS A 75 12.92 1.08 -5.97
CA LYS A 75 13.76 -0.10 -5.86
C LYS A 75 14.24 -0.56 -7.24
N ARG A 76 15.25 -1.42 -7.26
CA ARG A 76 15.79 -1.93 -8.51
C ARG A 76 14.92 -3.06 -9.08
N LYS A 77 15.08 -3.34 -10.36
CA LYS A 77 14.31 -4.39 -11.02
C LYS A 77 14.09 -5.56 -10.07
N THR A 78 12.83 -5.80 -9.72
CA THR A 78 12.47 -6.89 -8.83
C THR A 78 10.96 -7.03 -8.69
N GLN A 79 10.49 -8.27 -8.54
CA GLN A 79 9.07 -8.54 -8.41
C GLN A 79 8.60 -8.29 -6.97
N LYS A 80 9.42 -8.68 -6.01
CA LYS A 80 9.09 -8.49 -4.60
C LYS A 80 9.90 -7.35 -3.99
N PRO A 81 9.27 -6.16 -3.88
CA PRO A 81 9.91 -4.97 -3.33
C PRO A 81 10.16 -5.10 -1.82
N VAL A 82 11.41 -4.96 -1.42
CA VAL A 82 11.78 -5.05 -0.01
C VAL A 82 12.52 -3.80 0.45
N PHE A 83 11.76 -2.81 0.90
CA PHE A 83 12.34 -1.55 1.37
C PHE A 83 12.83 -1.68 2.80
N GLU A 84 11.93 -2.11 3.70
CA GLU A 84 12.27 -2.28 5.10
C GLU A 84 12.72 -0.96 5.71
N GLU A 85 11.98 0.10 5.42
CA GLU A 85 12.31 1.42 5.95
C GLU A 85 11.30 1.85 7.00
N ARG A 86 11.71 2.76 7.88
CA ARG A 86 10.84 3.25 8.95
C ARG A 86 10.35 4.66 8.63
N TYR A 87 9.10 4.95 9.01
CA TYR A 87 8.52 6.26 8.76
C TYR A 87 7.65 6.69 9.95
N THR A 88 7.60 8.00 10.19
CA THR A 88 6.80 8.54 11.27
C THR A 88 5.91 9.68 10.80
N PHE A 89 4.95 10.07 11.64
CA PHE A 89 4.04 11.14 11.30
C PHE A 89 3.52 11.84 12.55
N GLU A 90 3.75 13.15 12.64
CA GLU A 90 3.32 13.94 13.78
C GLU A 90 1.79 13.98 13.86
N ILE A 91 1.20 12.91 14.39
CA ILE A 91 -0.24 12.82 14.53
C ILE A 91 -0.64 12.36 15.93
N PRO A 92 -1.59 13.07 16.54
CA PRO A 92 -2.08 12.75 17.88
C PRO A 92 -2.89 11.46 17.92
N PHE A 93 -2.56 10.58 18.86
CA PHE A 93 -3.27 9.31 19.00
C PHE A 93 -4.76 9.48 18.74
N LEU A 94 -5.40 10.29 19.57
CA LEU A 94 -6.84 10.54 19.42
C LEU A 94 -7.24 10.63 17.96
N GLU A 95 -6.42 11.32 17.17
CA GLU A 95 -6.69 11.47 15.74
C GLU A 95 -6.40 10.17 14.99
N ALA A 96 -5.26 9.57 15.29
CA ALA A 96 -4.87 8.32 14.64
C ALA A 96 -6.06 7.41 14.42
N GLN A 97 -6.93 7.32 15.42
CA GLN A 97 -8.13 6.48 15.34
C GLN A 97 -9.07 6.99 14.26
N ARG A 98 -9.22 8.32 14.18
CA ARG A 98 -10.09 8.93 13.19
C ARG A 98 -9.53 8.75 11.78
N ARG A 99 -8.21 8.60 11.68
CA ARG A 99 -7.55 8.42 10.40
C ARG A 99 -7.47 6.94 10.04
N THR A 100 -7.24 6.66 8.76
CA THR A 100 -7.13 5.29 8.29
C THR A 100 -5.79 5.06 7.57
N LEU A 101 -5.28 3.83 7.68
CA LEU A 101 -4.01 3.49 7.04
C LEU A 101 -4.25 2.86 5.67
N LEU A 102 -4.01 3.63 4.62
CA LEU A 102 -4.20 3.15 3.26
C LEU A 102 -2.87 3.17 2.49
N LEU A 103 -2.52 2.03 1.89
CA LEU A 103 -1.29 1.92 1.14
C LEU A 103 -1.57 1.50 -0.31
N THR A 104 -1.03 2.25 -1.26
CA THR A 104 -1.23 1.96 -2.67
C THR A 104 0.07 1.52 -3.33
N VAL A 105 0.04 0.36 -3.98
CA VAL A 105 1.21 -0.17 -4.65
C VAL A 105 1.24 0.23 -6.12
N VAL A 106 2.23 1.04 -6.49
CA VAL A 106 2.36 1.50 -7.86
C VAL A 106 3.68 1.01 -8.47
N ASP A 107 3.66 0.78 -9.78
CA ASP A 107 4.85 0.32 -10.49
C ASP A 107 5.31 1.35 -11.50
N PHE A 108 6.38 2.07 -11.16
CA PHE A 108 6.94 3.10 -12.03
C PHE A 108 7.36 2.50 -13.37
N ASP A 109 6.67 2.90 -14.43
CA ASP A 109 6.97 2.41 -15.77
C ASP A 109 7.88 3.39 -16.51
N LYS A 110 8.29 3.00 -17.72
CA LYS A 110 9.16 3.84 -18.54
C LYS A 110 8.34 4.87 -19.31
N PHE A 111 7.23 4.43 -19.90
CA PHE A 111 6.36 5.32 -20.66
C PHE A 111 5.45 6.12 -19.73
N SER A 112 6.01 6.62 -18.65
CA SER A 112 5.25 7.40 -17.68
C SER A 112 3.81 6.87 -17.56
N ARG A 113 3.69 5.58 -17.28
CA ARG A 113 2.39 4.95 -17.15
C ARG A 113 1.98 4.87 -15.67
N HIS A 114 0.76 5.34 -15.38
CA HIS A 114 0.25 5.32 -14.01
C HIS A 114 -0.87 4.30 -13.87
N CYS A 115 -0.52 3.06 -13.57
CA CYS A 115 -1.49 1.99 -13.40
C CYS A 115 -1.27 1.25 -12.09
N VAL A 116 -1.88 1.76 -11.03
CA VAL A 116 -1.75 1.14 -9.71
C VAL A 116 -2.25 -0.29 -9.73
N ILE A 117 -1.55 -1.17 -9.01
CA ILE A 117 -1.92 -2.57 -8.94
C ILE A 117 -3.08 -2.79 -7.97
N GLY A 118 -3.04 -2.08 -6.84
CA GLY A 118 -4.09 -2.20 -5.84
C GLY A 118 -3.82 -1.37 -4.61
N LYS A 119 -4.71 -1.45 -3.63
CA LYS A 119 -4.57 -0.71 -2.39
C LYS A 119 -5.02 -1.54 -1.20
N VAL A 120 -4.63 -1.12 0.00
CA VAL A 120 -5.00 -1.83 1.21
C VAL A 120 -5.42 -0.84 2.32
N SER A 121 -6.66 -0.96 2.76
CA SER A 121 -7.19 -0.08 3.79
C SER A 121 -7.34 -0.83 5.11
N VAL A 122 -7.18 -0.11 6.22
CA VAL A 122 -7.30 -0.71 7.54
C VAL A 122 -7.54 0.36 8.61
N PRO A 123 -8.66 0.24 9.32
CA PRO A 123 -9.04 1.19 10.38
C PRO A 123 -8.14 1.07 11.61
N LEU A 124 -7.63 2.19 12.08
CA LEU A 124 -6.75 2.21 13.25
C LEU A 124 -7.54 2.51 14.52
N CYS A 125 -8.86 2.34 14.45
CA CYS A 125 -9.73 2.57 15.59
C CYS A 125 -9.89 1.31 16.43
N GLU A 126 -9.64 0.17 15.82
CA GLU A 126 -9.76 -1.11 16.51
C GLU A 126 -8.38 -1.72 16.76
N VAL A 127 -7.49 -1.55 15.80
CA VAL A 127 -6.13 -2.09 15.91
C VAL A 127 -5.39 -1.48 17.09
N ASP A 128 -4.67 -2.32 17.83
CA ASP A 128 -3.92 -1.86 19.00
C ASP A 128 -2.64 -1.14 18.56
N LEU A 129 -2.76 0.14 18.26
CA LEU A 129 -1.62 0.94 17.82
C LEU A 129 -0.55 0.98 18.92
N VAL A 130 -0.99 1.10 20.16
CA VAL A 130 -0.08 1.16 21.30
C VAL A 130 0.80 -0.10 21.35
N LYS A 131 0.17 -1.25 21.17
CA LYS A 131 0.89 -2.52 21.20
C LYS A 131 1.61 -2.77 19.88
N GLY A 132 1.05 -2.24 18.80
CA GLY A 132 1.64 -2.41 17.49
C GLY A 132 0.75 -3.18 16.54
N GLY A 133 1.01 -3.06 15.24
CA GLY A 133 0.22 -3.76 14.25
C GLY A 133 1.07 -4.47 13.22
N HIS A 134 0.74 -5.72 12.95
CA HIS A 134 1.48 -6.51 11.97
C HIS A 134 0.63 -7.67 11.45
N TRP A 135 0.18 -7.54 10.20
CA TRP A 135 -0.64 -8.59 9.59
C TRP A 135 -0.47 -8.59 8.07
N TRP A 136 -1.16 -9.50 7.41
CA TRP A 136 -1.08 -9.61 5.95
C TRP A 136 -2.46 -9.45 5.32
N LYS A 137 -2.55 -8.60 4.31
CA LYS A 137 -3.81 -8.36 3.62
C LYS A 137 -3.67 -8.57 2.11
N ALA A 138 -4.78 -8.55 1.40
CA ALA A 138 -4.77 -8.73 -0.05
C ALA A 138 -5.17 -7.44 -0.77
N LEU A 139 -4.34 -7.03 -1.72
CA LEU A 139 -4.61 -5.81 -2.49
C LEU A 139 -5.94 -5.91 -3.22
N ILE A 140 -6.63 -4.78 -3.32
CA ILE A 140 -7.92 -4.73 -4.01
C ILE A 140 -7.85 -3.86 -5.25
N PRO A 141 -8.71 -4.17 -6.23
CA PRO A 141 -8.77 -3.42 -7.50
C PRO A 141 -9.34 -2.02 -7.32
N SER A 142 -8.46 -1.06 -7.07
CA SER A 142 -8.88 0.33 -6.87
C SER A 142 -9.64 0.84 -8.08
N GLY A 143 -10.89 1.25 -7.86
CA GLY A 143 -11.71 1.76 -8.93
C GLY A 143 -11.45 3.24 -9.22
N PRO A 144 -12.24 3.81 -10.14
CA PRO A 144 -12.11 5.22 -10.51
C PRO A 144 -12.56 6.16 -9.41
N SER A 145 -12.93 5.59 -8.26
CA SER A 145 -13.37 6.37 -7.11
C SER A 145 -13.24 5.58 -5.82
N SER A 146 -12.75 6.25 -4.78
CA SER A 146 -12.56 5.61 -3.49
C SER A 146 -13.59 6.11 -2.47
N GLY A 147 -13.99 5.23 -1.56
CA GLY A 147 -14.96 5.59 -0.56
C GLY A 147 -16.30 5.97 -1.16
N GLY A 1 -22.66 5.99 -20.82
CA GLY A 1 -22.84 5.06 -19.72
C GLY A 1 -21.52 4.49 -19.23
N SER A 2 -21.59 3.65 -18.20
CA SER A 2 -20.39 3.04 -17.64
C SER A 2 -20.46 1.52 -17.75
N SER A 3 -19.50 0.94 -18.47
CA SER A 3 -19.46 -0.50 -18.66
C SER A 3 -18.13 -1.08 -18.16
N GLY A 4 -18.09 -1.43 -16.88
CA GLY A 4 -16.87 -1.98 -16.30
C GLY A 4 -16.99 -3.46 -16.02
N SER A 5 -15.95 -4.21 -16.38
CA SER A 5 -15.94 -5.66 -16.18
C SER A 5 -15.24 -6.01 -14.87
N SER A 6 -15.77 -6.99 -14.16
CA SER A 6 -15.20 -7.42 -12.89
C SER A 6 -15.72 -8.80 -12.51
N GLY A 7 -14.80 -9.72 -12.21
CA GLY A 7 -15.18 -11.06 -11.82
C GLY A 7 -15.70 -11.14 -10.41
N SER A 8 -16.09 -12.33 -9.97
CA SER A 8 -16.62 -12.53 -8.63
C SER A 8 -15.60 -12.09 -7.58
N LYS A 9 -14.32 -12.09 -7.96
CA LYS A 9 -13.25 -11.70 -7.06
C LYS A 9 -12.09 -11.08 -7.83
N TYR A 10 -11.14 -10.50 -7.10
CA TYR A 10 -9.97 -9.88 -7.71
C TYR A 10 -8.69 -10.60 -7.32
N GLN A 11 -7.76 -10.71 -8.25
CA GLN A 11 -6.49 -11.38 -8.00
C GLN A 11 -5.32 -10.43 -8.28
N LEU A 12 -4.99 -9.60 -7.30
CA LEU A 12 -3.89 -8.65 -7.44
C LEU A 12 -2.68 -9.11 -6.64
N GLY A 13 -2.91 -9.48 -5.38
CA GLY A 13 -1.82 -9.93 -4.54
C GLY A 13 -1.99 -9.51 -3.10
N MET A 14 -0.87 -9.29 -2.40
CA MET A 14 -0.92 -8.88 -1.01
C MET A 14 0.23 -7.94 -0.69
N LEU A 15 0.09 -7.18 0.40
CA LEU A 15 1.12 -6.23 0.81
C LEU A 15 1.38 -6.33 2.31
N HIS A 16 2.65 -6.45 2.68
CA HIS A 16 3.03 -6.54 4.09
C HIS A 16 3.28 -5.16 4.68
N PHE A 17 2.72 -4.93 5.87
CA PHE A 17 2.89 -3.65 6.54
C PHE A 17 2.63 -3.79 8.05
N SER A 18 3.31 -2.97 8.83
CA SER A 18 3.16 -3.00 10.29
C SER A 18 2.95 -1.60 10.84
N THR A 19 1.80 -1.39 11.49
CA THR A 19 1.48 -0.09 12.08
C THR A 19 1.57 -0.14 13.59
N GLN A 20 2.43 0.71 14.16
CA GLN A 20 2.60 0.76 15.61
C GLN A 20 2.84 2.19 16.06
N TYR A 21 1.96 2.69 16.92
CA TYR A 21 2.08 4.05 17.43
C TYR A 21 3.08 4.11 18.59
N ASP A 22 3.76 5.24 18.72
CA ASP A 22 4.75 5.43 19.78
C ASP A 22 4.35 6.57 20.70
N LEU A 23 4.49 6.37 22.00
CA LEU A 23 4.14 7.39 22.97
C LEU A 23 5.34 8.27 23.30
N LEU A 24 6.54 7.70 23.18
CA LEU A 24 7.76 8.44 23.45
C LEU A 24 7.73 9.82 22.79
N HIS A 25 7.24 9.87 21.56
CA HIS A 25 7.15 11.12 20.82
C HIS A 25 5.71 11.41 20.40
N ASN A 26 4.82 10.48 20.73
CA ASN A 26 3.41 10.63 20.38
C ASN A 26 3.22 10.70 18.87
N HIS A 27 3.90 9.82 18.15
CA HIS A 27 3.81 9.78 16.69
C HIS A 27 3.47 8.39 16.21
N LEU A 28 3.12 8.27 14.93
CA LEU A 28 2.76 6.98 14.35
C LEU A 28 3.90 6.45 13.47
N THR A 29 4.54 5.39 13.95
CA THR A 29 5.64 4.77 13.22
C THR A 29 5.15 3.69 12.28
N VAL A 30 5.04 4.04 10.99
CA VAL A 30 4.57 3.08 9.99
C VAL A 30 5.74 2.51 9.20
N ARG A 31 6.06 1.24 9.47
CA ARG A 31 7.16 0.57 8.80
C ARG A 31 6.66 -0.17 7.56
N VAL A 32 6.91 0.40 6.39
CA VAL A 32 6.49 -0.21 5.13
C VAL A 32 7.27 -1.49 4.85
N ILE A 33 6.61 -2.63 5.05
CA ILE A 33 7.23 -3.92 4.82
C ILE A 33 7.15 -4.31 3.34
N GLU A 34 7.95 -5.31 2.97
CA GLU A 34 7.97 -5.78 1.59
C GLU A 34 6.63 -6.42 1.20
N ALA A 35 6.55 -6.90 -0.03
CA ALA A 35 5.33 -7.53 -0.51
C ALA A 35 5.65 -8.64 -1.52
N ARG A 36 4.61 -9.32 -1.99
CA ARG A 36 4.79 -10.41 -2.95
C ARG A 36 3.48 -10.69 -3.69
N ASP A 37 3.54 -11.61 -4.66
CA ASP A 37 2.37 -11.96 -5.44
C ASP A 37 1.84 -10.76 -6.22
N LEU A 38 2.75 -9.99 -6.79
CA LEU A 38 2.38 -8.80 -7.56
C LEU A 38 2.48 -9.08 -9.05
N PRO A 39 1.53 -8.55 -9.82
CA PRO A 39 1.48 -8.71 -11.28
C PRO A 39 2.60 -7.94 -11.98
N PRO A 40 3.35 -8.64 -12.84
CA PRO A 40 4.46 -8.05 -13.58
C PRO A 40 3.97 -7.07 -14.65
N PRO A 41 4.92 -6.31 -15.24
CA PRO A 41 4.61 -5.34 -16.28
C PRO A 41 4.19 -6.00 -17.60
N ILE A 42 2.91 -6.35 -17.70
CA ILE A 42 2.39 -6.99 -18.90
C ILE A 42 0.95 -6.57 -19.16
N SER A 43 0.48 -6.80 -20.38
CA SER A 43 -0.88 -6.43 -20.76
C SER A 43 -1.89 -7.36 -20.08
N HIS A 44 -1.78 -8.66 -20.32
CA HIS A 44 -2.68 -9.63 -19.73
C HIS A 44 -2.28 -9.93 -18.28
N ASP A 45 -3.01 -10.85 -17.65
CA ASP A 45 -2.73 -11.23 -16.27
C ASP A 45 -1.24 -11.52 -16.07
N GLY A 46 -0.69 -12.34 -16.96
CA GLY A 46 0.72 -12.69 -16.86
C GLY A 46 1.19 -13.52 -18.03
N SER A 47 1.00 -13.01 -19.24
CA SER A 47 1.40 -13.72 -20.45
C SER A 47 2.91 -13.96 -20.46
N ARG A 48 3.35 -14.85 -21.33
CA ARG A 48 4.76 -15.18 -21.44
C ARG A 48 5.63 -13.93 -21.23
N GLN A 49 6.48 -13.98 -20.21
CA GLN A 49 7.36 -12.85 -19.91
C GLN A 49 8.82 -13.20 -20.21
N ASP A 50 9.57 -12.21 -20.67
CA ASP A 50 10.98 -12.41 -21.00
C ASP A 50 11.85 -11.36 -20.31
N MET A 51 12.46 -11.74 -19.19
CA MET A 51 13.32 -10.83 -18.44
C MET A 51 12.68 -9.44 -18.35
N ALA A 52 11.38 -9.41 -18.10
CA ALA A 52 10.66 -8.15 -17.97
C ALA A 52 10.42 -7.79 -16.51
N HIS A 53 10.83 -6.59 -16.13
CA HIS A 53 10.66 -6.13 -14.75
C HIS A 53 10.47 -4.61 -14.71
N SER A 54 10.37 -4.07 -13.50
CA SER A 54 10.19 -2.63 -13.32
C SER A 54 10.59 -2.20 -11.92
N ASN A 55 10.38 -0.93 -11.61
CA ASN A 55 10.71 -0.39 -10.30
C ASN A 55 9.46 -0.13 -9.47
N PRO A 56 8.93 -1.18 -8.84
CA PRO A 56 7.73 -1.10 -8.01
C PRO A 56 7.97 -0.33 -6.71
N TYR A 57 6.96 0.41 -6.27
CA TYR A 57 7.07 1.19 -5.05
C TYR A 57 5.71 1.33 -4.36
N VAL A 58 5.73 1.46 -3.04
CA VAL A 58 4.50 1.60 -2.27
C VAL A 58 4.31 3.03 -1.79
N LYS A 59 3.05 3.44 -1.67
CA LYS A 59 2.73 4.80 -1.22
C LYS A 59 1.99 4.77 0.11
N ILE A 60 1.97 5.91 0.79
CA ILE A 60 1.29 6.00 2.08
C ILE A 60 0.41 7.25 2.14
N CYS A 61 -0.62 7.20 2.98
CA CYS A 61 -1.55 8.32 3.13
C CYS A 61 -2.46 8.12 4.33
N LEU A 62 -2.82 9.21 4.98
CA LEU A 62 -3.70 9.15 6.15
C LEU A 62 -5.08 9.72 5.83
N LEU A 63 -5.99 8.85 5.42
CA LEU A 63 -7.34 9.25 5.08
C LEU A 63 -8.04 9.88 6.28
N PRO A 64 -9.04 10.74 6.01
CA PRO A 64 -9.44 11.08 4.64
C PRO A 64 -8.39 11.91 3.92
N ASP A 65 -7.79 12.85 4.63
CA ASP A 65 -6.78 13.71 4.05
C ASP A 65 -5.75 12.90 3.27
N GLN A 66 -5.62 13.20 1.97
CA GLN A 66 -4.69 12.49 1.12
C GLN A 66 -3.46 13.35 0.83
N LYS A 67 -3.46 14.57 1.36
CA LYS A 67 -2.34 15.48 1.17
C LYS A 67 -1.03 14.87 1.66
N ASN A 68 -0.92 14.73 2.97
CA ASN A 68 0.28 14.15 3.57
C ASN A 68 0.47 12.70 3.13
N SER A 69 1.18 12.50 2.03
CA SER A 69 1.43 11.16 1.50
C SER A 69 2.91 10.85 1.49
N LYS A 70 3.28 9.75 2.13
CA LYS A 70 4.68 9.33 2.20
C LYS A 70 4.94 8.16 1.25
N GLN A 71 6.16 8.10 0.72
CA GLN A 71 6.54 7.03 -0.20
C GLN A 71 7.90 6.46 0.17
N THR A 72 8.03 5.13 0.06
CA THR A 72 9.28 4.46 0.38
C THR A 72 10.37 4.83 -0.61
N GLY A 73 10.09 4.69 -1.89
CA GLY A 73 11.06 5.03 -2.91
C GLY A 73 10.99 4.10 -4.11
N VAL A 74 11.89 4.30 -5.06
CA VAL A 74 11.92 3.47 -6.27
C VAL A 74 12.98 2.38 -6.15
N LYS A 75 12.52 1.14 -6.00
CA LYS A 75 13.42 0.00 -5.88
C LYS A 75 13.91 -0.46 -7.25
N ARG A 76 14.94 -1.31 -7.26
CA ARG A 76 15.49 -1.83 -8.50
C ARG A 76 14.66 -3.00 -9.03
N LYS A 77 14.78 -3.27 -10.32
CA LYS A 77 14.04 -4.36 -10.95
C LYS A 77 13.93 -5.55 -9.99
N THR A 78 12.70 -5.83 -9.55
CA THR A 78 12.46 -6.94 -8.65
C THR A 78 10.96 -7.13 -8.39
N GLN A 79 10.49 -8.35 -8.57
CA GLN A 79 9.07 -8.65 -8.37
C GLN A 79 8.67 -8.38 -6.92
N LYS A 80 9.56 -8.72 -5.99
CA LYS A 80 9.30 -8.50 -4.57
C LYS A 80 10.05 -7.29 -4.05
N PRO A 81 9.37 -6.13 -4.02
CA PRO A 81 9.95 -4.88 -3.55
C PRO A 81 10.19 -4.88 -2.05
N VAL A 82 11.46 -4.82 -1.65
CA VAL A 82 11.81 -4.80 -0.23
C VAL A 82 12.17 -3.40 0.24
N PHE A 83 11.33 -2.84 1.10
CA PHE A 83 11.57 -1.50 1.62
C PHE A 83 12.14 -1.56 3.04
N GLU A 84 11.50 -2.35 3.90
CA GLU A 84 11.95 -2.49 5.28
C GLU A 84 12.44 -1.15 5.84
N GLU A 85 11.72 -0.09 5.51
CA GLU A 85 12.08 1.25 5.98
C GLU A 85 11.15 1.71 7.10
N ARG A 86 11.55 2.77 7.79
CA ARG A 86 10.75 3.31 8.88
C ARG A 86 10.41 4.77 8.65
N TYR A 87 9.23 5.19 9.09
CA TYR A 87 8.79 6.56 8.92
C TYR A 87 7.99 7.03 10.13
N THR A 88 7.84 8.35 10.25
CA THR A 88 7.09 8.93 11.36
C THR A 88 6.03 9.90 10.86
N PHE A 89 5.06 10.21 11.72
CA PHE A 89 3.99 11.13 11.37
C PHE A 89 3.42 11.80 12.61
N GLU A 90 3.60 13.12 12.71
CA GLU A 90 3.11 13.88 13.86
C GLU A 90 1.58 13.87 13.88
N ILE A 91 1.01 12.94 14.63
CA ILE A 91 -0.43 12.83 14.76
C ILE A 91 -0.84 12.34 16.14
N PRO A 92 -1.84 13.01 16.74
CA PRO A 92 -2.33 12.65 18.07
C PRO A 92 -3.10 11.33 18.07
N PHE A 93 -2.76 10.45 19.02
CA PHE A 93 -3.42 9.16 19.12
C PHE A 93 -4.90 9.27 18.79
N LEU A 94 -5.61 10.07 19.57
CA LEU A 94 -7.05 10.27 19.36
C LEU A 94 -7.39 10.26 17.87
N GLU A 95 -6.78 11.17 17.13
CA GLU A 95 -7.03 11.27 15.69
C GLU A 95 -6.65 9.97 14.99
N ALA A 96 -5.50 9.41 15.36
CA ALA A 96 -5.03 8.17 14.77
C ALA A 96 -6.18 7.20 14.54
N GLN A 97 -7.05 7.06 15.53
CA GLN A 97 -8.20 6.17 15.44
C GLN A 97 -9.14 6.61 14.33
N ARG A 98 -9.37 7.92 14.23
CA ARG A 98 -10.25 8.47 13.21
C ARG A 98 -9.64 8.31 11.82
N ARG A 99 -8.31 8.40 11.75
CA ARG A 99 -7.60 8.26 10.49
C ARG A 99 -7.40 6.79 10.12
N THR A 100 -7.18 6.53 8.83
CA THR A 100 -6.99 5.17 8.35
C THR A 100 -5.64 5.04 7.65
N LEU A 101 -5.01 3.88 7.80
CA LEU A 101 -3.72 3.62 7.17
C LEU A 101 -3.90 2.87 5.85
N LEU A 102 -3.77 3.59 4.74
CA LEU A 102 -3.91 2.99 3.41
C LEU A 102 -2.61 3.10 2.63
N LEU A 103 -2.15 1.97 2.09
CA LEU A 103 -0.92 1.94 1.32
C LEU A 103 -1.21 1.60 -0.14
N THR A 104 -1.00 2.58 -1.02
CA THR A 104 -1.23 2.38 -2.45
C THR A 104 0.01 1.84 -3.15
N VAL A 105 -0.06 0.59 -3.60
CA VAL A 105 1.07 -0.03 -4.28
C VAL A 105 1.07 0.32 -5.76
N VAL A 106 1.99 1.19 -6.16
CA VAL A 106 2.10 1.60 -7.55
C VAL A 106 3.42 1.14 -8.17
N ASP A 107 3.39 0.84 -9.46
CA ASP A 107 4.58 0.37 -10.16
C ASP A 107 5.02 1.40 -11.21
N PHE A 108 6.01 2.20 -10.85
CA PHE A 108 6.53 3.22 -11.76
C PHE A 108 7.23 2.59 -12.96
N ASP A 109 7.69 3.42 -13.88
CA ASP A 109 8.38 2.94 -15.07
C ASP A 109 9.05 4.09 -15.82
N LYS A 110 9.98 3.76 -16.69
CA LYS A 110 10.69 4.77 -17.48
C LYS A 110 9.86 5.25 -18.66
N PHE A 111 9.06 4.33 -19.22
CA PHE A 111 8.21 4.66 -20.35
C PHE A 111 6.84 5.15 -19.88
N SER A 112 6.84 5.92 -18.80
CA SER A 112 5.60 6.45 -18.24
C SER A 112 4.52 5.38 -18.20
N ARG A 113 4.93 4.13 -17.99
CA ARG A 113 4.00 3.01 -17.94
C ARG A 113 3.42 2.86 -16.53
N HIS A 114 3.65 3.86 -15.70
CA HIS A 114 3.15 3.84 -14.32
C HIS A 114 1.78 3.17 -14.25
N CYS A 115 1.67 2.15 -13.40
CA CYS A 115 0.42 1.42 -13.25
C CYS A 115 0.20 1.02 -11.79
N VAL A 116 -0.96 1.37 -11.25
CA VAL A 116 -1.30 1.05 -9.87
C VAL A 116 -1.61 -0.43 -9.71
N ILE A 117 -0.94 -1.07 -8.76
CA ILE A 117 -1.13 -2.49 -8.50
C ILE A 117 -2.39 -2.72 -7.66
N GLY A 118 -2.59 -1.87 -6.66
CA GLY A 118 -3.75 -2.00 -5.80
C GLY A 118 -3.66 -1.14 -4.56
N LYS A 119 -4.70 -1.17 -3.74
CA LYS A 119 -4.74 -0.38 -2.51
C LYS A 119 -5.17 -1.25 -1.32
N VAL A 120 -4.60 -0.97 -0.16
CA VAL A 120 -4.93 -1.71 1.06
C VAL A 120 -5.29 -0.77 2.20
N SER A 121 -6.57 -0.72 2.55
CA SER A 121 -7.04 0.14 3.63
C SER A 121 -7.17 -0.64 4.93
N VAL A 122 -6.97 0.05 6.05
CA VAL A 122 -7.06 -0.58 7.36
C VAL A 122 -7.38 0.45 8.43
N PRO A 123 -8.50 0.23 9.15
CA PRO A 123 -8.94 1.13 10.22
C PRO A 123 -8.05 1.07 11.44
N LEU A 124 -7.68 2.23 11.97
CA LEU A 124 -6.81 2.31 13.13
C LEU A 124 -7.63 2.57 14.40
N CYS A 125 -8.93 2.36 14.31
CA CYS A 125 -9.82 2.56 15.44
C CYS A 125 -10.08 1.25 16.18
N GLU A 126 -9.49 0.18 15.67
CA GLU A 126 -9.66 -1.14 16.29
C GLU A 126 -8.31 -1.74 16.66
N VAL A 127 -7.32 -1.56 15.79
CA VAL A 127 -5.98 -2.09 16.02
C VAL A 127 -5.32 -1.37 17.20
N ASP A 128 -4.75 -2.15 18.12
CA ASP A 128 -4.08 -1.60 19.29
C ASP A 128 -2.76 -0.93 18.89
N LEU A 129 -2.86 0.24 18.27
CA LEU A 129 -1.68 0.97 17.83
C LEU A 129 -0.66 1.08 18.97
N VAL A 130 -1.13 1.55 20.13
CA VAL A 130 -0.27 1.70 21.30
C VAL A 130 0.74 0.57 21.38
N LYS A 131 0.26 -0.66 21.16
CA LYS A 131 1.12 -1.83 21.21
C LYS A 131 1.87 -2.02 19.89
N GLY A 132 1.13 -2.34 18.84
CA GLY A 132 1.74 -2.54 17.54
C GLY A 132 0.83 -3.29 16.58
N GLY A 133 1.11 -3.16 15.28
CA GLY A 133 0.30 -3.83 14.29
C GLY A 133 1.14 -4.53 13.24
N HIS A 134 0.79 -5.78 12.95
CA HIS A 134 1.51 -6.57 11.96
C HIS A 134 0.65 -7.71 11.43
N TRP A 135 0.18 -7.56 10.19
CA TRP A 135 -0.66 -8.57 9.57
C TRP A 135 -0.52 -8.54 8.04
N TRP A 136 -1.22 -9.43 7.36
CA TRP A 136 -1.17 -9.51 5.92
C TRP A 136 -2.56 -9.32 5.31
N LYS A 137 -2.67 -8.41 4.34
CA LYS A 137 -3.94 -8.14 3.68
C LYS A 137 -3.82 -8.32 2.17
N ALA A 138 -4.96 -8.46 1.51
CA ALA A 138 -4.99 -8.64 0.07
C ALA A 138 -5.31 -7.33 -0.64
N LEU A 139 -4.58 -7.05 -1.71
CA LEU A 139 -4.79 -5.82 -2.47
C LEU A 139 -6.11 -5.88 -3.24
N ILE A 140 -6.67 -4.71 -3.54
CA ILE A 140 -7.93 -4.63 -4.27
C ILE A 140 -7.83 -3.64 -5.43
N PRO A 141 -8.63 -3.88 -6.48
CA PRO A 141 -8.66 -3.01 -7.66
C PRO A 141 -9.28 -1.65 -7.37
N SER A 142 -8.45 -0.62 -7.38
CA SER A 142 -8.92 0.74 -7.11
C SER A 142 -9.88 1.21 -8.21
N GLY A 143 -10.46 2.39 -8.01
CA GLY A 143 -11.38 2.93 -8.99
C GLY A 143 -12.79 2.38 -8.81
N PRO A 144 -13.69 2.77 -9.73
CA PRO A 144 -15.09 2.33 -9.68
C PRO A 144 -15.24 0.85 -10.02
N SER A 145 -15.19 0.00 -8.99
CA SER A 145 -15.32 -1.44 -9.18
C SER A 145 -16.54 -1.77 -10.03
N SER A 146 -17.72 -1.62 -9.45
CA SER A 146 -18.96 -1.91 -10.15
C SER A 146 -19.33 -0.77 -11.09
N GLY A 147 -20.15 -1.08 -12.10
CA GLY A 147 -20.56 -0.06 -13.05
C GLY A 147 -21.68 -0.54 -13.95
N GLY A 1 -15.66 -0.75 1.75
CA GLY A 1 -16.52 -1.06 0.61
C GLY A 1 -16.84 -2.55 0.52
N SER A 2 -18.10 -2.89 0.71
CA SER A 2 -18.52 -4.28 0.64
C SER A 2 -19.44 -4.51 -0.56
N SER A 3 -18.99 -5.35 -1.49
CA SER A 3 -19.76 -5.66 -2.69
C SER A 3 -19.93 -7.17 -2.85
N GLY A 4 -21.13 -7.57 -3.24
CA GLY A 4 -21.41 -8.98 -3.43
C GLY A 4 -20.84 -9.52 -4.74
N SER A 5 -20.21 -10.68 -4.67
CA SER A 5 -19.61 -11.30 -5.85
C SER A 5 -20.41 -12.53 -6.29
N SER A 6 -20.24 -12.91 -7.55
CA SER A 6 -20.95 -14.07 -8.09
C SER A 6 -19.97 -15.15 -8.53
N GLY A 7 -18.98 -15.43 -7.68
CA GLY A 7 -17.99 -16.44 -8.00
C GLY A 7 -16.75 -15.84 -8.65
N SER A 8 -16.19 -14.82 -8.03
CA SER A 8 -14.99 -14.15 -8.56
C SER A 8 -14.23 -13.45 -7.45
N LYS A 9 -12.92 -13.69 -7.40
CA LYS A 9 -12.07 -13.08 -6.39
C LYS A 9 -10.85 -12.42 -7.02
N TYR A 10 -10.45 -11.26 -6.50
CA TYR A 10 -9.31 -10.53 -7.02
C TYR A 10 -8.00 -11.19 -6.59
N GLN A 11 -7.17 -11.53 -7.56
CA GLN A 11 -5.89 -12.17 -7.28
C GLN A 11 -4.74 -11.20 -7.51
N LEU A 12 -4.99 -9.92 -7.25
CA LEU A 12 -3.97 -8.89 -7.42
C LEU A 12 -2.66 -9.28 -6.74
N GLY A 13 -2.74 -9.54 -5.44
CA GLY A 13 -1.56 -9.93 -4.69
C GLY A 13 -1.69 -9.65 -3.21
N MET A 14 -0.56 -9.53 -2.53
CA MET A 14 -0.56 -9.26 -1.09
C MET A 14 0.61 -8.35 -0.72
N LEU A 15 0.39 -7.51 0.30
CA LEU A 15 1.43 -6.58 0.75
C LEU A 15 1.61 -6.68 2.26
N HIS A 16 2.86 -6.62 2.70
CA HIS A 16 3.17 -6.70 4.13
C HIS A 16 3.44 -5.29 4.70
N PHE A 17 2.84 -5.02 5.85
CA PHE A 17 3.01 -3.73 6.51
C PHE A 17 2.70 -3.83 8.00
N SER A 18 3.30 -2.95 8.79
CA SER A 18 3.09 -2.94 10.22
C SER A 18 2.83 -1.52 10.72
N THR A 19 1.67 -1.33 11.36
CA THR A 19 1.30 -0.02 11.88
C THR A 19 1.41 0.01 13.40
N GLN A 20 2.26 0.90 13.91
CA GLN A 20 2.45 1.04 15.34
C GLN A 20 2.64 2.49 15.74
N TYR A 21 2.04 2.88 16.86
CA TYR A 21 2.15 4.25 17.35
C TYR A 21 3.05 4.33 18.57
N ASP A 22 3.87 5.38 18.63
CA ASP A 22 4.78 5.58 19.75
C ASP A 22 4.28 6.68 20.67
N LEU A 23 4.24 6.40 21.96
CA LEU A 23 3.79 7.37 22.95
C LEU A 23 4.92 8.31 23.36
N LEU A 24 6.12 7.76 23.50
CA LEU A 24 7.29 8.55 23.89
C LEU A 24 7.40 9.80 23.04
N HIS A 25 7.22 9.64 21.72
CA HIS A 25 7.29 10.78 20.81
C HIS A 25 5.91 11.26 20.41
N ASN A 26 4.90 10.42 20.67
CA ASN A 26 3.52 10.77 20.36
C ASN A 26 3.34 10.91 18.84
N HIS A 27 3.84 9.94 18.09
CA HIS A 27 3.73 9.95 16.64
C HIS A 27 3.42 8.56 16.10
N LEU A 28 3.01 8.50 14.84
CA LEU A 28 2.68 7.23 14.20
C LEU A 28 3.90 6.64 13.50
N THR A 29 4.38 5.51 14.00
CA THR A 29 5.54 4.84 13.41
C THR A 29 5.11 3.77 12.42
N VAL A 30 5.16 4.10 11.14
CA VAL A 30 4.78 3.16 10.08
C VAL A 30 6.01 2.53 9.43
N ARG A 31 6.24 1.25 9.72
CA ARG A 31 7.37 0.54 9.15
C ARG A 31 6.97 -0.23 7.91
N VAL A 32 7.33 0.30 6.74
CA VAL A 32 7.00 -0.34 5.48
C VAL A 32 7.73 -1.67 5.34
N ILE A 33 6.96 -2.75 5.17
CA ILE A 33 7.53 -4.07 5.03
C ILE A 33 7.52 -4.52 3.57
N GLU A 34 8.21 -5.63 3.29
CA GLU A 34 8.28 -6.16 1.93
C GLU A 34 6.91 -6.65 1.47
N ALA A 35 6.85 -7.14 0.23
CA ALA A 35 5.60 -7.65 -0.33
C ALA A 35 5.87 -8.77 -1.32
N ARG A 36 4.80 -9.31 -1.90
CA ARG A 36 4.92 -10.39 -2.88
C ARG A 36 3.62 -10.58 -3.64
N ASP A 37 3.67 -11.39 -4.70
CA ASP A 37 2.49 -11.66 -5.51
C ASP A 37 2.09 -10.41 -6.30
N LEU A 38 3.07 -9.71 -6.84
CA LEU A 38 2.82 -8.50 -7.62
C LEU A 38 2.84 -8.79 -9.12
N PRO A 39 1.75 -8.44 -9.81
CA PRO A 39 1.62 -8.66 -11.25
C PRO A 39 2.56 -7.76 -12.06
N PRO A 40 3.02 -8.27 -13.22
CA PRO A 40 3.92 -7.52 -14.10
C PRO A 40 3.23 -6.35 -14.78
N PRO A 41 4.02 -5.47 -15.40
CA PRO A 41 3.51 -4.29 -16.11
C PRO A 41 2.75 -4.66 -17.37
N ILE A 42 1.43 -4.79 -17.25
CA ILE A 42 0.60 -5.14 -18.40
C ILE A 42 -0.40 -4.03 -18.70
N SER A 43 -0.65 -3.80 -19.98
CA SER A 43 -1.58 -2.77 -20.41
C SER A 43 -2.44 -3.25 -21.58
N HIS A 44 -3.73 -3.48 -21.31
CA HIS A 44 -4.65 -3.94 -22.34
C HIS A 44 -4.00 -5.03 -23.19
N ASP A 45 -3.30 -5.95 -22.55
CA ASP A 45 -2.64 -7.03 -23.26
C ASP A 45 -2.46 -8.24 -22.34
N GLY A 46 -1.90 -9.31 -22.90
CA GLY A 46 -1.68 -10.53 -22.12
C GLY A 46 -0.30 -11.11 -22.32
N SER A 47 0.12 -11.20 -23.58
CA SER A 47 1.44 -11.75 -23.90
C SER A 47 2.50 -10.65 -23.91
N ARG A 48 3.21 -10.52 -22.80
CA ARG A 48 4.25 -9.51 -22.67
C ARG A 48 5.52 -10.11 -22.06
N GLN A 49 6.57 -9.29 -21.97
CA GLN A 49 7.84 -9.74 -21.42
C GLN A 49 7.63 -10.38 -20.05
N ASP A 50 8.25 -11.54 -19.85
CA ASP A 50 8.14 -12.27 -18.59
C ASP A 50 8.81 -11.49 -17.46
N MET A 51 10.12 -11.31 -17.57
CA MET A 51 10.87 -10.58 -16.56
C MET A 51 10.86 -9.07 -16.84
N ALA A 52 9.70 -8.56 -17.22
CA ALA A 52 9.55 -7.14 -17.52
C ALA A 52 9.11 -6.37 -16.29
N HIS A 53 9.88 -5.35 -15.92
CA HIS A 53 9.55 -4.54 -14.75
C HIS A 53 10.45 -3.30 -14.70
N SER A 54 9.87 -2.18 -14.25
CA SER A 54 10.61 -0.93 -14.16
C SER A 54 11.18 -0.74 -12.76
N ASN A 55 10.30 -0.51 -11.79
CA ASN A 55 10.71 -0.31 -10.41
C ASN A 55 9.50 -0.19 -9.49
N PRO A 56 9.24 -1.26 -8.71
CA PRO A 56 8.11 -1.30 -7.77
C PRO A 56 8.31 -0.36 -6.58
N TYR A 57 7.25 0.35 -6.23
CA TYR A 57 7.30 1.29 -5.11
C TYR A 57 5.94 1.43 -4.45
N VAL A 58 5.92 1.40 -3.12
CA VAL A 58 4.68 1.53 -2.36
C VAL A 58 4.47 2.96 -1.89
N LYS A 59 3.21 3.35 -1.78
CA LYS A 59 2.87 4.70 -1.34
C LYS A 59 2.14 4.67 0.01
N ILE A 60 2.13 5.80 0.70
CA ILE A 60 1.47 5.90 1.99
C ILE A 60 0.70 7.20 2.12
N CYS A 61 -0.54 7.12 2.62
CA CYS A 61 -1.38 8.29 2.79
C CYS A 61 -2.39 8.07 3.91
N LEU A 62 -2.52 9.06 4.79
CA LEU A 62 -3.44 8.98 5.91
C LEU A 62 -4.77 9.64 5.56
N LEU A 63 -5.74 8.82 5.16
CA LEU A 63 -7.06 9.33 4.80
C LEU A 63 -7.77 9.90 6.02
N PRO A 64 -8.70 10.83 5.78
CA PRO A 64 -9.04 11.29 4.42
C PRO A 64 -7.91 12.10 3.80
N ASP A 65 -7.20 12.88 4.63
CA ASP A 65 -6.11 13.70 4.16
C ASP A 65 -5.29 12.98 3.08
N GLN A 66 -5.15 13.61 1.93
CA GLN A 66 -4.40 13.03 0.83
C GLN A 66 -3.16 13.87 0.51
N LYS A 67 -3.25 15.17 0.75
CA LYS A 67 -2.15 16.08 0.49
C LYS A 67 -0.81 15.41 0.81
N ASN A 68 -0.55 15.22 2.10
CA ASN A 68 0.70 14.59 2.54
C ASN A 68 0.82 13.18 1.99
N SER A 69 1.72 12.99 1.03
CA SER A 69 1.93 11.68 0.43
C SER A 69 3.38 11.23 0.58
N LYS A 70 3.58 10.09 1.23
CA LYS A 70 4.91 9.54 1.44
C LYS A 70 5.09 8.23 0.70
N GLN A 71 6.31 7.98 0.21
CA GLN A 71 6.61 6.77 -0.52
C GLN A 71 7.84 6.07 0.05
N THR A 72 8.07 4.84 -0.37
CA THR A 72 9.21 4.06 0.11
C THR A 72 10.46 4.36 -0.72
N GLY A 73 10.25 4.71 -1.99
CA GLY A 73 11.36 5.01 -2.87
C GLY A 73 11.27 4.27 -4.19
N VAL A 74 12.43 3.94 -4.76
CA VAL A 74 12.47 3.23 -6.03
C VAL A 74 13.45 2.05 -5.96
N LYS A 75 13.03 0.92 -6.52
CA LYS A 75 13.85 -0.28 -6.52
C LYS A 75 14.00 -0.83 -7.94
N ARG A 76 14.91 -1.80 -8.10
CA ARG A 76 15.14 -2.41 -9.41
C ARG A 76 14.19 -3.58 -9.63
N LYS A 77 14.07 -4.00 -10.89
CA LYS A 77 13.19 -5.11 -11.24
C LYS A 77 13.18 -6.17 -10.14
N THR A 78 12.04 -6.29 -9.45
CA THR A 78 11.90 -7.25 -8.38
C THR A 78 10.43 -7.56 -8.10
N GLN A 79 10.06 -8.82 -8.21
CA GLN A 79 8.68 -9.24 -7.97
C GLN A 79 8.31 -9.08 -6.50
N LYS A 80 9.33 -8.96 -5.65
CA LYS A 80 9.12 -8.80 -4.22
C LYS A 80 9.87 -7.58 -3.69
N PRO A 81 9.21 -6.41 -3.74
CA PRO A 81 9.80 -5.15 -3.27
C PRO A 81 9.95 -5.12 -1.75
N VAL A 82 11.16 -4.81 -1.29
CA VAL A 82 11.43 -4.74 0.14
C VAL A 82 12.28 -3.52 0.48
N PHE A 83 11.83 -2.74 1.45
CA PHE A 83 12.56 -1.55 1.87
C PHE A 83 12.78 -1.54 3.39
N GLU A 84 11.85 -2.17 4.11
CA GLU A 84 11.95 -2.23 5.57
C GLU A 84 12.42 -0.91 6.15
N GLU A 85 11.72 0.17 5.80
CA GLU A 85 12.07 1.50 6.28
C GLU A 85 11.07 1.97 7.35
N ARG A 86 11.52 2.89 8.19
CA ARG A 86 10.67 3.43 9.25
C ARG A 86 10.36 4.90 9.00
N TYR A 87 9.08 5.26 9.13
CA TYR A 87 8.66 6.64 8.91
C TYR A 87 7.86 7.15 10.10
N THR A 88 7.89 8.46 10.32
CA THR A 88 7.17 9.07 11.42
C THR A 88 6.14 10.08 10.92
N PHE A 89 5.08 10.27 11.69
CA PHE A 89 4.01 11.20 11.32
C PHE A 89 3.45 11.91 12.56
N GLU A 90 3.44 13.23 12.51
CA GLU A 90 2.92 14.01 13.63
C GLU A 90 1.40 14.01 13.65
N ILE A 91 0.83 13.10 14.43
CA ILE A 91 -0.62 12.99 14.54
C ILE A 91 -1.03 12.53 15.93
N PRO A 92 -2.04 13.20 16.51
CA PRO A 92 -2.55 12.87 17.84
C PRO A 92 -3.30 11.55 17.86
N PHE A 93 -2.94 10.68 18.81
CA PHE A 93 -3.58 9.37 18.94
C PHE A 93 -5.07 9.47 18.61
N LEU A 94 -5.77 10.34 19.34
CA LEU A 94 -7.21 10.51 19.12
C LEU A 94 -7.55 10.47 17.63
N GLU A 95 -6.93 11.37 16.86
CA GLU A 95 -7.18 11.43 15.43
C GLU A 95 -6.76 10.13 14.75
N ALA A 96 -5.59 9.62 15.11
CA ALA A 96 -5.09 8.38 14.55
C ALA A 96 -6.18 7.33 14.46
N GLN A 97 -6.97 7.20 15.53
CA GLN A 97 -8.05 6.23 15.57
C GLN A 97 -8.99 6.41 14.38
N ARG A 98 -9.34 7.66 14.09
CA ARG A 98 -10.23 7.97 12.98
C ARG A 98 -9.54 7.71 11.64
N ARG A 99 -8.30 8.19 11.52
CA ARG A 99 -7.54 8.01 10.29
C ARG A 99 -7.48 6.54 9.89
N THR A 100 -7.07 6.29 8.65
CA THR A 100 -6.97 4.92 8.15
C THR A 100 -5.68 4.72 7.36
N LEU A 101 -5.04 3.58 7.56
CA LEU A 101 -3.80 3.26 6.88
C LEU A 101 -4.07 2.74 5.47
N LEU A 102 -3.66 3.53 4.47
CA LEU A 102 -3.86 3.15 3.07
C LEU A 102 -2.53 3.12 2.33
N LEU A 103 -2.15 1.92 1.86
CA LEU A 103 -0.89 1.75 1.13
C LEU A 103 -1.17 1.30 -0.29
N THR A 104 -1.04 2.22 -1.24
CA THR A 104 -1.26 1.91 -2.65
C THR A 104 0.03 1.49 -3.34
N VAL A 105 -0.02 0.36 -4.03
CA VAL A 105 1.15 -0.15 -4.74
C VAL A 105 1.14 0.26 -6.21
N VAL A 106 1.98 1.23 -6.56
CA VAL A 106 2.07 1.71 -7.93
C VAL A 106 3.45 1.47 -8.51
N ASP A 107 3.50 1.15 -9.80
CA ASP A 107 4.76 0.89 -10.48
C ASP A 107 5.05 1.97 -11.51
N PHE A 108 6.06 2.80 -11.24
CA PHE A 108 6.44 3.87 -12.14
C PHE A 108 7.19 3.33 -13.35
N ASP A 109 6.59 3.49 -14.53
CA ASP A 109 7.20 3.01 -15.76
C ASP A 109 8.16 4.05 -16.33
N LYS A 110 8.79 3.71 -17.45
CA LYS A 110 9.74 4.62 -18.10
C LYS A 110 9.01 5.65 -18.95
N PHE A 111 7.73 5.41 -19.21
CA PHE A 111 6.93 6.31 -20.02
C PHE A 111 6.12 7.25 -19.13
N SER A 112 6.64 7.54 -17.95
CA SER A 112 5.96 8.41 -17.00
C SER A 112 4.52 7.97 -16.78
N ARG A 113 4.33 6.66 -16.59
CA ARG A 113 3.01 6.11 -16.38
C ARG A 113 2.88 5.52 -14.98
N HIS A 114 1.85 5.93 -14.25
CA HIS A 114 1.63 5.45 -12.89
C HIS A 114 0.50 4.41 -12.87
N CYS A 115 0.85 3.16 -13.17
CA CYS A 115 -0.12 2.07 -13.18
C CYS A 115 -0.36 1.54 -11.77
N VAL A 116 -1.54 1.83 -11.22
CA VAL A 116 -1.90 1.39 -9.88
C VAL A 116 -2.29 -0.09 -9.89
N ILE A 117 -1.54 -0.89 -9.14
CA ILE A 117 -1.81 -2.33 -9.05
C ILE A 117 -2.90 -2.62 -8.04
N GLY A 118 -2.83 -1.95 -6.89
CA GLY A 118 -3.82 -2.15 -5.85
C GLY A 118 -3.53 -1.33 -4.61
N LYS A 119 -4.36 -1.50 -3.57
CA LYS A 119 -4.18 -0.77 -2.32
C LYS A 119 -4.72 -1.58 -1.15
N VAL A 120 -4.32 -1.19 0.06
CA VAL A 120 -4.76 -1.88 1.27
C VAL A 120 -5.19 -0.87 2.34
N SER A 121 -6.49 -0.87 2.64
CA SER A 121 -7.03 0.04 3.65
C SER A 121 -7.32 -0.70 4.95
N VAL A 122 -7.09 -0.02 6.07
CA VAL A 122 -7.32 -0.61 7.38
C VAL A 122 -7.56 0.47 8.43
N PRO A 123 -8.69 0.35 9.15
CA PRO A 123 -9.07 1.30 10.20
C PRO A 123 -8.17 1.20 11.42
N LEU A 124 -7.65 2.34 11.87
CA LEU A 124 -6.78 2.39 13.02
C LEU A 124 -7.59 2.45 14.31
N CYS A 125 -8.87 2.15 14.21
CA CYS A 125 -9.76 2.18 15.38
C CYS A 125 -9.95 0.78 15.94
N GLU A 126 -9.48 -0.22 15.21
CA GLU A 126 -9.61 -1.61 15.64
C GLU A 126 -8.29 -2.12 16.20
N VAL A 127 -7.20 -1.87 15.47
CA VAL A 127 -5.88 -2.30 15.90
C VAL A 127 -5.35 -1.43 17.03
N ASP A 128 -4.75 -2.05 18.04
CA ASP A 128 -4.19 -1.32 19.17
C ASP A 128 -2.84 -0.71 18.82
N LEU A 129 -2.87 0.45 18.18
CA LEU A 129 -1.65 1.14 17.79
C LEU A 129 -0.63 1.12 18.92
N VAL A 130 -1.05 1.55 20.10
CA VAL A 130 -0.18 1.59 21.27
C VAL A 130 0.78 0.40 21.27
N LYS A 131 0.22 -0.80 21.20
CA LYS A 131 1.02 -2.02 21.19
C LYS A 131 1.79 -2.15 19.87
N GLY A 132 1.04 -2.21 18.77
CA GLY A 132 1.66 -2.34 17.47
C GLY A 132 0.81 -3.14 16.50
N GLY A 133 1.03 -2.93 15.20
CA GLY A 133 0.26 -3.64 14.20
C GLY A 133 1.14 -4.35 13.19
N HIS A 134 0.80 -5.59 12.88
CA HIS A 134 1.57 -6.38 11.92
C HIS A 134 0.77 -7.58 11.44
N TRP A 135 0.28 -7.52 10.20
CA TRP A 135 -0.49 -8.60 9.63
C TRP A 135 -0.38 -8.61 8.11
N TRP A 136 -1.04 -9.57 7.47
CA TRP A 136 -1.00 -9.69 6.01
C TRP A 136 -2.39 -9.52 5.42
N LYS A 137 -2.48 -8.75 4.34
CA LYS A 137 -3.76 -8.51 3.67
C LYS A 137 -3.61 -8.64 2.16
N ALA A 138 -4.74 -8.76 1.47
CA ALA A 138 -4.74 -8.89 0.02
C ALA A 138 -5.09 -7.56 -0.65
N LEU A 139 -4.32 -7.18 -1.65
CA LEU A 139 -4.56 -5.94 -2.38
C LEU A 139 -5.92 -5.96 -3.07
N ILE A 140 -6.52 -4.78 -3.18
CA ILE A 140 -7.83 -4.66 -3.81
C ILE A 140 -7.79 -3.68 -4.98
N PRO A 141 -8.66 -3.90 -5.98
CA PRO A 141 -8.73 -3.06 -7.17
C PRO A 141 -9.30 -1.67 -6.85
N SER A 142 -8.43 -0.69 -6.73
CA SER A 142 -8.84 0.68 -6.42
C SER A 142 -9.78 1.20 -7.51
N GLY A 143 -10.44 2.32 -7.20
CA GLY A 143 -11.37 2.92 -8.15
C GLY A 143 -12.50 3.66 -7.46
N PRO A 144 -12.93 4.78 -8.06
CA PRO A 144 -14.01 5.60 -7.53
C PRO A 144 -15.37 4.91 -7.64
N SER A 145 -15.63 4.31 -8.80
CA SER A 145 -16.89 3.62 -9.04
C SER A 145 -16.94 2.31 -8.26
N SER A 146 -17.89 2.21 -7.33
CA SER A 146 -18.04 1.00 -6.52
C SER A 146 -19.49 0.49 -6.59
N GLY A 147 -19.64 -0.80 -6.84
CA GLY A 147 -20.96 -1.39 -6.91
C GLY A 147 -21.27 -1.97 -8.28
N GLY A 1 -27.91 4.50 -11.01
CA GLY A 1 -27.83 3.07 -10.87
C GLY A 1 -26.45 2.52 -11.20
N SER A 2 -26.35 1.20 -11.31
CA SER A 2 -25.08 0.56 -11.61
C SER A 2 -25.30 -0.74 -12.40
N SER A 3 -24.61 -0.86 -13.53
CA SER A 3 -24.72 -2.03 -14.38
C SER A 3 -23.37 -2.71 -14.56
N GLY A 4 -23.30 -3.99 -14.21
CA GLY A 4 -22.07 -4.74 -14.34
C GLY A 4 -21.81 -5.64 -13.15
N SER A 5 -21.31 -5.06 -12.07
CA SER A 5 -21.00 -5.82 -10.85
C SER A 5 -20.19 -7.06 -11.19
N SER A 6 -19.21 -6.90 -12.07
CA SER A 6 -18.37 -8.02 -12.49
C SER A 6 -17.07 -8.04 -11.68
N GLY A 7 -16.42 -9.21 -11.64
CA GLY A 7 -15.18 -9.34 -10.89
C GLY A 7 -15.26 -10.36 -9.79
N SER A 8 -15.26 -11.64 -10.18
CA SER A 8 -15.34 -12.73 -9.21
C SER A 8 -14.31 -12.55 -8.09
N LYS A 9 -13.05 -12.40 -8.49
CA LYS A 9 -11.97 -12.22 -7.52
C LYS A 9 -10.93 -11.24 -8.05
N TYR A 10 -10.39 -10.42 -7.15
CA TYR A 10 -9.39 -9.44 -7.52
C TYR A 10 -7.98 -9.97 -7.28
N GLN A 11 -7.58 -10.97 -8.07
CA GLN A 11 -6.27 -11.56 -7.94
C GLN A 11 -5.17 -10.54 -8.20
N LEU A 12 -4.89 -9.71 -7.19
CA LEU A 12 -3.87 -8.68 -7.31
C LEU A 12 -2.59 -9.09 -6.58
N GLY A 13 -2.74 -9.56 -5.34
CA GLY A 13 -1.59 -9.98 -4.56
C GLY A 13 -1.74 -9.64 -3.09
N MET A 14 -0.61 -9.34 -2.44
CA MET A 14 -0.62 -8.99 -1.03
C MET A 14 0.58 -8.12 -0.67
N LEU A 15 0.44 -7.33 0.38
CA LEU A 15 1.51 -6.44 0.83
C LEU A 15 1.74 -6.58 2.32
N HIS A 16 3.00 -6.65 2.72
CA HIS A 16 3.36 -6.76 4.13
C HIS A 16 3.64 -5.40 4.75
N PHE A 17 3.00 -5.12 5.87
CA PHE A 17 3.18 -3.84 6.56
C PHE A 17 2.79 -3.95 8.03
N SER A 18 3.09 -2.91 8.79
CA SER A 18 2.77 -2.89 10.22
C SER A 18 2.54 -1.46 10.70
N THR A 19 1.58 -1.30 11.60
CA THR A 19 1.26 0.02 12.15
C THR A 19 1.42 0.04 13.67
N GLN A 20 2.35 0.86 14.14
CA GLN A 20 2.61 0.97 15.57
C GLN A 20 2.76 2.43 15.98
N TYR A 21 1.85 2.90 16.83
CA TYR A 21 1.87 4.27 17.31
C TYR A 21 2.70 4.40 18.58
N ASP A 22 3.69 5.30 18.55
CA ASP A 22 4.55 5.52 19.70
C ASP A 22 3.96 6.57 20.62
N LEU A 23 3.97 6.28 21.92
CA LEU A 23 3.43 7.21 22.92
C LEU A 23 4.50 8.19 23.38
N LEU A 24 5.74 7.71 23.44
CA LEU A 24 6.85 8.55 23.87
C LEU A 24 6.95 9.81 23.01
N HIS A 25 6.92 9.63 21.69
CA HIS A 25 7.00 10.75 20.77
C HIS A 25 5.60 11.17 20.29
N ASN A 26 4.61 10.34 20.62
CA ASN A 26 3.24 10.63 20.22
C ASN A 26 3.12 10.76 18.71
N HIS A 27 3.71 9.81 17.99
CA HIS A 27 3.66 9.82 16.53
C HIS A 27 3.25 8.46 15.99
N LEU A 28 2.95 8.40 14.70
CA LEU A 28 2.54 7.16 14.06
C LEU A 28 3.70 6.53 13.30
N THR A 29 4.23 5.43 13.84
CA THR A 29 5.34 4.73 13.21
C THR A 29 4.84 3.64 12.27
N VAL A 30 4.85 3.92 10.98
CA VAL A 30 4.40 2.95 9.99
C VAL A 30 5.57 2.43 9.16
N ARG A 31 5.92 1.16 9.37
CA ARG A 31 7.02 0.54 8.64
C ARG A 31 6.50 -0.22 7.43
N VAL A 32 7.10 0.06 6.27
CA VAL A 32 6.70 -0.60 5.03
C VAL A 32 7.54 -1.85 4.78
N ILE A 33 6.93 -3.02 4.98
CA ILE A 33 7.61 -4.28 4.78
C ILE A 33 7.50 -4.74 3.33
N GLU A 34 8.33 -5.71 2.95
CA GLU A 34 8.33 -6.23 1.60
C GLU A 34 6.96 -6.79 1.24
N ALA A 35 6.82 -7.25 -0.01
CA ALA A 35 5.56 -7.82 -0.47
C ALA A 35 5.81 -8.93 -1.49
N ARG A 36 4.73 -9.50 -2.00
CA ARG A 36 4.82 -10.57 -2.98
C ARG A 36 3.49 -10.77 -3.71
N ASP A 37 3.48 -11.68 -4.68
CA ASP A 37 2.27 -11.96 -5.44
C ASP A 37 1.83 -10.75 -6.25
N LEU A 38 2.81 -9.98 -6.73
CA LEU A 38 2.53 -8.78 -7.52
C LEU A 38 2.63 -9.08 -9.01
N PRO A 39 1.67 -8.55 -9.79
CA PRO A 39 1.63 -8.75 -11.24
C PRO A 39 2.75 -8.00 -11.95
N PRO A 40 3.56 -8.73 -12.72
CA PRO A 40 4.68 -8.15 -13.47
C PRO A 40 4.21 -7.28 -14.64
N PRO A 41 5.15 -6.51 -15.20
CA PRO A 41 4.85 -5.62 -16.33
C PRO A 41 4.56 -6.38 -17.61
N ILE A 42 3.29 -6.68 -17.85
CA ILE A 42 2.88 -7.41 -19.05
C ILE A 42 1.74 -6.69 -19.76
N SER A 43 1.62 -6.94 -21.06
CA SER A 43 0.57 -6.33 -21.87
C SER A 43 -0.77 -7.05 -21.66
N HIS A 44 -1.79 -6.60 -22.38
CA HIS A 44 -3.12 -7.21 -22.28
C HIS A 44 -3.02 -8.73 -22.26
N ASP A 45 -2.18 -9.27 -23.14
CA ASP A 45 -1.99 -10.72 -23.22
C ASP A 45 -0.83 -11.17 -22.34
N GLY A 46 -1.16 -11.86 -21.27
CA GLY A 46 -0.13 -12.34 -20.35
C GLY A 46 0.25 -13.78 -20.62
N SER A 47 1.41 -13.97 -21.25
CA SER A 47 1.89 -15.32 -21.56
C SER A 47 3.18 -15.62 -20.81
N ARG A 48 4.23 -14.88 -21.13
CA ARG A 48 5.53 -15.07 -20.48
C ARG A 48 6.10 -13.74 -20.00
N GLN A 49 7.01 -13.81 -19.05
CA GLN A 49 7.64 -12.60 -18.50
C GLN A 49 9.12 -12.55 -18.87
N ASP A 50 9.43 -12.87 -20.11
CA ASP A 50 10.81 -12.86 -20.59
C ASP A 50 11.34 -11.43 -20.66
N MET A 51 12.44 -11.18 -19.96
CA MET A 51 13.06 -9.85 -19.94
C MET A 51 12.03 -8.78 -19.60
N ALA A 52 11.26 -9.02 -18.54
CA ALA A 52 10.23 -8.08 -18.10
C ALA A 52 10.41 -7.71 -16.64
N HIS A 53 10.76 -6.45 -16.39
CA HIS A 53 10.97 -5.98 -15.03
C HIS A 53 10.68 -4.48 -14.92
N SER A 54 10.63 -3.97 -13.70
CA SER A 54 10.36 -2.56 -13.46
C SER A 54 10.73 -2.16 -12.04
N ASN A 55 10.55 -0.88 -11.72
CA ASN A 55 10.86 -0.37 -10.39
C ASN A 55 9.59 0.10 -9.68
N PRO A 56 8.87 -0.85 -9.07
CA PRO A 56 7.62 -0.55 -8.35
C PRO A 56 7.87 0.23 -7.06
N TYR A 57 6.80 0.62 -6.39
CA TYR A 57 6.91 1.37 -5.14
C TYR A 57 5.55 1.52 -4.48
N VAL A 58 5.55 1.66 -3.16
CA VAL A 58 4.31 1.82 -2.40
C VAL A 58 4.15 3.25 -1.89
N LYS A 59 2.92 3.63 -1.60
CA LYS A 59 2.61 4.96 -1.10
C LYS A 59 1.90 4.90 0.24
N ILE A 60 2.02 5.97 1.03
CA ILE A 60 1.39 6.04 2.33
C ILE A 60 0.61 7.35 2.50
N CYS A 61 -0.57 7.25 3.11
CA CYS A 61 -1.41 8.42 3.33
C CYS A 61 -2.38 8.18 4.48
N LEU A 62 -2.65 9.22 5.25
CA LEU A 62 -3.57 9.12 6.38
C LEU A 62 -4.91 9.76 6.06
N LEU A 63 -5.84 8.95 5.57
CA LEU A 63 -7.17 9.44 5.21
C LEU A 63 -7.98 9.77 6.45
N PRO A 64 -8.97 10.67 6.30
CA PRO A 64 -9.27 11.31 5.02
C PRO A 64 -8.19 12.29 4.60
N ASP A 65 -7.62 13.00 5.57
CA ASP A 65 -6.56 13.96 5.30
C ASP A 65 -5.62 13.45 4.22
N GLN A 66 -5.85 13.87 2.99
CA GLN A 66 -5.02 13.46 1.86
C GLN A 66 -3.97 14.51 1.54
N LYS A 67 -3.72 15.40 2.49
CA LYS A 67 -2.74 16.46 2.31
C LYS A 67 -1.32 15.94 2.55
N ASN A 68 -1.07 15.49 3.78
CA ASN A 68 0.25 14.96 4.15
C ASN A 68 0.33 13.46 3.87
N SER A 69 1.12 13.09 2.87
CA SER A 69 1.29 11.69 2.51
C SER A 69 2.75 11.36 2.24
N LYS A 70 3.21 10.22 2.75
CA LYS A 70 4.58 9.80 2.56
C LYS A 70 4.67 8.63 1.58
N GLN A 71 5.74 8.59 0.81
CA GLN A 71 5.94 7.52 -0.17
C GLN A 71 7.28 6.83 0.04
N THR A 72 7.50 5.72 -0.67
CA THR A 72 8.74 4.96 -0.55
C THR A 72 9.47 4.91 -1.89
N GLY A 73 10.79 5.04 -1.84
CA GLY A 73 11.58 4.99 -3.06
C GLY A 73 11.27 3.79 -3.91
N VAL A 74 11.65 3.84 -5.19
CA VAL A 74 11.42 2.74 -6.10
C VAL A 74 12.55 1.72 -6.05
N LYS A 75 12.19 0.45 -5.89
CA LYS A 75 13.18 -0.62 -5.82
C LYS A 75 13.68 -1.00 -7.22
N ARG A 76 14.79 -1.71 -7.27
CA ARG A 76 15.36 -2.13 -8.54
C ARG A 76 14.60 -3.31 -9.13
N LYS A 77 14.83 -3.59 -10.41
CA LYS A 77 14.15 -4.69 -11.08
C LYS A 77 13.92 -5.86 -10.12
N THR A 78 12.66 -6.14 -9.83
CA THR A 78 12.30 -7.23 -8.93
C THR A 78 10.80 -7.46 -8.92
N GLN A 79 10.38 -8.64 -8.46
CA GLN A 79 8.98 -9.00 -8.40
C GLN A 79 8.40 -8.70 -7.02
N LYS A 80 9.28 -8.56 -6.03
CA LYS A 80 8.86 -8.27 -4.66
C LYS A 80 9.67 -7.12 -4.07
N PRO A 81 9.08 -5.93 -4.07
CA PRO A 81 9.73 -4.72 -3.53
C PRO A 81 9.88 -4.77 -2.01
N VAL A 82 11.12 -4.67 -1.54
CA VAL A 82 11.40 -4.70 -0.11
C VAL A 82 12.20 -3.48 0.32
N PHE A 83 11.52 -2.55 0.99
CA PHE A 83 12.17 -1.33 1.46
C PHE A 83 12.47 -1.42 2.95
N GLU A 84 11.64 -2.15 3.68
CA GLU A 84 11.82 -2.31 5.12
C GLU A 84 12.29 -1.01 5.76
N GLU A 85 11.58 0.08 5.48
CA GLU A 85 11.92 1.38 6.03
C GLU A 85 10.87 1.86 7.02
N ARG A 86 11.30 2.57 8.05
CA ARG A 86 10.40 3.08 9.07
C ARG A 86 10.05 4.54 8.81
N TYR A 87 8.81 4.92 9.08
CA TYR A 87 8.36 6.28 8.88
C TYR A 87 7.56 6.78 10.08
N THR A 88 7.66 8.08 10.34
CA THR A 88 6.95 8.68 11.46
C THR A 88 5.97 9.76 10.98
N PHE A 89 4.99 10.07 11.81
CA PHE A 89 4.00 11.09 11.48
C PHE A 89 3.51 11.82 12.72
N GLU A 90 3.65 13.15 12.72
CA GLU A 90 3.23 13.95 13.85
C GLU A 90 1.71 14.03 13.93
N ILE A 91 1.11 13.05 14.61
CA ILE A 91 -0.34 13.01 14.76
C ILE A 91 -0.73 12.45 16.13
N PRO A 92 -1.65 13.14 16.80
CA PRO A 92 -2.14 12.74 18.13
C PRO A 92 -2.98 11.47 18.08
N PHE A 93 -2.63 10.49 18.91
CA PHE A 93 -3.37 9.23 18.95
C PHE A 93 -4.86 9.46 18.75
N LEU A 94 -5.47 10.20 19.68
CA LEU A 94 -6.90 10.49 19.60
C LEU A 94 -7.34 10.67 18.16
N GLU A 95 -6.51 11.34 17.36
CA GLU A 95 -6.82 11.57 15.95
C GLU A 95 -6.52 10.33 15.12
N ALA A 96 -5.36 9.73 15.35
CA ALA A 96 -4.96 8.54 14.63
C ALA A 96 -6.12 7.56 14.48
N GLN A 97 -6.86 7.37 15.57
CA GLN A 97 -8.00 6.47 15.57
C GLN A 97 -8.99 6.83 14.48
N ARG A 98 -9.17 8.14 14.27
CA ARG A 98 -10.10 8.63 13.25
C ARG A 98 -9.52 8.46 11.86
N ARG A 99 -8.19 8.52 11.76
CA ARG A 99 -7.50 8.38 10.49
C ARG A 99 -7.47 6.92 10.05
N THR A 100 -7.18 6.69 8.77
CA THR A 100 -7.12 5.34 8.23
C THR A 100 -5.81 5.11 7.47
N LEU A 101 -5.19 3.97 7.71
CA LEU A 101 -3.93 3.63 7.06
C LEU A 101 -4.18 3.04 5.67
N LEU A 102 -3.76 3.76 4.64
CA LEU A 102 -3.94 3.31 3.26
C LEU A 102 -2.60 3.23 2.55
N LEU A 103 -2.32 2.06 1.95
CA LEU A 103 -1.08 1.85 1.24
C LEU A 103 -1.34 1.38 -0.20
N THR A 104 -0.96 2.21 -1.15
CA THR A 104 -1.16 1.89 -2.57
C THR A 104 0.15 1.46 -3.22
N VAL A 105 0.08 0.41 -4.03
CA VAL A 105 1.25 -0.10 -4.72
C VAL A 105 1.19 0.20 -6.22
N VAL A 106 2.05 1.11 -6.67
CA VAL A 106 2.09 1.48 -8.08
C VAL A 106 3.38 1.00 -8.74
N ASP A 107 3.30 0.72 -10.04
CA ASP A 107 4.46 0.25 -10.79
C ASP A 107 4.98 1.34 -11.72
N PHE A 108 6.30 1.46 -11.81
CA PHE A 108 6.92 2.47 -12.66
C PHE A 108 7.59 1.82 -13.87
N ASP A 109 7.00 2.03 -15.05
CA ASP A 109 7.53 1.46 -16.28
C ASP A 109 8.60 2.37 -16.88
N LYS A 110 9.08 2.00 -18.06
CA LYS A 110 10.11 2.79 -18.74
C LYS A 110 9.49 3.94 -19.52
N PHE A 111 8.22 3.77 -19.91
CA PHE A 111 7.51 4.79 -20.67
C PHE A 111 6.83 5.78 -19.73
N SER A 112 7.42 5.98 -18.56
CA SER A 112 6.86 6.90 -17.57
C SER A 112 5.39 6.62 -17.33
N ARG A 113 5.01 5.36 -17.46
CA ARG A 113 3.62 4.95 -17.27
C ARG A 113 3.29 4.82 -15.78
N HIS A 114 2.01 4.68 -15.47
CA HIS A 114 1.56 4.55 -14.08
C HIS A 114 0.41 3.55 -13.98
N CYS A 115 0.63 2.48 -13.22
CA CYS A 115 -0.39 1.46 -13.03
C CYS A 115 -0.51 1.08 -11.56
N VAL A 116 -1.59 1.54 -10.93
CA VAL A 116 -1.83 1.24 -9.52
C VAL A 116 -2.18 -0.22 -9.31
N ILE A 117 -1.18 -0.99 -8.89
CA ILE A 117 -1.38 -2.42 -8.64
C ILE A 117 -2.56 -2.67 -7.72
N GLY A 118 -2.68 -1.85 -6.68
CA GLY A 118 -3.77 -1.99 -5.74
C GLY A 118 -3.61 -1.11 -4.52
N LYS A 119 -4.41 -1.36 -3.50
CA LYS A 119 -4.34 -0.58 -2.26
C LYS A 119 -4.93 -1.36 -1.10
N VAL A 120 -4.57 -0.97 0.13
CA VAL A 120 -5.06 -1.64 1.32
C VAL A 120 -5.37 -0.63 2.42
N SER A 121 -6.62 -0.57 2.83
CA SER A 121 -7.04 0.36 3.88
C SER A 121 -7.38 -0.38 5.16
N VAL A 122 -7.08 0.25 6.30
CA VAL A 122 -7.35 -0.36 7.59
C VAL A 122 -7.54 0.71 8.66
N PRO A 123 -8.64 0.58 9.43
CA PRO A 123 -8.97 1.51 10.50
C PRO A 123 -8.00 1.42 11.68
N LEU A 124 -7.50 2.56 12.13
CA LEU A 124 -6.57 2.61 13.26
C LEU A 124 -7.29 2.92 14.55
N CYS A 125 -8.59 2.63 14.58
CA CYS A 125 -9.41 2.87 15.77
C CYS A 125 -9.34 1.69 16.73
N GLU A 126 -9.65 0.51 16.23
CA GLU A 126 -9.62 -0.70 17.04
C GLU A 126 -8.20 -1.26 17.15
N VAL A 127 -7.47 -1.19 16.04
CA VAL A 127 -6.10 -1.68 16.01
C VAL A 127 -5.31 -1.20 17.22
N ASP A 128 -4.53 -2.11 17.82
CA ASP A 128 -3.73 -1.78 18.99
C ASP A 128 -2.45 -1.05 18.58
N LEU A 129 -2.60 0.12 17.99
CA LEU A 129 -1.46 0.91 17.55
C LEU A 129 -0.34 0.86 18.57
N VAL A 130 -0.70 1.01 19.84
CA VAL A 130 0.27 0.98 20.93
C VAL A 130 1.28 -0.15 20.73
N LYS A 131 0.78 -1.37 20.68
CA LYS A 131 1.63 -2.55 20.48
C LYS A 131 2.13 -2.63 19.04
N GLY A 132 1.20 -2.68 18.10
CA GLY A 132 1.56 -2.75 16.70
C GLY A 132 0.53 -3.48 15.86
N GLY A 133 0.71 -3.47 14.55
CA GLY A 133 -0.23 -4.15 13.66
C GLY A 133 0.47 -4.93 12.58
N HIS A 134 1.27 -5.91 12.98
CA HIS A 134 1.99 -6.74 12.03
C HIS A 134 1.12 -7.88 11.52
N TRP A 135 0.63 -7.74 10.29
CA TRP A 135 -0.23 -8.76 9.70
C TRP A 135 -0.10 -8.75 8.17
N TRP A 136 -0.83 -9.64 7.52
CA TRP A 136 -0.80 -9.74 6.06
C TRP A 136 -2.20 -9.56 5.48
N LYS A 137 -2.32 -8.67 4.50
CA LYS A 137 -3.60 -8.41 3.86
C LYS A 137 -3.49 -8.58 2.35
N ALA A 138 -4.63 -8.53 1.67
CA ALA A 138 -4.66 -8.67 0.21
C ALA A 138 -5.02 -7.35 -0.46
N LEU A 139 -4.27 -6.99 -1.49
CA LEU A 139 -4.50 -5.75 -2.22
C LEU A 139 -5.84 -5.78 -2.95
N ILE A 140 -6.51 -4.64 -2.98
CA ILE A 140 -7.81 -4.55 -3.65
C ILE A 140 -7.76 -3.55 -4.81
N PRO A 141 -8.66 -3.74 -5.78
CA PRO A 141 -8.74 -2.87 -6.96
C PRO A 141 -9.24 -1.47 -6.62
N SER A 142 -8.37 -0.47 -6.73
CA SER A 142 -8.72 0.91 -6.43
C SER A 142 -9.70 1.46 -7.46
N GLY A 143 -10.66 2.23 -6.99
CA GLY A 143 -11.65 2.81 -7.89
C GLY A 143 -12.82 3.42 -7.15
N PRO A 144 -13.72 4.09 -7.89
CA PRO A 144 -14.90 4.73 -7.32
C PRO A 144 -15.92 3.72 -6.81
N SER A 145 -16.56 4.04 -5.68
CA SER A 145 -17.55 3.16 -5.09
C SER A 145 -17.13 1.69 -5.21
N SER A 146 -15.89 1.41 -4.79
CA SER A 146 -15.36 0.05 -4.86
C SER A 146 -14.38 -0.19 -3.71
N GLY A 147 -14.77 -1.07 -2.79
CA GLY A 147 -13.92 -1.38 -1.66
C GLY A 147 -14.26 -2.72 -1.03
N GLY A 1 -21.30 -5.35 9.81
CA GLY A 1 -21.91 -6.46 9.09
C GLY A 1 -20.90 -7.51 8.68
N SER A 2 -20.94 -7.90 7.42
CA SER A 2 -20.03 -8.91 6.89
C SER A 2 -19.89 -8.79 5.38
N SER A 3 -18.90 -9.49 4.83
CA SER A 3 -18.66 -9.46 3.39
C SER A 3 -19.39 -10.61 2.70
N GLY A 4 -19.86 -10.34 1.47
CA GLY A 4 -20.58 -11.35 0.72
C GLY A 4 -20.27 -11.30 -0.76
N SER A 5 -19.12 -11.85 -1.15
CA SER A 5 -18.71 -11.86 -2.55
C SER A 5 -19.55 -12.84 -3.35
N SER A 6 -19.98 -12.41 -4.53
CA SER A 6 -20.79 -13.25 -5.40
C SER A 6 -20.04 -13.61 -6.68
N GLY A 7 -19.70 -12.59 -7.46
CA GLY A 7 -18.98 -12.81 -8.70
C GLY A 7 -17.74 -13.66 -8.51
N SER A 8 -16.62 -13.01 -8.23
CA SER A 8 -15.36 -13.72 -8.02
C SER A 8 -14.42 -12.91 -7.12
N LYS A 9 -13.44 -13.59 -6.54
CA LYS A 9 -12.48 -12.94 -5.66
C LYS A 9 -11.40 -12.23 -6.47
N TYR A 10 -10.48 -11.56 -5.76
CA TYR A 10 -9.41 -10.83 -6.42
C TYR A 10 -8.04 -11.38 -5.99
N GLN A 11 -7.33 -11.97 -6.94
CA GLN A 11 -6.02 -12.54 -6.67
C GLN A 11 -4.90 -11.62 -7.17
N LEU A 12 -5.07 -10.32 -6.94
CA LEU A 12 -4.08 -9.33 -7.37
C LEU A 12 -2.72 -9.63 -6.75
N GLY A 13 -2.66 -9.65 -5.43
CA GLY A 13 -1.41 -9.92 -4.74
C GLY A 13 -1.52 -9.72 -3.25
N MET A 14 -0.40 -9.38 -2.61
CA MET A 14 -0.37 -9.15 -1.17
C MET A 14 0.80 -8.26 -0.78
N LEU A 15 0.57 -7.38 0.20
CA LEU A 15 1.61 -6.47 0.66
C LEU A 15 1.75 -6.54 2.18
N HIS A 16 2.99 -6.68 2.64
CA HIS A 16 3.27 -6.75 4.07
C HIS A 16 3.55 -5.37 4.65
N PHE A 17 2.90 -5.05 5.77
CA PHE A 17 3.09 -3.76 6.41
C PHE A 17 2.72 -3.84 7.90
N SER A 18 3.24 -2.91 8.68
CA SER A 18 2.99 -2.87 10.12
C SER A 18 2.73 -1.44 10.59
N THR A 19 1.74 -1.29 11.45
CA THR A 19 1.40 0.03 11.98
C THR A 19 1.53 0.06 13.51
N GLN A 20 2.48 0.86 13.99
CA GLN A 20 2.71 0.97 15.43
C GLN A 20 2.90 2.43 15.83
N TYR A 21 2.03 2.91 16.72
CA TYR A 21 2.10 4.29 17.18
C TYR A 21 2.95 4.41 18.45
N ASP A 22 3.80 5.42 18.50
CA ASP A 22 4.66 5.64 19.65
C ASP A 22 4.18 6.84 20.47
N LEU A 23 3.86 6.59 21.73
CA LEU A 23 3.39 7.65 22.62
C LEU A 23 4.55 8.53 23.09
N LEU A 24 5.70 7.89 23.28
CA LEU A 24 6.90 8.62 23.73
C LEU A 24 7.05 9.94 22.99
N HIS A 25 6.80 9.91 21.68
CA HIS A 25 6.91 11.11 20.85
C HIS A 25 5.56 11.47 20.25
N ASN A 26 4.51 10.80 20.71
CA ASN A 26 3.16 11.06 20.22
C ASN A 26 3.15 11.13 18.69
N HIS A 27 3.79 10.15 18.06
CA HIS A 27 3.85 10.10 16.61
C HIS A 27 3.51 8.70 16.09
N LEU A 28 3.21 8.60 14.81
CA LEU A 28 2.86 7.32 14.20
C LEU A 28 4.06 6.73 13.47
N THR A 29 4.54 5.58 13.93
CA THR A 29 5.67 4.91 13.31
C THR A 29 5.22 3.83 12.34
N VAL A 30 5.29 4.14 11.04
CA VAL A 30 4.89 3.19 10.01
C VAL A 30 6.11 2.56 9.35
N ARG A 31 6.30 1.26 9.60
CA ARG A 31 7.42 0.54 9.03
C ARG A 31 6.97 -0.35 7.86
N VAL A 32 7.26 0.10 6.65
CA VAL A 32 6.88 -0.65 5.46
C VAL A 32 7.64 -1.97 5.37
N ILE A 33 6.92 -3.05 5.11
CA ILE A 33 7.52 -4.37 5.00
C ILE A 33 7.51 -4.87 3.56
N GLU A 34 8.29 -5.90 3.28
CA GLU A 34 8.36 -6.47 1.94
C GLU A 34 6.98 -6.93 1.48
N ALA A 35 6.92 -7.43 0.25
CA ALA A 35 5.66 -7.91 -0.32
C ALA A 35 5.90 -9.08 -1.26
N ARG A 36 4.81 -9.60 -1.83
CA ARG A 36 4.90 -10.72 -2.76
C ARG A 36 3.60 -10.89 -3.55
N ASP A 37 3.61 -11.80 -4.51
CA ASP A 37 2.43 -12.05 -5.33
C ASP A 37 2.01 -10.79 -6.09
N LEU A 38 2.99 -10.05 -6.58
CA LEU A 38 2.73 -8.82 -7.33
C LEU A 38 2.72 -9.09 -8.83
N PRO A 39 1.65 -8.64 -9.50
CA PRO A 39 1.49 -8.82 -10.95
C PRO A 39 2.47 -7.95 -11.74
N PRO A 40 2.91 -8.47 -12.89
CA PRO A 40 3.85 -7.75 -13.76
C PRO A 40 3.21 -6.54 -14.45
N PRO A 41 4.04 -5.58 -14.86
CA PRO A 41 3.58 -4.37 -15.52
C PRO A 41 3.05 -4.64 -16.92
N ILE A 42 1.73 -4.76 -17.04
CA ILE A 42 1.09 -5.03 -18.32
C ILE A 42 -0.19 -4.22 -18.48
N SER A 43 -0.56 -3.94 -19.72
CA SER A 43 -1.77 -3.18 -20.00
C SER A 43 -3.00 -4.08 -20.01
N HIS A 44 -3.01 -5.03 -20.94
CA HIS A 44 -4.12 -5.97 -21.06
C HIS A 44 -4.00 -7.09 -20.03
N ASP A 45 -4.95 -8.02 -20.05
CA ASP A 45 -4.96 -9.14 -19.12
C ASP A 45 -3.81 -10.11 -19.41
N GLY A 46 -3.70 -10.50 -20.68
CA GLY A 46 -2.64 -11.42 -21.08
C GLY A 46 -1.76 -10.84 -22.18
N SER A 47 -0.45 -11.01 -22.02
CA SER A 47 0.50 -10.51 -23.00
C SER A 47 1.81 -11.29 -22.94
N ARG A 48 2.65 -11.10 -23.95
CA ARG A 48 3.94 -11.79 -24.00
C ARG A 48 5.04 -10.93 -23.39
N GLN A 49 5.29 -11.13 -22.09
CA GLN A 49 6.32 -10.37 -21.39
C GLN A 49 7.16 -11.29 -20.52
N ASP A 50 8.43 -11.46 -20.90
CA ASP A 50 9.34 -12.31 -20.15
C ASP A 50 9.92 -11.58 -18.96
N MET A 51 10.62 -10.47 -19.22
CA MET A 51 11.23 -9.68 -18.17
C MET A 51 10.80 -8.22 -18.27
N ALA A 52 9.60 -7.92 -17.79
CA ALA A 52 9.07 -6.56 -17.82
C ALA A 52 8.99 -5.97 -16.42
N HIS A 53 10.01 -5.19 -16.05
CA HIS A 53 10.04 -4.56 -14.75
C HIS A 53 11.10 -3.45 -14.69
N SER A 54 10.76 -2.35 -14.03
CA SER A 54 11.67 -1.22 -13.92
C SER A 54 12.09 -0.99 -12.48
N ASN A 55 11.12 -0.59 -11.65
CA ASN A 55 11.38 -0.34 -10.24
C ASN A 55 10.09 -0.04 -9.49
N PRO A 56 9.61 -1.02 -8.71
CA PRO A 56 8.37 -0.88 -7.92
C PRO A 56 8.54 0.10 -6.77
N TYR A 57 7.40 0.49 -6.18
CA TYR A 57 7.42 1.43 -5.06
C TYR A 57 6.03 1.57 -4.45
N VAL A 58 5.96 1.54 -3.12
CA VAL A 58 4.69 1.67 -2.43
C VAL A 58 4.48 3.10 -1.92
N LYS A 59 3.22 3.48 -1.78
CA LYS A 59 2.87 4.82 -1.30
C LYS A 59 2.15 4.75 0.03
N ILE A 60 2.19 5.86 0.78
CA ILE A 60 1.54 5.93 2.08
C ILE A 60 0.73 7.21 2.23
N CYS A 61 -0.50 7.08 2.70
CA CYS A 61 -1.37 8.24 2.88
C CYS A 61 -2.33 8.01 4.04
N LEU A 62 -2.67 9.08 4.75
CA LEU A 62 -3.58 9.00 5.88
C LEU A 62 -4.94 9.59 5.53
N LEU A 63 -5.85 8.74 5.07
CA LEU A 63 -7.20 9.17 4.70
C LEU A 63 -7.95 9.70 5.92
N PRO A 64 -8.90 10.60 5.68
CA PRO A 64 -9.23 11.08 4.32
C PRO A 64 -8.12 11.94 3.74
N ASP A 65 -7.33 12.56 4.61
CA ASP A 65 -6.23 13.42 4.17
C ASP A 65 -5.43 12.75 3.07
N GLN A 66 -5.38 13.40 1.90
CA GLN A 66 -4.64 12.87 0.76
C GLN A 66 -3.42 13.74 0.44
N LYS A 67 -3.64 15.05 0.39
CA LYS A 67 -2.57 15.99 0.09
C LYS A 67 -1.25 15.51 0.68
N ASN A 68 -1.27 15.16 1.97
CA ASN A 68 -0.08 14.68 2.65
C ASN A 68 0.16 13.20 2.37
N SER A 69 0.87 12.91 1.28
CA SER A 69 1.16 11.54 0.89
C SER A 69 2.65 11.25 1.01
N LYS A 70 3.01 9.97 0.97
CA LYS A 70 4.41 9.56 1.06
C LYS A 70 4.71 8.42 0.10
N GLN A 71 5.98 8.15 -0.12
CA GLN A 71 6.41 7.08 -1.02
C GLN A 71 7.73 6.47 -0.56
N THR A 72 7.91 5.19 -0.85
CA THR A 72 9.13 4.49 -0.46
C THR A 72 10.19 4.61 -1.54
N GLY A 73 11.44 4.34 -1.16
CA GLY A 73 12.54 4.44 -2.11
C GLY A 73 12.25 3.68 -3.40
N VAL A 74 13.18 3.76 -4.35
CA VAL A 74 13.03 3.08 -5.63
C VAL A 74 14.09 1.99 -5.80
N LYS A 75 13.65 0.74 -5.77
CA LYS A 75 14.55 -0.39 -5.92
C LYS A 75 14.62 -0.85 -7.38
N ARG A 76 15.57 -1.71 -7.68
CA ARG A 76 15.74 -2.23 -9.03
C ARG A 76 14.67 -3.27 -9.36
N LYS A 77 14.50 -3.55 -10.65
CA LYS A 77 13.52 -4.53 -11.09
C LYS A 77 13.39 -5.67 -10.09
N THR A 78 12.19 -5.84 -9.55
CA THR A 78 11.93 -6.90 -8.58
C THR A 78 10.44 -7.06 -8.32
N GLN A 79 9.99 -8.32 -8.23
CA GLN A 79 8.58 -8.60 -7.99
C GLN A 79 8.25 -8.50 -6.50
N LYS A 80 9.21 -8.86 -5.66
CA LYS A 80 9.03 -8.79 -4.22
C LYS A 80 9.94 -7.75 -3.59
N PRO A 81 9.55 -6.47 -3.72
CA PRO A 81 10.32 -5.34 -3.16
C PRO A 81 10.28 -5.31 -1.64
N VAL A 82 11.43 -5.05 -1.03
CA VAL A 82 11.54 -4.98 0.42
C VAL A 82 12.25 -3.71 0.87
N PHE A 83 11.49 -2.81 1.50
CA PHE A 83 12.05 -1.56 1.98
C PHE A 83 12.51 -1.68 3.43
N GLU A 84 11.68 -2.32 4.25
CA GLU A 84 12.00 -2.51 5.66
C GLU A 84 12.48 -1.20 6.28
N GLU A 85 11.84 -0.10 5.91
CA GLU A 85 12.21 1.22 6.42
C GLU A 85 11.22 1.67 7.49
N ARG A 86 11.47 2.84 8.07
CA ARG A 86 10.60 3.39 9.10
C ARG A 86 10.19 4.82 8.77
N TYR A 87 8.97 5.18 9.14
CA TYR A 87 8.44 6.52 8.87
C TYR A 87 7.74 7.08 10.10
N THR A 88 7.78 8.40 10.24
CA THR A 88 7.15 9.06 11.38
C THR A 88 6.15 10.12 10.90
N PHE A 89 5.13 10.38 11.72
CA PHE A 89 4.12 11.36 11.39
C PHE A 89 3.60 12.06 12.66
N GLU A 90 3.76 13.38 12.69
CA GLU A 90 3.32 14.16 13.84
C GLU A 90 1.80 14.16 13.95
N ILE A 91 1.25 13.12 14.55
CA ILE A 91 -0.19 13.00 14.73
C ILE A 91 -0.55 12.43 16.09
N PRO A 92 -1.51 13.09 16.77
CA PRO A 92 -1.95 12.66 18.10
C PRO A 92 -2.74 11.36 18.06
N PHE A 93 -2.39 10.43 18.94
CA PHE A 93 -3.07 9.14 19.00
C PHE A 93 -4.55 9.29 18.72
N LEU A 94 -5.23 10.06 19.54
CA LEU A 94 -6.66 10.29 19.38
C LEU A 94 -7.03 10.42 17.90
N GLU A 95 -6.19 11.12 17.15
CA GLU A 95 -6.43 11.32 15.72
C GLU A 95 -6.13 10.04 14.94
N ALA A 96 -4.94 9.49 15.16
CA ALA A 96 -4.53 8.27 14.48
C ALA A 96 -5.58 7.17 14.64
N GLN A 97 -6.48 7.36 15.61
CA GLN A 97 -7.54 6.39 15.86
C GLN A 97 -8.68 6.54 14.87
N ARG A 98 -9.16 7.77 14.70
CA ARG A 98 -10.25 8.05 13.78
C ARG A 98 -9.77 7.97 12.33
N ARG A 99 -8.47 8.19 12.13
CA ARG A 99 -7.89 8.15 10.79
C ARG A 99 -7.81 6.71 10.29
N THR A 100 -7.60 6.57 8.98
CA THR A 100 -7.50 5.24 8.37
C THR A 100 -6.20 5.11 7.58
N LEU A 101 -5.63 3.91 7.60
CA LEU A 101 -4.39 3.64 6.88
C LEU A 101 -4.67 3.03 5.51
N LEU A 102 -4.23 3.72 4.47
CA LEU A 102 -4.42 3.25 3.10
C LEU A 102 -3.11 3.29 2.31
N LEU A 103 -2.67 2.12 1.86
CA LEU A 103 -1.43 2.03 1.09
C LEU A 103 -1.72 1.78 -0.38
N THR A 104 -0.84 2.28 -1.25
CA THR A 104 -1.00 2.11 -2.69
C THR A 104 0.30 1.63 -3.34
N VAL A 105 0.24 0.47 -3.97
CA VAL A 105 1.41 -0.09 -4.64
C VAL A 105 1.44 0.28 -6.12
N VAL A 106 2.36 1.17 -6.48
CA VAL A 106 2.49 1.62 -7.87
C VAL A 106 3.87 1.29 -8.42
N ASP A 107 3.92 0.96 -9.70
CA ASP A 107 5.19 0.62 -10.35
C ASP A 107 5.64 1.76 -11.27
N PHE A 108 6.47 2.64 -10.73
CA PHE A 108 6.98 3.78 -11.50
C PHE A 108 7.40 3.33 -12.91
N ASP A 109 7.63 4.31 -13.77
CA ASP A 109 8.05 4.03 -15.15
C ASP A 109 8.96 5.12 -15.68
N LYS A 110 9.46 4.94 -16.90
CA LYS A 110 10.34 5.91 -17.52
C LYS A 110 9.64 6.63 -18.66
N PHE A 111 8.53 6.06 -19.11
CA PHE A 111 7.75 6.65 -20.20
C PHE A 111 6.51 7.36 -19.67
N SER A 112 6.71 8.21 -18.68
CA SER A 112 5.61 8.95 -18.07
C SER A 112 4.33 8.10 -18.06
N ARG A 113 4.46 6.84 -17.67
CA ARG A 113 3.32 5.93 -17.62
C ARG A 113 2.79 5.82 -16.20
N HIS A 114 1.74 5.01 -16.03
CA HIS A 114 1.13 4.81 -14.72
C HIS A 114 0.40 3.47 -14.66
N CYS A 115 0.32 2.90 -13.46
CA CYS A 115 -0.34 1.62 -13.27
C CYS A 115 -0.48 1.30 -11.78
N VAL A 116 -1.72 1.29 -11.29
CA VAL A 116 -1.99 1.00 -9.89
C VAL A 116 -2.50 -0.43 -9.72
N ILE A 117 -1.61 -1.32 -9.26
CA ILE A 117 -1.98 -2.71 -9.06
C ILE A 117 -3.15 -2.83 -8.09
N GLY A 118 -3.03 -2.20 -6.93
CA GLY A 118 -4.10 -2.25 -5.94
C GLY A 118 -3.79 -1.41 -4.72
N LYS A 119 -4.60 -1.57 -3.68
CA LYS A 119 -4.41 -0.82 -2.44
C LYS A 119 -4.83 -1.64 -1.23
N VAL A 120 -4.66 -1.08 -0.04
CA VAL A 120 -5.03 -1.77 1.19
C VAL A 120 -5.50 -0.78 2.25
N SER A 121 -6.75 -0.90 2.65
CA SER A 121 -7.33 -0.01 3.66
C SER A 121 -7.50 -0.73 4.99
N VAL A 122 -7.41 0.01 6.08
CA VAL A 122 -7.56 -0.56 7.41
C VAL A 122 -7.84 0.53 8.45
N PRO A 123 -9.00 0.41 9.12
CA PRO A 123 -9.42 1.37 10.15
C PRO A 123 -8.56 1.28 11.41
N LEU A 124 -7.70 2.28 11.61
CA LEU A 124 -6.83 2.31 12.77
C LEU A 124 -7.64 2.25 14.07
N CYS A 125 -8.92 2.60 13.97
CA CYS A 125 -9.80 2.59 15.13
C CYS A 125 -9.90 1.19 15.72
N GLU A 126 -9.74 0.18 14.88
CA GLU A 126 -9.81 -1.21 15.31
C GLU A 126 -8.42 -1.81 15.45
N VAL A 127 -7.42 -1.09 14.95
CA VAL A 127 -6.04 -1.56 15.00
C VAL A 127 -5.41 -1.23 16.36
N ASP A 128 -4.42 -2.02 16.74
CA ASP A 128 -3.72 -1.82 18.02
C ASP A 128 -2.48 -0.96 17.82
N LEU A 129 -2.70 0.33 17.60
CA LEU A 129 -1.59 1.28 17.39
C LEU A 129 -0.62 1.23 18.58
N VAL A 130 -1.12 1.61 19.75
CA VAL A 130 -0.30 1.61 20.96
C VAL A 130 0.61 0.38 21.01
N LYS A 131 0.01 -0.79 20.95
CA LYS A 131 0.76 -2.05 20.98
C LYS A 131 1.58 -2.22 19.72
N GLY A 132 0.90 -2.55 18.62
CA GLY A 132 1.59 -2.75 17.36
C GLY A 132 0.77 -3.55 16.37
N GLY A 133 0.74 -3.09 15.11
CA GLY A 133 -0.01 -3.79 14.09
C GLY A 133 0.87 -4.49 13.09
N HIS A 134 0.63 -5.78 12.88
CA HIS A 134 1.42 -6.56 11.93
C HIS A 134 0.61 -7.74 11.39
N TRP A 135 0.19 -7.64 10.14
CA TRP A 135 -0.61 -8.69 9.51
C TRP A 135 -0.40 -8.69 8.00
N TRP A 136 -1.07 -9.62 7.31
CA TRP A 136 -0.96 -9.71 5.86
C TRP A 136 -2.32 -9.49 5.21
N LYS A 137 -2.36 -8.54 4.28
CA LYS A 137 -3.60 -8.23 3.57
C LYS A 137 -3.42 -8.37 2.06
N ALA A 138 -4.52 -8.53 1.34
CA ALA A 138 -4.49 -8.67 -0.10
C ALA A 138 -4.90 -7.38 -0.80
N LEU A 139 -4.07 -6.91 -1.72
CA LEU A 139 -4.35 -5.68 -2.45
C LEU A 139 -5.68 -5.77 -3.19
N ILE A 140 -6.46 -4.71 -3.14
CA ILE A 140 -7.75 -4.67 -3.80
C ILE A 140 -7.70 -3.81 -5.07
N PRO A 141 -8.55 -4.14 -6.05
CA PRO A 141 -8.62 -3.41 -7.32
C PRO A 141 -9.20 -2.00 -7.15
N SER A 142 -8.32 -1.03 -6.93
CA SER A 142 -8.74 0.35 -6.75
C SER A 142 -9.76 0.75 -7.82
N GLY A 143 -10.41 1.89 -7.60
CA GLY A 143 -11.40 2.37 -8.55
C GLY A 143 -12.78 2.45 -7.95
N PRO A 144 -13.74 3.00 -8.72
CA PRO A 144 -15.12 3.16 -8.27
C PRO A 144 -15.86 1.82 -8.16
N SER A 145 -15.87 1.26 -6.96
CA SER A 145 -16.53 -0.02 -6.72
C SER A 145 -17.95 -0.01 -7.26
N SER A 146 -18.11 -0.50 -8.49
CA SER A 146 -19.42 -0.55 -9.12
C SER A 146 -20.23 -1.73 -8.62
N GLY A 147 -21.45 -1.46 -8.15
CA GLY A 147 -22.30 -2.52 -7.65
C GLY A 147 -23.72 -2.42 -8.18
N GLY A 1 -11.93 -2.53 -31.22
CA GLY A 1 -11.74 -2.67 -29.78
C GLY A 1 -12.39 -3.92 -29.23
N SER A 2 -11.95 -4.34 -28.04
CA SER A 2 -12.50 -5.52 -27.40
C SER A 2 -12.26 -5.49 -25.90
N SER A 3 -13.13 -6.17 -25.15
CA SER A 3 -13.01 -6.21 -23.70
C SER A 3 -13.81 -7.38 -23.12
N GLY A 4 -13.38 -7.87 -21.97
CA GLY A 4 -14.06 -8.99 -21.33
C GLY A 4 -13.37 -9.45 -20.06
N SER A 5 -14.11 -9.50 -18.97
CA SER A 5 -13.56 -9.91 -17.68
C SER A 5 -14.56 -10.78 -16.92
N SER A 6 -14.17 -12.00 -16.59
CA SER A 6 -15.02 -12.92 -15.86
C SER A 6 -14.33 -13.44 -14.62
N GLY A 7 -14.96 -13.24 -13.46
CA GLY A 7 -14.39 -13.69 -12.21
C GLY A 7 -14.93 -12.94 -11.01
N SER A 8 -14.94 -13.59 -9.86
CA SER A 8 -15.44 -12.97 -8.64
C SER A 8 -14.32 -12.79 -7.61
N LYS A 9 -13.14 -12.41 -8.10
CA LYS A 9 -11.99 -12.20 -7.24
C LYS A 9 -10.97 -11.28 -7.90
N TYR A 10 -10.23 -10.54 -7.09
CA TYR A 10 -9.22 -9.62 -7.61
C TYR A 10 -7.90 -10.33 -7.82
N GLN A 11 -7.36 -10.91 -6.75
CA GLN A 11 -6.09 -11.63 -6.83
C GLN A 11 -4.98 -10.73 -7.36
N LEU A 12 -5.02 -9.45 -6.97
CA LEU A 12 -4.02 -8.49 -7.42
C LEU A 12 -2.68 -8.74 -6.73
N GLY A 13 -2.73 -9.38 -5.57
CA GLY A 13 -1.51 -9.67 -4.83
C GLY A 13 -1.65 -9.39 -3.35
N MET A 14 -0.51 -9.32 -2.66
CA MET A 14 -0.51 -9.05 -1.23
C MET A 14 0.65 -8.14 -0.84
N LEU A 15 0.48 -7.40 0.25
CA LEU A 15 1.51 -6.49 0.72
C LEU A 15 1.67 -6.58 2.23
N HIS A 16 2.92 -6.57 2.70
CA HIS A 16 3.21 -6.66 4.13
C HIS A 16 3.47 -5.28 4.71
N PHE A 17 2.88 -5.01 5.86
CA PHE A 17 3.04 -3.72 6.53
C PHE A 17 2.74 -3.84 8.02
N SER A 18 3.25 -2.88 8.80
CA SER A 18 3.05 -2.88 10.24
C SER A 18 2.78 -1.47 10.75
N THR A 19 1.72 -1.32 11.53
CA THR A 19 1.34 -0.03 12.08
C THR A 19 1.47 -0.01 13.59
N GLN A 20 2.30 0.91 14.10
CA GLN A 20 2.51 1.02 15.54
C GLN A 20 2.68 2.47 15.95
N TYR A 21 1.95 2.88 16.99
CA TYR A 21 2.01 4.25 17.48
C TYR A 21 2.94 4.35 18.70
N ASP A 22 3.65 5.47 18.79
CA ASP A 22 4.57 5.69 19.91
C ASP A 22 4.02 6.75 20.86
N LEU A 23 3.98 6.42 22.14
CA LEU A 23 3.48 7.35 23.15
C LEU A 23 4.58 8.30 23.61
N LEU A 24 5.82 7.85 23.51
CA LEU A 24 6.97 8.65 23.91
C LEU A 24 7.03 9.96 23.10
N HIS A 25 6.89 9.83 21.79
CA HIS A 25 6.93 10.99 20.91
C HIS A 25 5.54 11.28 20.35
N ASN A 26 4.54 10.55 20.82
CA ASN A 26 3.18 10.73 20.36
C ASN A 26 3.12 10.84 18.84
N HIS A 27 3.72 9.87 18.15
CA HIS A 27 3.74 9.86 16.69
C HIS A 27 3.35 8.49 16.15
N LEU A 28 2.97 8.44 14.88
CA LEU A 28 2.58 7.18 14.24
C LEU A 28 3.72 6.61 13.42
N THR A 29 4.31 5.52 13.89
CA THR A 29 5.42 4.88 13.19
C THR A 29 4.91 3.75 12.30
N VAL A 30 5.09 3.93 10.99
CA VAL A 30 4.65 2.92 10.02
C VAL A 30 5.85 2.30 9.30
N ARG A 31 6.22 1.09 9.69
CA ARG A 31 7.35 0.39 9.08
C ARG A 31 6.90 -0.33 7.82
N VAL A 32 7.32 0.19 6.66
CA VAL A 32 6.97 -0.41 5.39
C VAL A 32 7.73 -1.71 5.17
N ILE A 33 7.00 -2.82 5.05
CA ILE A 33 7.60 -4.13 4.84
C ILE A 33 7.56 -4.52 3.36
N GLU A 34 8.29 -5.57 3.01
CA GLU A 34 8.33 -6.05 1.64
C GLU A 34 6.99 -6.63 1.23
N ALA A 35 6.90 -7.10 -0.02
CA ALA A 35 5.67 -7.69 -0.53
C ALA A 35 5.98 -8.74 -1.60
N ARG A 36 4.93 -9.34 -2.16
CA ARG A 36 5.08 -10.35 -3.18
C ARG A 36 3.77 -10.57 -3.94
N ASP A 37 3.81 -11.44 -4.94
CA ASP A 37 2.63 -11.74 -5.74
C ASP A 37 2.14 -10.48 -6.46
N LEU A 38 3.05 -9.79 -7.13
CA LEU A 38 2.72 -8.58 -7.86
C LEU A 38 2.70 -8.84 -9.36
N PRO A 39 1.63 -8.39 -10.04
CA PRO A 39 1.48 -8.56 -11.49
C PRO A 39 2.45 -7.70 -12.27
N PRO A 40 3.25 -8.34 -13.14
CA PRO A 40 4.24 -7.64 -13.97
C PRO A 40 3.58 -6.79 -15.06
N PRO A 41 4.38 -5.91 -15.67
CA PRO A 41 3.91 -5.03 -16.74
C PRO A 41 3.57 -5.78 -18.03
N ILE A 42 2.32 -6.22 -18.13
CA ILE A 42 1.88 -6.96 -19.31
C ILE A 42 0.78 -6.19 -20.04
N SER A 43 0.83 -6.22 -21.37
CA SER A 43 -0.15 -5.53 -22.20
C SER A 43 -1.28 -6.48 -22.59
N HIS A 44 -1.45 -7.55 -21.82
CA HIS A 44 -2.48 -8.54 -22.10
C HIS A 44 -2.79 -9.37 -20.86
N ASP A 45 -3.87 -10.14 -20.91
CA ASP A 45 -4.26 -10.98 -19.79
C ASP A 45 -3.70 -12.40 -19.96
N GLY A 46 -2.51 -12.63 -19.44
CA GLY A 46 -1.89 -13.93 -19.54
C GLY A 46 -0.44 -13.85 -19.99
N SER A 47 -0.22 -14.02 -21.29
CA SER A 47 1.13 -13.98 -21.84
C SER A 47 1.99 -12.97 -21.11
N ARG A 48 3.19 -13.39 -20.71
CA ARG A 48 4.11 -12.52 -19.99
C ARG A 48 5.36 -12.25 -20.81
N GLN A 49 5.77 -10.99 -20.87
CA GLN A 49 6.95 -10.59 -21.63
C GLN A 49 8.21 -11.17 -21.01
N ASP A 50 9.21 -11.42 -21.84
CA ASP A 50 10.48 -11.97 -21.37
C ASP A 50 11.44 -10.87 -20.93
N MET A 51 11.64 -9.89 -21.81
CA MET A 51 12.53 -8.77 -21.52
C MET A 51 11.74 -7.57 -21.00
N ALA A 52 11.42 -7.58 -19.71
CA ALA A 52 10.68 -6.49 -19.10
C ALA A 52 10.89 -6.45 -17.58
N HIS A 53 11.37 -5.31 -17.09
CA HIS A 53 11.63 -5.16 -15.66
C HIS A 53 10.40 -4.59 -14.96
N SER A 54 10.53 -4.36 -13.65
CA SER A 54 9.43 -3.82 -12.85
C SER A 54 9.95 -3.19 -11.57
N ASN A 55 9.86 -1.87 -11.49
CA ASN A 55 10.31 -1.14 -10.31
C ASN A 55 9.13 -0.60 -9.52
N PRO A 56 8.39 -1.51 -8.86
CA PRO A 56 7.22 -1.16 -8.05
C PRO A 56 7.61 -0.43 -6.77
N TYR A 57 6.69 0.38 -6.26
CA TYR A 57 6.94 1.14 -5.04
C TYR A 57 5.67 1.25 -4.19
N VAL A 58 5.84 1.27 -2.88
CA VAL A 58 4.72 1.37 -1.96
C VAL A 58 4.52 2.81 -1.49
N LYS A 59 3.27 3.28 -1.56
CA LYS A 59 2.94 4.64 -1.14
C LYS A 59 2.23 4.64 0.20
N ILE A 60 2.28 5.77 0.90
CA ILE A 60 1.63 5.90 2.20
C ILE A 60 0.76 7.15 2.26
N CYS A 61 -0.45 7.00 2.81
CA CYS A 61 -1.37 8.13 2.92
C CYS A 61 -2.37 7.89 4.06
N LEU A 62 -2.58 8.92 4.87
CA LEU A 62 -3.51 8.82 6.00
C LEU A 62 -4.86 9.45 5.64
N LEU A 63 -5.78 8.63 5.16
CA LEU A 63 -7.11 9.10 4.79
C LEU A 63 -7.91 9.51 6.02
N PRO A 64 -8.87 10.41 5.84
CA PRO A 64 -9.17 11.00 4.52
C PRO A 64 -8.06 11.93 4.04
N ASP A 65 -7.31 12.48 4.99
CA ASP A 65 -6.22 13.40 4.67
C ASP A 65 -5.36 12.83 3.55
N GLN A 66 -5.05 13.67 2.56
CA GLN A 66 -4.24 13.25 1.43
C GLN A 66 -3.04 14.18 1.25
N LYS A 67 -3.04 15.29 2.00
CA LYS A 67 -1.95 16.26 1.92
C LYS A 67 -0.63 15.62 2.32
N ASN A 68 -0.49 15.28 3.60
CA ASN A 68 0.73 14.67 4.10
C ASN A 68 0.81 13.20 3.67
N SER A 69 1.34 12.97 2.49
CA SER A 69 1.47 11.62 1.96
C SER A 69 2.94 11.26 1.74
N LYS A 70 3.38 10.16 2.35
CA LYS A 70 4.76 9.71 2.23
C LYS A 70 4.85 8.48 1.33
N GLN A 71 5.94 8.39 0.58
CA GLN A 71 6.16 7.26 -0.31
C GLN A 71 7.50 6.58 -0.04
N THR A 72 7.73 5.45 -0.69
CA THR A 72 8.97 4.70 -0.52
C THR A 72 9.92 4.92 -1.70
N GLY A 73 11.15 4.44 -1.57
CA GLY A 73 12.12 4.58 -2.63
C GLY A 73 11.85 3.64 -3.80
N VAL A 74 12.44 3.95 -4.95
CA VAL A 74 12.27 3.13 -6.14
C VAL A 74 13.25 1.96 -6.15
N LYS A 75 12.70 0.75 -6.28
CA LYS A 75 13.53 -0.46 -6.32
C LYS A 75 13.87 -0.84 -7.75
N ARG A 76 14.89 -1.68 -7.91
CA ARG A 76 15.31 -2.14 -9.22
C ARG A 76 14.53 -3.37 -9.66
N LYS A 77 14.62 -3.68 -10.95
CA LYS A 77 13.91 -4.84 -11.50
C LYS A 77 13.78 -5.95 -10.46
N THR A 78 12.55 -6.19 -10.02
CA THR A 78 12.29 -7.22 -9.02
C THR A 78 10.79 -7.38 -8.78
N GLN A 79 10.33 -8.63 -8.78
CA GLN A 79 8.92 -8.92 -8.56
C GLN A 79 8.53 -8.66 -7.10
N LYS A 80 9.38 -9.10 -6.18
CA LYS A 80 9.12 -8.93 -4.75
C LYS A 80 9.98 -7.79 -4.19
N PRO A 81 9.39 -6.59 -4.13
CA PRO A 81 10.08 -5.41 -3.61
C PRO A 81 10.30 -5.48 -2.10
N VAL A 82 11.46 -5.01 -1.66
CA VAL A 82 11.80 -5.02 -0.23
C VAL A 82 12.38 -3.69 0.20
N PHE A 83 11.59 -2.91 0.93
CA PHE A 83 12.03 -1.60 1.42
C PHE A 83 12.50 -1.68 2.87
N GLU A 84 11.60 -2.12 3.74
CA GLU A 84 11.91 -2.25 5.16
C GLU A 84 12.40 -0.92 5.73
N GLU A 85 11.67 0.15 5.42
CA GLU A 85 12.03 1.48 5.90
C GLU A 85 11.10 1.91 7.03
N ARG A 86 11.55 2.89 7.81
CA ARG A 86 10.76 3.40 8.93
C ARG A 86 10.40 4.87 8.72
N TYR A 87 9.19 5.23 9.13
CA TYR A 87 8.72 6.61 8.98
C TYR A 87 7.90 7.04 10.19
N THR A 88 7.75 8.35 10.36
CA THR A 88 6.99 8.90 11.49
C THR A 88 5.98 9.93 11.01
N PHE A 89 5.00 10.22 11.85
CA PHE A 89 3.97 11.20 11.52
C PHE A 89 3.46 11.90 12.77
N GLU A 90 3.75 13.20 12.89
CA GLU A 90 3.32 13.98 14.04
C GLU A 90 1.80 14.10 14.08
N ILE A 91 1.16 13.20 14.81
CA ILE A 91 -0.29 13.21 14.94
C ILE A 91 -0.74 12.65 16.28
N PRO A 92 -1.75 13.30 16.89
CA PRO A 92 -2.29 12.89 18.18
C PRO A 92 -3.06 11.57 18.09
N PHE A 93 -2.89 10.73 19.11
CA PHE A 93 -3.57 9.44 19.15
C PHE A 93 -5.07 9.60 18.86
N LEU A 94 -5.69 10.58 19.51
CA LEU A 94 -7.11 10.84 19.32
C LEU A 94 -7.46 10.91 17.84
N GLU A 95 -6.57 11.50 17.05
CA GLU A 95 -6.78 11.63 15.62
C GLU A 95 -6.46 10.33 14.90
N ALA A 96 -5.37 9.68 15.31
CA ALA A 96 -4.96 8.42 14.71
C ALA A 96 -6.14 7.49 14.50
N GLN A 97 -7.05 7.47 15.47
CA GLN A 97 -8.23 6.62 15.41
C GLN A 97 -9.13 7.04 14.25
N ARG A 98 -9.35 8.34 14.13
CA ARG A 98 -10.20 8.88 13.07
C ARG A 98 -9.54 8.72 11.71
N ARG A 99 -8.24 8.42 11.72
CA ARG A 99 -7.49 8.24 10.48
C ARG A 99 -7.35 6.75 10.14
N THR A 100 -7.08 6.46 8.87
CA THR A 100 -6.92 5.10 8.42
C THR A 100 -5.62 4.91 7.66
N LEU A 101 -4.98 3.75 7.85
CA LEU A 101 -3.72 3.46 7.18
C LEU A 101 -3.96 2.78 5.83
N LEU A 102 -3.83 3.55 4.75
CA LEU A 102 -4.03 3.04 3.40
C LEU A 102 -2.74 3.10 2.59
N LEU A 103 -2.29 1.95 2.11
CA LEU A 103 -1.08 1.88 1.32
C LEU A 103 -1.39 1.50 -0.13
N THR A 104 -0.94 2.35 -1.06
CA THR A 104 -1.17 2.10 -2.48
C THR A 104 0.12 1.69 -3.18
N VAL A 105 0.13 0.47 -3.70
CA VAL A 105 1.31 -0.05 -4.41
C VAL A 105 1.22 0.24 -5.90
N VAL A 106 1.97 1.25 -6.35
CA VAL A 106 1.99 1.62 -7.75
C VAL A 106 3.31 1.25 -8.41
N ASP A 107 3.27 1.04 -9.73
CA ASP A 107 4.47 0.67 -10.47
C ASP A 107 4.73 1.67 -11.60
N PHE A 108 5.91 2.29 -11.57
CA PHE A 108 6.28 3.26 -12.60
C PHE A 108 6.88 2.58 -13.82
N ASP A 109 6.16 1.61 -14.36
CA ASP A 109 6.61 0.88 -15.54
C ASP A 109 5.81 1.25 -16.77
N LYS A 110 4.53 0.88 -16.77
CA LYS A 110 3.65 1.19 -17.89
C LYS A 110 3.73 2.66 -18.27
N PHE A 111 4.60 2.98 -19.22
CA PHE A 111 4.77 4.36 -19.67
C PHE A 111 4.87 5.31 -18.49
N SER A 112 5.32 4.78 -17.35
CA SER A 112 5.46 5.58 -16.14
C SER A 112 4.15 6.28 -15.80
N ARG A 113 3.05 5.55 -15.89
CA ARG A 113 1.73 6.09 -15.59
C ARG A 113 1.27 5.69 -14.20
N HIS A 114 0.05 6.07 -13.84
CA HIS A 114 -0.51 5.75 -12.54
C HIS A 114 -1.02 4.30 -12.50
N CYS A 115 -0.17 3.38 -12.94
CA CYS A 115 -0.53 1.96 -12.97
C CYS A 115 -0.59 1.39 -11.55
N VAL A 116 -1.59 1.80 -10.80
CA VAL A 116 -1.77 1.33 -9.42
C VAL A 116 -2.14 -0.15 -9.40
N ILE A 117 -1.39 -0.92 -8.63
CA ILE A 117 -1.64 -2.36 -8.52
C ILE A 117 -2.84 -2.63 -7.61
N GLY A 118 -2.90 -1.92 -6.49
CA GLY A 118 -4.00 -2.10 -5.55
C GLY A 118 -3.87 -1.21 -4.34
N LYS A 119 -4.85 -1.28 -3.45
CA LYS A 119 -4.86 -0.47 -2.23
C LYS A 119 -5.25 -1.31 -1.02
N VAL A 120 -4.65 -1.01 0.13
CA VAL A 120 -4.94 -1.73 1.36
C VAL A 120 -5.19 -0.77 2.52
N SER A 121 -6.47 -0.59 2.86
CA SER A 121 -6.85 0.30 3.95
C SER A 121 -7.18 -0.49 5.21
N VAL A 122 -6.91 0.10 6.36
CA VAL A 122 -7.18 -0.54 7.64
C VAL A 122 -7.53 0.49 8.71
N PRO A 123 -8.72 0.35 9.30
CA PRO A 123 -9.20 1.25 10.35
C PRO A 123 -8.42 1.08 11.66
N LEU A 124 -7.72 2.14 12.07
CA LEU A 124 -6.93 2.09 13.29
C LEU A 124 -7.83 2.27 14.51
N CYS A 125 -9.12 2.42 14.27
CA CYS A 125 -10.09 2.59 15.35
C CYS A 125 -10.20 1.33 16.19
N GLU A 126 -9.75 0.21 15.63
CA GLU A 126 -9.80 -1.07 16.32
C GLU A 126 -8.40 -1.64 16.52
N VAL A 127 -7.45 -1.17 15.70
CA VAL A 127 -6.08 -1.64 15.79
C VAL A 127 -5.42 -1.20 17.10
N ASP A 128 -4.57 -2.05 17.63
CA ASP A 128 -3.88 -1.76 18.89
C ASP A 128 -2.63 -0.91 18.64
N LEU A 129 -2.84 0.31 18.16
CA LEU A 129 -1.73 1.22 17.89
C LEU A 129 -0.72 1.20 19.02
N VAL A 130 -1.20 1.46 20.24
CA VAL A 130 -0.33 1.47 21.41
C VAL A 130 0.67 0.31 21.38
N LYS A 131 0.14 -0.90 21.33
CA LYS A 131 0.98 -2.09 21.29
C LYS A 131 1.74 -2.18 19.97
N GLY A 132 1.02 -2.50 18.90
CA GLY A 132 1.65 -2.60 17.59
C GLY A 132 0.81 -3.41 16.62
N GLY A 133 0.95 -3.12 15.33
CA GLY A 133 0.20 -3.83 14.32
C GLY A 133 1.10 -4.55 13.33
N HIS A 134 0.75 -5.78 12.99
CA HIS A 134 1.53 -6.58 12.05
C HIS A 134 0.71 -7.74 11.51
N TRP A 135 0.27 -7.62 10.27
CA TRP A 135 -0.53 -8.66 9.63
C TRP A 135 -0.34 -8.63 8.11
N TRP A 136 -1.02 -9.55 7.42
CA TRP A 136 -0.93 -9.64 5.97
C TRP A 136 -2.31 -9.50 5.34
N LYS A 137 -2.41 -8.65 4.31
CA LYS A 137 -3.67 -8.44 3.62
C LYS A 137 -3.49 -8.57 2.11
N ALA A 138 -4.60 -8.68 1.39
CA ALA A 138 -4.57 -8.81 -0.06
C ALA A 138 -4.96 -7.50 -0.73
N LEU A 139 -4.13 -7.05 -1.67
CA LEU A 139 -4.38 -5.81 -2.38
C LEU A 139 -5.69 -5.88 -3.17
N ILE A 140 -6.41 -4.77 -3.22
CA ILE A 140 -7.67 -4.71 -3.94
C ILE A 140 -7.67 -3.58 -4.96
N PRO A 141 -8.45 -3.76 -6.04
CA PRO A 141 -8.55 -2.76 -7.11
C PRO A 141 -9.31 -1.52 -6.67
N SER A 142 -8.65 -0.38 -6.74
CA SER A 142 -9.26 0.89 -6.34
C SER A 142 -10.29 1.35 -7.37
N GLY A 143 -11.12 2.30 -6.98
CA GLY A 143 -12.15 2.80 -7.88
C GLY A 143 -12.03 4.30 -8.10
N PRO A 144 -13.14 4.93 -8.49
CA PRO A 144 -13.18 6.37 -8.75
C PRO A 144 -13.07 7.19 -7.47
N SER A 145 -11.82 7.51 -7.10
CA SER A 145 -11.58 8.30 -5.89
C SER A 145 -11.25 9.74 -6.24
N SER A 146 -12.28 10.58 -6.26
CA SER A 146 -12.10 11.99 -6.58
C SER A 146 -11.18 12.68 -5.57
N GLY A 147 -11.12 12.12 -4.37
CA GLY A 147 -10.28 12.68 -3.33
C GLY A 147 -10.63 14.11 -3.01
N GLY A 1 -19.03 10.54 -12.49
CA GLY A 1 -19.09 9.26 -13.17
C GLY A 1 -18.95 8.09 -12.21
N SER A 2 -19.62 6.98 -12.53
CA SER A 2 -19.56 5.79 -11.70
C SER A 2 -20.00 4.55 -12.48
N SER A 3 -19.30 3.45 -12.27
CA SER A 3 -19.60 2.20 -12.96
C SER A 3 -18.78 1.05 -12.39
N GLY A 4 -19.17 -0.17 -12.72
CA GLY A 4 -18.46 -1.34 -12.24
C GLY A 4 -19.38 -2.33 -11.53
N SER A 5 -19.66 -3.45 -12.19
CA SER A 5 -20.53 -4.46 -11.63
C SER A 5 -19.88 -5.85 -11.73
N SER A 6 -18.59 -5.91 -11.46
CA SER A 6 -17.85 -7.16 -11.52
C SER A 6 -18.38 -8.16 -10.50
N GLY A 7 -18.14 -9.44 -10.75
CA GLY A 7 -18.61 -10.47 -9.84
C GLY A 7 -17.54 -11.51 -9.56
N SER A 8 -16.33 -11.05 -9.28
CA SER A 8 -15.21 -11.95 -9.00
C SER A 8 -14.22 -11.30 -8.03
N LYS A 9 -13.38 -12.12 -7.41
CA LYS A 9 -12.39 -11.63 -6.46
C LYS A 9 -11.23 -10.96 -7.19
N TYR A 10 -10.32 -10.37 -6.43
CA TYR A 10 -9.17 -9.69 -7.01
C TYR A 10 -7.88 -10.46 -6.71
N GLN A 11 -7.33 -11.10 -7.73
CA GLN A 11 -6.11 -11.87 -7.58
C GLN A 11 -4.88 -10.99 -7.82
N LEU A 12 -4.93 -9.77 -7.33
CA LEU A 12 -3.83 -8.82 -7.49
C LEU A 12 -2.61 -9.28 -6.70
N GLY A 13 -2.81 -9.60 -5.43
CA GLY A 13 -1.72 -10.05 -4.59
C GLY A 13 -1.89 -9.63 -3.14
N MET A 14 -0.80 -9.65 -2.39
CA MET A 14 -0.83 -9.27 -0.98
C MET A 14 0.32 -8.33 -0.63
N LEU A 15 0.13 -7.52 0.40
CA LEU A 15 1.15 -6.58 0.83
C LEU A 15 1.40 -6.68 2.33
N HIS A 16 2.66 -6.61 2.73
CA HIS A 16 3.03 -6.70 4.13
C HIS A 16 3.27 -5.31 4.72
N PHE A 17 2.68 -5.05 5.88
CA PHE A 17 2.83 -3.77 6.55
C PHE A 17 2.51 -3.88 8.03
N SER A 18 3.19 -3.08 8.84
CA SER A 18 2.99 -3.09 10.29
C SER A 18 2.80 -1.67 10.82
N THR A 19 1.70 -1.47 11.53
CA THR A 19 1.39 -0.16 12.09
C THR A 19 1.58 -0.15 13.61
N GLN A 20 2.40 0.75 14.10
CA GLN A 20 2.67 0.86 15.54
C GLN A 20 2.82 2.32 15.96
N TYR A 21 1.93 2.78 16.83
CA TYR A 21 1.96 4.15 17.30
C TYR A 21 2.81 4.26 18.57
N ASP A 22 3.75 5.20 18.56
CA ASP A 22 4.62 5.43 19.72
C ASP A 22 4.12 6.58 20.57
N LEU A 23 4.17 6.39 21.89
CA LEU A 23 3.71 7.42 22.83
C LEU A 23 4.84 8.40 23.15
N LEU A 24 5.96 7.85 23.61
CA LEU A 24 7.12 8.66 23.97
C LEU A 24 7.30 9.82 22.97
N HIS A 25 7.05 9.52 21.70
CA HIS A 25 7.19 10.53 20.65
C HIS A 25 5.83 11.13 20.30
N ASN A 26 4.78 10.33 20.46
CA ASN A 26 3.42 10.79 20.15
C ASN A 26 3.22 10.91 18.65
N HIS A 27 3.73 9.94 17.90
CA HIS A 27 3.60 9.94 16.45
C HIS A 27 3.22 8.56 15.93
N LEU A 28 2.99 8.46 14.63
CA LEU A 28 2.61 7.19 14.02
C LEU A 28 3.80 6.59 13.25
N THR A 29 4.33 5.48 13.77
CA THR A 29 5.45 4.81 13.14
C THR A 29 4.97 3.72 12.19
N VAL A 30 4.97 4.03 10.90
CA VAL A 30 4.53 3.08 9.88
C VAL A 30 5.73 2.52 9.11
N ARG A 31 6.05 1.26 9.36
CA ARG A 31 7.18 0.60 8.68
C ARG A 31 6.69 -0.18 7.47
N VAL A 32 6.97 0.34 6.28
CA VAL A 32 6.57 -0.30 5.04
C VAL A 32 7.35 -1.59 4.82
N ILE A 33 6.68 -2.73 4.97
CA ILE A 33 7.31 -4.03 4.79
C ILE A 33 7.23 -4.48 3.34
N GLU A 34 8.02 -5.49 2.99
CA GLU A 34 8.03 -6.01 1.63
C GLU A 34 6.71 -6.69 1.29
N ALA A 35 6.57 -7.09 0.02
CA ALA A 35 5.35 -7.75 -0.43
C ALA A 35 5.67 -8.82 -1.46
N ARG A 36 4.63 -9.49 -1.95
CA ARG A 36 4.80 -10.55 -2.95
C ARG A 36 3.48 -10.84 -3.66
N ASP A 37 3.51 -11.79 -4.58
CA ASP A 37 2.33 -12.16 -5.34
C ASP A 37 1.83 -10.99 -6.17
N LEU A 38 2.75 -10.14 -6.60
CA LEU A 38 2.39 -8.97 -7.41
C LEU A 38 2.66 -9.24 -8.89
N PRO A 39 1.73 -8.77 -9.75
CA PRO A 39 1.85 -8.94 -11.20
C PRO A 39 2.96 -8.09 -11.80
N PRO A 40 3.64 -8.64 -12.81
CA PRO A 40 4.74 -7.95 -13.49
C PRO A 40 4.26 -6.77 -14.33
N PRO A 41 5.21 -5.93 -14.78
CA PRO A 41 4.90 -4.76 -15.61
C PRO A 41 4.42 -5.14 -17.00
N ILE A 42 3.14 -5.49 -17.11
CA ILE A 42 2.57 -5.88 -18.39
C ILE A 42 1.11 -5.42 -18.50
N SER A 43 0.74 -4.94 -19.69
CA SER A 43 -0.63 -4.47 -19.92
C SER A 43 -1.21 -5.10 -21.18
N HIS A 44 -0.57 -4.86 -22.32
CA HIS A 44 -1.02 -5.41 -23.59
C HIS A 44 -0.18 -6.60 -24.00
N ASP A 45 1.14 -6.46 -23.90
CA ASP A 45 2.06 -7.53 -24.26
C ASP A 45 1.54 -8.88 -23.77
N GLY A 46 0.94 -8.87 -22.59
CA GLY A 46 0.40 -10.10 -22.03
C GLY A 46 1.25 -11.31 -22.37
N SER A 47 2.53 -11.26 -22.00
CA SER A 47 3.45 -12.36 -22.27
C SER A 47 4.79 -12.12 -21.57
N ARG A 48 5.56 -13.20 -21.41
CA ARG A 48 6.86 -13.12 -20.77
C ARG A 48 7.73 -12.05 -21.42
N GLN A 49 7.65 -10.83 -20.89
CA GLN A 49 8.42 -9.72 -21.43
C GLN A 49 9.89 -9.83 -21.01
N ASP A 50 10.78 -9.93 -21.99
CA ASP A 50 12.20 -10.04 -21.71
C ASP A 50 12.79 -8.67 -21.34
N MET A 51 13.81 -8.69 -20.48
CA MET A 51 14.45 -7.46 -20.04
C MET A 51 13.42 -6.44 -19.56
N ALA A 52 12.45 -6.91 -18.78
CA ALA A 52 11.40 -6.05 -18.25
C ALA A 52 11.55 -5.86 -16.75
N HIS A 53 12.01 -4.67 -16.35
CA HIS A 53 12.20 -4.37 -14.94
C HIS A 53 10.92 -3.82 -14.32
N SER A 54 10.60 -4.27 -13.12
CA SER A 54 9.39 -3.83 -12.42
C SER A 54 9.67 -2.57 -11.61
N ASN A 55 10.76 -2.59 -10.84
CA ASN A 55 11.13 -1.45 -10.02
C ASN A 55 9.90 -0.77 -9.45
N PRO A 56 9.01 -1.56 -8.82
CA PRO A 56 7.78 -1.04 -8.22
C PRO A 56 8.05 -0.19 -6.98
N TYR A 57 6.98 0.20 -6.28
CA TYR A 57 7.10 1.02 -5.09
C TYR A 57 5.76 1.16 -4.38
N VAL A 58 5.80 1.48 -3.10
CA VAL A 58 4.59 1.64 -2.30
C VAL A 58 4.40 3.09 -1.88
N LYS A 59 3.14 3.49 -1.71
CA LYS A 59 2.83 4.86 -1.31
C LYS A 59 2.10 4.87 0.03
N ILE A 60 2.16 6.01 0.72
CA ILE A 60 1.49 6.15 2.01
C ILE A 60 0.69 7.44 2.09
N CYS A 61 -0.52 7.35 2.63
CA CYS A 61 -1.39 8.52 2.75
C CYS A 61 -2.41 8.32 3.87
N LEU A 62 -2.58 9.35 4.69
CA LEU A 62 -3.52 9.29 5.80
C LEU A 62 -4.89 9.82 5.39
N LEU A 63 -5.91 8.98 5.51
CA LEU A 63 -7.26 9.37 5.15
C LEU A 63 -8.09 9.68 6.39
N PRO A 64 -9.13 10.50 6.23
CA PRO A 64 -9.48 11.07 4.92
C PRO A 64 -8.47 12.12 4.46
N ASP A 65 -8.14 13.06 5.34
CA ASP A 65 -7.19 14.11 5.01
C ASP A 65 -5.79 13.52 4.84
N GLN A 66 -5.36 13.39 3.59
CA GLN A 66 -4.04 12.85 3.30
C GLN A 66 -3.12 13.93 2.72
N LYS A 67 -2.81 14.93 3.55
CA LYS A 67 -1.95 16.03 3.13
C LYS A 67 -0.49 15.58 3.09
N ASN A 68 0.07 15.29 4.25
CA ASN A 68 1.45 14.85 4.34
C ASN A 68 1.59 13.39 3.94
N SER A 69 1.70 13.14 2.64
CA SER A 69 1.83 11.78 2.13
C SER A 69 3.30 11.42 1.91
N LYS A 70 3.64 10.17 2.22
CA LYS A 70 5.01 9.70 2.07
C LYS A 70 5.07 8.50 1.12
N GLN A 71 6.26 8.22 0.61
CA GLN A 71 6.45 7.10 -0.31
C GLN A 71 7.83 6.49 -0.14
N THR A 72 8.06 5.36 -0.81
CA THR A 72 9.34 4.67 -0.73
C THR A 72 10.15 4.88 -2.00
N GLY A 73 11.45 4.56 -1.93
CA GLY A 73 12.31 4.73 -3.09
C GLY A 73 12.09 3.66 -4.14
N VAL A 74 12.66 3.87 -5.32
CA VAL A 74 12.51 2.92 -6.41
C VAL A 74 13.61 1.86 -6.37
N LYS A 75 13.21 0.59 -6.51
CA LYS A 75 14.15 -0.52 -6.48
C LYS A 75 14.41 -1.03 -7.89
N ARG A 76 15.48 -1.83 -8.03
CA ARG A 76 15.83 -2.39 -9.33
C ARG A 76 14.91 -3.55 -9.70
N LYS A 77 14.93 -3.96 -10.97
CA LYS A 77 14.10 -5.05 -11.43
C LYS A 77 13.91 -6.10 -10.35
N THR A 78 12.66 -6.40 -10.04
CA THR A 78 12.33 -7.39 -9.01
C THR A 78 10.83 -7.62 -8.93
N GLN A 79 10.46 -8.79 -8.42
CA GLN A 79 9.05 -9.15 -8.28
C GLN A 79 8.53 -8.84 -6.88
N LYS A 80 9.44 -8.84 -5.91
CA LYS A 80 9.09 -8.56 -4.53
C LYS A 80 9.74 -7.26 -4.05
N PRO A 81 8.92 -6.21 -3.92
CA PRO A 81 9.39 -4.89 -3.48
C PRO A 81 9.79 -4.89 -2.00
N VAL A 82 11.09 -4.78 -1.75
CA VAL A 82 11.61 -4.76 -0.39
C VAL A 82 11.97 -3.35 0.05
N PHE A 83 11.30 -2.87 1.09
CA PHE A 83 11.56 -1.54 1.60
C PHE A 83 12.19 -1.59 2.99
N GLU A 84 11.45 -2.13 3.95
CA GLU A 84 11.95 -2.24 5.32
C GLU A 84 12.38 -0.88 5.86
N GLU A 85 11.60 0.15 5.56
CA GLU A 85 11.90 1.50 6.02
C GLU A 85 10.92 1.94 7.10
N ARG A 86 11.36 2.86 7.96
CA ARG A 86 10.52 3.37 9.04
C ARG A 86 10.13 4.82 8.79
N TYR A 87 8.85 5.12 8.96
CA TYR A 87 8.35 6.48 8.75
C TYR A 87 7.58 6.97 9.97
N THR A 88 7.57 8.29 10.16
CA THR A 88 6.87 8.89 11.30
C THR A 88 5.93 10.00 10.83
N PHE A 89 4.83 10.16 11.55
CA PHE A 89 3.84 11.20 11.21
C PHE A 89 3.32 11.87 12.47
N GLU A 90 3.56 13.17 12.59
CA GLU A 90 3.11 13.93 13.75
C GLU A 90 1.58 13.96 13.82
N ILE A 91 1.00 12.92 14.39
CA ILE A 91 -0.45 12.82 14.52
C ILE A 91 -0.84 12.28 15.89
N PRO A 92 -1.80 12.97 16.55
CA PRO A 92 -2.29 12.59 17.87
C PRO A 92 -3.11 11.30 17.83
N PHE A 93 -2.94 10.47 18.86
CA PHE A 93 -3.67 9.21 18.94
C PHE A 93 -5.13 9.39 18.52
N LEU A 94 -5.85 10.18 19.29
CA LEU A 94 -7.26 10.44 19.00
C LEU A 94 -7.52 10.47 17.51
N GLU A 95 -6.84 11.38 16.81
CA GLU A 95 -6.99 11.51 15.37
C GLU A 95 -6.57 10.24 14.65
N ALA A 96 -5.44 9.68 15.07
CA ALA A 96 -4.92 8.44 14.48
C ALA A 96 -6.02 7.41 14.33
N GLN A 97 -6.77 7.17 15.40
CA GLN A 97 -7.85 6.20 15.39
C GLN A 97 -8.87 6.54 14.30
N ARG A 98 -9.15 7.83 14.14
CA ARG A 98 -10.10 8.30 13.14
C ARG A 98 -9.56 8.08 11.74
N ARG A 99 -8.24 8.17 11.59
CA ARG A 99 -7.60 8.00 10.30
C ARG A 99 -7.48 6.52 9.94
N THR A 100 -7.41 6.22 8.65
CA THR A 100 -7.30 4.84 8.19
C THR A 100 -5.99 4.63 7.42
N LEU A 101 -5.21 3.65 7.87
CA LEU A 101 -3.94 3.34 7.23
C LEU A 101 -4.15 2.88 5.79
N LEU A 102 -3.86 3.76 4.84
CA LEU A 102 -4.02 3.45 3.43
C LEU A 102 -2.65 3.34 2.73
N LEU A 103 -2.46 2.24 2.01
CA LEU A 103 -1.20 2.01 1.30
C LEU A 103 -1.46 1.55 -0.13
N THR A 104 -1.22 2.43 -1.09
CA THR A 104 -1.42 2.11 -2.49
C THR A 104 -0.12 1.65 -3.15
N VAL A 105 -0.16 0.45 -3.74
CA VAL A 105 1.01 -0.11 -4.40
C VAL A 105 0.99 0.18 -5.90
N VAL A 106 1.84 1.10 -6.32
CA VAL A 106 1.92 1.47 -7.73
C VAL A 106 3.24 1.00 -8.35
N ASP A 107 3.14 0.36 -9.52
CA ASP A 107 4.32 -0.13 -10.22
C ASP A 107 4.82 0.88 -11.24
N PHE A 108 5.94 1.55 -10.92
CA PHE A 108 6.51 2.54 -11.80
C PHE A 108 6.77 1.95 -13.19
N ASP A 109 6.60 2.79 -14.22
CA ASP A 109 6.82 2.35 -15.59
C ASP A 109 7.46 3.46 -16.42
N LYS A 110 8.37 3.08 -17.29
CA LYS A 110 9.07 4.04 -18.15
C LYS A 110 8.38 4.16 -19.50
N PHE A 111 7.06 3.97 -19.51
CA PHE A 111 6.29 4.05 -20.74
C PHE A 111 5.20 5.13 -20.61
N SER A 112 5.57 6.28 -20.07
CA SER A 112 4.64 7.38 -19.88
C SER A 112 3.28 6.87 -19.42
N ARG A 113 3.31 5.92 -18.48
CA ARG A 113 2.08 5.34 -17.95
C ARG A 113 2.25 4.94 -16.48
N HIS A 114 1.14 4.74 -15.79
CA HIS A 114 1.17 4.35 -14.39
C HIS A 114 0.29 3.13 -14.13
N CYS A 115 0.92 1.98 -13.91
CA CYS A 115 0.20 0.75 -13.65
C CYS A 115 0.03 0.51 -12.16
N VAL A 116 -1.12 0.91 -11.63
CA VAL A 116 -1.41 0.74 -10.21
C VAL A 116 -1.76 -0.71 -9.89
N ILE A 117 -0.90 -1.36 -9.11
CA ILE A 117 -1.12 -2.75 -8.73
C ILE A 117 -2.34 -2.88 -7.81
N GLY A 118 -2.46 -1.97 -6.86
CA GLY A 118 -3.58 -1.99 -5.94
C GLY A 118 -3.34 -1.13 -4.71
N LYS A 119 -4.12 -1.38 -3.66
CA LYS A 119 -3.99 -0.62 -2.43
C LYS A 119 -4.64 -1.35 -1.26
N VAL A 120 -4.41 -0.86 -0.05
CA VAL A 120 -4.99 -1.47 1.15
C VAL A 120 -5.50 -0.41 2.11
N SER A 121 -6.54 -0.77 2.87
CA SER A 121 -7.13 0.16 3.83
C SER A 121 -7.47 -0.56 5.13
N VAL A 122 -6.82 -0.13 6.21
CA VAL A 122 -7.03 -0.73 7.52
C VAL A 122 -7.26 0.34 8.59
N PRO A 123 -8.38 0.24 9.30
CA PRO A 123 -8.73 1.19 10.36
C PRO A 123 -7.82 1.05 11.59
N LEU A 124 -7.23 2.17 11.99
CA LEU A 124 -6.34 2.17 13.15
C LEU A 124 -7.10 2.56 14.43
N CYS A 125 -8.38 2.22 14.46
CA CYS A 125 -9.22 2.53 15.62
C CYS A 125 -9.43 1.28 16.48
N GLU A 126 -9.76 0.17 15.84
CA GLU A 126 -9.99 -1.08 16.54
C GLU A 126 -8.66 -1.73 16.95
N VAL A 127 -7.75 -1.85 15.99
CA VAL A 127 -6.45 -2.44 16.25
C VAL A 127 -5.68 -1.66 17.31
N ASP A 128 -4.76 -2.33 17.99
CA ASP A 128 -3.95 -1.70 19.03
C ASP A 128 -2.69 -1.09 18.44
N LEU A 129 -2.61 0.24 18.47
CA LEU A 129 -1.45 0.94 17.93
C LEU A 129 -0.35 1.05 18.99
N VAL A 130 -0.72 1.46 20.19
CA VAL A 130 0.24 1.60 21.28
C VAL A 130 1.19 0.42 21.33
N LYS A 131 0.64 -0.79 21.23
CA LYS A 131 1.44 -2.00 21.26
C LYS A 131 2.12 -2.25 19.92
N GLY A 132 1.31 -2.39 18.88
CA GLY A 132 1.85 -2.61 17.55
C GLY A 132 0.89 -3.37 16.66
N GLY A 133 1.11 -3.29 15.34
CA GLY A 133 0.24 -3.98 14.40
C GLY A 133 1.03 -4.69 13.30
N HIS A 134 0.76 -5.97 13.12
CA HIS A 134 1.44 -6.76 12.10
C HIS A 134 0.53 -7.86 11.57
N TRP A 135 0.10 -7.70 10.31
CA TRP A 135 -0.77 -8.68 9.68
C TRP A 135 -0.59 -8.68 8.16
N TRP A 136 -1.32 -9.55 7.48
CA TRP A 136 -1.24 -9.65 6.03
C TRP A 136 -2.62 -9.48 5.40
N LYS A 137 -2.69 -8.62 4.37
CA LYS A 137 -3.95 -8.37 3.69
C LYS A 137 -3.77 -8.52 2.17
N ALA A 138 -4.89 -8.45 1.44
CA ALA A 138 -4.84 -8.57 -0.01
C ALA A 138 -5.16 -7.23 -0.67
N LEU A 139 -4.32 -6.85 -1.63
CA LEU A 139 -4.49 -5.59 -2.35
C LEU A 139 -5.82 -5.58 -3.10
N ILE A 140 -6.46 -4.42 -3.14
CA ILE A 140 -7.73 -4.27 -3.83
C ILE A 140 -7.61 -3.33 -5.03
N PRO A 141 -8.45 -3.55 -6.05
CA PRO A 141 -8.45 -2.72 -7.26
C PRO A 141 -8.97 -1.32 -7.01
N SER A 142 -8.08 -0.33 -7.09
CA SER A 142 -8.46 1.06 -6.87
C SER A 142 -9.38 1.56 -7.97
N GLY A 143 -8.97 1.34 -9.22
CA GLY A 143 -9.77 1.79 -10.35
C GLY A 143 -10.79 0.74 -10.77
N PRO A 144 -11.97 1.20 -11.21
CA PRO A 144 -13.05 0.32 -11.66
C PRO A 144 -12.72 -0.37 -12.98
N SER A 145 -12.84 -1.70 -12.98
CA SER A 145 -12.55 -2.49 -14.18
C SER A 145 -13.51 -2.12 -15.31
N SER A 146 -14.80 -2.25 -15.05
CA SER A 146 -15.81 -1.94 -16.06
C SER A 146 -15.60 -2.77 -17.32
N GLY A 147 -15.29 -4.05 -17.14
CA GLY A 147 -15.07 -4.93 -18.27
C GLY A 147 -15.74 -6.28 -18.11
N GLY A 1 -23.64 0.81 -9.77
CA GLY A 1 -22.73 0.78 -10.90
C GLY A 1 -22.30 -0.62 -11.27
N SER A 2 -21.26 -1.11 -10.60
CA SER A 2 -20.75 -2.45 -10.88
C SER A 2 -20.97 -3.37 -9.67
N SER A 3 -21.42 -4.59 -9.94
CA SER A 3 -21.66 -5.56 -8.89
C SER A 3 -20.58 -6.64 -8.87
N GLY A 4 -19.49 -6.36 -8.18
CA GLY A 4 -18.39 -7.31 -8.09
C GLY A 4 -18.88 -8.72 -7.82
N SER A 5 -18.31 -9.70 -8.52
CA SER A 5 -18.70 -11.09 -8.34
C SER A 5 -17.89 -11.74 -7.22
N SER A 6 -18.49 -12.72 -6.56
CA SER A 6 -17.83 -13.42 -5.46
C SER A 6 -17.18 -14.72 -5.96
N GLY A 7 -15.96 -14.60 -6.47
CA GLY A 7 -15.25 -15.76 -6.95
C GLY A 7 -13.77 -15.74 -6.59
N SER A 8 -12.94 -16.14 -7.54
CA SER A 8 -11.49 -16.16 -7.33
C SER A 8 -11.00 -14.81 -6.82
N LYS A 9 -10.62 -14.77 -5.55
CA LYS A 9 -10.13 -13.54 -4.93
C LYS A 9 -9.21 -12.79 -5.89
N TYR A 10 -9.30 -11.46 -5.87
CA TYR A 10 -8.47 -10.63 -6.73
C TYR A 10 -7.04 -11.13 -6.76
N GLN A 11 -6.57 -11.48 -7.95
CA GLN A 11 -5.20 -11.98 -8.13
C GLN A 11 -4.21 -10.83 -8.23
N LEU A 12 -4.39 -9.82 -7.39
CA LEU A 12 -3.50 -8.66 -7.39
C LEU A 12 -2.25 -8.92 -6.56
N GLY A 13 -2.40 -9.75 -5.52
CA GLY A 13 -1.27 -10.08 -4.67
C GLY A 13 -1.51 -9.68 -3.23
N MET A 14 -0.43 -9.54 -2.47
CA MET A 14 -0.52 -9.16 -1.06
C MET A 14 0.61 -8.22 -0.67
N LEU A 15 0.38 -7.41 0.35
CA LEU A 15 1.38 -6.47 0.83
C LEU A 15 1.57 -6.57 2.34
N HIS A 16 2.82 -6.57 2.78
CA HIS A 16 3.13 -6.66 4.20
C HIS A 16 3.40 -5.27 4.78
N PHE A 17 2.81 -5.00 5.94
CA PHE A 17 3.00 -3.72 6.61
C PHE A 17 2.66 -3.82 8.10
N SER A 18 3.30 -2.97 8.90
CA SER A 18 3.08 -2.96 10.34
C SER A 18 2.77 -1.56 10.84
N THR A 19 1.68 -1.43 11.60
CA THR A 19 1.27 -0.15 12.14
C THR A 19 1.42 -0.11 13.65
N GLN A 20 2.32 0.73 14.14
CA GLN A 20 2.55 0.86 15.58
C GLN A 20 2.75 2.32 15.97
N TYR A 21 1.89 2.80 16.87
CA TYR A 21 1.97 4.18 17.33
C TYR A 21 2.86 4.30 18.56
N ASP A 22 3.55 5.41 18.68
CA ASP A 22 4.44 5.66 19.82
C ASP A 22 3.91 6.79 20.68
N LEU A 23 3.58 6.47 21.93
CA LEU A 23 3.06 7.47 22.86
C LEU A 23 4.16 8.42 23.31
N LEU A 24 5.31 7.87 23.65
CA LEU A 24 6.45 8.68 24.10
C LEU A 24 6.70 9.83 23.13
N HIS A 25 6.82 9.50 21.85
CA HIS A 25 7.06 10.52 20.82
C HIS A 25 5.75 11.06 20.28
N ASN A 26 4.64 10.41 20.63
CA ASN A 26 3.33 10.83 20.18
C ASN A 26 3.27 10.91 18.66
N HIS A 27 3.71 9.84 18.01
CA HIS A 27 3.71 9.79 16.55
C HIS A 27 3.27 8.41 16.05
N LEU A 28 3.05 8.30 14.74
CA LEU A 28 2.63 7.04 14.15
C LEU A 28 3.78 6.39 13.39
N THR A 29 4.32 5.32 13.96
CA THR A 29 5.42 4.59 13.33
C THR A 29 4.92 3.57 12.32
N VAL A 30 4.97 3.94 11.04
CA VAL A 30 4.51 3.07 9.97
C VAL A 30 5.70 2.49 9.19
N ARG A 31 6.01 1.23 9.45
CA ARG A 31 7.11 0.56 8.77
C ARG A 31 6.61 -0.26 7.58
N VAL A 32 6.87 0.24 6.38
CA VAL A 32 6.45 -0.44 5.16
C VAL A 32 7.26 -1.72 4.93
N ILE A 33 6.65 -2.86 5.24
CA ILE A 33 7.31 -4.14 5.07
C ILE A 33 7.33 -4.57 3.61
N GLU A 34 8.16 -5.56 3.30
CA GLU A 34 8.27 -6.05 1.93
C GLU A 34 6.96 -6.68 1.46
N ALA A 35 6.90 -7.04 0.18
CA ALA A 35 5.70 -7.65 -0.38
C ALA A 35 6.06 -8.67 -1.45
N ARG A 36 5.06 -9.36 -1.98
CA ARG A 36 5.27 -10.37 -3.02
C ARG A 36 3.97 -10.68 -3.74
N ASP A 37 4.04 -11.59 -4.70
CA ASP A 37 2.87 -11.99 -5.47
C ASP A 37 2.30 -10.80 -6.25
N LEU A 38 3.19 -9.95 -6.74
CA LEU A 38 2.78 -8.77 -7.51
C LEU A 38 2.86 -9.04 -9.00
N PRO A 39 1.84 -8.57 -9.74
CA PRO A 39 1.77 -8.74 -11.20
C PRO A 39 2.82 -7.92 -11.94
N PRO A 40 3.39 -8.50 -13.01
CA PRO A 40 4.41 -7.83 -13.82
C PRO A 40 3.84 -6.67 -14.62
N PRO A 41 4.74 -5.83 -15.16
CA PRO A 41 4.35 -4.67 -15.96
C PRO A 41 3.75 -5.05 -17.31
N ILE A 42 2.46 -5.35 -17.32
CA ILE A 42 1.77 -5.74 -18.54
C ILE A 42 0.31 -5.29 -18.51
N SER A 43 -0.13 -4.65 -19.60
CA SER A 43 -1.50 -4.17 -19.70
C SER A 43 -2.44 -5.30 -20.09
N HIS A 44 -2.19 -5.90 -21.25
CA HIS A 44 -3.02 -6.99 -21.74
C HIS A 44 -2.17 -8.23 -22.01
N ASP A 45 -2.84 -9.36 -22.26
CA ASP A 45 -2.16 -10.61 -22.54
C ASP A 45 -1.35 -11.08 -21.33
N GLY A 46 -1.88 -10.80 -20.13
CA GLY A 46 -1.19 -11.19 -18.92
C GLY A 46 -0.47 -12.52 -19.05
N SER A 47 0.81 -12.47 -19.35
CA SER A 47 1.61 -13.68 -19.52
C SER A 47 3.00 -13.49 -18.93
N ARG A 48 3.53 -14.56 -18.33
CA ARG A 48 4.85 -14.52 -17.72
C ARG A 48 5.94 -14.50 -18.80
N GLN A 49 6.79 -13.49 -18.75
CA GLN A 49 7.88 -13.36 -19.72
C GLN A 49 9.12 -12.76 -19.07
N ASP A 50 10.27 -13.39 -19.30
CA ASP A 50 11.53 -12.92 -18.73
C ASP A 50 11.73 -11.43 -19.01
N MET A 51 11.41 -11.02 -20.23
CA MET A 51 11.56 -9.63 -20.63
C MET A 51 10.47 -8.77 -20.00
N ALA A 52 10.62 -8.47 -18.71
CA ALA A 52 9.66 -7.66 -17.99
C ALA A 52 10.18 -7.28 -16.61
N HIS A 53 10.32 -5.98 -16.37
CA HIS A 53 10.81 -5.48 -15.09
C HIS A 53 10.43 -4.01 -14.90
N SER A 54 10.13 -3.64 -13.66
CA SER A 54 9.76 -2.26 -13.33
C SER A 54 10.23 -1.88 -11.94
N ASN A 55 9.89 -0.67 -11.51
CA ASN A 55 10.27 -0.18 -10.20
C ASN A 55 9.05 0.12 -9.35
N PRO A 56 8.47 -0.94 -8.74
CA PRO A 56 7.28 -0.81 -7.89
C PRO A 56 7.59 -0.10 -6.58
N TYR A 57 6.61 0.64 -6.07
CA TYR A 57 6.78 1.37 -4.82
C TYR A 57 5.45 1.48 -4.08
N VAL A 58 5.52 1.38 -2.74
CA VAL A 58 4.32 1.46 -1.92
C VAL A 58 4.08 2.89 -1.44
N LYS A 59 2.86 3.37 -1.63
CA LYS A 59 2.50 4.72 -1.22
C LYS A 59 1.75 4.71 0.10
N ILE A 60 1.84 5.81 0.84
CA ILE A 60 1.17 5.93 2.13
C ILE A 60 0.38 7.23 2.23
N CYS A 61 -0.65 7.22 3.06
CA CYS A 61 -1.50 8.41 3.24
C CYS A 61 -2.46 8.21 4.41
N LEU A 62 -2.90 9.32 4.98
CA LEU A 62 -3.83 9.27 6.11
C LEU A 62 -5.15 9.95 5.76
N LEU A 63 -6.16 9.13 5.46
CA LEU A 63 -7.48 9.65 5.11
C LEU A 63 -8.19 10.22 6.35
N PRO A 64 -9.15 11.12 6.10
CA PRO A 64 -9.51 11.55 4.75
C PRO A 64 -8.42 12.39 4.10
N ASP A 65 -7.67 13.11 4.91
CA ASP A 65 -6.59 13.96 4.42
C ASP A 65 -5.74 13.21 3.39
N GLN A 66 -6.11 13.34 2.12
CA GLN A 66 -5.38 12.68 1.04
C GLN A 66 -4.40 13.63 0.38
N LYS A 67 -3.90 14.60 1.16
CA LYS A 67 -2.94 15.58 0.65
C LYS A 67 -1.52 15.13 0.92
N ASN A 68 -1.18 15.02 2.21
CA ASN A 68 0.16 14.60 2.61
C ASN A 68 0.35 13.10 2.40
N SER A 69 1.01 12.74 1.31
CA SER A 69 1.26 11.34 0.99
C SER A 69 2.75 11.08 0.76
N LYS A 70 3.23 9.95 1.24
CA LYS A 70 4.63 9.58 1.09
C LYS A 70 4.77 8.29 0.29
N GLN A 71 6.01 7.94 -0.03
CA GLN A 71 6.28 6.72 -0.80
C GLN A 71 7.64 6.13 -0.41
N THR A 72 7.72 4.81 -0.40
CA THR A 72 8.96 4.12 -0.05
C THR A 72 9.96 4.18 -1.19
N GLY A 73 11.25 4.06 -0.86
CA GLY A 73 12.28 4.11 -1.86
C GLY A 73 11.89 3.39 -3.15
N VAL A 74 12.47 3.81 -4.26
CA VAL A 74 12.18 3.20 -5.55
C VAL A 74 12.96 1.90 -5.74
N LYS A 75 12.28 0.88 -6.27
CA LYS A 75 12.91 -0.42 -6.50
C LYS A 75 13.64 -0.43 -7.84
N ARG A 76 14.43 -1.48 -8.07
CA ARG A 76 15.19 -1.61 -9.30
C ARG A 76 15.10 -3.03 -9.84
N LYS A 77 14.54 -3.17 -11.05
CA LYS A 77 14.39 -4.48 -11.67
C LYS A 77 14.15 -5.56 -10.62
N THR A 78 13.14 -5.35 -9.79
CA THR A 78 12.81 -6.32 -8.74
C THR A 78 11.30 -6.54 -8.66
N GLN A 79 10.88 -7.80 -8.59
CA GLN A 79 9.48 -8.13 -8.50
C GLN A 79 9.00 -8.13 -7.06
N LYS A 80 9.95 -8.24 -6.12
CA LYS A 80 9.63 -8.24 -4.70
C LYS A 80 10.18 -7.00 -4.02
N PRO A 81 9.31 -5.99 -3.83
CA PRO A 81 9.69 -4.73 -3.19
C PRO A 81 9.95 -4.91 -1.70
N VAL A 82 11.23 -5.06 -1.34
CA VAL A 82 11.62 -5.23 0.04
C VAL A 82 12.22 -3.94 0.61
N PHE A 83 11.36 -3.02 1.03
CA PHE A 83 11.80 -1.75 1.59
C PHE A 83 12.38 -1.94 2.98
N GLU A 84 11.55 -2.44 3.90
CA GLU A 84 11.98 -2.66 5.27
C GLU A 84 12.41 -1.36 5.93
N GLU A 85 11.74 -0.27 5.58
CA GLU A 85 12.06 1.04 6.13
C GLU A 85 10.99 1.48 7.12
N ARG A 86 11.38 2.35 8.05
CA ARG A 86 10.45 2.84 9.07
C ARG A 86 10.10 4.30 8.82
N TYR A 87 8.85 4.66 9.06
CA TYR A 87 8.38 6.03 8.87
C TYR A 87 7.70 6.56 10.12
N THR A 88 7.68 7.89 10.26
CA THR A 88 7.05 8.52 11.41
C THR A 88 6.22 9.72 10.99
N PHE A 89 5.10 9.93 11.70
CA PHE A 89 4.21 11.05 11.39
C PHE A 89 3.77 11.75 12.66
N GLU A 90 3.97 13.06 12.71
CA GLU A 90 3.59 13.85 13.88
C GLU A 90 2.07 13.98 13.98
N ILE A 91 1.44 12.99 14.62
CA ILE A 91 0.00 12.98 14.79
C ILE A 91 -0.39 12.44 16.16
N PRO A 92 -1.27 13.18 16.85
CA PRO A 92 -1.75 12.79 18.18
C PRO A 92 -2.65 11.56 18.14
N PHE A 93 -2.38 10.60 19.01
CA PHE A 93 -3.17 9.38 19.08
C PHE A 93 -4.63 9.66 18.78
N LEU A 94 -5.20 10.64 19.49
CA LEU A 94 -6.60 11.01 19.30
C LEU A 94 -6.98 10.96 17.82
N GLU A 95 -6.21 11.64 16.98
CA GLU A 95 -6.48 11.66 15.55
C GLU A 95 -6.26 10.28 14.94
N ALA A 96 -5.10 9.69 15.21
CA ALA A 96 -4.78 8.37 14.68
C ALA A 96 -6.00 7.47 14.66
N GLN A 97 -6.71 7.42 15.79
CA GLN A 97 -7.91 6.60 15.90
C GLN A 97 -8.84 6.82 14.71
N ARG A 98 -9.19 8.08 14.47
CA ARG A 98 -10.07 8.45 13.37
C ARG A 98 -9.36 8.31 12.03
N ARG A 99 -8.02 8.35 12.07
CA ARG A 99 -7.22 8.24 10.86
C ARG A 99 -7.12 6.79 10.41
N THR A 100 -7.06 6.58 9.09
CA THR A 100 -6.97 5.24 8.53
C THR A 100 -5.70 5.08 7.71
N LEU A 101 -5.15 3.87 7.72
CA LEU A 101 -3.92 3.58 6.98
C LEU A 101 -4.25 2.97 5.62
N LEU A 102 -4.01 3.75 4.56
CA LEU A 102 -4.28 3.29 3.20
C LEU A 102 -2.98 3.23 2.39
N LEU A 103 -2.62 2.03 1.94
CA LEU A 103 -1.42 1.85 1.15
C LEU A 103 -1.76 1.50 -0.29
N THR A 104 -0.86 1.86 -1.21
CA THR A 104 -1.06 1.59 -2.63
C THR A 104 0.20 1.00 -3.26
N VAL A 105 0.01 0.15 -4.26
CA VAL A 105 1.12 -0.48 -4.95
C VAL A 105 1.05 -0.23 -6.46
N VAL A 106 2.09 0.39 -7.00
CA VAL A 106 2.14 0.69 -8.43
C VAL A 106 3.52 0.39 -9.01
N ASP A 107 3.54 -0.22 -10.18
CA ASP A 107 4.79 -0.57 -10.84
C ASP A 107 5.29 0.60 -11.71
N PHE A 108 6.13 1.45 -11.11
CA PHE A 108 6.67 2.60 -11.83
C PHE A 108 7.05 2.23 -13.25
N ASP A 109 6.29 2.73 -14.21
CA ASP A 109 6.55 2.45 -15.62
C ASP A 109 6.93 3.73 -16.37
N LYS A 110 8.00 3.66 -17.15
CA LYS A 110 8.46 4.81 -17.92
C LYS A 110 7.57 5.04 -19.14
N PHE A 111 6.26 5.06 -18.93
CA PHE A 111 5.31 5.27 -20.01
C PHE A 111 4.42 6.47 -19.73
N SER A 112 5.02 7.52 -19.16
CA SER A 112 4.29 8.73 -18.82
C SER A 112 2.86 8.41 -18.38
N ARG A 113 2.74 7.40 -17.52
CA ARG A 113 1.44 7.00 -17.01
C ARG A 113 1.58 6.19 -15.72
N HIS A 114 0.48 6.05 -15.00
CA HIS A 114 0.48 5.30 -13.74
C HIS A 114 -0.47 4.11 -13.82
N CYS A 115 0.07 2.91 -13.68
CA CYS A 115 -0.74 1.70 -13.73
C CYS A 115 -0.83 1.05 -12.34
N VAL A 116 -1.42 1.76 -11.40
CA VAL A 116 -1.58 1.25 -10.05
C VAL A 116 -2.09 -0.18 -10.05
N ILE A 117 -1.43 -1.04 -9.27
CA ILE A 117 -1.81 -2.44 -9.18
C ILE A 117 -3.00 -2.63 -8.23
N GLY A 118 -2.90 -2.01 -7.06
CA GLY A 118 -3.98 -2.12 -6.07
C GLY A 118 -3.72 -1.27 -4.85
N LYS A 119 -4.54 -1.46 -3.82
CA LYS A 119 -4.42 -0.70 -2.58
C LYS A 119 -4.97 -1.49 -1.40
N VAL A 120 -4.64 -1.04 -0.20
CA VAL A 120 -5.10 -1.70 1.03
C VAL A 120 -5.50 -0.69 2.08
N SER A 121 -6.69 -0.87 2.65
CA SER A 121 -7.20 0.03 3.67
C SER A 121 -7.35 -0.69 5.01
N VAL A 122 -7.15 0.04 6.11
CA VAL A 122 -7.27 -0.53 7.44
C VAL A 122 -7.46 0.56 8.48
N PRO A 123 -8.61 0.53 9.17
CA PRO A 123 -8.93 1.51 10.22
C PRO A 123 -8.08 1.34 11.46
N LEU A 124 -7.45 2.42 11.91
CA LEU A 124 -6.60 2.39 13.09
C LEU A 124 -7.40 2.73 14.34
N CYS A 125 -8.70 2.46 14.30
CA CYS A 125 -9.58 2.74 15.44
C CYS A 125 -9.83 1.47 16.25
N GLU A 126 -9.98 0.35 15.56
CA GLU A 126 -10.23 -0.93 16.21
C GLU A 126 -8.92 -1.58 16.65
N VAL A 127 -7.99 -1.70 15.71
CA VAL A 127 -6.69 -2.30 16.00
C VAL A 127 -5.96 -1.53 17.09
N ASP A 128 -5.06 -2.22 17.79
CA ASP A 128 -4.28 -1.61 18.86
C ASP A 128 -2.97 -1.04 18.33
N LEU A 129 -2.86 0.29 18.34
CA LEU A 129 -1.65 0.95 17.86
C LEU A 129 -0.58 0.97 18.93
N VAL A 130 -0.93 1.46 20.11
CA VAL A 130 0.00 1.54 21.23
C VAL A 130 0.92 0.32 21.26
N LYS A 131 0.31 -0.88 21.27
CA LYS A 131 1.07 -2.11 21.29
C LYS A 131 1.82 -2.32 19.98
N GLY A 132 1.10 -2.27 18.88
CA GLY A 132 1.71 -2.45 17.57
C GLY A 132 0.85 -3.27 16.63
N GLY A 133 1.04 -3.08 15.33
CA GLY A 133 0.26 -3.82 14.35
C GLY A 133 1.14 -4.53 13.34
N HIS A 134 0.79 -5.76 13.02
CA HIS A 134 1.54 -6.56 12.06
C HIS A 134 0.71 -7.72 11.52
N TRP A 135 0.26 -7.59 10.28
CA TRP A 135 -0.56 -8.63 9.66
C TRP A 135 -0.40 -8.60 8.14
N TRP A 136 -1.05 -9.54 7.46
CA TRP A 136 -0.99 -9.62 6.01
C TRP A 136 -2.36 -9.44 5.39
N LYS A 137 -2.44 -8.59 4.37
CA LYS A 137 -3.70 -8.33 3.68
C LYS A 137 -3.56 -8.51 2.17
N ALA A 138 -4.67 -8.67 1.48
CA ALA A 138 -4.67 -8.85 0.04
C ALA A 138 -5.08 -7.56 -0.68
N LEU A 139 -4.24 -7.11 -1.59
CA LEU A 139 -4.51 -5.89 -2.35
C LEU A 139 -5.88 -5.96 -3.02
N ILE A 140 -6.48 -4.80 -3.25
CA ILE A 140 -7.79 -4.73 -3.89
C ILE A 140 -7.76 -3.81 -5.10
N PRO A 141 -8.63 -4.11 -6.09
CA PRO A 141 -8.72 -3.33 -7.32
C PRO A 141 -9.31 -1.94 -7.08
N SER A 142 -8.44 -0.97 -6.87
CA SER A 142 -8.88 0.41 -6.63
C SER A 142 -9.80 0.89 -7.75
N GLY A 143 -10.64 1.86 -7.44
CA GLY A 143 -11.56 2.40 -8.43
C GLY A 143 -11.17 3.80 -8.89
N PRO A 144 -11.38 4.07 -10.18
CA PRO A 144 -11.05 5.38 -10.77
C PRO A 144 -11.98 6.48 -10.28
N SER A 145 -12.87 6.13 -9.37
CA SER A 145 -13.82 7.10 -8.81
C SER A 145 -13.21 7.83 -7.61
N SER A 146 -11.96 7.51 -7.30
CA SER A 146 -11.26 8.12 -6.19
C SER A 146 -10.20 9.11 -6.67
N GLY A 147 -10.44 10.40 -6.41
CA GLY A 147 -9.50 11.42 -6.83
C GLY A 147 -9.72 12.74 -6.12
N GLY A 1 -25.06 0.17 4.70
CA GLY A 1 -25.08 1.38 3.91
C GLY A 1 -24.59 1.15 2.49
N SER A 2 -25.36 0.41 1.71
CA SER A 2 -24.99 0.11 0.33
C SER A 2 -23.53 -0.34 0.24
N SER A 3 -23.18 -1.32 1.06
CA SER A 3 -21.81 -1.85 1.08
C SER A 3 -21.54 -2.70 -0.16
N GLY A 4 -22.61 -3.09 -0.84
CA GLY A 4 -22.47 -3.90 -2.04
C GLY A 4 -22.33 -5.38 -1.72
N SER A 5 -22.35 -6.21 -2.76
CA SER A 5 -22.22 -7.65 -2.59
C SER A 5 -21.88 -8.32 -3.91
N SER A 6 -20.94 -9.26 -3.87
CA SER A 6 -20.52 -9.98 -5.07
C SER A 6 -19.82 -11.28 -4.71
N GLY A 7 -20.18 -12.36 -5.39
CA GLY A 7 -19.58 -13.66 -5.12
C GLY A 7 -18.32 -13.89 -5.93
N SER A 8 -17.44 -12.89 -5.93
CA SER A 8 -16.18 -12.99 -6.67
C SER A 8 -15.01 -12.53 -5.82
N LYS A 9 -13.80 -12.92 -6.22
CA LYS A 9 -12.60 -12.56 -5.49
C LYS A 9 -11.62 -11.80 -6.39
N TYR A 10 -10.69 -11.08 -5.78
CA TYR A 10 -9.70 -10.31 -6.53
C TYR A 10 -8.29 -10.86 -6.29
N GLN A 11 -7.54 -11.03 -7.38
CA GLN A 11 -6.17 -11.53 -7.28
C GLN A 11 -5.17 -10.49 -7.74
N LEU A 12 -4.88 -9.54 -6.86
CA LEU A 12 -3.93 -8.48 -7.17
C LEU A 12 -2.65 -8.63 -6.35
N GLY A 13 -2.48 -9.80 -5.75
CA GLY A 13 -1.30 -10.04 -4.94
C GLY A 13 -1.50 -9.66 -3.49
N MET A 14 -0.40 -9.64 -2.72
CA MET A 14 -0.47 -9.28 -1.32
C MET A 14 0.64 -8.29 -0.96
N LEU A 15 0.53 -7.68 0.22
CA LEU A 15 1.52 -6.72 0.68
C LEU A 15 1.72 -6.83 2.18
N HIS A 16 2.98 -6.76 2.60
CA HIS A 16 3.33 -6.85 4.02
C HIS A 16 3.58 -5.47 4.61
N PHE A 17 2.98 -5.21 5.77
CA PHE A 17 3.14 -3.92 6.43
C PHE A 17 2.83 -4.03 7.92
N SER A 18 3.15 -2.99 8.67
CA SER A 18 2.92 -2.98 10.11
C SER A 18 2.71 -1.55 10.61
N THR A 19 1.57 -1.32 11.26
CA THR A 19 1.24 0.00 11.79
C THR A 19 1.34 0.02 13.31
N GLN A 20 2.14 0.94 13.84
CA GLN A 20 2.33 1.07 15.27
C GLN A 20 2.46 2.54 15.68
N TYR A 21 2.11 2.82 16.94
CA TYR A 21 2.19 4.19 17.46
C TYR A 21 3.17 4.28 18.62
N ASP A 22 4.02 5.29 18.61
CA ASP A 22 4.99 5.50 19.66
C ASP A 22 4.56 6.62 20.60
N LEU A 23 4.30 6.27 21.85
CA LEU A 23 3.87 7.25 22.84
C LEU A 23 5.02 8.17 23.22
N LEU A 24 6.10 7.58 23.72
CA LEU A 24 7.28 8.36 24.13
C LEU A 24 7.52 9.52 23.17
N HIS A 25 7.18 9.32 21.91
CA HIS A 25 7.36 10.35 20.89
C HIS A 25 6.01 10.99 20.53
N ASN A 26 4.94 10.25 20.75
CA ASN A 26 3.59 10.75 20.44
C ASN A 26 3.40 10.89 18.93
N HIS A 27 3.92 9.93 18.18
CA HIS A 27 3.79 9.94 16.73
C HIS A 27 3.42 8.57 16.19
N LEU A 28 2.89 8.53 14.97
CA LEU A 28 2.49 7.28 14.35
C LEU A 28 3.62 6.69 13.52
N THR A 29 4.17 5.56 13.98
CA THR A 29 5.26 4.90 13.27
C THR A 29 4.74 3.81 12.35
N VAL A 30 4.65 4.12 11.06
CA VAL A 30 4.16 3.16 10.07
C VAL A 30 5.32 2.45 9.40
N ARG A 31 5.52 1.18 9.77
CA ARG A 31 6.60 0.38 9.19
C ARG A 31 6.16 -0.26 7.87
N VAL A 32 6.94 -0.03 6.82
CA VAL A 32 6.63 -0.57 5.51
C VAL A 32 7.49 -1.80 5.21
N ILE A 33 6.83 -2.96 5.13
CA ILE A 33 7.52 -4.22 4.85
C ILE A 33 7.43 -4.58 3.37
N GLU A 34 8.28 -5.50 2.94
CA GLU A 34 8.30 -5.94 1.55
C GLU A 34 6.96 -6.57 1.16
N ALA A 35 6.87 -7.03 -0.08
CA ALA A 35 5.64 -7.64 -0.58
C ALA A 35 5.95 -8.86 -1.42
N ARG A 36 4.90 -9.50 -1.94
CA ARG A 36 5.06 -10.69 -2.77
C ARG A 36 3.80 -10.97 -3.56
N ASP A 37 3.89 -11.89 -4.53
CA ASP A 37 2.75 -12.26 -5.35
C ASP A 37 2.25 -11.05 -6.15
N LEU A 38 3.15 -10.12 -6.44
CA LEU A 38 2.80 -8.93 -7.20
C LEU A 38 2.81 -9.21 -8.69
N PRO A 39 1.71 -8.83 -9.37
CA PRO A 39 1.56 -9.03 -10.81
C PRO A 39 2.49 -8.13 -11.62
N PRO A 40 2.83 -8.57 -12.84
CA PRO A 40 3.72 -7.81 -13.74
C PRO A 40 3.06 -6.55 -14.28
N PRO A 41 3.87 -5.51 -14.49
CA PRO A 41 3.38 -4.22 -15.00
C PRO A 41 2.95 -4.31 -16.46
N ILE A 42 1.69 -4.66 -16.67
CA ILE A 42 1.14 -4.77 -18.02
C ILE A 42 -0.32 -4.34 -18.07
N SER A 43 -0.77 -3.92 -19.25
CA SER A 43 -2.14 -3.47 -19.43
C SER A 43 -2.90 -4.41 -20.36
N HIS A 44 -2.24 -4.84 -21.42
CA HIS A 44 -2.85 -5.75 -22.39
C HIS A 44 -2.44 -7.19 -22.12
N ASP A 45 -2.89 -8.10 -22.98
CA ASP A 45 -2.58 -9.52 -22.84
C ASP A 45 -1.13 -9.70 -22.39
N GLY A 46 -0.19 -9.36 -23.27
CA GLY A 46 1.22 -9.50 -22.95
C GLY A 46 1.95 -10.37 -23.95
N SER A 47 2.93 -9.78 -24.63
CA SER A 47 3.72 -10.50 -25.62
C SER A 47 5.01 -11.04 -25.02
N ARG A 48 4.92 -12.23 -24.42
CA ARG A 48 6.07 -12.85 -23.79
C ARG A 48 6.72 -11.92 -22.76
N GLN A 49 5.88 -11.26 -21.98
CA GLN A 49 6.36 -10.34 -20.95
C GLN A 49 5.89 -10.78 -19.57
N ASP A 50 6.25 -12.00 -19.19
CA ASP A 50 5.88 -12.54 -17.89
C ASP A 50 6.23 -11.56 -16.78
N MET A 51 7.28 -10.78 -16.99
CA MET A 51 7.73 -9.81 -16.00
C MET A 51 8.75 -8.85 -16.60
N ALA A 52 8.44 -7.55 -16.55
CA ALA A 52 9.33 -6.53 -17.09
C ALA A 52 10.32 -6.06 -16.04
N HIS A 53 10.52 -6.87 -15.01
CA HIS A 53 11.44 -6.54 -13.94
C HIS A 53 11.49 -5.02 -13.72
N SER A 54 10.33 -4.43 -13.50
CA SER A 54 10.24 -2.98 -13.28
C SER A 54 10.63 -2.61 -11.85
N ASN A 55 10.61 -1.33 -11.55
CA ASN A 55 10.97 -0.85 -10.22
C ASN A 55 9.74 -0.36 -9.47
N PRO A 56 9.00 -1.30 -8.86
CA PRO A 56 7.78 -0.98 -8.10
C PRO A 56 8.09 -0.26 -6.80
N TYR A 57 7.04 0.23 -6.13
CA TYR A 57 7.20 0.95 -4.88
C TYR A 57 5.86 1.08 -4.15
N VAL A 58 5.93 1.15 -2.83
CA VAL A 58 4.72 1.28 -2.01
C VAL A 58 4.48 2.73 -1.61
N LYS A 59 3.22 3.07 -1.36
CA LYS A 59 2.86 4.43 -0.97
C LYS A 59 2.05 4.41 0.33
N ILE A 60 2.06 5.53 1.04
CA ILE A 60 1.33 5.65 2.29
C ILE A 60 0.56 6.97 2.36
N CYS A 61 -0.45 7.00 3.21
CA CYS A 61 -1.27 8.20 3.37
C CYS A 61 -2.29 8.02 4.49
N LEU A 62 -2.67 9.13 5.12
CA LEU A 62 -3.64 9.09 6.22
C LEU A 62 -4.91 9.83 5.85
N LEU A 63 -5.91 9.09 5.41
CA LEU A 63 -7.19 9.67 5.02
C LEU A 63 -7.90 10.29 6.22
N PRO A 64 -8.76 11.29 5.95
CA PRO A 64 -9.01 11.78 4.59
C PRO A 64 -7.81 12.51 4.00
N ASP A 65 -7.04 13.15 4.88
CA ASP A 65 -5.86 13.90 4.44
C ASP A 65 -5.09 13.13 3.37
N GLN A 66 -5.16 13.63 2.14
CA GLN A 66 -4.47 12.98 1.03
C GLN A 66 -3.23 13.78 0.61
N LYS A 67 -3.37 15.11 0.60
CA LYS A 67 -2.26 15.98 0.23
C LYS A 67 -0.93 15.42 0.73
N ASN A 68 -0.70 15.53 2.03
CA ASN A 68 0.53 15.04 2.63
C ASN A 68 0.56 13.52 2.63
N SER A 69 1.34 12.95 1.71
CA SER A 69 1.45 11.50 1.60
C SER A 69 2.92 11.08 1.57
N LYS A 70 3.20 9.93 2.19
CA LYS A 70 4.57 9.41 2.24
C LYS A 70 4.76 8.29 1.23
N GLN A 71 5.99 8.13 0.76
CA GLN A 71 6.31 7.09 -0.21
C GLN A 71 7.71 6.54 0.02
N THR A 72 7.96 5.34 -0.52
CA THR A 72 9.26 4.69 -0.36
C THR A 72 9.97 4.57 -1.70
N GLY A 73 11.26 4.87 -1.71
CA GLY A 73 12.04 4.80 -2.93
C GLY A 73 11.75 3.53 -3.72
N VAL A 74 11.91 3.61 -5.04
CA VAL A 74 11.67 2.46 -5.90
C VAL A 74 12.86 1.52 -5.91
N LYS A 75 12.58 0.22 -5.86
CA LYS A 75 13.63 -0.79 -5.87
C LYS A 75 14.06 -1.13 -7.29
N ARG A 76 15.20 -1.79 -7.43
CA ARG A 76 15.72 -2.17 -8.73
C ARG A 76 14.95 -3.36 -9.30
N LYS A 77 15.13 -3.61 -10.59
CA LYS A 77 14.44 -4.72 -11.25
C LYS A 77 14.26 -5.89 -10.30
N THR A 78 13.02 -6.15 -9.93
CA THR A 78 12.69 -7.25 -9.02
C THR A 78 11.19 -7.49 -8.93
N GLN A 79 10.80 -8.65 -8.43
CA GLN A 79 9.40 -8.99 -8.29
C GLN A 79 8.88 -8.66 -6.90
N LYS A 80 9.79 -8.67 -5.93
CA LYS A 80 9.44 -8.37 -4.55
C LYS A 80 10.28 -7.22 -4.00
N PRO A 81 9.69 -6.01 -3.97
CA PRO A 81 10.36 -4.82 -3.48
C PRO A 81 10.60 -4.85 -1.97
N VAL A 82 11.86 -4.82 -1.56
CA VAL A 82 12.21 -4.86 -0.14
C VAL A 82 12.54 -3.46 0.37
N PHE A 83 11.62 -2.87 1.13
CA PHE A 83 11.82 -1.54 1.69
C PHE A 83 12.47 -1.62 3.06
N GLU A 84 11.78 -2.24 4.00
CA GLU A 84 12.28 -2.37 5.37
C GLU A 84 12.67 -1.02 5.94
N GLU A 85 11.86 -0.01 5.66
CA GLU A 85 12.11 1.35 6.14
C GLU A 85 11.01 1.80 7.10
N ARG A 86 11.38 2.62 8.06
CA ARG A 86 10.43 3.12 9.05
C ARG A 86 10.12 4.60 8.80
N TYR A 87 8.88 4.99 9.09
CA TYR A 87 8.46 6.37 8.90
C TYR A 87 7.68 6.88 10.11
N THR A 88 7.65 8.19 10.29
CA THR A 88 6.95 8.81 11.41
C THR A 88 6.02 9.91 10.93
N PHE A 89 5.04 10.25 11.76
CA PHE A 89 4.07 11.29 11.42
C PHE A 89 3.59 12.02 12.67
N GLU A 90 3.75 13.34 12.67
CA GLU A 90 3.34 14.16 13.81
C GLU A 90 1.82 14.24 13.89
N ILE A 91 1.22 13.19 14.46
CA ILE A 91 -0.23 13.15 14.61
C ILE A 91 -0.62 12.50 15.93
N PRO A 92 -1.58 13.14 16.64
CA PRO A 92 -2.07 12.65 17.93
C PRO A 92 -2.88 11.37 17.80
N PHE A 93 -2.79 10.50 18.80
CA PHE A 93 -3.52 9.24 18.80
C PHE A 93 -5.00 9.47 18.49
N LEU A 94 -5.68 10.20 19.36
CA LEU A 94 -7.09 10.48 19.20
C LEU A 94 -7.44 10.66 17.72
N GLU A 95 -6.58 11.39 17.00
CA GLU A 95 -6.79 11.62 15.58
C GLU A 95 -6.50 10.37 14.76
N ALA A 96 -5.41 9.69 15.10
CA ALA A 96 -5.02 8.47 14.40
C ALA A 96 -6.21 7.52 14.26
N GLN A 97 -6.95 7.34 15.35
CA GLN A 97 -8.11 6.46 15.35
C GLN A 97 -9.11 6.88 14.28
N ARG A 98 -9.38 8.18 14.21
CA ARG A 98 -10.32 8.72 13.24
C ARG A 98 -9.78 8.59 11.82
N ARG A 99 -8.45 8.47 11.71
CA ARG A 99 -7.80 8.35 10.41
C ARG A 99 -7.64 6.88 10.02
N THR A 100 -7.61 6.63 8.72
CA THR A 100 -7.46 5.26 8.21
C THR A 100 -6.16 5.10 7.43
N LEU A 101 -5.58 3.92 7.49
CA LEU A 101 -4.33 3.64 6.80
C LEU A 101 -4.60 3.09 5.40
N LEU A 102 -4.19 3.83 4.38
CA LEU A 102 -4.39 3.42 2.99
C LEU A 102 -3.06 3.33 2.25
N LEU A 103 -2.65 2.11 1.95
CA LEU A 103 -1.39 1.88 1.25
C LEU A 103 -1.65 1.50 -0.21
N THR A 104 -0.90 2.13 -1.12
CA THR A 104 -1.05 1.85 -2.55
C THR A 104 0.29 1.48 -3.17
N VAL A 105 0.28 0.44 -3.99
CA VAL A 105 1.49 -0.02 -4.66
C VAL A 105 1.47 0.30 -6.15
N VAL A 106 2.26 1.29 -6.55
CA VAL A 106 2.32 1.69 -7.95
C VAL A 106 3.67 1.35 -8.56
N ASP A 107 3.66 1.02 -9.86
CA ASP A 107 4.88 0.67 -10.56
C ASP A 107 5.46 1.88 -11.29
N PHE A 108 6.78 2.07 -11.18
CA PHE A 108 7.44 3.19 -11.82
C PHE A 108 8.36 2.70 -12.94
N ASP A 109 8.04 3.09 -14.17
CA ASP A 109 8.83 2.69 -15.33
C ASP A 109 8.54 3.58 -16.53
N LYS A 110 9.23 3.34 -17.63
CA LYS A 110 9.03 4.12 -18.85
C LYS A 110 7.56 4.45 -19.05
N PHE A 111 6.69 3.46 -18.87
CA PHE A 111 5.25 3.65 -19.02
C PHE A 111 4.66 4.31 -17.78
N SER A 112 5.32 5.36 -17.29
CA SER A 112 4.85 6.07 -16.12
C SER A 112 3.35 6.33 -16.18
N ARG A 113 2.58 5.43 -15.59
CA ARG A 113 1.13 5.54 -15.59
C ARG A 113 0.56 5.28 -14.19
N HIS A 114 -0.76 5.30 -14.08
CA HIS A 114 -1.43 5.07 -12.80
C HIS A 114 -2.01 3.66 -12.73
N CYS A 115 -1.21 2.68 -13.15
CA CYS A 115 -1.65 1.28 -13.14
C CYS A 115 -1.42 0.65 -11.77
N VAL A 116 -1.66 1.41 -10.71
CA VAL A 116 -1.47 0.93 -9.36
C VAL A 116 -1.88 -0.53 -9.24
N ILE A 117 -1.00 -1.35 -8.66
CA ILE A 117 -1.28 -2.77 -8.49
C ILE A 117 -2.53 -2.99 -7.63
N GLY A 118 -2.65 -2.21 -6.56
CA GLY A 118 -3.79 -2.33 -5.68
C GLY A 118 -3.67 -1.45 -4.44
N LYS A 119 -4.62 -1.60 -3.52
CA LYS A 119 -4.62 -0.82 -2.29
C LYS A 119 -5.18 -1.63 -1.13
N VAL A 120 -4.79 -1.26 0.09
CA VAL A 120 -5.25 -1.96 1.28
C VAL A 120 -5.63 -0.96 2.38
N SER A 121 -6.92 -0.93 2.71
CA SER A 121 -7.41 -0.02 3.75
C SER A 121 -7.60 -0.76 5.07
N VAL A 122 -7.42 -0.04 6.17
CA VAL A 122 -7.57 -0.62 7.50
C VAL A 122 -7.75 0.46 8.56
N PRO A 123 -8.89 0.40 9.27
CA PRO A 123 -9.22 1.36 10.32
C PRO A 123 -8.33 1.21 11.55
N LEU A 124 -7.75 2.32 12.00
CA LEU A 124 -6.87 2.31 13.16
C LEU A 124 -7.68 2.43 14.45
N CYS A 125 -8.95 2.04 14.39
CA CYS A 125 -9.83 2.10 15.55
C CYS A 125 -9.98 0.72 16.18
N GLU A 126 -9.49 -0.30 15.48
CA GLU A 126 -9.58 -1.68 15.98
C GLU A 126 -8.20 -2.21 16.36
N VAL A 127 -7.19 -1.82 15.57
CA VAL A 127 -5.82 -2.26 15.82
C VAL A 127 -5.17 -1.43 16.91
N ASP A 128 -4.79 -2.07 18.00
CA ASP A 128 -4.15 -1.39 19.12
C ASP A 128 -2.84 -0.75 18.68
N LEU A 129 -2.93 0.44 18.09
CA LEU A 129 -1.75 1.16 17.63
C LEU A 129 -0.70 1.24 18.73
N VAL A 130 -1.14 1.58 19.94
CA VAL A 130 -0.23 1.70 21.08
C VAL A 130 0.84 0.62 21.04
N LYS A 131 0.41 -0.64 21.01
CA LYS A 131 1.33 -1.77 20.96
C LYS A 131 2.03 -1.86 19.60
N GLY A 132 1.29 -2.31 18.60
CA GLY A 132 1.86 -2.42 17.26
C GLY A 132 1.01 -3.28 16.35
N GLY A 133 1.08 -3.01 15.06
CA GLY A 133 0.30 -3.78 14.09
C GLY A 133 1.18 -4.49 13.08
N HIS A 134 0.84 -5.74 12.77
CA HIS A 134 1.60 -6.53 11.81
C HIS A 134 0.80 -7.73 11.33
N TRP A 135 0.30 -7.65 10.10
CA TRP A 135 -0.49 -8.73 9.53
C TRP A 135 -0.37 -8.74 8.01
N TRP A 136 -1.05 -9.70 7.37
CA TRP A 136 -1.02 -9.82 5.92
C TRP A 136 -2.42 -9.62 5.34
N LYS A 137 -2.50 -8.80 4.30
CA LYS A 137 -3.78 -8.52 3.65
C LYS A 137 -3.66 -8.67 2.13
N ALA A 138 -4.80 -8.80 1.46
CA ALA A 138 -4.83 -8.94 0.00
C ALA A 138 -5.22 -7.64 -0.67
N LEU A 139 -4.35 -7.14 -1.53
CA LEU A 139 -4.61 -5.89 -2.25
C LEU A 139 -5.93 -5.96 -2.99
N ILE A 140 -6.54 -4.79 -3.23
CA ILE A 140 -7.81 -4.72 -3.93
C ILE A 140 -7.74 -3.73 -5.09
N PRO A 141 -8.60 -3.95 -6.10
CA PRO A 141 -8.64 -3.09 -7.29
C PRO A 141 -9.22 -1.71 -6.98
N SER A 142 -8.36 -0.70 -6.99
CA SER A 142 -8.78 0.67 -6.70
C SER A 142 -9.67 1.21 -7.82
N GLY A 143 -10.49 2.20 -7.49
CA GLY A 143 -11.38 2.79 -8.47
C GLY A 143 -10.79 4.02 -9.12
N PRO A 144 -11.66 4.91 -9.62
CA PRO A 144 -11.24 6.15 -10.27
C PRO A 144 -10.65 7.15 -9.29
N SER A 145 -9.42 7.57 -9.56
CA SER A 145 -8.73 8.53 -8.69
C SER A 145 -8.60 9.88 -9.38
N SER A 146 -9.11 10.92 -8.73
CA SER A 146 -9.04 12.28 -9.27
C SER A 146 -8.05 13.14 -8.50
N GLY A 147 -6.80 13.10 -8.90
CA GLY A 147 -5.77 13.88 -8.23
C GLY A 147 -5.18 14.96 -9.12
N GLY A 1 -30.55 0.21 -2.76
CA GLY A 1 -29.91 -1.04 -3.14
C GLY A 1 -28.89 -0.85 -4.25
N SER A 2 -27.63 -1.13 -3.94
CA SER A 2 -26.55 -0.99 -4.92
C SER A 2 -25.80 -2.30 -5.09
N SER A 3 -25.11 -2.43 -6.22
CA SER A 3 -24.35 -3.64 -6.52
C SER A 3 -22.97 -3.30 -7.07
N GLY A 4 -22.07 -4.28 -7.07
CA GLY A 4 -20.73 -4.06 -7.58
C GLY A 4 -20.18 -5.27 -8.30
N SER A 5 -18.95 -5.65 -7.97
CA SER A 5 -18.30 -6.79 -8.60
C SER A 5 -19.06 -8.07 -8.30
N SER A 6 -19.54 -8.20 -7.07
CA SER A 6 -20.28 -9.37 -6.65
C SER A 6 -19.57 -10.65 -7.10
N GLY A 7 -18.28 -10.73 -6.80
CA GLY A 7 -17.51 -11.91 -7.18
C GLY A 7 -17.01 -12.69 -5.98
N SER A 8 -15.97 -13.49 -6.18
CA SER A 8 -15.40 -14.29 -5.11
C SER A 8 -14.26 -13.54 -4.42
N LYS A 9 -13.22 -13.22 -5.16
CA LYS A 9 -12.07 -12.51 -4.63
C LYS A 9 -11.24 -11.88 -5.74
N TYR A 10 -10.60 -10.77 -5.44
CA TYR A 10 -9.77 -10.07 -6.42
C TYR A 10 -8.43 -10.77 -6.58
N GLN A 11 -7.82 -10.62 -7.76
CA GLN A 11 -6.52 -11.23 -8.04
C GLN A 11 -5.46 -10.17 -8.28
N LEU A 12 -4.78 -9.76 -7.21
CA LEU A 12 -3.74 -8.74 -7.31
C LEU A 12 -2.49 -9.18 -6.54
N GLY A 13 -2.69 -9.71 -5.34
CA GLY A 13 -1.57 -10.16 -4.54
C GLY A 13 -1.72 -9.79 -3.08
N MET A 14 -0.60 -9.66 -2.38
CA MET A 14 -0.61 -9.31 -0.97
C MET A 14 0.59 -8.44 -0.61
N LEU A 15 0.40 -7.54 0.35
CA LEU A 15 1.47 -6.65 0.79
C LEU A 15 1.65 -6.71 2.30
N HIS A 16 2.89 -6.88 2.75
CA HIS A 16 3.19 -6.94 4.18
C HIS A 16 3.41 -5.54 4.75
N PHE A 17 2.71 -5.24 5.82
CA PHE A 17 2.82 -3.93 6.47
C PHE A 17 2.41 -4.01 7.94
N SER A 18 2.91 -3.07 8.74
CA SER A 18 2.58 -3.03 10.17
C SER A 18 2.43 -1.60 10.65
N THR A 19 1.54 -1.40 11.61
CA THR A 19 1.29 -0.07 12.16
C THR A 19 1.53 -0.05 13.66
N GLN A 20 2.34 0.91 14.11
CA GLN A 20 2.65 1.04 15.54
C GLN A 20 2.76 2.51 15.94
N TYR A 21 1.88 2.93 16.84
CA TYR A 21 1.86 4.31 17.31
C TYR A 21 2.78 4.49 18.51
N ASP A 22 3.74 5.41 18.39
CA ASP A 22 4.68 5.67 19.47
C ASP A 22 4.12 6.70 20.45
N LEU A 23 3.90 6.29 21.69
CA LEU A 23 3.36 7.18 22.71
C LEU A 23 4.41 8.18 23.16
N LEU A 24 5.64 7.70 23.36
CA LEU A 24 6.73 8.55 23.80
C LEU A 24 6.85 9.78 22.90
N HIS A 25 6.91 9.56 21.60
CA HIS A 25 7.02 10.65 20.64
C HIS A 25 5.64 11.09 20.16
N ASN A 26 4.60 10.39 20.60
CA ASN A 26 3.23 10.70 20.22
C ASN A 26 3.12 10.86 18.70
N HIS A 27 3.57 9.84 17.98
CA HIS A 27 3.51 9.85 16.52
C HIS A 27 3.08 8.50 15.98
N LEU A 28 2.98 8.39 14.66
CA LEU A 28 2.57 7.15 14.01
C LEU A 28 3.72 6.54 13.23
N THR A 29 4.25 5.42 13.74
CA THR A 29 5.36 4.73 13.07
C THR A 29 4.85 3.70 12.08
N VAL A 30 4.92 4.04 10.80
CA VAL A 30 4.46 3.14 9.74
C VAL A 30 5.65 2.56 8.97
N ARG A 31 5.95 1.30 9.23
CA ARG A 31 7.05 0.63 8.55
C ARG A 31 6.56 -0.23 7.39
N VAL A 32 7.04 0.08 6.19
CA VAL A 32 6.64 -0.65 5.00
C VAL A 32 7.44 -1.95 4.86
N ILE A 33 6.78 -3.08 5.10
CA ILE A 33 7.42 -4.38 5.01
C ILE A 33 7.44 -4.89 3.57
N GLU A 34 8.21 -5.93 3.31
CA GLU A 34 8.30 -6.51 1.98
C GLU A 34 6.94 -6.98 1.49
N ALA A 35 6.90 -7.55 0.29
CA ALA A 35 5.66 -8.05 -0.28
C ALA A 35 5.93 -9.11 -1.35
N ARG A 36 4.86 -9.66 -1.90
CA ARG A 36 4.99 -10.69 -2.93
C ARG A 36 3.65 -10.93 -3.62
N ASP A 37 3.68 -11.74 -4.68
CA ASP A 37 2.47 -12.05 -5.44
C ASP A 37 1.99 -10.83 -6.22
N LEU A 38 2.95 -10.08 -6.76
CA LEU A 38 2.63 -8.89 -7.54
C LEU A 38 2.71 -9.18 -9.03
N PRO A 39 1.73 -8.68 -9.80
CA PRO A 39 1.67 -8.88 -11.24
C PRO A 39 2.76 -8.09 -11.97
N PRO A 40 3.22 -8.64 -13.11
CA PRO A 40 4.27 -8.01 -13.93
C PRO A 40 3.78 -6.75 -14.62
N PRO A 41 4.72 -5.99 -15.21
CA PRO A 41 4.41 -4.75 -15.92
C PRO A 41 3.64 -5.00 -17.22
N ILE A 42 2.33 -4.83 -17.16
CA ILE A 42 1.48 -5.03 -18.34
C ILE A 42 0.23 -4.16 -18.27
N SER A 43 -0.16 -3.60 -19.41
CA SER A 43 -1.34 -2.75 -19.48
C SER A 43 -2.61 -3.55 -19.19
N HIS A 44 -2.74 -4.70 -19.86
CA HIS A 44 -3.90 -5.55 -19.68
C HIS A 44 -3.51 -7.03 -19.80
N ASP A 45 -4.15 -7.87 -19.00
CA ASP A 45 -3.87 -9.30 -19.02
C ASP A 45 -3.65 -9.79 -20.46
N GLY A 46 -2.41 -10.15 -20.77
CA GLY A 46 -2.09 -10.64 -22.10
C GLY A 46 -1.23 -11.88 -22.08
N SER A 47 -0.04 -11.78 -22.64
CA SER A 47 0.89 -12.92 -22.69
C SER A 47 1.99 -12.75 -21.66
N ARG A 48 2.51 -13.87 -21.17
CA ARG A 48 3.59 -13.87 -20.19
C ARG A 48 4.94 -13.62 -20.85
N GLN A 49 5.36 -12.36 -20.87
CA GLN A 49 6.64 -11.99 -21.49
C GLN A 49 7.80 -12.46 -20.63
N ASP A 50 9.02 -12.15 -21.07
CA ASP A 50 10.22 -12.55 -20.34
C ASP A 50 11.05 -11.32 -19.98
N MET A 51 12.04 -11.52 -19.10
CA MET A 51 12.90 -10.43 -18.67
C MET A 51 12.12 -9.13 -18.52
N ALA A 52 10.94 -9.24 -17.90
CA ALA A 52 10.09 -8.07 -17.68
C ALA A 52 10.14 -7.61 -16.23
N HIS A 53 10.95 -6.59 -15.97
CA HIS A 53 11.09 -6.05 -14.61
C HIS A 53 10.84 -4.55 -14.59
N SER A 54 10.79 -3.98 -13.39
CA SER A 54 10.55 -2.54 -13.24
C SER A 54 10.94 -2.08 -11.83
N ASN A 55 10.70 -0.81 -11.56
CA ASN A 55 11.02 -0.23 -10.25
C ASN A 55 9.74 0.10 -9.48
N PRO A 56 9.14 -0.92 -8.85
CA PRO A 56 7.92 -0.75 -8.07
C PRO A 56 8.16 0.02 -6.77
N TYR A 57 7.08 0.51 -6.18
CA TYR A 57 7.17 1.26 -4.93
C TYR A 57 5.79 1.42 -4.29
N VAL A 58 5.77 1.44 -2.96
CA VAL A 58 4.52 1.59 -2.22
C VAL A 58 4.35 3.01 -1.70
N LYS A 59 3.11 3.49 -1.68
CA LYS A 59 2.81 4.83 -1.21
C LYS A 59 2.01 4.79 0.09
N ILE A 60 2.05 5.88 0.83
CA ILE A 60 1.33 5.98 2.09
C ILE A 60 0.53 7.28 2.18
N CYS A 61 -0.67 7.19 2.75
CA CYS A 61 -1.53 8.35 2.89
C CYS A 61 -2.55 8.14 4.02
N LEU A 62 -2.72 9.16 4.85
CA LEU A 62 -3.66 9.09 5.96
C LEU A 62 -4.93 9.89 5.66
N LEU A 63 -6.01 9.18 5.34
CA LEU A 63 -7.28 9.81 5.04
C LEU A 63 -7.87 10.47 6.28
N PRO A 64 -8.75 11.46 6.07
CA PRO A 64 -9.14 11.89 4.72
C PRO A 64 -8.01 12.62 4.00
N ASP A 65 -7.11 13.22 4.78
CA ASP A 65 -5.99 13.95 4.21
C ASP A 65 -5.35 13.16 3.07
N GLN A 66 -5.53 13.65 1.85
CA GLN A 66 -4.98 12.99 0.67
C GLN A 66 -3.76 13.74 0.16
N LYS A 67 -3.93 15.04 -0.11
CA LYS A 67 -2.84 15.87 -0.61
C LYS A 67 -1.51 15.44 0.00
N ASN A 68 -1.46 15.41 1.34
CA ASN A 68 -0.25 15.03 2.04
C ASN A 68 -0.04 13.52 1.98
N SER A 69 0.73 13.07 0.99
CA SER A 69 1.00 11.65 0.82
C SER A 69 2.51 11.39 0.78
N LYS A 70 2.93 10.28 1.39
CA LYS A 70 4.34 9.92 1.43
C LYS A 70 4.64 8.80 0.43
N GLN A 71 5.92 8.51 0.24
CA GLN A 71 6.33 7.46 -0.69
C GLN A 71 7.59 6.76 -0.19
N THR A 72 7.71 5.48 -0.52
CA THR A 72 8.88 4.69 -0.12
C THR A 72 9.93 4.64 -1.21
N GLY A 73 11.16 4.33 -0.84
CA GLY A 73 12.23 4.26 -1.81
C GLY A 73 11.85 3.46 -3.04
N VAL A 74 12.64 3.60 -4.10
CA VAL A 74 12.37 2.89 -5.35
C VAL A 74 13.07 1.54 -5.37
N LYS A 75 12.48 0.57 -6.06
CA LYS A 75 13.05 -0.76 -6.16
C LYS A 75 13.85 -0.91 -7.45
N ARG A 76 14.60 -2.01 -7.55
CA ARG A 76 15.42 -2.26 -8.73
C ARG A 76 15.08 -3.63 -9.34
N LYS A 77 14.37 -3.61 -10.45
CA LYS A 77 13.98 -4.84 -11.14
C LYS A 77 13.79 -5.98 -10.14
N THR A 78 12.93 -5.74 -9.15
CA THR A 78 12.65 -6.75 -8.13
C THR A 78 11.16 -6.95 -7.95
N GLN A 79 10.67 -8.13 -8.33
CA GLN A 79 9.25 -8.45 -8.21
C GLN A 79 8.78 -8.33 -6.77
N LYS A 80 9.69 -8.61 -5.84
CA LYS A 80 9.36 -8.53 -4.42
C LYS A 80 10.00 -7.30 -3.78
N PRO A 81 9.25 -6.19 -3.74
CA PRO A 81 9.72 -4.93 -3.16
C PRO A 81 9.87 -5.01 -1.65
N VAL A 82 11.09 -4.81 -1.16
CA VAL A 82 11.36 -4.85 0.27
C VAL A 82 11.99 -3.55 0.76
N PHE A 83 11.16 -2.59 1.13
CA PHE A 83 11.63 -1.30 1.61
C PHE A 83 12.13 -1.41 3.04
N GLU A 84 11.42 -2.18 3.86
CA GLU A 84 11.80 -2.37 5.26
C GLU A 84 12.22 -1.04 5.89
N GLU A 85 11.54 0.03 5.48
CA GLU A 85 11.85 1.36 6.01
C GLU A 85 10.78 1.81 6.99
N ARG A 86 11.14 2.76 7.86
CA ARG A 86 10.21 3.27 8.86
C ARG A 86 9.98 4.78 8.66
N TYR A 87 8.81 5.24 9.08
CA TYR A 87 8.45 6.65 8.95
C TYR A 87 7.73 7.15 10.19
N THR A 88 7.77 8.47 10.40
CA THR A 88 7.12 9.07 11.56
C THR A 88 6.15 10.17 11.12
N PHE A 89 5.11 10.38 11.94
CA PHE A 89 4.11 11.39 11.64
C PHE A 89 3.56 12.00 12.93
N GLU A 90 3.84 13.30 13.11
CA GLU A 90 3.38 14.00 14.30
C GLU A 90 1.86 14.07 14.34
N ILE A 91 1.24 13.02 14.88
CA ILE A 91 -0.22 12.96 14.98
C ILE A 91 -0.65 12.40 16.33
N PRO A 92 -1.57 13.12 16.99
CA PRO A 92 -2.10 12.72 18.30
C PRO A 92 -2.98 11.47 18.21
N PHE A 93 -2.74 10.52 19.11
CA PHE A 93 -3.52 9.28 19.14
C PHE A 93 -4.96 9.54 18.72
N LEU A 94 -5.64 10.41 19.48
CA LEU A 94 -7.03 10.74 19.19
C LEU A 94 -7.29 10.77 17.69
N GLU A 95 -6.42 11.44 16.95
CA GLU A 95 -6.55 11.54 15.51
C GLU A 95 -6.25 10.20 14.84
N ALA A 96 -5.10 9.64 15.16
CA ALA A 96 -4.69 8.35 14.59
C ALA A 96 -5.88 7.40 14.49
N GLN A 97 -6.56 7.20 15.61
CA GLN A 97 -7.71 6.30 15.65
C GLN A 97 -8.69 6.63 14.52
N ARG A 98 -8.92 7.93 14.30
CA ARG A 98 -9.83 8.36 13.25
C ARG A 98 -9.24 8.11 11.87
N ARG A 99 -7.93 8.29 11.75
CA ARG A 99 -7.23 8.08 10.48
C ARG A 99 -7.34 6.63 10.05
N THR A 100 -7.17 6.39 8.74
CA THR A 100 -7.25 5.04 8.19
C THR A 100 -6.00 4.71 7.37
N LEU A 101 -5.22 3.76 7.84
CA LEU A 101 -4.00 3.36 7.14
C LEU A 101 -4.32 2.88 5.72
N LEU A 102 -4.15 3.77 4.76
CA LEU A 102 -4.41 3.45 3.36
C LEU A 102 -3.12 3.40 2.55
N LEU A 103 -2.73 2.20 2.14
CA LEU A 103 -1.51 2.03 1.36
C LEU A 103 -1.84 1.78 -0.12
N THR A 104 -0.99 2.31 -1.00
CA THR A 104 -1.19 2.17 -2.43
C THR A 104 0.09 1.70 -3.12
N VAL A 105 0.09 0.45 -3.57
CA VAL A 105 1.26 -0.11 -4.24
C VAL A 105 1.20 0.15 -5.74
N VAL A 106 2.09 1.03 -6.21
CA VAL A 106 2.14 1.38 -7.62
C VAL A 106 3.45 0.90 -8.26
N ASP A 107 3.36 0.42 -9.49
CA ASP A 107 4.54 -0.07 -10.20
C ASP A 107 5.00 0.94 -11.24
N PHE A 108 6.18 1.52 -11.02
CA PHE A 108 6.74 2.51 -11.93
C PHE A 108 7.48 1.83 -13.08
N ASP A 109 6.84 1.79 -14.26
CA ASP A 109 7.45 1.17 -15.42
C ASP A 109 8.16 2.21 -16.29
N LYS A 110 8.94 1.74 -17.25
CA LYS A 110 9.69 2.63 -18.13
C LYS A 110 8.75 3.29 -19.14
N PHE A 111 9.24 4.36 -19.76
CA PHE A 111 8.44 5.09 -20.74
C PHE A 111 7.33 5.90 -20.07
N SER A 112 7.71 6.69 -19.07
CA SER A 112 6.75 7.50 -18.33
C SER A 112 5.44 6.74 -18.12
N ARG A 113 5.55 5.43 -17.96
CA ARG A 113 4.38 4.59 -17.75
C ARG A 113 4.10 4.42 -16.26
N HIS A 114 2.82 4.40 -15.90
CA HIS A 114 2.42 4.24 -14.51
C HIS A 114 1.26 3.25 -14.38
N CYS A 115 1.45 2.23 -13.55
CA CYS A 115 0.42 1.22 -13.34
C CYS A 115 0.22 0.93 -11.86
N VAL A 116 -1.04 0.91 -11.42
CA VAL A 116 -1.36 0.65 -10.03
C VAL A 116 -1.56 -0.84 -9.77
N ILE A 117 -0.82 -1.39 -8.82
CA ILE A 117 -0.93 -2.80 -8.48
C ILE A 117 -2.10 -3.06 -7.55
N GLY A 118 -2.37 -2.10 -6.66
CA GLY A 118 -3.47 -2.25 -5.73
C GLY A 118 -3.33 -1.34 -4.52
N LYS A 119 -4.28 -1.43 -3.59
CA LYS A 119 -4.25 -0.62 -2.39
C LYS A 119 -4.88 -1.37 -1.22
N VAL A 120 -4.50 -0.97 0.00
CA VAL A 120 -5.02 -1.61 1.21
C VAL A 120 -5.56 -0.57 2.18
N SER A 121 -6.67 -0.90 2.83
CA SER A 121 -7.30 0.00 3.79
C SER A 121 -7.53 -0.70 5.12
N VAL A 122 -6.92 -0.17 6.19
CA VAL A 122 -7.07 -0.74 7.51
C VAL A 122 -7.28 0.36 8.56
N PRO A 123 -8.38 0.26 9.31
CA PRO A 123 -8.71 1.23 10.37
C PRO A 123 -7.78 1.13 11.55
N LEU A 124 -7.20 2.26 11.95
CA LEU A 124 -6.29 2.30 13.09
C LEU A 124 -7.03 2.70 14.36
N CYS A 125 -8.31 2.34 14.44
CA CYS A 125 -9.11 2.65 15.60
C CYS A 125 -9.14 1.48 16.58
N GLU A 126 -9.46 0.30 16.06
CA GLU A 126 -9.52 -0.90 16.89
C GLU A 126 -8.13 -1.50 17.09
N VAL A 127 -7.35 -1.53 16.01
CA VAL A 127 -6.00 -2.08 16.07
C VAL A 127 -5.24 -1.53 17.27
N ASP A 128 -4.34 -2.34 17.81
CA ASP A 128 -3.54 -1.94 18.97
C ASP A 128 -2.24 -1.28 18.52
N LEU A 129 -2.32 0.01 18.22
CA LEU A 129 -1.15 0.77 17.79
C LEU A 129 -0.06 0.75 18.86
N VAL A 130 -0.46 1.03 20.09
CA VAL A 130 0.48 1.06 21.21
C VAL A 130 1.57 0.01 21.03
N LYS A 131 1.16 -1.22 20.77
CA LYS A 131 2.10 -2.32 20.58
C LYS A 131 2.53 -2.41 19.11
N GLY A 132 1.61 -2.88 18.26
CA GLY A 132 1.92 -3.01 16.85
C GLY A 132 0.79 -3.66 16.07
N GLY A 133 0.96 -3.77 14.76
CA GLY A 133 -0.06 -4.36 13.92
C GLY A 133 0.52 -5.14 12.77
N HIS A 134 1.22 -6.24 13.08
CA HIS A 134 1.83 -7.07 12.05
C HIS A 134 0.84 -8.12 11.54
N TRP A 135 0.41 -7.95 10.29
CA TRP A 135 -0.53 -8.87 9.68
C TRP A 135 -0.37 -8.90 8.16
N TRP A 136 -1.18 -9.71 7.49
CA TRP A 136 -1.13 -9.83 6.04
C TRP A 136 -2.51 -9.64 5.43
N LYS A 137 -2.64 -8.63 4.56
CA LYS A 137 -3.90 -8.35 3.90
C LYS A 137 -3.76 -8.45 2.39
N ALA A 138 -4.88 -8.64 1.70
CA ALA A 138 -4.89 -8.74 0.25
C ALA A 138 -5.15 -7.39 -0.41
N LEU A 139 -4.60 -7.20 -1.60
CA LEU A 139 -4.78 -5.96 -2.33
C LEU A 139 -6.06 -5.97 -3.15
N ILE A 140 -6.72 -4.82 -3.25
CA ILE A 140 -7.95 -4.71 -4.01
C ILE A 140 -7.79 -3.78 -5.21
N PRO A 141 -8.57 -4.02 -6.27
CA PRO A 141 -8.53 -3.22 -7.48
C PRO A 141 -9.07 -1.81 -7.27
N SER A 142 -8.16 -0.83 -7.20
CA SER A 142 -8.55 0.55 -7.00
C SER A 142 -9.28 1.10 -8.21
N GLY A 143 -10.23 2.01 -7.98
CA GLY A 143 -10.99 2.59 -9.07
C GLY A 143 -10.24 3.72 -9.75
N PRO A 144 -10.46 3.89 -11.06
CA PRO A 144 -9.82 4.93 -11.86
C PRO A 144 -10.33 6.32 -11.50
N SER A 145 -9.68 6.97 -10.54
CA SER A 145 -10.08 8.30 -10.12
C SER A 145 -9.08 9.34 -10.61
N SER A 146 -9.59 10.49 -11.02
CA SER A 146 -8.75 11.58 -11.51
C SER A 146 -7.57 11.81 -10.58
N GLY A 147 -6.55 12.50 -11.09
CA GLY A 147 -5.37 12.77 -10.29
C GLY A 147 -4.09 12.72 -11.10
N GLY A 1 -19.02 7.97 -4.11
CA GLY A 1 -17.77 7.36 -4.51
C GLY A 1 -17.76 5.85 -4.32
N SER A 2 -18.44 5.14 -5.21
CA SER A 2 -18.52 3.69 -5.13
C SER A 2 -17.13 3.07 -5.29
N SER A 3 -17.01 1.81 -4.88
CA SER A 3 -15.73 1.10 -4.96
C SER A 3 -15.73 0.12 -6.13
N GLY A 4 -16.80 -0.67 -6.23
CA GLY A 4 -16.91 -1.65 -7.30
C GLY A 4 -17.48 -2.96 -6.83
N SER A 5 -17.37 -3.99 -7.68
CA SER A 5 -17.89 -5.31 -7.34
C SER A 5 -17.34 -6.36 -8.30
N SER A 6 -16.93 -7.50 -7.74
CA SER A 6 -16.38 -8.59 -8.56
C SER A 6 -16.53 -9.92 -7.83
N GLY A 7 -17.25 -10.86 -8.46
CA GLY A 7 -17.45 -12.15 -7.87
C GLY A 7 -16.15 -12.78 -7.37
N SER A 8 -15.40 -13.38 -8.28
CA SER A 8 -14.14 -14.02 -7.92
C SER A 8 -13.32 -13.12 -7.02
N LYS A 9 -12.33 -13.70 -6.35
CA LYS A 9 -11.46 -12.95 -5.44
C LYS A 9 -10.57 -11.99 -6.22
N TYR A 10 -10.35 -10.81 -5.65
CA TYR A 10 -9.51 -9.80 -6.28
C TYR A 10 -8.35 -10.44 -7.03
N GLN A 11 -7.56 -11.24 -6.30
CA GLN A 11 -6.41 -11.91 -6.89
C GLN A 11 -5.40 -10.90 -7.42
N LEU A 12 -5.19 -9.84 -6.67
CA LEU A 12 -4.24 -8.79 -7.07
C LEU A 12 -2.88 -9.03 -6.44
N GLY A 13 -2.88 -9.50 -5.20
CA GLY A 13 -1.63 -9.76 -4.50
C GLY A 13 -1.74 -9.54 -3.00
N MET A 14 -0.61 -9.40 -2.34
CA MET A 14 -0.58 -9.19 -0.90
C MET A 14 0.61 -8.34 -0.49
N LEU A 15 0.39 -7.38 0.40
CA LEU A 15 1.45 -6.51 0.87
C LEU A 15 1.63 -6.64 2.39
N HIS A 16 2.89 -6.56 2.83
CA HIS A 16 3.20 -6.67 4.26
C HIS A 16 3.46 -5.30 4.86
N PHE A 17 2.83 -5.02 6.00
CA PHE A 17 2.99 -3.75 6.68
C PHE A 17 2.63 -3.86 8.15
N SER A 18 3.05 -2.89 8.94
CA SER A 18 2.77 -2.88 10.38
C SER A 18 2.61 -1.45 10.89
N THR A 19 1.57 -1.23 11.68
CA THR A 19 1.30 0.09 12.24
C THR A 19 1.45 0.08 13.76
N GLN A 20 2.36 0.90 14.27
CA GLN A 20 2.59 0.99 15.71
C GLN A 20 2.78 2.44 16.14
N TYR A 21 1.88 2.92 16.99
CA TYR A 21 1.96 4.29 17.49
C TYR A 21 2.83 4.38 18.72
N ASP A 22 3.79 5.30 18.70
CA ASP A 22 4.69 5.50 19.83
C ASP A 22 4.12 6.49 20.83
N LEU A 23 4.08 6.09 22.09
CA LEU A 23 3.54 6.95 23.15
C LEU A 23 4.62 7.85 23.71
N LEU A 24 5.88 7.45 23.55
CA LEU A 24 7.01 8.22 24.05
C LEU A 24 7.16 9.53 23.26
N HIS A 25 7.16 9.42 21.94
CA HIS A 25 7.29 10.59 21.08
C HIS A 25 5.92 11.17 20.74
N ASN A 26 4.89 10.36 20.91
CA ASN A 26 3.53 10.78 20.62
C ASN A 26 3.32 10.97 19.12
N HIS A 27 3.75 9.98 18.35
CA HIS A 27 3.61 10.03 16.89
C HIS A 27 3.28 8.65 16.33
N LEU A 28 2.98 8.60 15.04
CA LEU A 28 2.65 7.35 14.37
C LEU A 28 3.83 6.82 13.57
N THR A 29 4.20 5.56 13.80
CA THR A 29 5.30 4.95 13.10
C THR A 29 4.82 3.82 12.19
N VAL A 30 4.91 4.04 10.87
CA VAL A 30 4.49 3.04 9.90
C VAL A 30 5.69 2.42 9.18
N ARG A 31 6.05 1.21 9.58
CA ARG A 31 7.18 0.51 8.98
C ARG A 31 6.73 -0.31 7.78
N VAL A 32 7.08 0.17 6.58
CA VAL A 32 6.71 -0.53 5.35
C VAL A 32 7.52 -1.81 5.17
N ILE A 33 6.83 -2.94 5.17
CA ILE A 33 7.47 -4.24 5.00
C ILE A 33 7.42 -4.70 3.55
N GLU A 34 8.24 -5.70 3.22
CA GLU A 34 8.30 -6.23 1.87
C GLU A 34 6.94 -6.82 1.46
N ALA A 35 6.84 -7.24 0.22
CA ALA A 35 5.60 -7.81 -0.30
C ALA A 35 5.89 -8.96 -1.26
N ARG A 36 4.82 -9.57 -1.79
CA ARG A 36 4.97 -10.68 -2.72
C ARG A 36 3.67 -10.93 -3.48
N ASP A 37 3.73 -11.78 -4.48
CA ASP A 37 2.56 -12.10 -5.29
C ASP A 37 2.03 -10.86 -6.00
N LEU A 38 2.91 -10.19 -6.74
CA LEU A 38 2.53 -8.98 -7.46
C LEU A 38 2.52 -9.24 -8.97
N PRO A 39 1.53 -8.67 -9.66
CA PRO A 39 1.37 -8.82 -11.11
C PRO A 39 2.46 -8.09 -11.89
N PRO A 40 3.10 -8.79 -12.83
CA PRO A 40 4.17 -8.22 -13.66
C PRO A 40 3.64 -7.18 -14.65
N PRO A 41 4.56 -6.39 -15.21
CA PRO A 41 4.21 -5.35 -16.18
C PRO A 41 3.75 -5.92 -17.52
N ILE A 42 2.45 -6.21 -17.60
CA ILE A 42 1.87 -6.76 -18.82
C ILE A 42 0.87 -5.80 -19.45
N SER A 43 0.91 -5.67 -20.77
CA SER A 43 0.00 -4.78 -21.48
C SER A 43 -1.18 -5.55 -22.04
N HIS A 44 -2.27 -4.83 -22.32
CA HIS A 44 -3.47 -5.45 -22.86
C HIS A 44 -3.12 -6.53 -23.88
N ASP A 45 -3.82 -7.66 -23.80
CA ASP A 45 -3.59 -8.77 -24.71
C ASP A 45 -2.17 -9.30 -24.56
N GLY A 46 -1.75 -9.51 -23.31
CA GLY A 46 -0.42 -10.03 -23.06
C GLY A 46 -0.43 -11.43 -22.50
N SER A 47 -0.10 -12.40 -23.34
CA SER A 47 -0.09 -13.80 -22.93
C SER A 47 1.34 -14.27 -22.64
N ARG A 48 2.26 -13.96 -23.56
CA ARG A 48 3.65 -14.34 -23.41
C ARG A 48 4.44 -13.26 -22.67
N GLN A 49 5.63 -13.61 -22.21
CA GLN A 49 6.48 -12.68 -21.49
C GLN A 49 7.85 -13.29 -21.21
N ASP A 50 8.84 -12.43 -21.00
CA ASP A 50 10.19 -12.89 -20.72
C ASP A 50 10.73 -12.24 -19.44
N MET A 51 10.40 -12.83 -18.30
CA MET A 51 10.84 -12.32 -17.01
C MET A 51 10.87 -10.78 -17.02
N ALA A 52 9.75 -10.17 -17.38
CA ALA A 52 9.66 -8.72 -17.43
C ALA A 52 9.56 -8.13 -16.03
N HIS A 53 10.48 -7.22 -15.70
CA HIS A 53 10.49 -6.58 -14.40
C HIS A 53 10.23 -5.08 -14.52
N SER A 54 10.22 -4.39 -13.39
CA SER A 54 9.99 -2.94 -13.38
C SER A 54 10.44 -2.34 -12.05
N ASN A 55 10.23 -1.03 -11.90
CA ASN A 55 10.62 -0.33 -10.68
C ASN A 55 9.38 0.04 -9.86
N PRO A 56 8.85 -0.93 -9.11
CA PRO A 56 7.67 -0.73 -8.26
C PRO A 56 7.95 0.18 -7.08
N TYR A 57 6.90 0.69 -6.46
CA TYR A 57 7.03 1.58 -5.31
C TYR A 57 5.70 1.76 -4.59
N VAL A 58 5.73 1.65 -3.27
CA VAL A 58 4.52 1.81 -2.47
C VAL A 58 4.36 3.23 -1.96
N LYS A 59 3.15 3.60 -1.61
CA LYS A 59 2.86 4.95 -1.12
C LYS A 59 2.13 4.89 0.21
N ILE A 60 2.17 6.00 0.96
CA ILE A 60 1.51 6.07 2.26
C ILE A 60 0.72 7.37 2.40
N CYS A 61 -0.50 7.26 2.89
CA CYS A 61 -1.35 8.43 3.08
C CYS A 61 -2.36 8.19 4.20
N LEU A 62 -2.66 9.25 4.96
CA LEU A 62 -3.60 9.16 6.06
C LEU A 62 -4.94 9.79 5.69
N LEU A 63 -5.87 8.96 5.23
CA LEU A 63 -7.19 9.43 4.84
C LEU A 63 -7.92 10.07 6.02
N PRO A 64 -8.85 10.98 5.73
CA PRO A 64 -9.18 11.37 4.35
C PRO A 64 -8.05 12.16 3.70
N ASP A 65 -7.36 12.96 4.50
CA ASP A 65 -6.26 13.78 4.00
C ASP A 65 -5.50 13.04 2.89
N GLN A 66 -5.79 13.40 1.65
CA GLN A 66 -5.14 12.76 0.50
C GLN A 66 -3.95 13.60 0.02
N LYS A 67 -3.76 14.76 0.66
CA LYS A 67 -2.66 15.65 0.30
C LYS A 67 -1.33 15.13 0.84
N ASN A 68 -1.18 15.17 2.16
CA ASN A 68 0.04 14.70 2.80
C ASN A 68 0.29 13.23 2.49
N SER A 69 0.93 12.96 1.36
CA SER A 69 1.23 11.59 0.95
C SER A 69 2.72 11.30 1.07
N LYS A 70 3.07 10.01 1.06
CA LYS A 70 4.46 9.59 1.17
C LYS A 70 4.74 8.41 0.25
N GLN A 71 6.03 8.11 0.06
CA GLN A 71 6.42 7.00 -0.79
C GLN A 71 7.73 6.38 -0.30
N THR A 72 7.78 5.05 -0.27
CA THR A 72 8.97 4.33 0.18
C THR A 72 10.17 4.65 -0.70
N GLY A 73 10.12 4.17 -1.95
CA GLY A 73 11.22 4.41 -2.87
C GLY A 73 11.22 3.45 -4.04
N VAL A 74 11.44 3.98 -5.24
CA VAL A 74 11.45 3.15 -6.45
C VAL A 74 12.72 2.30 -6.50
N LYS A 75 12.54 0.99 -6.49
CA LYS A 75 13.66 0.05 -6.54
C LYS A 75 13.90 -0.43 -7.97
N ARG A 76 15.02 -1.11 -8.18
CA ARG A 76 15.36 -1.64 -9.50
C ARG A 76 14.54 -2.88 -9.82
N LYS A 77 14.53 -3.27 -11.09
CA LYS A 77 13.79 -4.44 -11.52
C LYS A 77 13.73 -5.49 -10.42
N THR A 78 12.52 -5.78 -9.94
CA THR A 78 12.33 -6.77 -8.88
C THR A 78 10.87 -7.16 -8.75
N GLN A 79 10.62 -8.40 -8.36
CA GLN A 79 9.25 -8.90 -8.20
C GLN A 79 8.76 -8.65 -6.78
N LYS A 80 9.66 -8.74 -5.81
CA LYS A 80 9.32 -8.52 -4.42
C LYS A 80 9.93 -7.23 -3.89
N PRO A 81 9.18 -6.13 -3.99
CA PRO A 81 9.63 -4.82 -3.52
C PRO A 81 9.74 -4.74 -2.00
N VAL A 82 10.96 -4.72 -1.50
CA VAL A 82 11.20 -4.64 -0.07
C VAL A 82 11.92 -3.35 0.30
N PHE A 83 11.36 -2.63 1.26
CA PHE A 83 11.94 -1.36 1.72
C PHE A 83 12.36 -1.45 3.18
N GLU A 84 11.50 -2.06 3.99
CA GLU A 84 11.78 -2.21 5.41
C GLU A 84 12.21 -0.87 6.02
N GLU A 85 11.50 0.19 5.69
CA GLU A 85 11.81 1.52 6.19
C GLU A 85 10.82 1.93 7.28
N ARG A 86 11.15 3.01 7.99
CA ARG A 86 10.30 3.50 9.06
C ARG A 86 9.98 4.99 8.87
N TYR A 87 8.71 5.34 8.94
CA TYR A 87 8.27 6.71 8.77
C TYR A 87 7.56 7.22 10.02
N THR A 88 7.65 8.52 10.25
CA THR A 88 7.01 9.13 11.41
C THR A 88 6.07 10.26 10.99
N PHE A 89 4.93 10.36 11.67
CA PHE A 89 3.95 11.39 11.37
C PHE A 89 3.48 12.08 12.64
N GLU A 90 3.51 13.41 12.63
CA GLU A 90 3.10 14.19 13.79
C GLU A 90 1.57 14.21 13.91
N ILE A 91 1.03 13.20 14.59
CA ILE A 91 -0.40 13.09 14.78
C ILE A 91 -0.74 12.47 16.13
N PRO A 92 -1.68 13.10 16.87
CA PRO A 92 -2.10 12.61 18.18
C PRO A 92 -2.90 11.31 18.10
N PHE A 93 -2.51 10.34 18.91
CA PHE A 93 -3.19 9.05 18.93
C PHE A 93 -4.68 9.21 18.66
N LEU A 94 -5.34 9.97 19.53
CA LEU A 94 -6.78 10.21 19.39
C LEU A 94 -7.18 10.29 17.93
N GLU A 95 -6.53 11.18 17.19
CA GLU A 95 -6.82 11.36 15.77
C GLU A 95 -6.50 10.09 14.99
N ALA A 96 -5.35 9.50 15.28
CA ALA A 96 -4.92 8.29 14.59
C ALA A 96 -6.05 7.27 14.54
N GLN A 97 -6.80 7.15 15.63
CA GLN A 97 -7.91 6.21 15.71
C GLN A 97 -8.92 6.46 14.58
N ARG A 98 -9.25 7.73 14.36
CA ARG A 98 -10.18 8.11 13.31
C ARG A 98 -9.50 8.12 11.94
N ARG A 99 -8.17 7.99 11.95
CA ARG A 99 -7.40 7.99 10.71
C ARG A 99 -7.23 6.57 10.18
N THR A 100 -7.18 6.44 8.86
CA THR A 100 -7.03 5.14 8.23
C THR A 100 -5.69 5.05 7.50
N LEU A 101 -5.04 3.90 7.60
CA LEU A 101 -3.75 3.68 6.96
C LEU A 101 -3.93 3.15 5.55
N LEU A 102 -3.75 4.02 4.56
CA LEU A 102 -3.89 3.65 3.16
C LEU A 102 -2.52 3.50 2.49
N LEU A 103 -2.27 2.32 1.92
CA LEU A 103 -1.01 2.06 1.25
C LEU A 103 -1.24 1.62 -0.20
N THR A 104 -0.90 2.48 -1.14
CA THR A 104 -1.07 2.19 -2.56
C THR A 104 0.19 1.55 -3.14
N VAL A 105 0.00 0.62 -4.07
CA VAL A 105 1.11 -0.07 -4.71
C VAL A 105 1.12 0.17 -6.21
N VAL A 106 2.01 1.05 -6.67
CA VAL A 106 2.12 1.37 -8.09
C VAL A 106 3.35 0.71 -8.70
N ASP A 107 3.34 0.56 -10.02
CA ASP A 107 4.45 -0.05 -10.74
C ASP A 107 5.03 0.91 -11.77
N PHE A 108 6.06 1.65 -11.38
CA PHE A 108 6.70 2.60 -12.27
C PHE A 108 7.74 1.91 -13.15
N ASP A 109 7.69 2.19 -14.45
CA ASP A 109 8.64 1.60 -15.40
C ASP A 109 9.42 2.69 -16.12
N LYS A 110 10.25 2.26 -17.07
CA LYS A 110 11.07 3.20 -17.83
C LYS A 110 10.25 3.88 -18.93
N PHE A 111 9.05 3.36 -19.16
CA PHE A 111 8.16 3.92 -20.17
C PHE A 111 7.28 5.01 -19.59
N SER A 112 7.71 5.57 -18.46
CA SER A 112 6.95 6.62 -17.79
C SER A 112 5.49 6.22 -17.62
N ARG A 113 5.25 4.92 -17.52
CA ARG A 113 3.90 4.40 -17.35
C ARG A 113 3.64 4.01 -15.89
N HIS A 114 2.41 4.23 -15.44
CA HIS A 114 2.03 3.90 -14.07
C HIS A 114 0.61 3.34 -14.02
N CYS A 115 0.51 2.04 -13.76
CA CYS A 115 -0.78 1.38 -13.68
C CYS A 115 -1.01 0.79 -12.30
N VAL A 116 -1.47 1.64 -11.38
CA VAL A 116 -1.73 1.21 -10.01
C VAL A 116 -2.29 -0.21 -9.98
N ILE A 117 -1.60 -1.10 -9.26
CA ILE A 117 -2.03 -2.48 -9.15
C ILE A 117 -3.17 -2.63 -8.14
N GLY A 118 -2.97 -2.08 -6.95
CA GLY A 118 -3.99 -2.15 -5.91
C GLY A 118 -3.66 -1.29 -4.71
N LYS A 119 -4.37 -1.51 -3.61
CA LYS A 119 -4.15 -0.76 -2.39
C LYS A 119 -4.66 -1.53 -1.17
N VAL A 120 -4.24 -1.09 0.02
CA VAL A 120 -4.65 -1.73 1.26
C VAL A 120 -5.04 -0.70 2.31
N SER A 121 -6.32 -0.65 2.64
CA SER A 121 -6.82 0.30 3.63
C SER A 121 -7.20 -0.42 4.92
N VAL A 122 -6.91 0.21 6.06
CA VAL A 122 -7.23 -0.37 7.36
C VAL A 122 -7.40 0.72 8.41
N PRO A 123 -8.55 0.72 9.08
CA PRO A 123 -8.86 1.70 10.13
C PRO A 123 -8.03 1.48 11.38
N LEU A 124 -7.36 2.54 11.84
CA LEU A 124 -6.53 2.46 13.03
C LEU A 124 -7.36 2.67 14.30
N CYS A 125 -8.66 2.43 14.18
CA CYS A 125 -9.56 2.59 15.31
C CYS A 125 -9.59 1.34 16.17
N GLU A 126 -9.88 0.20 15.55
CA GLU A 126 -9.93 -1.07 16.27
C GLU A 126 -8.53 -1.59 16.56
N VAL A 127 -7.66 -1.55 15.54
CA VAL A 127 -6.29 -2.02 15.70
C VAL A 127 -5.66 -1.48 16.97
N ASP A 128 -4.71 -2.23 17.51
CA ASP A 128 -4.02 -1.81 18.74
C ASP A 128 -2.72 -1.10 18.41
N LEU A 129 -2.80 0.17 18.06
CA LEU A 129 -1.63 0.97 17.72
C LEU A 129 -0.58 0.86 18.82
N VAL A 130 -0.97 1.19 20.05
CA VAL A 130 -0.06 1.13 21.18
C VAL A 130 0.91 -0.03 21.05
N LYS A 131 0.39 -1.21 20.72
CA LYS A 131 1.20 -2.40 20.56
C LYS A 131 1.77 -2.49 19.14
N GLY A 132 0.89 -2.67 18.16
CA GLY A 132 1.32 -2.76 16.79
C GLY A 132 0.28 -3.44 15.90
N GLY A 133 0.53 -3.43 14.59
CA GLY A 133 -0.39 -4.06 13.66
C GLY A 133 0.32 -4.89 12.61
N HIS A 134 1.06 -5.90 13.06
CA HIS A 134 1.80 -6.77 12.14
C HIS A 134 0.89 -7.88 11.60
N TRP A 135 0.44 -7.71 10.36
CA TRP A 135 -0.42 -8.69 9.73
C TRP A 135 -0.26 -8.67 8.21
N TRP A 136 -0.99 -9.55 7.53
CA TRP A 136 -0.91 -9.62 6.07
C TRP A 136 -2.29 -9.43 5.46
N LYS A 137 -2.37 -8.54 4.47
CA LYS A 137 -3.63 -8.26 3.80
C LYS A 137 -3.48 -8.43 2.29
N ALA A 138 -4.61 -8.50 1.58
CA ALA A 138 -4.60 -8.66 0.14
C ALA A 138 -4.97 -7.35 -0.55
N LEU A 139 -4.18 -6.98 -1.56
CA LEU A 139 -4.43 -5.74 -2.30
C LEU A 139 -5.82 -5.78 -2.95
N ILE A 140 -6.52 -4.65 -2.88
CA ILE A 140 -7.84 -4.54 -3.46
C ILE A 140 -7.83 -3.64 -4.69
N PRO A 141 -8.78 -3.89 -5.62
CA PRO A 141 -8.89 -3.12 -6.86
C PRO A 141 -9.38 -1.69 -6.61
N SER A 142 -8.46 -0.73 -6.71
CA SER A 142 -8.79 0.67 -6.48
C SER A 142 -9.58 1.23 -7.66
N GLY A 143 -10.61 2.01 -7.36
CA GLY A 143 -11.43 2.60 -8.40
C GLY A 143 -11.46 4.11 -8.33
N PRO A 144 -12.48 4.72 -8.95
CA PRO A 144 -12.64 6.18 -8.97
C PRO A 144 -13.02 6.74 -7.61
N SER A 145 -13.16 5.85 -6.63
CA SER A 145 -13.52 6.25 -5.27
C SER A 145 -12.58 7.35 -4.76
N SER A 146 -13.06 8.59 -4.78
CA SER A 146 -12.27 9.72 -4.33
C SER A 146 -12.41 9.91 -2.82
N GLY A 147 -11.78 10.96 -2.30
CA GLY A 147 -11.84 11.24 -0.88
C GLY A 147 -10.62 11.99 -0.37
N GLY A 1 -23.87 3.90 -21.84
CA GLY A 1 -24.23 3.04 -20.73
C GLY A 1 -24.01 1.58 -21.04
N SER A 2 -23.80 0.79 -19.98
CA SER A 2 -23.57 -0.64 -20.14
C SER A 2 -23.90 -1.40 -18.86
N SER A 3 -24.18 -2.70 -19.00
CA SER A 3 -24.51 -3.53 -17.84
C SER A 3 -23.61 -4.76 -17.79
N GLY A 4 -23.46 -5.32 -16.59
CA GLY A 4 -22.64 -6.50 -16.42
C GLY A 4 -22.15 -6.68 -15.00
N SER A 5 -21.51 -7.81 -14.72
CA SER A 5 -21.00 -8.08 -13.38
C SER A 5 -19.64 -8.77 -13.45
N SER A 6 -19.02 -8.95 -12.30
CA SER A 6 -17.71 -9.60 -12.22
C SER A 6 -17.83 -11.02 -11.69
N GLY A 7 -17.46 -11.99 -12.52
CA GLY A 7 -17.53 -13.38 -12.11
C GLY A 7 -16.16 -13.99 -11.86
N SER A 8 -15.29 -13.25 -11.20
CA SER A 8 -13.94 -13.71 -10.91
C SER A 8 -13.33 -12.94 -9.75
N LYS A 9 -12.18 -13.40 -9.27
CA LYS A 9 -11.49 -12.74 -8.17
C LYS A 9 -10.37 -11.85 -8.68
N TYR A 10 -9.90 -10.95 -7.82
CA TYR A 10 -8.83 -10.03 -8.19
C TYR A 10 -7.47 -10.63 -7.88
N GLN A 11 -7.31 -11.19 -6.68
CA GLN A 11 -6.06 -11.80 -6.26
C GLN A 11 -4.87 -11.06 -6.88
N LEU A 12 -4.96 -9.74 -6.91
CA LEU A 12 -3.89 -8.91 -7.46
C LEU A 12 -2.55 -9.25 -6.82
N GLY A 13 -2.50 -9.16 -5.49
CA GLY A 13 -1.27 -9.46 -4.77
C GLY A 13 -1.40 -9.21 -3.28
N MET A 14 -0.26 -9.16 -2.60
CA MET A 14 -0.24 -8.92 -1.16
C MET A 14 0.92 -8.00 -0.78
N LEU A 15 0.78 -7.35 0.37
CA LEU A 15 1.82 -6.44 0.85
C LEU A 15 1.96 -6.53 2.37
N HIS A 16 3.19 -6.71 2.83
CA HIS A 16 3.47 -6.81 4.26
C HIS A 16 3.73 -5.44 4.86
N PHE A 17 3.05 -5.13 5.96
CA PHE A 17 3.22 -3.85 6.63
C PHE A 17 2.85 -3.96 8.12
N SER A 18 3.25 -2.96 8.89
CA SER A 18 2.97 -2.94 10.32
C SER A 18 2.71 -1.52 10.81
N THR A 19 1.60 -1.34 11.53
CA THR A 19 1.24 -0.03 12.04
C THR A 19 1.34 0.00 13.56
N GLN A 20 2.26 0.81 14.08
CA GLN A 20 2.45 0.94 15.52
C GLN A 20 2.69 2.39 15.91
N TYR A 21 2.01 2.84 16.95
CA TYR A 21 2.15 4.21 17.43
C TYR A 21 3.07 4.27 18.64
N ASP A 22 3.97 5.25 18.64
CA ASP A 22 4.92 5.42 19.74
C ASP A 22 4.47 6.55 20.66
N LEU A 23 4.11 6.19 21.89
CA LEU A 23 3.66 7.18 22.87
C LEU A 23 4.82 8.07 23.30
N LEU A 24 5.99 7.47 23.51
CA LEU A 24 7.17 8.22 23.92
C LEU A 24 7.44 9.39 22.98
N HIS A 25 7.26 9.15 21.68
CA HIS A 25 7.48 10.18 20.68
C HIS A 25 6.15 10.79 20.24
N ASN A 26 5.05 10.27 20.77
CA ASN A 26 3.72 10.77 20.43
C ASN A 26 3.57 10.92 18.92
N HIS A 27 4.03 9.92 18.19
CA HIS A 27 3.95 9.93 16.73
C HIS A 27 3.53 8.57 16.19
N LEU A 28 3.22 8.52 14.90
CA LEU A 28 2.81 7.26 14.26
C LEU A 28 3.97 6.63 13.51
N THR A 29 4.33 5.40 13.92
CA THR A 29 5.42 4.67 13.29
C THR A 29 4.90 3.71 12.24
N VAL A 30 5.07 4.07 10.97
CA VAL A 30 4.62 3.23 9.87
C VAL A 30 5.80 2.67 9.09
N ARG A 31 6.12 1.40 9.33
CA ARG A 31 7.24 0.75 8.64
C ARG A 31 6.72 -0.11 7.48
N VAL A 32 7.24 0.17 6.28
CA VAL A 32 6.84 -0.59 5.10
C VAL A 32 7.67 -1.85 4.94
N ILE A 33 7.05 -3.00 5.17
CA ILE A 33 7.73 -4.28 5.05
C ILE A 33 7.70 -4.80 3.62
N GLU A 34 8.52 -5.81 3.34
CA GLU A 34 8.58 -6.39 2.00
C GLU A 34 7.21 -6.93 1.58
N ALA A 35 7.04 -7.14 0.28
CA ALA A 35 5.78 -7.66 -0.25
C ALA A 35 6.03 -8.81 -1.22
N ARG A 36 4.95 -9.35 -1.77
CA ARG A 36 5.05 -10.45 -2.72
C ARG A 36 3.73 -10.66 -3.45
N ASP A 37 3.73 -11.59 -4.40
CA ASP A 37 2.53 -11.89 -5.18
C ASP A 37 2.09 -10.68 -6.00
N LEU A 38 3.07 -9.93 -6.50
CA LEU A 38 2.81 -8.75 -7.30
C LEU A 38 2.94 -9.05 -8.79
N PRO A 39 1.93 -8.65 -9.59
CA PRO A 39 1.92 -8.87 -11.03
C PRO A 39 2.96 -8.02 -11.75
N PRO A 40 3.73 -8.65 -12.65
CA PRO A 40 4.77 -7.98 -13.42
C PRO A 40 4.20 -7.03 -14.46
N PRO A 41 5.07 -6.21 -15.06
CA PRO A 41 4.66 -5.23 -16.09
C PRO A 41 4.24 -5.91 -17.38
N ILE A 42 3.02 -6.41 -17.42
CA ILE A 42 2.49 -7.07 -18.61
C ILE A 42 0.98 -6.88 -18.74
N SER A 43 0.50 -6.74 -19.97
CA SER A 43 -0.92 -6.55 -20.21
C SER A 43 -1.67 -7.87 -20.10
N HIS A 44 -2.98 -7.78 -19.88
CA HIS A 44 -3.82 -8.97 -19.76
C HIS A 44 -3.34 -10.07 -20.70
N ASP A 45 -2.97 -9.68 -21.92
CA ASP A 45 -2.49 -10.64 -22.91
C ASP A 45 -1.05 -10.33 -23.30
N GLY A 46 -0.17 -11.31 -23.12
CA GLY A 46 1.23 -11.14 -23.45
C GLY A 46 1.91 -12.43 -23.84
N SER A 47 3.21 -12.37 -24.08
CA SER A 47 3.97 -13.55 -24.46
C SER A 47 5.09 -13.82 -23.46
N ARG A 48 5.82 -14.91 -23.69
CA ARG A 48 6.92 -15.29 -22.81
C ARG A 48 7.73 -14.06 -22.39
N GLN A 49 7.86 -13.87 -21.09
CA GLN A 49 8.60 -12.73 -20.56
C GLN A 49 10.08 -13.06 -20.41
N ASP A 50 10.92 -12.37 -21.16
CA ASP A 50 12.36 -12.60 -21.12
C ASP A 50 13.09 -11.35 -20.63
N MET A 51 12.94 -10.26 -21.36
CA MET A 51 13.58 -8.99 -21.00
C MET A 51 12.57 -7.99 -20.47
N ALA A 52 12.17 -8.16 -19.21
CA ALA A 52 11.20 -7.27 -18.58
C ALA A 52 11.67 -6.84 -17.20
N HIS A 53 11.21 -5.67 -16.77
CA HIS A 53 11.57 -5.15 -15.45
C HIS A 53 10.72 -3.94 -15.10
N SER A 54 10.71 -3.59 -13.81
CA SER A 54 9.92 -2.46 -13.33
C SER A 54 10.36 -2.04 -11.93
N ASN A 55 10.03 -0.80 -11.56
CA ASN A 55 10.39 -0.29 -10.24
C ASN A 55 9.14 -0.03 -9.40
N PRO A 56 8.65 -1.08 -8.74
CA PRO A 56 7.46 -0.99 -7.88
C PRO A 56 7.71 -0.20 -6.61
N TYR A 57 6.72 0.57 -6.19
CA TYR A 57 6.84 1.38 -4.99
C TYR A 57 5.51 1.46 -4.24
N VAL A 58 5.58 1.52 -2.92
CA VAL A 58 4.38 1.60 -2.10
C VAL A 58 4.11 3.03 -1.66
N LYS A 59 2.83 3.42 -1.65
CA LYS A 59 2.43 4.76 -1.25
C LYS A 59 1.73 4.74 0.10
N ILE A 60 1.84 5.83 0.84
CA ILE A 60 1.21 5.94 2.15
C ILE A 60 0.45 7.26 2.28
N CYS A 61 -0.67 7.21 3.00
CA CYS A 61 -1.49 8.41 3.21
C CYS A 61 -2.50 8.18 4.33
N LEU A 62 -3.14 9.26 4.76
CA LEU A 62 -4.13 9.18 5.84
C LEU A 62 -5.48 9.70 5.36
N LEU A 63 -6.55 9.07 5.84
CA LEU A 63 -7.90 9.47 5.47
C LEU A 63 -8.70 9.88 6.70
N PRO A 64 -9.73 10.72 6.49
CA PRO A 64 -10.07 11.24 5.16
C PRO A 64 -9.02 12.22 4.63
N ASP A 65 -8.62 13.16 5.49
CA ASP A 65 -7.62 14.16 5.12
C ASP A 65 -6.28 13.49 4.81
N GLN A 66 -5.77 13.73 3.62
CA GLN A 66 -4.49 13.15 3.21
C GLN A 66 -3.40 14.23 3.16
N LYS A 67 -3.55 15.24 4.00
CA LYS A 67 -2.57 16.33 4.06
C LYS A 67 -1.16 15.80 3.87
N ASN A 68 -0.65 15.10 4.86
CA ASN A 68 0.70 14.54 4.80
C ASN A 68 0.71 13.22 4.04
N SER A 69 1.44 13.18 2.93
CA SER A 69 1.53 11.98 2.11
C SER A 69 2.96 11.44 2.08
N LYS A 70 3.11 10.19 2.50
CA LYS A 70 4.43 9.56 2.52
C LYS A 70 4.52 8.45 1.48
N GLN A 71 5.71 8.25 0.93
CA GLN A 71 5.92 7.22 -0.09
C GLN A 71 7.36 6.72 -0.05
N THR A 72 7.57 5.50 -0.54
CA THR A 72 8.90 4.90 -0.56
C THR A 72 9.49 4.94 -1.97
N GLY A 73 10.72 5.41 -2.07
CA GLY A 73 11.38 5.49 -3.36
C GLY A 73 11.18 4.24 -4.19
N VAL A 74 11.27 4.40 -5.51
CA VAL A 74 11.09 3.27 -6.42
C VAL A 74 12.31 2.36 -6.42
N LYS A 75 12.08 1.07 -6.22
CA LYS A 75 13.16 0.10 -6.19
C LYS A 75 13.57 -0.31 -7.61
N ARG A 76 14.70 -0.99 -7.73
CA ARG A 76 15.19 -1.42 -9.02
C ARG A 76 14.44 -2.66 -9.51
N LYS A 77 14.60 -2.97 -10.78
CA LYS A 77 13.92 -4.13 -11.38
C LYS A 77 13.75 -5.24 -10.35
N THR A 78 12.50 -5.63 -10.10
CA THR A 78 12.21 -6.69 -9.14
C THR A 78 10.73 -7.03 -9.15
N GLN A 79 10.41 -8.28 -8.79
CA GLN A 79 9.03 -8.73 -8.76
C GLN A 79 8.38 -8.40 -7.42
N LYS A 80 9.18 -8.34 -6.37
CA LYS A 80 8.68 -8.03 -5.04
C LYS A 80 9.58 -7.01 -4.34
N PRO A 81 9.07 -5.78 -4.19
CA PRO A 81 9.81 -4.69 -3.55
C PRO A 81 9.96 -4.90 -2.04
N VAL A 82 11.17 -4.66 -1.54
CA VAL A 82 11.44 -4.82 -0.12
C VAL A 82 12.22 -3.63 0.43
N PHE A 83 11.50 -2.66 0.97
CA PHE A 83 12.13 -1.46 1.53
C PHE A 83 12.44 -1.65 3.01
N GLU A 84 11.47 -2.21 3.76
CA GLU A 84 11.65 -2.44 5.19
C GLU A 84 12.17 -1.19 5.89
N GLU A 85 11.62 -0.04 5.52
CA GLU A 85 12.03 1.23 6.11
C GLU A 85 11.01 1.70 7.14
N ARG A 86 11.44 2.60 8.02
CA ARG A 86 10.55 3.14 9.05
C ARG A 86 10.23 4.60 8.78
N TYR A 87 9.06 5.03 9.24
CA TYR A 87 8.62 6.40 9.05
C TYR A 87 7.89 6.92 10.28
N THR A 88 7.76 8.25 10.38
CA THR A 88 7.09 8.87 11.51
C THR A 88 6.22 10.04 11.05
N PHE A 89 5.09 10.23 11.72
CA PHE A 89 4.18 11.32 11.39
C PHE A 89 3.71 12.04 12.64
N GLU A 90 3.85 13.36 12.64
CA GLU A 90 3.44 14.17 13.78
C GLU A 90 1.92 14.25 13.89
N ILE A 91 1.33 13.20 14.48
CA ILE A 91 -0.12 13.15 14.64
C ILE A 91 -0.49 12.57 16.00
N PRO A 92 -1.42 13.25 16.70
CA PRO A 92 -1.89 12.84 18.02
C PRO A 92 -2.73 11.56 17.95
N PHE A 93 -2.41 10.60 18.81
CA PHE A 93 -3.14 9.34 18.85
C PHE A 93 -4.62 9.56 18.61
N LEU A 94 -5.24 10.39 19.46
CA LEU A 94 -6.66 10.69 19.33
C LEU A 94 -7.08 10.76 17.88
N GLU A 95 -6.40 11.61 17.11
CA GLU A 95 -6.72 11.77 15.70
C GLU A 95 -6.34 10.51 14.91
N ALA A 96 -5.13 10.03 15.11
CA ALA A 96 -4.65 8.83 14.42
C ALA A 96 -5.76 7.78 14.34
N GLN A 97 -6.40 7.51 15.46
CA GLN A 97 -7.48 6.53 15.51
C GLN A 97 -8.56 6.85 14.48
N ARG A 98 -8.91 8.12 14.38
CA ARG A 98 -9.93 8.57 13.43
C ARG A 98 -9.41 8.52 12.01
N ARG A 99 -8.12 8.21 11.86
CA ARG A 99 -7.50 8.13 10.54
C ARG A 99 -7.35 6.68 10.10
N THR A 100 -7.28 6.47 8.79
CA THR A 100 -7.14 5.13 8.23
C THR A 100 -5.85 5.00 7.43
N LEU A 101 -5.12 3.92 7.66
CA LEU A 101 -3.87 3.67 6.96
C LEU A 101 -4.13 3.08 5.58
N LEU A 102 -4.09 3.93 4.56
CA LEU A 102 -4.33 3.49 3.19
C LEU A 102 -3.00 3.40 2.42
N LEU A 103 -2.77 2.25 1.81
CA LEU A 103 -1.55 2.04 1.03
C LEU A 103 -1.88 1.69 -0.42
N THR A 104 -0.97 2.04 -1.33
CA THR A 104 -1.16 1.77 -2.75
C THR A 104 0.15 1.36 -3.41
N VAL A 105 0.11 0.27 -4.17
CA VAL A 105 1.29 -0.22 -4.86
C VAL A 105 1.20 0.02 -6.35
N VAL A 106 1.91 1.04 -6.82
CA VAL A 106 1.91 1.39 -8.24
C VAL A 106 3.18 0.91 -8.93
N ASP A 107 3.11 0.75 -10.24
CA ASP A 107 4.27 0.29 -11.02
C ASP A 107 4.91 1.45 -11.76
N PHE A 108 6.24 1.47 -11.78
CA PHE A 108 6.97 2.53 -12.47
C PHE A 108 7.70 1.98 -13.70
N ASP A 109 7.57 2.68 -14.82
CA ASP A 109 8.21 2.27 -16.05
C ASP A 109 8.02 3.34 -17.14
N LYS A 110 8.56 3.05 -18.33
CA LYS A 110 8.46 3.98 -19.45
C LYS A 110 7.01 4.35 -19.72
N PHE A 111 6.74 5.64 -19.86
CA PHE A 111 5.39 6.13 -20.13
C PHE A 111 4.39 5.48 -19.18
N SER A 112 4.79 5.33 -17.92
CA SER A 112 3.92 4.72 -16.92
C SER A 112 2.93 5.73 -16.37
N ARG A 113 1.95 6.10 -17.18
CA ARG A 113 0.93 7.07 -16.77
C ARG A 113 0.45 6.78 -15.36
N HIS A 114 -0.26 5.66 -15.20
CA HIS A 114 -0.79 5.27 -13.89
C HIS A 114 -1.16 3.79 -13.89
N CYS A 115 -0.52 3.03 -13.00
CA CYS A 115 -0.78 1.60 -12.89
C CYS A 115 -1.01 1.20 -11.43
N VAL A 116 -2.21 1.43 -10.94
CA VAL A 116 -2.56 1.09 -9.57
C VAL A 116 -2.95 -0.38 -9.44
N ILE A 117 -1.93 -1.25 -9.39
CA ILE A 117 -2.16 -2.68 -9.27
C ILE A 117 -3.22 -2.98 -8.22
N GLY A 118 -3.15 -2.26 -7.10
CA GLY A 118 -4.10 -2.46 -6.03
C GLY A 118 -3.85 -1.55 -4.84
N LYS A 119 -4.66 -1.70 -3.80
CA LYS A 119 -4.52 -0.89 -2.60
C LYS A 119 -5.01 -1.64 -1.36
N VAL A 120 -4.65 -1.14 -0.19
CA VAL A 120 -5.06 -1.77 1.07
C VAL A 120 -5.31 -0.72 2.14
N SER A 121 -6.58 -0.55 2.50
CA SER A 121 -6.96 0.42 3.52
C SER A 121 -7.35 -0.27 4.82
N VAL A 122 -6.84 0.23 5.93
CA VAL A 122 -7.14 -0.35 7.24
C VAL A 122 -7.42 0.75 8.27
N PRO A 123 -8.60 0.69 8.89
CA PRO A 123 -9.01 1.66 9.91
C PRO A 123 -8.21 1.52 11.20
N LEU A 124 -7.73 2.65 11.70
CA LEU A 124 -6.95 2.66 12.93
C LEU A 124 -7.83 2.98 14.14
N CYS A 125 -9.13 2.80 13.97
CA CYS A 125 -10.08 3.06 15.04
C CYS A 125 -10.56 1.76 15.68
N GLU A 126 -10.13 0.63 15.10
CA GLU A 126 -10.52 -0.67 15.62
C GLU A 126 -9.30 -1.46 16.10
N VAL A 127 -8.13 -1.08 15.60
CA VAL A 127 -6.89 -1.74 15.96
C VAL A 127 -6.09 -0.88 16.95
N ASP A 128 -5.48 -1.54 17.92
CA ASP A 128 -4.68 -0.85 18.93
C ASP A 128 -3.27 -0.59 18.42
N LEU A 129 -2.91 0.68 18.26
CA LEU A 129 -1.58 1.05 17.77
C LEU A 129 -0.53 0.84 18.85
N VAL A 130 -0.75 1.47 20.00
CA VAL A 130 0.18 1.35 21.13
C VAL A 130 0.67 -0.08 21.29
N LYS A 131 -0.23 -1.04 21.06
CA LYS A 131 0.11 -2.45 21.17
C LYS A 131 0.98 -2.90 20.00
N GLY A 132 0.73 -2.31 18.83
CA GLY A 132 1.51 -2.66 17.65
C GLY A 132 0.71 -3.51 16.67
N GLY A 133 0.77 -3.14 15.39
CA GLY A 133 0.05 -3.88 14.37
C GLY A 133 0.97 -4.55 13.37
N HIS A 134 0.64 -5.78 13.00
CA HIS A 134 1.45 -6.53 12.04
C HIS A 134 0.67 -7.72 11.48
N TRP A 135 0.21 -7.59 10.24
CA TRP A 135 -0.55 -8.65 9.58
C TRP A 135 -0.39 -8.59 8.07
N TRP A 136 -0.93 -9.59 7.39
CA TRP A 136 -0.84 -9.65 5.93
C TRP A 136 -2.21 -9.41 5.29
N LYS A 137 -2.23 -8.64 4.21
CA LYS A 137 -3.48 -8.34 3.51
C LYS A 137 -3.30 -8.48 2.00
N ALA A 138 -4.41 -8.59 1.29
CA ALA A 138 -4.37 -8.72 -0.16
C ALA A 138 -4.83 -7.43 -0.84
N LEU A 139 -3.98 -6.90 -1.72
CA LEU A 139 -4.29 -5.67 -2.44
C LEU A 139 -5.60 -5.81 -3.21
N ILE A 140 -6.46 -4.80 -3.10
CA ILE A 140 -7.74 -4.81 -3.80
C ILE A 140 -7.73 -3.85 -4.99
N PRO A 141 -8.54 -4.16 -6.01
CA PRO A 141 -8.64 -3.34 -7.21
C PRO A 141 -9.34 -2.01 -6.94
N SER A 142 -8.57 -0.93 -6.98
CA SER A 142 -9.12 0.41 -6.75
C SER A 142 -10.00 0.85 -7.91
N GLY A 143 -11.14 1.44 -7.59
CA GLY A 143 -12.05 1.90 -8.63
C GLY A 143 -11.56 3.16 -9.30
N PRO A 144 -11.98 3.36 -10.57
CA PRO A 144 -11.59 4.54 -11.35
C PRO A 144 -12.22 5.83 -10.83
N SER A 145 -11.46 6.91 -10.88
CA SER A 145 -11.95 8.21 -10.41
C SER A 145 -11.79 9.28 -11.49
N SER A 146 -12.41 10.42 -11.27
CA SER A 146 -12.33 11.53 -12.23
C SER A 146 -11.56 12.70 -11.64
N GLY A 147 -10.26 12.77 -11.97
CA GLY A 147 -9.43 13.85 -11.47
C GLY A 147 -9.67 15.15 -12.19
N GLY A 1 -24.86 7.58 -13.66
CA GLY A 1 -24.75 6.17 -13.96
C GLY A 1 -23.73 5.47 -13.07
N SER A 2 -23.79 4.15 -13.03
CA SER A 2 -22.86 3.37 -12.21
C SER A 2 -22.46 2.07 -12.92
N SER A 3 -21.45 1.41 -12.39
CA SER A 3 -20.97 0.16 -12.97
C SER A 3 -20.64 -0.86 -11.89
N GLY A 4 -20.44 -2.11 -12.29
CA GLY A 4 -20.12 -3.16 -11.35
C GLY A 4 -19.31 -4.27 -11.97
N SER A 5 -18.29 -4.74 -11.24
CA SER A 5 -17.43 -5.81 -11.73
C SER A 5 -18.05 -7.17 -11.47
N SER A 6 -18.13 -7.98 -12.52
CA SER A 6 -18.72 -9.31 -12.41
C SER A 6 -17.69 -10.39 -12.74
N GLY A 7 -16.95 -10.84 -11.73
CA GLY A 7 -15.95 -11.85 -11.94
C GLY A 7 -15.94 -12.90 -10.83
N SER A 8 -14.79 -13.53 -10.62
CA SER A 8 -14.67 -14.57 -9.61
C SER A 8 -14.05 -14.00 -8.33
N LYS A 9 -12.87 -13.39 -8.47
CA LYS A 9 -12.18 -12.80 -7.33
C LYS A 9 -10.96 -12.00 -7.80
N TYR A 10 -10.52 -11.07 -6.95
CA TYR A 10 -9.36 -10.25 -7.27
C TYR A 10 -8.08 -10.90 -6.78
N GLN A 11 -7.33 -11.49 -7.72
CA GLN A 11 -6.07 -12.15 -7.39
C GLN A 11 -4.89 -11.22 -7.62
N LEU A 12 -5.03 -9.98 -7.19
CA LEU A 12 -3.97 -8.99 -7.36
C LEU A 12 -2.70 -9.41 -6.61
N GLY A 13 -2.84 -9.64 -5.31
CA GLY A 13 -1.69 -10.05 -4.51
C GLY A 13 -1.84 -9.67 -3.05
N MET A 14 -0.72 -9.59 -2.34
CA MET A 14 -0.74 -9.24 -0.93
C MET A 14 0.46 -8.36 -0.57
N LEU A 15 0.26 -7.47 0.39
CA LEU A 15 1.33 -6.57 0.83
C LEU A 15 1.54 -6.66 2.34
N HIS A 16 2.79 -6.71 2.76
CA HIS A 16 3.13 -6.79 4.18
C HIS A 16 3.43 -5.41 4.74
N PHE A 17 2.84 -5.10 5.89
CA PHE A 17 3.04 -3.81 6.53
C PHE A 17 2.75 -3.89 8.02
N SER A 18 3.36 -3.00 8.79
CA SER A 18 3.17 -2.98 10.24
C SER A 18 2.95 -1.55 10.74
N THR A 19 1.86 -1.34 11.46
CA THR A 19 1.54 -0.03 11.99
C THR A 19 1.73 0.02 13.51
N GLN A 20 2.63 0.89 13.96
CA GLN A 20 2.90 1.03 15.38
C GLN A 20 3.03 2.50 15.78
N TYR A 21 2.31 2.90 16.81
CA TYR A 21 2.35 4.28 17.28
C TYR A 21 3.22 4.41 18.53
N ASP A 22 4.09 5.41 18.54
CA ASP A 22 4.98 5.64 19.67
C ASP A 22 4.34 6.60 20.67
N LEU A 23 4.39 6.24 21.95
CA LEU A 23 3.81 7.06 23.01
C LEU A 23 4.83 8.06 23.52
N LEU A 24 6.11 7.71 23.43
CA LEU A 24 7.18 8.58 23.89
C LEU A 24 7.24 9.86 23.06
N HIS A 25 7.18 9.71 21.74
CA HIS A 25 7.21 10.85 20.83
C HIS A 25 5.81 11.28 20.44
N ASN A 26 4.83 10.43 20.74
CA ASN A 26 3.43 10.73 20.43
C ASN A 26 3.24 10.90 18.92
N HIS A 27 3.77 9.95 18.15
CA HIS A 27 3.66 9.99 16.70
C HIS A 27 3.30 8.62 16.14
N LEU A 28 3.12 8.54 14.83
CA LEU A 28 2.77 7.29 14.17
C LEU A 28 3.96 6.73 13.40
N THR A 29 4.42 5.55 13.83
CA THR A 29 5.56 4.90 13.19
C THR A 29 5.09 3.81 12.22
N VAL A 30 5.04 4.14 10.95
CA VAL A 30 4.61 3.19 9.92
C VAL A 30 5.82 2.52 9.25
N ARG A 31 6.05 1.26 9.59
CA ARG A 31 7.15 0.51 9.03
C ARG A 31 6.70 -0.34 7.85
N VAL A 32 7.05 0.08 6.64
CA VAL A 32 6.68 -0.65 5.44
C VAL A 32 7.49 -1.93 5.30
N ILE A 33 6.80 -3.02 4.94
CA ILE A 33 7.46 -4.31 4.77
C ILE A 33 7.36 -4.79 3.33
N GLU A 34 8.17 -5.80 2.99
CA GLU A 34 8.17 -6.34 1.64
C GLU A 34 6.78 -6.86 1.26
N ALA A 35 6.67 -7.41 0.06
CA ALA A 35 5.40 -7.95 -0.42
C ALA A 35 5.62 -9.13 -1.35
N ARG A 36 4.53 -9.69 -1.87
CA ARG A 36 4.60 -10.84 -2.77
C ARG A 36 3.31 -11.00 -3.55
N ASP A 37 3.33 -11.83 -4.58
CA ASP A 37 2.15 -12.07 -5.41
C ASP A 37 1.75 -10.81 -6.16
N LEU A 38 2.75 -10.05 -6.61
CA LEU A 38 2.50 -8.83 -7.35
C LEU A 38 2.69 -9.05 -8.85
N PRO A 39 1.72 -8.57 -9.65
CA PRO A 39 1.76 -8.70 -11.10
C PRO A 39 2.83 -7.83 -11.74
N PRO A 40 3.50 -8.36 -12.77
CA PRO A 40 4.56 -7.65 -13.48
C PRO A 40 4.03 -6.48 -14.31
N PRO A 41 4.94 -5.63 -14.80
CA PRO A 41 4.58 -4.47 -15.61
C PRO A 41 4.07 -4.86 -16.99
N ILE A 42 2.77 -5.14 -17.07
CA ILE A 42 2.15 -5.53 -18.33
C ILE A 42 0.81 -4.80 -18.53
N SER A 43 0.34 -4.79 -19.78
CA SER A 43 -0.92 -4.14 -20.10
C SER A 43 -2.06 -5.14 -20.15
N HIS A 44 -3.29 -4.64 -20.12
CA HIS A 44 -4.47 -5.50 -20.16
C HIS A 44 -4.33 -6.55 -21.27
N ASP A 45 -3.65 -6.19 -22.34
CA ASP A 45 -3.44 -7.10 -23.46
C ASP A 45 -2.90 -8.44 -22.98
N GLY A 46 -1.69 -8.42 -22.42
CA GLY A 46 -1.09 -9.65 -21.93
C GLY A 46 -0.03 -10.18 -22.86
N SER A 47 1.13 -10.53 -22.30
CA SER A 47 2.24 -11.05 -23.10
C SER A 47 3.37 -11.56 -22.20
N ARG A 48 4.47 -11.98 -22.81
CA ARG A 48 5.61 -12.48 -22.06
C ARG A 48 6.55 -11.34 -21.66
N GLN A 49 7.17 -11.48 -20.49
CA GLN A 49 8.10 -10.47 -20.00
C GLN A 49 9.51 -11.03 -19.86
N ASP A 50 10.03 -11.55 -20.96
CA ASP A 50 11.37 -12.13 -20.96
C ASP A 50 12.41 -11.08 -20.60
N MET A 51 12.29 -9.89 -21.18
CA MET A 51 13.22 -8.80 -20.91
C MET A 51 12.47 -7.57 -20.41
N ALA A 52 11.86 -7.70 -19.23
CA ALA A 52 11.12 -6.61 -18.63
C ALA A 52 11.35 -6.54 -17.12
N HIS A 53 11.98 -5.47 -16.66
CA HIS A 53 12.26 -5.29 -15.24
C HIS A 53 11.02 -4.79 -14.50
N SER A 54 11.07 -4.84 -13.17
CA SER A 54 9.95 -4.40 -12.35
C SER A 54 10.44 -3.54 -11.18
N ASN A 55 10.24 -2.23 -11.30
CA ASN A 55 10.67 -1.30 -10.25
C ASN A 55 9.47 -0.63 -9.61
N PRO A 56 8.65 -1.43 -8.90
CA PRO A 56 7.45 -0.93 -8.23
C PRO A 56 7.78 -0.06 -7.02
N TYR A 57 6.75 0.40 -6.32
CA TYR A 57 6.95 1.24 -5.14
C TYR A 57 5.62 1.46 -4.41
N VAL A 58 5.66 1.29 -3.08
CA VAL A 58 4.46 1.47 -2.27
C VAL A 58 4.39 2.88 -1.71
N LYS A 59 3.20 3.49 -1.80
CA LYS A 59 3.00 4.84 -1.29
C LYS A 59 2.25 4.82 0.03
N ILE A 60 2.28 5.95 0.74
CA ILE A 60 1.61 6.06 2.03
C ILE A 60 0.88 7.40 2.16
N CYS A 61 -0.34 7.35 2.69
CA CYS A 61 -1.13 8.57 2.86
C CYS A 61 -2.21 8.36 3.92
N LEU A 62 -2.37 9.34 4.80
CA LEU A 62 -3.37 9.26 5.86
C LEU A 62 -4.72 9.79 5.38
N LEU A 63 -5.59 8.89 4.95
CA LEU A 63 -6.91 9.27 4.46
C LEU A 63 -7.81 9.72 5.63
N PRO A 64 -8.83 10.52 5.30
CA PRO A 64 -9.08 10.96 3.93
C PRO A 64 -8.02 11.95 3.42
N ASP A 65 -7.64 12.88 4.29
CA ASP A 65 -6.63 13.88 3.93
C ASP A 65 -5.57 13.27 3.02
N GLN A 66 -5.45 13.82 1.81
CA GLN A 66 -4.48 13.33 0.85
C GLN A 66 -3.27 14.27 0.76
N LYS A 67 -3.33 15.34 1.54
CA LYS A 67 -2.24 16.32 1.55
C LYS A 67 -0.91 15.65 1.84
N ASN A 68 -0.75 15.18 3.07
CA ASN A 68 0.49 14.51 3.48
C ASN A 68 0.69 13.22 2.70
N SER A 69 1.42 13.31 1.59
CA SER A 69 1.69 12.14 0.75
C SER A 69 3.15 11.72 0.86
N LYS A 70 3.37 10.44 1.15
CA LYS A 70 4.72 9.91 1.28
C LYS A 70 4.90 8.67 0.43
N GLN A 71 6.14 8.23 0.27
CA GLN A 71 6.44 7.04 -0.53
C GLN A 71 7.65 6.30 0.03
N THR A 72 7.80 5.04 -0.35
CA THR A 72 8.92 4.22 0.11
C THR A 72 10.05 4.22 -0.91
N GLY A 73 9.85 4.91 -2.02
CA GLY A 73 10.86 4.96 -3.06
C GLY A 73 10.69 3.86 -4.09
N VAL A 74 11.50 3.92 -5.15
CA VAL A 74 11.44 2.92 -6.21
C VAL A 74 12.61 1.96 -6.12
N LYS A 75 12.32 0.66 -6.15
CA LYS A 75 13.35 -0.37 -6.07
C LYS A 75 13.76 -0.83 -7.47
N ARG A 76 14.90 -1.50 -7.54
CA ARG A 76 15.40 -2.01 -8.82
C ARG A 76 14.63 -3.25 -9.25
N LYS A 77 14.80 -3.64 -10.51
CA LYS A 77 14.12 -4.81 -11.06
C LYS A 77 13.90 -5.86 -9.96
N THR A 78 12.64 -6.15 -9.68
CA THR A 78 12.29 -7.13 -8.66
C THR A 78 10.80 -7.42 -8.65
N GLN A 79 10.44 -8.66 -8.36
CA GLN A 79 9.04 -9.07 -8.33
C GLN A 79 8.43 -8.81 -6.95
N LYS A 80 9.29 -8.60 -5.96
CA LYS A 80 8.84 -8.36 -4.60
C LYS A 80 9.44 -7.06 -4.06
N PRO A 81 8.61 -6.02 -3.96
CA PRO A 81 9.04 -4.71 -3.45
C PRO A 81 9.35 -4.73 -1.97
N VAL A 82 10.63 -4.67 -1.62
CA VAL A 82 11.06 -4.68 -0.23
C VAL A 82 11.82 -3.41 0.12
N PHE A 83 11.29 -2.64 1.07
CA PHE A 83 11.92 -1.41 1.50
C PHE A 83 12.36 -1.50 2.96
N GLU A 84 11.48 -2.02 3.81
CA GLU A 84 11.78 -2.16 5.23
C GLU A 84 12.29 -0.85 5.81
N GLU A 85 11.54 0.23 5.58
CA GLU A 85 11.93 1.54 6.08
C GLU A 85 11.03 1.96 7.25
N ARG A 86 11.38 3.08 7.87
CA ARG A 86 10.60 3.59 9.00
C ARG A 86 10.28 5.07 8.82
N TYR A 87 9.02 5.42 8.96
CA TYR A 87 8.58 6.81 8.80
C TYR A 87 7.85 7.29 10.05
N THR A 88 7.85 8.60 10.25
CA THR A 88 7.18 9.20 11.41
C THR A 88 6.19 10.27 10.98
N PHE A 89 5.13 10.43 11.76
CA PHE A 89 4.10 11.43 11.46
C PHE A 89 3.60 12.09 12.74
N GLU A 90 3.57 13.42 12.73
CA GLU A 90 3.11 14.17 13.89
C GLU A 90 1.59 14.20 13.96
N ILE A 91 1.03 13.22 14.65
CA ILE A 91 -0.43 13.13 14.80
C ILE A 91 -0.80 12.50 16.13
N PRO A 92 -1.75 13.14 16.84
CA PRO A 92 -2.23 12.66 18.14
C PRO A 92 -3.04 11.38 18.03
N PHE A 93 -2.72 10.40 18.87
CA PHE A 93 -3.42 9.11 18.86
C PHE A 93 -4.90 9.31 18.55
N LEU A 94 -5.56 10.15 19.34
CA LEU A 94 -6.98 10.43 19.16
C LEU A 94 -7.35 10.45 17.67
N GLU A 95 -6.63 11.28 16.91
CA GLU A 95 -6.88 11.39 15.48
C GLU A 95 -6.57 10.09 14.76
N ALA A 96 -5.44 9.49 15.11
CA ALA A 96 -5.02 8.23 14.50
C ALA A 96 -6.19 7.27 14.37
N GLN A 97 -6.97 7.14 15.44
CA GLN A 97 -8.12 6.25 15.44
C GLN A 97 -9.13 6.66 14.36
N ARG A 98 -9.22 7.96 14.12
CA ARG A 98 -10.14 8.48 13.11
C ARG A 98 -9.56 8.29 11.71
N ARG A 99 -8.25 8.37 11.59
CA ARG A 99 -7.58 8.22 10.30
C ARG A 99 -7.43 6.74 9.94
N THR A 100 -7.04 6.47 8.70
CA THR A 100 -6.87 5.11 8.23
C THR A 100 -5.50 4.92 7.58
N LEU A 101 -4.99 3.69 7.64
CA LEU A 101 -3.68 3.38 7.06
C LEU A 101 -3.85 2.73 5.69
N LEU A 102 -3.64 3.50 4.64
CA LEU A 102 -3.76 2.99 3.27
C LEU A 102 -2.40 2.94 2.59
N LEU A 103 -2.16 1.86 1.84
CA LEU A 103 -0.90 1.70 1.14
C LEU A 103 -1.14 1.29 -0.31
N THR A 104 -1.00 2.25 -1.23
CA THR A 104 -1.20 2.00 -2.65
C THR A 104 0.10 1.55 -3.32
N VAL A 105 0.06 0.42 -4.00
CA VAL A 105 1.23 -0.11 -4.69
C VAL A 105 1.24 0.32 -6.15
N VAL A 106 2.07 1.30 -6.46
CA VAL A 106 2.19 1.80 -7.83
C VAL A 106 3.57 1.53 -8.40
N ASP A 107 3.62 1.19 -9.69
CA ASP A 107 4.88 0.90 -10.35
C ASP A 107 4.98 1.66 -11.68
N PHE A 108 6.06 2.41 -11.85
CA PHE A 108 6.27 3.18 -13.06
C PHE A 108 6.52 2.25 -14.25
N ASP A 109 5.45 1.96 -15.00
CA ASP A 109 5.56 1.09 -16.17
C ASP A 109 5.03 1.78 -17.41
N LYS A 110 3.73 2.00 -17.45
CA LYS A 110 3.09 2.66 -18.59
C LYS A 110 3.52 4.12 -18.68
N PHE A 111 4.27 4.44 -19.72
CA PHE A 111 4.75 5.81 -19.92
C PHE A 111 5.17 6.44 -18.60
N SER A 112 5.67 5.61 -17.69
CA SER A 112 6.11 6.08 -16.38
C SER A 112 5.14 7.12 -15.82
N ARG A 113 3.84 6.80 -15.90
CA ARG A 113 2.81 7.70 -15.40
C ARG A 113 2.22 7.18 -14.10
N HIS A 114 1.38 6.15 -14.20
CA HIS A 114 0.75 5.55 -13.03
C HIS A 114 0.08 4.23 -13.38
N CYS A 115 0.44 3.18 -12.66
CA CYS A 115 -0.13 1.86 -12.90
C CYS A 115 -0.54 1.19 -11.58
N VAL A 116 -1.11 1.99 -10.68
CA VAL A 116 -1.56 1.48 -9.39
C VAL A 116 -2.10 0.06 -9.52
N ILE A 117 -1.42 -0.88 -8.86
CA ILE A 117 -1.83 -2.27 -8.89
C ILE A 117 -3.00 -2.53 -7.95
N GLY A 118 -2.96 -1.89 -6.78
CA GLY A 118 -4.03 -2.07 -5.82
C GLY A 118 -3.85 -1.18 -4.60
N LYS A 119 -4.78 -1.29 -3.64
CA LYS A 119 -4.72 -0.50 -2.42
C LYS A 119 -5.24 -1.29 -1.23
N VAL A 120 -4.59 -1.14 -0.09
CA VAL A 120 -4.99 -1.84 1.13
C VAL A 120 -5.30 -0.86 2.25
N SER A 121 -6.55 -0.88 2.71
CA SER A 121 -6.99 0.01 3.77
C SER A 121 -7.19 -0.76 5.07
N VAL A 122 -7.03 -0.07 6.20
CA VAL A 122 -7.21 -0.68 7.51
C VAL A 122 -7.47 0.36 8.57
N PRO A 123 -8.62 0.24 9.26
CA PRO A 123 -9.03 1.17 10.31
C PRO A 123 -8.16 1.02 11.56
N LEU A 124 -7.59 2.14 12.01
CA LEU A 124 -6.74 2.13 13.19
C LEU A 124 -7.57 2.26 14.46
N CYS A 125 -8.85 1.90 14.36
CA CYS A 125 -9.75 1.97 15.51
C CYS A 125 -9.65 0.72 16.36
N GLU A 126 -9.78 -0.45 15.73
CA GLU A 126 -9.70 -1.72 16.43
C GLU A 126 -8.26 -2.05 16.81
N VAL A 127 -7.37 -1.98 15.82
CA VAL A 127 -5.95 -2.27 16.06
C VAL A 127 -5.40 -1.43 17.19
N ASP A 128 -4.48 -2.00 17.96
CA ASP A 128 -3.87 -1.30 19.08
C ASP A 128 -2.51 -0.71 18.68
N LEU A 129 -2.55 0.45 18.04
CA LEU A 129 -1.33 1.12 17.61
C LEU A 129 -0.29 1.12 18.72
N VAL A 130 -0.69 1.57 19.90
CA VAL A 130 0.21 1.62 21.05
C VAL A 130 0.91 0.27 21.25
N LYS A 131 0.19 -0.81 20.99
CA LYS A 131 0.74 -2.15 21.14
C LYS A 131 1.44 -2.60 19.86
N GLY A 132 1.26 -1.83 18.79
CA GLY A 132 1.89 -2.17 17.52
C GLY A 132 0.96 -2.96 16.62
N GLY A 133 1.27 -2.97 15.33
CA GLY A 133 0.45 -3.70 14.38
C GLY A 133 1.27 -4.46 13.35
N HIS A 134 0.84 -5.67 13.02
CA HIS A 134 1.55 -6.49 12.05
C HIS A 134 0.67 -7.64 11.56
N TRP A 135 0.22 -7.55 10.32
CA TRP A 135 -0.64 -8.59 9.75
C TRP A 135 -0.48 -8.63 8.23
N TRP A 136 -1.19 -9.56 7.60
CA TRP A 136 -1.14 -9.71 6.15
C TRP A 136 -2.52 -9.53 5.53
N LYS A 137 -2.60 -8.67 4.52
CA LYS A 137 -3.86 -8.40 3.84
C LYS A 137 -3.73 -8.63 2.34
N ALA A 138 -4.86 -8.56 1.63
CA ALA A 138 -4.86 -8.75 0.19
C ALA A 138 -5.21 -7.47 -0.54
N LEU A 139 -4.50 -7.18 -1.62
CA LEU A 139 -4.73 -5.98 -2.41
C LEU A 139 -6.07 -6.06 -3.13
N ILE A 140 -6.65 -4.89 -3.42
CA ILE A 140 -7.93 -4.83 -4.11
C ILE A 140 -7.88 -3.83 -5.26
N PRO A 141 -8.73 -4.06 -6.28
CA PRO A 141 -8.81 -3.19 -7.46
C PRO A 141 -9.41 -1.82 -7.13
N SER A 142 -8.55 -0.81 -7.01
CA SER A 142 -9.00 0.54 -6.69
C SER A 142 -9.83 1.11 -7.84
N GLY A 143 -9.26 1.08 -9.04
CA GLY A 143 -9.95 1.60 -10.20
C GLY A 143 -9.00 2.18 -11.24
N PRO A 144 -9.44 2.19 -12.51
CA PRO A 144 -8.63 2.71 -13.61
C PRO A 144 -8.48 4.23 -13.56
N SER A 145 -9.61 4.92 -13.39
CA SER A 145 -9.61 6.37 -13.33
C SER A 145 -8.77 6.87 -12.14
N SER A 146 -7.95 7.88 -12.40
CA SER A 146 -7.09 8.44 -11.36
C SER A 146 -7.91 9.24 -10.35
N GLY A 147 -8.74 10.14 -10.86
CA GLY A 147 -9.57 10.97 -9.98
C GLY A 147 -10.18 12.14 -10.71
N GLY A 1 -21.09 -0.44 12.57
CA GLY A 1 -20.81 -1.02 11.28
C GLY A 1 -20.43 -2.48 11.36
N SER A 2 -20.82 -3.26 10.35
CA SER A 2 -20.52 -4.69 10.32
C SER A 2 -19.72 -5.04 9.07
N SER A 3 -18.42 -5.25 9.25
CA SER A 3 -17.54 -5.60 8.14
C SER A 3 -17.22 -7.09 8.13
N GLY A 4 -17.71 -7.79 7.11
CA GLY A 4 -17.47 -9.21 7.00
C GLY A 4 -16.78 -9.59 5.71
N SER A 5 -17.56 -10.12 4.77
CA SER A 5 -17.01 -10.53 3.47
C SER A 5 -15.83 -11.47 3.66
N SER A 6 -15.98 -12.44 4.55
CA SER A 6 -14.92 -13.40 4.82
C SER A 6 -15.01 -14.60 3.88
N GLY A 7 -14.01 -14.75 3.03
CA GLY A 7 -13.99 -15.85 2.08
C GLY A 7 -13.03 -15.62 0.94
N SER A 8 -13.50 -15.83 -0.29
CA SER A 8 -12.67 -15.65 -1.47
C SER A 8 -12.18 -14.21 -1.58
N LYS A 9 -11.18 -13.99 -2.43
CA LYS A 9 -10.63 -12.65 -2.63
C LYS A 9 -10.04 -12.52 -4.03
N TYR A 10 -9.92 -11.28 -4.49
CA TYR A 10 -9.36 -11.01 -5.82
C TYR A 10 -8.01 -11.69 -6.00
N GLN A 11 -7.40 -11.50 -7.16
CA GLN A 11 -6.10 -12.10 -7.46
C GLN A 11 -5.09 -11.04 -7.87
N LEU A 12 -4.69 -10.21 -6.92
CA LEU A 12 -3.72 -9.14 -7.19
C LEU A 12 -2.42 -9.39 -6.42
N GLY A 13 -2.53 -10.03 -5.27
CA GLY A 13 -1.36 -10.32 -4.47
C GLY A 13 -1.53 -9.88 -3.03
N MET A 14 -0.41 -9.73 -2.32
CA MET A 14 -0.44 -9.32 -0.92
C MET A 14 0.70 -8.37 -0.61
N LEU A 15 0.54 -7.57 0.43
CA LEU A 15 1.55 -6.61 0.84
C LEU A 15 1.76 -6.62 2.35
N HIS A 16 3.01 -6.66 2.77
CA HIS A 16 3.33 -6.68 4.20
C HIS A 16 3.48 -5.26 4.75
N PHE A 17 2.74 -4.96 5.80
CA PHE A 17 2.77 -3.63 6.41
C PHE A 17 2.29 -3.69 7.86
N SER A 18 2.76 -2.75 8.67
CA SER A 18 2.39 -2.69 10.07
C SER A 18 2.18 -1.24 10.52
N THR A 19 1.19 -1.03 11.38
CA THR A 19 0.88 0.30 11.88
C THR A 19 1.07 0.37 13.39
N GLN A 20 2.09 1.10 13.83
CA GLN A 20 2.36 1.23 15.26
C GLN A 20 2.50 2.70 15.64
N TYR A 21 2.22 3.01 16.90
CA TYR A 21 2.31 4.38 17.40
C TYR A 21 3.28 4.47 18.57
N ASP A 22 4.24 5.38 18.46
CA ASP A 22 5.24 5.58 19.50
C ASP A 22 4.69 6.50 20.60
N LEU A 23 4.41 5.92 21.77
CA LEU A 23 3.90 6.70 22.89
C LEU A 23 4.95 7.64 23.45
N LEU A 24 6.21 7.21 23.39
CA LEU A 24 7.32 8.01 23.89
C LEU A 24 7.47 9.29 23.08
N HIS A 25 7.39 9.16 21.76
CA HIS A 25 7.52 10.32 20.87
C HIS A 25 6.14 10.90 20.55
N ASN A 26 5.09 10.17 20.90
CA ASN A 26 3.73 10.61 20.66
C ASN A 26 3.50 10.85 19.17
N HIS A 27 3.98 9.93 18.34
CA HIS A 27 3.82 10.02 16.89
C HIS A 27 3.50 8.66 16.29
N LEU A 28 3.08 8.67 15.02
CA LEU A 28 2.74 7.44 14.32
C LEU A 28 3.93 6.90 13.54
N THR A 29 4.29 5.65 13.79
CA THR A 29 5.41 5.01 13.10
C THR A 29 4.94 3.91 12.17
N VAL A 30 4.95 4.18 10.87
CA VAL A 30 4.53 3.21 9.87
C VAL A 30 5.73 2.62 9.14
N ARG A 31 6.09 1.39 9.50
CA ARG A 31 7.22 0.72 8.87
C ARG A 31 6.76 -0.09 7.66
N VAL A 32 7.13 0.37 6.46
CA VAL A 32 6.76 -0.30 5.23
C VAL A 32 7.57 -1.59 5.05
N ILE A 33 6.89 -2.72 5.14
CA ILE A 33 7.54 -4.02 4.98
C ILE A 33 7.50 -4.48 3.53
N GLU A 34 8.31 -5.49 3.21
CA GLU A 34 8.36 -6.02 1.85
C GLU A 34 6.99 -6.56 1.43
N ALA A 35 6.95 -7.17 0.25
CA ALA A 35 5.71 -7.73 -0.28
C ALA A 35 5.99 -8.90 -1.21
N ARG A 36 4.93 -9.48 -1.76
CA ARG A 36 5.06 -10.60 -2.68
C ARG A 36 3.77 -10.83 -3.46
N ASP A 37 3.80 -11.76 -4.40
CA ASP A 37 2.64 -12.08 -5.21
C ASP A 37 2.26 -10.89 -6.09
N LEU A 38 3.25 -10.15 -6.56
CA LEU A 38 3.03 -8.98 -7.40
C LEU A 38 3.07 -9.37 -8.88
N PRO A 39 1.97 -9.07 -9.60
CA PRO A 39 1.87 -9.38 -11.03
C PRO A 39 2.78 -8.49 -11.88
N PRO A 40 3.15 -9.00 -13.07
CA PRO A 40 4.03 -8.28 -13.99
C PRO A 40 3.33 -7.07 -14.61
N PRO A 41 4.14 -6.10 -15.09
CA PRO A 41 3.64 -4.89 -15.71
C PRO A 41 2.98 -5.16 -17.08
N ILE A 42 1.69 -5.48 -17.06
CA ILE A 42 0.96 -5.75 -18.28
C ILE A 42 -0.03 -4.64 -18.59
N SER A 43 -0.02 -4.19 -19.84
CA SER A 43 -0.92 -3.12 -20.27
C SER A 43 -2.32 -3.66 -20.54
N HIS A 44 -3.24 -2.76 -20.89
CA HIS A 44 -4.62 -3.15 -21.17
C HIS A 44 -4.66 -4.48 -21.90
N ASP A 45 -3.77 -4.66 -22.86
CA ASP A 45 -3.71 -5.90 -23.64
C ASP A 45 -2.32 -6.53 -23.55
N GLY A 46 -2.25 -7.74 -23.01
CA GLY A 46 -0.99 -8.42 -22.88
C GLY A 46 -1.15 -9.91 -22.62
N SER A 47 -0.56 -10.73 -23.47
CA SER A 47 -0.65 -12.18 -23.34
C SER A 47 0.37 -12.70 -22.33
N ARG A 48 1.65 -12.48 -22.62
CA ARG A 48 2.72 -12.91 -21.74
C ARG A 48 4.06 -12.33 -22.18
N GLN A 49 4.83 -11.83 -21.21
CA GLN A 49 6.13 -11.25 -21.50
C GLN A 49 7.26 -12.17 -21.05
N ASP A 50 8.41 -12.07 -21.72
CA ASP A 50 9.56 -12.89 -21.39
C ASP A 50 10.60 -12.09 -20.62
N MET A 51 10.79 -10.83 -21.01
CA MET A 51 11.75 -9.95 -20.36
C MET A 51 11.13 -8.59 -20.07
N ALA A 52 10.26 -8.55 -19.07
CA ALA A 52 9.59 -7.30 -18.69
C ALA A 52 9.91 -6.94 -17.24
N HIS A 53 10.58 -5.80 -17.06
CA HIS A 53 10.93 -5.33 -15.72
C HIS A 53 10.25 -4.00 -15.41
N SER A 54 10.46 -3.52 -14.19
CA SER A 54 9.85 -2.27 -13.75
C SER A 54 10.36 -1.87 -12.37
N ASN A 55 10.11 -0.62 -11.99
CA ASN A 55 10.54 -0.11 -10.69
C ASN A 55 9.35 0.06 -9.76
N PRO A 56 8.96 -1.03 -9.09
CA PRO A 56 7.83 -1.02 -8.14
C PRO A 56 8.15 -0.23 -6.87
N TYR A 57 7.17 0.52 -6.40
CA TYR A 57 7.34 1.32 -5.19
C TYR A 57 6.02 1.46 -4.44
N VAL A 58 6.11 1.44 -3.11
CA VAL A 58 4.91 1.56 -2.27
C VAL A 58 4.70 3.00 -1.82
N LYS A 59 3.43 3.42 -1.78
CA LYS A 59 3.10 4.78 -1.38
C LYS A 59 2.28 4.78 -0.09
N ILE A 60 2.32 5.88 0.64
CA ILE A 60 1.58 6.00 1.89
C ILE A 60 0.75 7.28 1.91
N CYS A 61 -0.49 7.16 2.37
CA CYS A 61 -1.38 8.31 2.44
C CYS A 61 -2.37 8.15 3.60
N LEU A 62 -2.63 9.25 4.31
CA LEU A 62 -3.55 9.23 5.44
C LEU A 62 -4.92 9.76 5.03
N LEU A 63 -5.96 9.18 5.60
CA LEU A 63 -7.34 9.60 5.30
C LEU A 63 -8.06 10.04 6.57
N PRO A 64 -9.07 10.89 6.40
CA PRO A 64 -9.48 11.40 5.08
C PRO A 64 -8.44 12.35 4.48
N ASP A 65 -7.89 13.21 5.33
CA ASP A 65 -6.88 14.16 4.88
C ASP A 65 -5.65 13.45 4.34
N GLN A 66 -5.49 13.46 3.02
CA GLN A 66 -4.35 12.81 2.38
C GLN A 66 -3.41 13.84 1.78
N LYS A 67 -3.61 15.10 2.14
CA LYS A 67 -2.77 16.19 1.64
C LYS A 67 -1.31 15.74 1.52
N ASN A 68 -0.69 15.48 2.66
CA ASN A 68 0.70 15.03 2.68
C ASN A 68 0.81 13.53 2.49
N SER A 69 1.47 13.12 1.40
CA SER A 69 1.63 11.71 1.09
C SER A 69 3.11 11.34 0.99
N LYS A 70 3.44 10.14 1.44
CA LYS A 70 4.83 9.67 1.40
C LYS A 70 4.97 8.51 0.42
N GLN A 71 6.21 8.07 0.21
CA GLN A 71 6.47 6.96 -0.70
C GLN A 71 7.88 6.41 -0.48
N THR A 72 8.09 5.16 -0.87
CA THR A 72 9.38 4.51 -0.73
C THR A 72 10.25 4.71 -1.95
N GLY A 73 11.55 4.83 -1.74
CA GLY A 73 12.47 5.04 -2.86
C GLY A 73 12.18 4.11 -4.02
N VAL A 74 12.62 4.49 -5.21
CA VAL A 74 12.41 3.70 -6.41
C VAL A 74 13.28 2.45 -6.40
N LYS A 75 12.66 1.29 -6.54
CA LYS A 75 13.39 0.02 -6.55
C LYS A 75 13.79 -0.36 -7.97
N ARG A 76 14.74 -1.29 -8.08
CA ARG A 76 15.21 -1.74 -9.38
C ARG A 76 14.49 -3.00 -9.82
N LYS A 77 14.61 -3.34 -11.10
CA LYS A 77 13.96 -4.53 -11.65
C LYS A 77 13.92 -5.65 -10.60
N THR A 78 12.72 -5.90 -10.08
CA THR A 78 12.55 -6.95 -9.07
C THR A 78 11.07 -7.24 -8.84
N GLN A 79 10.77 -8.48 -8.46
CA GLN A 79 9.39 -8.89 -8.21
C GLN A 79 9.00 -8.63 -6.76
N LYS A 80 9.90 -8.97 -5.84
CA LYS A 80 9.66 -8.79 -4.42
C LYS A 80 10.44 -7.58 -3.89
N PRO A 81 9.79 -6.41 -3.89
CA PRO A 81 10.40 -5.16 -3.41
C PRO A 81 10.60 -5.17 -1.90
N VAL A 82 11.83 -4.88 -1.47
CA VAL A 82 12.15 -4.85 -0.05
C VAL A 82 12.68 -3.47 0.36
N PHE A 83 11.86 -2.72 1.07
CA PHE A 83 12.24 -1.39 1.53
C PHE A 83 12.66 -1.41 3.00
N GLU A 84 11.81 -1.99 3.84
CA GLU A 84 12.09 -2.07 5.26
C GLU A 84 12.52 -0.71 5.82
N GLU A 85 11.74 0.32 5.50
CA GLU A 85 12.04 1.66 5.96
C GLU A 85 11.03 2.11 7.02
N ARG A 86 11.48 2.95 7.95
CA ARG A 86 10.62 3.45 9.01
C ARG A 86 10.24 4.90 8.76
N TYR A 87 8.98 5.23 9.03
CA TYR A 87 8.49 6.59 8.83
C TYR A 87 7.80 7.10 10.09
N THR A 88 7.67 8.42 10.19
CA THR A 88 7.02 9.04 11.33
C THR A 88 6.01 10.11 10.90
N PHE A 89 4.96 10.26 11.69
CA PHE A 89 3.92 11.25 11.38
C PHE A 89 3.41 11.91 12.66
N GLU A 90 3.65 13.22 12.78
CA GLU A 90 3.20 13.97 13.95
C GLU A 90 1.69 14.03 14.01
N ILE A 91 1.09 13.09 14.75
CA ILE A 91 -0.36 13.04 14.90
C ILE A 91 -0.74 12.53 16.29
N PRO A 92 -1.69 13.24 16.93
CA PRO A 92 -2.17 12.89 18.26
C PRO A 92 -3.00 11.60 18.26
N PHE A 93 -2.59 10.63 19.07
CA PHE A 93 -3.30 9.36 19.17
C PHE A 93 -4.80 9.54 18.97
N LEU A 94 -5.42 10.32 19.86
CA LEU A 94 -6.85 10.58 19.78
C LEU A 94 -7.32 10.65 18.33
N GLU A 95 -6.56 11.36 17.51
CA GLU A 95 -6.89 11.51 16.09
C GLU A 95 -6.55 10.24 15.32
N ALA A 96 -5.32 9.76 15.49
CA ALA A 96 -4.87 8.55 14.81
C ALA A 96 -5.95 7.49 14.81
N GLN A 97 -6.78 7.49 15.85
CA GLN A 97 -7.86 6.52 15.98
C GLN A 97 -8.91 6.74 14.90
N ARG A 98 -9.28 8.00 14.70
CA ARG A 98 -10.29 8.35 13.69
C ARG A 98 -9.68 8.41 12.30
N ARG A 99 -8.45 7.90 12.17
CA ARG A 99 -7.75 7.90 10.90
C ARG A 99 -7.78 6.52 10.26
N THR A 100 -7.26 6.42 9.04
CA THR A 100 -7.22 5.16 8.32
C THR A 100 -5.90 4.99 7.58
N LEU A 101 -5.35 3.78 7.64
CA LEU A 101 -4.09 3.47 6.97
C LEU A 101 -4.33 2.96 5.55
N LEU A 102 -3.86 3.72 4.56
CA LEU A 102 -4.03 3.35 3.17
C LEU A 102 -2.68 3.26 2.47
N LEU A 103 -2.36 2.09 1.94
CA LEU A 103 -1.10 1.88 1.23
C LEU A 103 -1.34 1.46 -0.21
N THR A 104 -0.76 2.19 -1.15
CA THR A 104 -0.91 1.89 -2.56
C THR A 104 0.38 1.33 -3.16
N VAL A 105 0.25 0.45 -4.13
CA VAL A 105 1.41 -0.15 -4.78
C VAL A 105 1.38 0.08 -6.29
N VAL A 106 2.32 0.89 -6.78
CA VAL A 106 2.40 1.19 -8.20
C VAL A 106 3.70 0.66 -8.80
N ASP A 107 3.71 0.49 -10.12
CA ASP A 107 4.89 -0.01 -10.81
C ASP A 107 5.24 0.89 -11.99
N PHE A 108 6.53 1.21 -12.12
CA PHE A 108 7.01 2.07 -13.20
C PHE A 108 7.47 1.22 -14.39
N ASP A 109 6.64 1.16 -15.42
CA ASP A 109 6.96 0.40 -16.62
C ASP A 109 7.40 1.32 -17.75
N LYS A 110 6.56 2.30 -18.07
CA LYS A 110 6.87 3.25 -19.13
C LYS A 110 5.90 4.43 -19.09
N PHE A 111 6.33 5.57 -19.64
CA PHE A 111 5.50 6.77 -19.68
C PHE A 111 5.04 7.14 -18.27
N SER A 112 5.84 6.77 -17.27
CA SER A 112 5.50 7.06 -15.89
C SER A 112 4.01 6.97 -15.65
N ARG A 113 3.36 6.01 -16.33
CA ARG A 113 1.93 5.82 -16.19
C ARG A 113 1.53 5.71 -14.73
N HIS A 114 0.22 5.68 -14.47
CA HIS A 114 -0.30 5.56 -13.11
C HIS A 114 -1.25 4.38 -12.98
N CYS A 115 -0.74 3.19 -13.28
CA CYS A 115 -1.56 1.98 -13.21
C CYS A 115 -1.27 1.22 -11.91
N VAL A 116 -1.99 1.57 -10.85
CA VAL A 116 -1.81 0.92 -9.57
C VAL A 116 -2.24 -0.54 -9.61
N ILE A 117 -1.46 -1.41 -8.97
CA ILE A 117 -1.76 -2.83 -8.95
C ILE A 117 -2.83 -3.15 -7.92
N GLY A 118 -2.88 -2.36 -6.84
CA GLY A 118 -3.86 -2.57 -5.80
C GLY A 118 -3.67 -1.64 -4.62
N LYS A 119 -4.60 -1.67 -3.69
CA LYS A 119 -4.53 -0.81 -2.51
C LYS A 119 -5.09 -1.53 -1.28
N VAL A 120 -4.59 -1.15 -0.10
CA VAL A 120 -5.03 -1.76 1.15
C VAL A 120 -5.44 -0.70 2.15
N SER A 121 -6.71 -0.74 2.57
CA SER A 121 -7.22 0.22 3.54
C SER A 121 -7.59 -0.47 4.85
N VAL A 122 -7.17 0.12 5.96
CA VAL A 122 -7.46 -0.44 7.27
C VAL A 122 -7.69 0.66 8.30
N PRO A 123 -8.85 0.59 8.99
CA PRO A 123 -9.21 1.58 10.00
C PRO A 123 -8.35 1.48 11.25
N LEU A 124 -7.96 2.62 11.80
CA LEU A 124 -7.13 2.66 13.00
C LEU A 124 -7.97 3.00 14.22
N CYS A 125 -9.27 2.81 14.11
CA CYS A 125 -10.18 3.10 15.22
C CYS A 125 -10.11 2.01 16.28
N GLU A 126 -9.72 0.81 15.86
CA GLU A 126 -9.60 -0.31 16.77
C GLU A 126 -8.20 -0.91 16.73
N VAL A 127 -7.61 -0.94 15.54
CA VAL A 127 -6.27 -1.48 15.36
C VAL A 127 -5.37 -1.13 16.53
N ASP A 128 -4.59 -2.10 16.99
CA ASP A 128 -3.68 -1.89 18.11
C ASP A 128 -2.49 -1.02 17.69
N LEU A 129 -2.57 0.26 18.02
CA LEU A 129 -1.50 1.20 17.68
C LEU A 129 -0.40 1.18 18.73
N VAL A 130 -0.80 1.14 20.00
CA VAL A 130 0.15 1.11 21.10
C VAL A 130 0.89 -0.22 21.17
N LYS A 131 0.25 -1.26 20.63
CA LYS A 131 0.84 -2.60 20.61
C LYS A 131 1.32 -2.96 19.22
N GLY A 132 0.93 -2.17 18.23
CA GLY A 132 1.33 -2.43 16.87
C GLY A 132 0.28 -3.19 16.08
N GLY A 133 0.42 -3.21 14.76
CA GLY A 133 -0.54 -3.91 13.92
C GLY A 133 0.13 -4.65 12.77
N HIS A 134 0.73 -5.79 13.09
CA HIS A 134 1.41 -6.59 12.08
C HIS A 134 0.48 -7.67 11.53
N TRP A 135 0.13 -7.55 10.26
CA TRP A 135 -0.76 -8.51 9.61
C TRP A 135 -0.50 -8.55 8.10
N TRP A 136 -1.24 -9.41 7.41
CA TRP A 136 -1.09 -9.55 5.96
C TRP A 136 -2.45 -9.48 5.28
N LYS A 137 -2.63 -8.48 4.42
CA LYS A 137 -3.88 -8.29 3.70
C LYS A 137 -3.68 -8.53 2.20
N ALA A 138 -4.78 -8.71 1.48
CA ALA A 138 -4.73 -8.94 0.05
C ALA A 138 -5.10 -7.68 -0.73
N LEU A 139 -4.24 -7.30 -1.67
CA LEU A 139 -4.49 -6.10 -2.47
C LEU A 139 -5.79 -6.22 -3.26
N ILE A 140 -6.56 -5.14 -3.28
CA ILE A 140 -7.83 -5.13 -3.99
C ILE A 140 -7.75 -4.24 -5.23
N PRO A 141 -8.55 -4.59 -6.26
CA PRO A 141 -8.59 -3.83 -7.52
C PRO A 141 -9.25 -2.47 -7.35
N SER A 142 -8.43 -1.43 -7.20
CA SER A 142 -8.94 -0.07 -7.03
C SER A 142 -9.80 0.34 -8.21
N GLY A 143 -10.87 1.07 -7.93
CA GLY A 143 -11.76 1.52 -8.99
C GLY A 143 -11.30 2.81 -9.62
N PRO A 144 -11.51 2.95 -10.94
CA PRO A 144 -11.11 4.14 -11.69
C PRO A 144 -11.97 5.35 -11.35
N SER A 145 -11.33 6.39 -10.82
CA SER A 145 -12.03 7.61 -10.44
C SER A 145 -12.43 8.41 -11.67
N SER A 146 -11.45 8.66 -12.55
CA SER A 146 -11.69 9.42 -13.77
C SER A 146 -12.64 8.67 -14.70
N GLY A 147 -12.34 7.39 -14.93
CA GLY A 147 -13.18 6.59 -15.81
C GLY A 147 -13.58 5.27 -15.16
N GLY A 1 -21.65 -1.18 1.89
CA GLY A 1 -21.72 -2.10 0.76
C GLY A 1 -20.85 -3.32 0.97
N SER A 2 -21.48 -4.42 1.35
CA SER A 2 -20.75 -5.67 1.59
C SER A 2 -21.07 -6.70 0.51
N SER A 3 -20.22 -6.75 -0.52
CA SER A 3 -20.42 -7.69 -1.62
C SER A 3 -19.24 -7.62 -2.60
N GLY A 4 -18.90 -8.78 -3.17
CA GLY A 4 -17.81 -8.83 -4.12
C GLY A 4 -17.87 -10.04 -5.03
N SER A 5 -17.11 -11.08 -4.69
CA SER A 5 -17.09 -12.30 -5.48
C SER A 5 -17.24 -11.99 -6.96
N SER A 6 -16.54 -10.95 -7.42
CA SER A 6 -16.59 -10.54 -8.81
C SER A 6 -15.69 -11.43 -9.67
N GLY A 7 -16.09 -11.62 -10.93
CA GLY A 7 -15.31 -12.45 -11.84
C GLY A 7 -14.87 -13.75 -11.19
N SER A 8 -13.57 -13.92 -11.05
CA SER A 8 -13.02 -15.14 -10.45
C SER A 8 -12.31 -14.82 -9.13
N LYS A 9 -11.37 -13.89 -9.18
CA LYS A 9 -10.62 -13.50 -7.99
C LYS A 9 -9.75 -12.28 -8.28
N TYR A 10 -9.39 -11.55 -7.23
CA TYR A 10 -8.56 -10.36 -7.37
C TYR A 10 -7.25 -10.69 -8.08
N GLN A 11 -6.54 -11.69 -7.57
CA GLN A 11 -5.27 -12.10 -8.17
C GLN A 11 -4.29 -10.93 -8.21
N LEU A 12 -4.35 -10.07 -7.20
CA LEU A 12 -3.47 -8.92 -7.13
C LEU A 12 -2.23 -9.22 -6.29
N GLY A 13 -2.41 -10.06 -5.27
CA GLY A 13 -1.31 -10.42 -4.40
C GLY A 13 -1.56 -10.06 -2.96
N MET A 14 -0.50 -9.73 -2.24
CA MET A 14 -0.61 -9.35 -0.82
C MET A 14 0.54 -8.43 -0.42
N LEU A 15 0.21 -7.38 0.33
CA LEU A 15 1.20 -6.43 0.78
C LEU A 15 1.42 -6.54 2.30
N HIS A 16 2.67 -6.50 2.71
CA HIS A 16 3.01 -6.60 4.13
C HIS A 16 3.24 -5.22 4.72
N PHE A 17 2.63 -4.96 5.88
CA PHE A 17 2.76 -3.68 6.56
C PHE A 17 2.45 -3.81 8.05
N SER A 18 2.96 -2.87 8.84
CA SER A 18 2.73 -2.88 10.28
C SER A 18 2.51 -1.46 10.80
N THR A 19 1.44 -1.28 11.57
CA THR A 19 1.11 0.02 12.14
C THR A 19 1.31 0.03 13.65
N GLN A 20 2.24 0.85 14.13
CA GLN A 20 2.51 0.95 15.55
C GLN A 20 2.71 2.41 15.97
N TYR A 21 1.94 2.86 16.94
CA TYR A 21 2.03 4.23 17.43
C TYR A 21 2.87 4.30 18.70
N ASP A 22 3.84 5.20 18.71
CA ASP A 22 4.72 5.36 19.86
C ASP A 22 4.23 6.49 20.76
N LEU A 23 4.04 6.20 22.03
CA LEU A 23 3.58 7.20 22.99
C LEU A 23 4.73 8.06 23.48
N LEU A 24 5.92 7.47 23.55
CA LEU A 24 7.10 8.19 24.00
C LEU A 24 7.26 9.51 23.25
N HIS A 25 7.04 9.47 21.94
CA HIS A 25 7.15 10.66 21.11
C HIS A 25 5.82 11.02 20.48
N ASN A 26 4.74 10.43 21.01
CA ASN A 26 3.41 10.69 20.51
C ASN A 26 3.40 10.77 18.98
N HIS A 27 4.01 9.78 18.35
CA HIS A 27 4.08 9.73 16.88
C HIS A 27 3.68 8.36 16.37
N LEU A 28 3.37 8.28 15.07
CA LEU A 28 2.96 7.03 14.45
C LEU A 28 4.12 6.39 13.70
N THR A 29 4.55 5.23 14.16
CA THR A 29 5.66 4.52 13.52
C THR A 29 5.15 3.49 12.51
N VAL A 30 5.12 3.88 11.24
CA VAL A 30 4.65 3.00 10.19
C VAL A 30 5.82 2.40 9.42
N ARG A 31 6.12 1.13 9.69
CA ARG A 31 7.22 0.44 9.03
C ARG A 31 6.73 -0.30 7.79
N VAL A 32 6.97 0.28 6.63
CA VAL A 32 6.55 -0.32 5.36
C VAL A 32 7.31 -1.61 5.09
N ILE A 33 6.64 -2.74 5.32
CA ILE A 33 7.26 -4.04 5.10
C ILE A 33 7.28 -4.40 3.61
N GLU A 34 8.04 -5.42 3.27
CA GLU A 34 8.15 -5.87 1.88
C GLU A 34 6.85 -6.49 1.41
N ALA A 35 6.85 -7.01 0.18
CA ALA A 35 5.67 -7.64 -0.39
C ALA A 35 6.06 -8.75 -1.37
N ARG A 36 5.06 -9.44 -1.91
CA ARG A 36 5.30 -10.52 -2.85
C ARG A 36 4.00 -10.91 -3.56
N ASP A 37 4.14 -11.64 -4.67
CA ASP A 37 2.99 -12.08 -5.44
C ASP A 37 2.32 -10.90 -6.15
N LEU A 38 3.14 -10.08 -6.81
CA LEU A 38 2.62 -8.92 -7.52
C LEU A 38 2.48 -9.21 -9.02
N PRO A 39 1.50 -8.56 -9.66
CA PRO A 39 1.24 -8.73 -11.09
C PRO A 39 2.34 -8.14 -11.96
N PRO A 40 2.84 -8.94 -12.91
CA PRO A 40 3.90 -8.51 -13.83
C PRO A 40 3.42 -7.46 -14.82
N PRO A 41 4.38 -6.87 -15.56
CA PRO A 41 4.07 -5.84 -16.57
C PRO A 41 3.35 -6.41 -17.77
N ILE A 42 2.02 -6.38 -17.73
CA ILE A 42 1.21 -6.89 -18.82
C ILE A 42 0.00 -5.99 -19.10
N SER A 43 -0.30 -5.77 -20.36
CA SER A 43 -1.42 -4.93 -20.76
C SER A 43 -2.54 -5.76 -21.35
N HIS A 44 -2.29 -6.32 -22.53
CA HIS A 44 -3.29 -7.14 -23.22
C HIS A 44 -2.63 -7.98 -24.31
N ASP A 45 -2.70 -9.30 -24.16
CA ASP A 45 -2.10 -10.21 -25.13
C ASP A 45 -0.68 -9.80 -25.47
N GLY A 46 0.06 -9.36 -24.45
CA GLY A 46 1.43 -8.94 -24.66
C GLY A 46 2.19 -9.88 -25.59
N SER A 47 2.84 -9.31 -26.60
CA SER A 47 3.60 -10.10 -27.56
C SER A 47 4.70 -10.89 -26.87
N ARG A 48 5.56 -10.18 -26.15
CA ARG A 48 6.66 -10.82 -25.45
C ARG A 48 7.36 -9.82 -24.52
N GLN A 49 8.24 -10.34 -23.67
CA GLN A 49 8.97 -9.49 -22.73
C GLN A 49 10.38 -10.04 -22.49
N ASP A 50 11.29 -9.15 -22.11
CA ASP A 50 12.67 -9.54 -21.85
C ASP A 50 12.84 -10.03 -20.42
N MET A 51 12.65 -9.13 -19.46
CA MET A 51 12.77 -9.48 -18.05
C MET A 51 11.45 -9.27 -17.32
N ALA A 52 10.53 -8.59 -17.97
CA ALA A 52 9.21 -8.32 -17.37
C ALA A 52 9.36 -7.68 -16.00
N HIS A 53 10.34 -6.79 -15.86
CA HIS A 53 10.58 -6.11 -14.60
C HIS A 53 10.35 -4.60 -14.73
N SER A 54 10.40 -3.90 -13.61
CA SER A 54 10.19 -2.45 -13.60
C SER A 54 10.62 -1.85 -12.27
N ASN A 55 10.39 -0.55 -12.11
CA ASN A 55 10.74 0.15 -10.89
C ASN A 55 9.51 0.51 -10.08
N PRO A 56 9.02 -0.47 -9.30
CA PRO A 56 7.83 -0.29 -8.45
C PRO A 56 8.09 0.64 -7.28
N TYR A 57 7.02 1.06 -6.60
CA TYR A 57 7.13 1.95 -5.46
C TYR A 57 5.83 2.01 -4.69
N VAL A 58 5.93 1.90 -3.36
CA VAL A 58 4.75 1.94 -2.50
C VAL A 58 4.58 3.32 -1.87
N LYS A 59 3.34 3.75 -1.73
CA LYS A 59 3.04 5.06 -1.14
C LYS A 59 2.30 4.89 0.18
N ILE A 60 2.26 5.96 0.97
CA ILE A 60 1.59 5.94 2.26
C ILE A 60 0.72 7.18 2.45
N CYS A 61 -0.59 6.98 2.48
CA CYS A 61 -1.53 8.09 2.67
C CYS A 61 -2.41 7.85 3.88
N LEU A 62 -2.65 8.92 4.64
CA LEU A 62 -3.49 8.84 5.84
C LEU A 62 -4.83 9.51 5.61
N LEU A 63 -5.82 8.72 5.18
CA LEU A 63 -7.15 9.24 4.92
C LEU A 63 -7.74 9.87 6.18
N PRO A 64 -8.65 10.85 5.98
CA PRO A 64 -9.06 11.29 4.65
C PRO A 64 -7.97 12.04 3.91
N ASP A 65 -7.07 12.64 4.68
CA ASP A 65 -5.96 13.40 4.10
C ASP A 65 -5.33 12.63 2.94
N GLN A 66 -5.41 13.22 1.75
CA GLN A 66 -4.85 12.60 0.56
C GLN A 66 -3.80 13.50 -0.10
N LYS A 67 -4.13 14.79 -0.21
CA LYS A 67 -3.22 15.75 -0.82
C LYS A 67 -1.77 15.40 -0.51
N ASN A 68 -1.42 15.40 0.78
CA ASN A 68 -0.07 15.08 1.21
C ASN A 68 0.14 13.57 1.27
N SER A 69 0.91 13.04 0.32
CA SER A 69 1.18 11.61 0.26
C SER A 69 2.66 11.33 0.52
N LYS A 70 2.94 10.19 1.13
CA LYS A 70 4.32 9.80 1.44
C LYS A 70 4.78 8.70 0.50
N GLN A 71 6.09 8.68 0.22
CA GLN A 71 6.66 7.68 -0.67
C GLN A 71 7.99 7.16 -0.11
N THR A 72 8.26 5.88 -0.33
CA THR A 72 9.49 5.27 0.14
C THR A 72 10.64 5.50 -0.82
N GLY A 73 10.46 5.05 -2.07
CA GLY A 73 11.50 5.23 -3.08
C GLY A 73 11.19 4.48 -4.35
N VAL A 74 12.13 4.49 -5.30
CA VAL A 74 11.95 3.81 -6.57
C VAL A 74 12.84 2.58 -6.65
N LYS A 75 12.23 1.42 -6.86
CA LYS A 75 12.95 0.17 -6.97
C LYS A 75 13.55 0.00 -8.36
N ARG A 76 14.43 -0.98 -8.51
CA ARG A 76 15.07 -1.25 -9.79
C ARG A 76 14.74 -2.66 -10.28
N LYS A 77 13.93 -2.74 -11.34
CA LYS A 77 13.54 -4.03 -11.90
C LYS A 77 13.38 -5.07 -10.80
N THR A 78 12.55 -4.77 -9.81
CA THR A 78 12.31 -5.69 -8.70
C THR A 78 10.87 -6.17 -8.70
N GLN A 79 10.68 -7.46 -8.45
CA GLN A 79 9.34 -8.05 -8.42
C GLN A 79 8.70 -7.86 -7.05
N LYS A 80 9.53 -7.78 -6.01
CA LYS A 80 9.05 -7.59 -4.65
C LYS A 80 9.79 -6.45 -3.96
N PRO A 81 9.09 -5.32 -3.78
CA PRO A 81 9.65 -4.13 -3.13
C PRO A 81 9.90 -4.35 -1.64
N VAL A 82 11.15 -4.65 -1.29
CA VAL A 82 11.52 -4.88 0.10
C VAL A 82 12.21 -3.65 0.70
N PHE A 83 11.43 -2.60 0.95
CA PHE A 83 11.96 -1.38 1.52
C PHE A 83 12.39 -1.58 2.97
N GLU A 84 11.49 -2.14 3.77
CA GLU A 84 11.77 -2.40 5.18
C GLU A 84 12.29 -1.14 5.86
N GLU A 85 11.67 -0.01 5.55
CA GLU A 85 12.08 1.27 6.13
C GLU A 85 11.03 1.76 7.12
N ARG A 86 11.48 2.47 8.15
CA ARG A 86 10.57 3.01 9.17
C ARG A 86 10.23 4.46 8.87
N TYR A 87 9.03 4.87 9.30
CA TYR A 87 8.57 6.24 9.07
C TYR A 87 7.80 6.75 10.28
N THR A 88 7.85 8.06 10.49
CA THR A 88 7.15 8.68 11.61
C THR A 88 6.21 9.78 11.13
N PHE A 89 5.21 10.09 11.94
CA PHE A 89 4.24 11.12 11.61
C PHE A 89 3.73 11.82 12.86
N GLU A 90 4.07 13.10 13.00
CA GLU A 90 3.64 13.88 14.15
C GLU A 90 2.12 14.02 14.18
N ILE A 91 1.46 13.00 14.71
CA ILE A 91 0.00 13.01 14.81
C ILE A 91 -0.46 12.51 16.16
N PRO A 92 -1.39 13.24 16.79
CA PRO A 92 -1.94 12.88 18.10
C PRO A 92 -2.83 11.66 18.03
N PHE A 93 -2.66 10.74 18.99
CA PHE A 93 -3.45 9.52 19.04
C PHE A 93 -4.90 9.79 18.66
N LEU A 94 -5.56 10.66 19.41
CA LEU A 94 -6.95 11.02 19.15
C LEU A 94 -7.23 11.02 17.65
N GLU A 95 -6.35 11.67 16.89
CA GLU A 95 -6.51 11.75 15.44
C GLU A 95 -6.19 10.42 14.78
N ALA A 96 -5.09 9.81 15.21
CA ALA A 96 -4.67 8.52 14.66
C ALA A 96 -5.85 7.56 14.56
N GLN A 97 -6.61 7.44 15.65
CA GLN A 97 -7.76 6.56 15.69
C GLN A 97 -8.74 6.88 14.56
N ARG A 98 -8.95 8.18 14.32
CA ARG A 98 -9.85 8.63 13.27
C ARG A 98 -9.28 8.35 11.89
N ARG A 99 -7.99 8.64 11.72
CA ARG A 99 -7.32 8.43 10.45
C ARG A 99 -7.34 6.96 10.06
N THR A 100 -6.95 6.67 8.83
CA THR A 100 -6.93 5.30 8.33
C THR A 100 -5.68 5.03 7.52
N LEU A 101 -5.09 3.84 7.71
CA LEU A 101 -3.89 3.46 6.98
C LEU A 101 -4.22 2.96 5.58
N LEU A 102 -3.82 3.70 4.57
CA LEU A 102 -4.06 3.32 3.18
C LEU A 102 -2.77 3.25 2.39
N LEU A 103 -2.39 2.04 1.99
CA LEU A 103 -1.17 1.83 1.22
C LEU A 103 -1.50 1.48 -0.22
N THR A 104 -0.88 2.21 -1.16
CA THR A 104 -1.10 1.98 -2.58
C THR A 104 0.19 1.56 -3.27
N VAL A 105 0.12 0.47 -4.04
CA VAL A 105 1.28 -0.03 -4.77
C VAL A 105 1.21 0.33 -6.24
N VAL A 106 1.97 1.35 -6.63
CA VAL A 106 1.99 1.79 -8.02
C VAL A 106 3.34 1.48 -8.67
N ASP A 107 3.29 0.97 -9.89
CA ASP A 107 4.50 0.62 -10.63
C ASP A 107 4.73 1.59 -11.79
N PHE A 108 5.74 2.44 -11.66
CA PHE A 108 6.06 3.41 -12.70
C PHE A 108 7.03 2.82 -13.71
N ASP A 109 6.48 2.22 -14.76
CA ASP A 109 7.31 1.61 -15.81
C ASP A 109 7.92 2.68 -16.70
N LYS A 110 7.09 3.26 -17.57
CA LYS A 110 7.55 4.30 -18.49
C LYS A 110 6.38 4.88 -19.28
N PHE A 111 6.69 5.77 -20.22
CA PHE A 111 5.67 6.39 -21.05
C PHE A 111 4.66 7.16 -20.19
N SER A 112 5.15 7.76 -19.11
CA SER A 112 4.30 8.51 -18.20
C SER A 112 3.03 7.73 -17.86
N ARG A 113 3.18 6.42 -17.74
CA ARG A 113 2.05 5.55 -17.41
C ARG A 113 2.39 4.64 -16.23
N HIS A 114 1.70 4.87 -15.12
CA HIS A 114 1.93 4.08 -13.92
C HIS A 114 0.68 3.29 -13.54
N CYS A 115 0.81 1.97 -13.48
CA CYS A 115 -0.32 1.11 -13.15
C CYS A 115 -0.38 0.87 -11.64
N VAL A 116 -1.55 1.11 -11.05
CA VAL A 116 -1.74 0.92 -9.62
C VAL A 116 -1.93 -0.56 -9.29
N ILE A 117 -0.83 -1.24 -8.99
CA ILE A 117 -0.87 -2.65 -8.65
C ILE A 117 -2.06 -2.96 -7.75
N GLY A 118 -2.15 -2.26 -6.63
CA GLY A 118 -3.25 -2.48 -5.70
C GLY A 118 -3.21 -1.53 -4.53
N LYS A 119 -4.11 -1.74 -3.57
CA LYS A 119 -4.18 -0.90 -2.39
C LYS A 119 -4.82 -1.65 -1.21
N VAL A 120 -4.57 -1.16 0.00
CA VAL A 120 -5.12 -1.78 1.19
C VAL A 120 -5.56 -0.73 2.20
N SER A 121 -6.76 -0.91 2.76
CA SER A 121 -7.29 0.03 3.73
C SER A 121 -7.54 -0.66 5.07
N VAL A 122 -7.43 0.11 6.15
CA VAL A 122 -7.64 -0.43 7.49
C VAL A 122 -7.83 0.68 8.52
N PRO A 123 -8.99 0.66 9.20
CA PRO A 123 -9.30 1.67 10.22
C PRO A 123 -8.44 1.53 11.47
N LEU A 124 -7.65 2.56 11.74
CA LEU A 124 -6.76 2.56 12.91
C LEU A 124 -7.58 2.60 14.20
N CYS A 125 -8.78 3.17 14.12
CA CYS A 125 -9.66 3.27 15.29
C CYS A 125 -9.75 1.93 16.01
N GLU A 126 -9.91 0.86 15.25
CA GLU A 126 -10.01 -0.48 15.82
C GLU A 126 -8.63 -1.09 16.04
N VAL A 127 -7.77 -0.97 15.02
CA VAL A 127 -6.41 -1.50 15.11
C VAL A 127 -5.77 -1.16 16.44
N ASP A 128 -4.77 -1.95 16.82
CA ASP A 128 -4.06 -1.74 18.08
C ASP A 128 -2.77 -0.98 17.84
N LEU A 129 -2.84 0.35 17.87
CA LEU A 129 -1.67 1.19 17.66
C LEU A 129 -0.70 1.09 18.83
N VAL A 130 -1.22 1.27 20.04
CA VAL A 130 -0.41 1.19 21.24
C VAL A 130 0.39 -0.11 21.29
N LYS A 131 -0.31 -1.23 21.16
CA LYS A 131 0.33 -2.54 21.18
C LYS A 131 1.13 -2.77 19.90
N GLY A 132 0.51 -2.46 18.76
CA GLY A 132 1.19 -2.65 17.48
C GLY A 132 0.35 -3.47 16.52
N GLY A 133 0.54 -3.21 15.22
CA GLY A 133 -0.21 -3.94 14.21
C GLY A 133 0.70 -4.62 13.21
N HIS A 134 0.52 -5.92 13.03
CA HIS A 134 1.33 -6.69 12.08
C HIS A 134 0.56 -7.88 11.54
N TRP A 135 0.15 -7.80 10.28
CA TRP A 135 -0.60 -8.87 9.64
C TRP A 135 -0.38 -8.86 8.13
N TRP A 136 -1.01 -9.82 7.45
CA TRP A 136 -0.88 -9.92 6.00
C TRP A 136 -2.25 -9.82 5.32
N LYS A 137 -2.45 -8.77 4.55
CA LYS A 137 -3.71 -8.55 3.85
C LYS A 137 -3.54 -8.76 2.35
N ALA A 138 -4.65 -8.82 1.63
CA ALA A 138 -4.62 -9.02 0.18
C ALA A 138 -5.09 -7.76 -0.55
N LEU A 139 -4.21 -7.20 -1.37
CA LEU A 139 -4.53 -6.00 -2.12
C LEU A 139 -5.87 -6.14 -2.83
N ILE A 140 -6.42 -5.01 -3.29
CA ILE A 140 -7.70 -5.01 -3.98
C ILE A 140 -7.66 -4.10 -5.20
N PRO A 141 -8.49 -4.43 -6.21
CA PRO A 141 -8.56 -3.65 -7.45
C PRO A 141 -9.21 -2.28 -7.23
N SER A 142 -8.37 -1.25 -7.15
CA SER A 142 -8.86 0.11 -6.94
C SER A 142 -9.75 0.56 -8.10
N GLY A 143 -10.63 1.51 -7.82
CA GLY A 143 -11.53 2.00 -8.85
C GLY A 143 -12.80 1.19 -8.95
N PRO A 144 -13.78 1.70 -9.74
CA PRO A 144 -15.06 1.02 -9.93
C PRO A 144 -14.93 -0.25 -10.75
N SER A 145 -15.20 -1.39 -10.12
CA SER A 145 -15.10 -2.69 -10.78
C SER A 145 -16.22 -2.85 -11.81
N SER A 146 -15.90 -2.58 -13.07
CA SER A 146 -16.88 -2.69 -14.15
C SER A 146 -16.89 -4.11 -14.73
N GLY A 147 -18.08 -4.70 -14.81
CA GLY A 147 -18.21 -6.03 -15.35
C GLY A 147 -19.44 -6.75 -14.82
N GLY A 1 -27.87 -0.37 -1.10
CA GLY A 1 -28.19 -1.78 -1.26
C GLY A 1 -26.97 -2.64 -1.47
N SER A 2 -26.93 -3.36 -2.60
CA SER A 2 -25.80 -4.23 -2.92
C SER A 2 -25.02 -3.69 -4.11
N SER A 3 -23.74 -4.02 -4.16
CA SER A 3 -22.88 -3.56 -5.25
C SER A 3 -22.71 -4.66 -6.30
N GLY A 4 -22.44 -5.87 -5.84
CA GLY A 4 -22.27 -6.99 -6.75
C GLY A 4 -20.95 -7.72 -6.54
N SER A 5 -20.07 -7.65 -7.54
CA SER A 5 -18.77 -8.31 -7.46
C SER A 5 -18.94 -9.81 -7.23
N SER A 6 -19.91 -10.40 -7.92
CA SER A 6 -20.18 -11.84 -7.80
C SER A 6 -19.58 -12.60 -8.97
N GLY A 7 -18.31 -12.96 -8.84
CA GLY A 7 -17.64 -13.70 -9.89
C GLY A 7 -16.19 -14.02 -9.56
N SER A 8 -15.28 -13.55 -10.41
CA SER A 8 -13.85 -13.79 -10.20
C SER A 8 -13.34 -13.02 -8.99
N LYS A 9 -12.20 -13.43 -8.46
CA LYS A 9 -11.60 -12.79 -7.30
C LYS A 9 -10.33 -12.05 -7.68
N TYR A 10 -10.32 -10.73 -7.50
CA TYR A 10 -9.17 -9.91 -7.83
C TYR A 10 -7.89 -10.52 -7.27
N GLN A 11 -7.12 -11.17 -8.14
CA GLN A 11 -5.87 -11.81 -7.73
C GLN A 11 -4.70 -10.84 -7.88
N LEU A 12 -4.84 -9.65 -7.29
CA LEU A 12 -3.78 -8.64 -7.36
C LEU A 12 -2.56 -9.08 -6.57
N GLY A 13 -2.78 -9.64 -5.40
CA GLY A 13 -1.68 -10.10 -4.57
C GLY A 13 -1.86 -9.71 -3.11
N MET A 14 -0.74 -9.67 -2.37
CA MET A 14 -0.78 -9.30 -0.96
C MET A 14 0.41 -8.42 -0.60
N LEU A 15 0.20 -7.51 0.33
CA LEU A 15 1.26 -6.60 0.77
C LEU A 15 1.46 -6.69 2.27
N HIS A 16 2.73 -6.66 2.69
CA HIS A 16 3.06 -6.73 4.11
C HIS A 16 3.32 -5.34 4.69
N PHE A 17 2.71 -5.07 5.85
CA PHE A 17 2.87 -3.78 6.50
C PHE A 17 2.56 -3.89 7.99
N SER A 18 3.13 -2.99 8.78
CA SER A 18 2.90 -2.98 10.22
C SER A 18 2.64 -1.56 10.72
N THR A 19 1.47 -1.37 11.33
CA THR A 19 1.08 -0.07 11.86
C THR A 19 1.29 0.00 13.36
N GLN A 20 2.23 0.84 13.78
CA GLN A 20 2.52 1.00 15.20
C GLN A 20 2.69 2.47 15.55
N TYR A 21 2.03 2.90 16.63
CA TYR A 21 2.10 4.28 17.08
C TYR A 21 3.01 4.41 18.29
N ASP A 22 3.82 5.47 18.30
CA ASP A 22 4.73 5.71 19.41
C ASP A 22 4.25 6.88 20.27
N LEU A 23 4.25 6.69 21.58
CA LEU A 23 3.82 7.72 22.51
C LEU A 23 4.97 8.66 22.87
N LEU A 24 6.16 8.09 23.01
CA LEU A 24 7.34 8.87 23.35
C LEU A 24 7.39 10.16 22.54
N HIS A 25 7.08 10.06 21.25
CA HIS A 25 7.08 11.22 20.38
C HIS A 25 5.67 11.56 19.90
N ASN A 26 4.70 10.76 20.35
CA ASN A 26 3.31 10.97 19.97
C ASN A 26 3.16 11.02 18.46
N HIS A 27 3.82 10.10 17.77
CA HIS A 27 3.77 10.03 16.31
C HIS A 27 3.37 8.64 15.85
N LEU A 28 3.05 8.52 14.57
CA LEU A 28 2.66 7.24 13.99
C LEU A 28 3.84 6.57 13.29
N THR A 29 4.27 5.43 13.84
CA THR A 29 5.39 4.69 13.27
C THR A 29 4.91 3.64 12.29
N VAL A 30 4.95 3.96 11.00
CA VAL A 30 4.52 3.04 9.95
C VAL A 30 5.72 2.51 9.17
N ARG A 31 6.07 1.25 9.42
CA ARG A 31 7.19 0.63 8.73
C ARG A 31 6.71 -0.18 7.53
N VAL A 32 7.12 0.24 6.34
CA VAL A 32 6.73 -0.45 5.12
C VAL A 32 7.47 -1.79 4.97
N ILE A 33 6.73 -2.88 5.07
CA ILE A 33 7.31 -4.20 4.94
C ILE A 33 7.29 -4.68 3.49
N GLU A 34 8.05 -5.74 3.22
CA GLU A 34 8.12 -6.29 1.86
C GLU A 34 6.75 -6.82 1.42
N ALA A 35 6.70 -7.39 0.23
CA ALA A 35 5.46 -7.93 -0.31
C ALA A 35 5.74 -9.08 -1.27
N ARG A 36 4.67 -9.64 -1.84
CA ARG A 36 4.81 -10.74 -2.78
C ARG A 36 3.51 -10.94 -3.56
N ASP A 37 3.61 -11.64 -4.69
CA ASP A 37 2.45 -11.89 -5.54
C ASP A 37 2.02 -10.62 -6.27
N LEU A 38 3.00 -9.88 -6.78
CA LEU A 38 2.73 -8.65 -7.51
C LEU A 38 2.79 -8.88 -9.02
N PRO A 39 1.82 -8.32 -9.75
CA PRO A 39 1.74 -8.44 -11.20
C PRO A 39 2.84 -7.65 -11.91
N PRO A 40 3.38 -8.23 -12.99
CA PRO A 40 4.45 -7.59 -13.78
C PRO A 40 3.96 -6.37 -14.54
N PRO A 41 4.90 -5.49 -14.93
CA PRO A 41 4.59 -4.26 -15.66
C PRO A 41 4.14 -4.54 -17.09
N ILE A 42 2.88 -4.90 -17.25
CA ILE A 42 2.32 -5.19 -18.56
C ILE A 42 0.87 -4.73 -18.67
N SER A 43 0.39 -4.57 -19.90
CA SER A 43 -0.98 -4.13 -20.13
C SER A 43 -1.98 -5.19 -19.69
N HIS A 44 -2.00 -6.32 -20.41
CA HIS A 44 -2.91 -7.40 -20.09
C HIS A 44 -2.38 -8.23 -18.92
N ASP A 45 -3.13 -9.26 -18.54
CA ASP A 45 -2.74 -10.12 -17.43
C ASP A 45 -1.93 -11.31 -17.93
N GLY A 46 -0.72 -11.47 -17.39
CA GLY A 46 0.13 -12.57 -17.80
C GLY A 46 0.95 -13.13 -16.65
N SER A 47 1.81 -14.09 -16.94
CA SER A 47 2.65 -14.71 -15.92
C SER A 47 3.96 -13.96 -15.77
N ARG A 48 4.57 -14.08 -14.60
CA ARG A 48 5.83 -13.40 -14.31
C ARG A 48 6.75 -13.45 -15.54
N GLN A 49 7.04 -12.28 -16.10
CA GLN A 49 7.90 -12.19 -17.27
C GLN A 49 9.33 -11.82 -16.85
N ASP A 50 10.29 -12.28 -17.64
CA ASP A 50 11.70 -12.01 -17.37
C ASP A 50 12.21 -10.85 -18.24
N MET A 51 11.62 -10.71 -19.42
CA MET A 51 12.01 -9.64 -20.34
C MET A 51 11.23 -8.37 -20.07
N ALA A 52 11.14 -8.00 -18.79
CA ALA A 52 10.42 -6.79 -18.40
C ALA A 52 10.63 -6.49 -16.92
N HIS A 53 11.41 -5.44 -16.64
CA HIS A 53 11.69 -5.04 -15.27
C HIS A 53 11.05 -3.69 -14.95
N SER A 54 11.11 -3.30 -13.68
CA SER A 54 10.54 -2.04 -13.25
C SER A 54 10.91 -1.74 -11.80
N ASN A 55 10.80 -0.47 -11.41
CA ASN A 55 11.13 -0.05 -10.06
C ASN A 55 9.86 0.27 -9.27
N PRO A 56 9.25 -0.77 -8.68
CA PRO A 56 8.02 -0.63 -7.89
C PRO A 56 8.26 0.08 -6.58
N TYR A 57 7.21 0.68 -6.03
CA TYR A 57 7.32 1.41 -4.77
C TYR A 57 5.97 1.45 -4.05
N VAL A 58 6.01 1.55 -2.72
CA VAL A 58 4.80 1.60 -1.91
C VAL A 58 4.51 3.02 -1.45
N LYS A 59 3.23 3.37 -1.37
CA LYS A 59 2.82 4.70 -0.93
C LYS A 59 2.13 4.63 0.43
N ILE A 60 2.04 5.77 1.10
CA ILE A 60 1.40 5.85 2.40
C ILE A 60 0.52 7.09 2.53
N CYS A 61 -0.78 6.88 2.61
CA CYS A 61 -1.73 7.99 2.74
C CYS A 61 -2.63 7.80 3.95
N LEU A 62 -2.85 8.89 4.69
CA LEU A 62 -3.68 8.85 5.88
C LEU A 62 -5.03 9.50 5.61
N LEU A 63 -6.01 8.69 5.19
CA LEU A 63 -7.35 9.19 4.91
C LEU A 63 -8.00 9.76 6.16
N PRO A 64 -8.95 10.69 5.96
CA PRO A 64 -9.36 11.13 4.63
C PRO A 64 -8.29 11.95 3.94
N ASP A 65 -7.53 12.71 4.73
CA ASP A 65 -6.46 13.55 4.19
C ASP A 65 -5.81 12.89 2.99
N GLN A 66 -5.92 13.53 1.83
CA GLN A 66 -5.34 13.00 0.60
C GLN A 66 -4.18 13.88 0.13
N LYS A 67 -4.41 15.18 0.12
CA LYS A 67 -3.39 16.14 -0.31
C LYS A 67 -1.99 15.64 0.07
N ASN A 68 -1.70 15.65 1.36
CA ASN A 68 -0.41 15.20 1.86
C ASN A 68 -0.25 13.69 1.71
N SER A 69 0.59 13.29 0.77
CA SER A 69 0.82 11.87 0.52
C SER A 69 2.30 11.52 0.72
N LYS A 70 2.55 10.38 1.35
CA LYS A 70 3.92 9.93 1.61
C LYS A 70 4.29 8.80 0.65
N GLN A 71 5.57 8.74 0.28
CA GLN A 71 6.05 7.71 -0.62
C GLN A 71 7.46 7.28 -0.23
N THR A 72 7.74 5.97 -0.36
CA THR A 72 9.06 5.43 -0.02
C THR A 72 10.04 5.65 -1.17
N GLY A 73 11.26 5.15 -0.98
CA GLY A 73 12.28 5.29 -2.01
C GLY A 73 11.98 4.46 -3.23
N VAL A 74 13.03 4.14 -4.00
CA VAL A 74 12.87 3.34 -5.20
C VAL A 74 13.85 2.17 -5.21
N LYS A 75 13.40 1.02 -5.74
CA LYS A 75 14.23 -0.17 -5.80
C LYS A 75 14.49 -0.56 -7.25
N ARG A 76 15.57 -1.30 -7.47
CA ARG A 76 15.95 -1.74 -8.81
C ARG A 76 15.06 -2.90 -9.26
N LYS A 77 15.06 -3.15 -10.57
CA LYS A 77 14.26 -4.23 -11.14
C LYS A 77 14.06 -5.35 -10.12
N THR A 78 12.82 -5.78 -9.95
CA THR A 78 12.49 -6.84 -9.01
C THR A 78 11.01 -7.19 -9.07
N GLN A 79 10.66 -8.35 -8.53
CA GLN A 79 9.28 -8.81 -8.52
C GLN A 79 8.63 -8.53 -7.17
N LYS A 80 9.37 -8.79 -6.09
CA LYS A 80 8.86 -8.57 -4.75
C LYS A 80 9.59 -7.41 -4.08
N PRO A 81 8.89 -6.27 -3.95
CA PRO A 81 9.45 -5.07 -3.33
C PRO A 81 9.64 -5.23 -1.83
N VAL A 82 10.88 -5.04 -1.38
CA VAL A 82 11.21 -5.15 0.04
C VAL A 82 12.14 -4.04 0.49
N PHE A 83 11.61 -3.09 1.25
CA PHE A 83 12.39 -1.96 1.74
C PHE A 83 12.67 -2.11 3.23
N GLU A 84 11.64 -2.45 3.99
CA GLU A 84 11.77 -2.62 5.44
C GLU A 84 12.28 -1.34 6.09
N GLU A 85 11.65 -0.22 5.75
CA GLU A 85 12.04 1.07 6.32
C GLU A 85 11.02 1.57 7.34
N ARG A 86 11.47 2.38 8.27
CA ARG A 86 10.60 2.93 9.31
C ARG A 86 10.27 4.38 9.02
N TYR A 87 8.99 4.73 9.16
CA TYR A 87 8.53 6.08 8.91
C TYR A 87 7.75 6.63 10.12
N THR A 88 7.72 7.96 10.25
CA THR A 88 7.01 8.60 11.34
C THR A 88 6.12 9.72 10.84
N PHE A 89 5.06 10.01 11.59
CA PHE A 89 4.13 11.07 11.22
C PHE A 89 3.61 11.79 12.46
N GLU A 90 3.70 13.12 12.44
CA GLU A 90 3.25 13.94 13.55
C GLU A 90 1.72 13.98 13.61
N ILE A 91 1.13 12.96 14.22
CA ILE A 91 -0.32 12.88 14.36
C ILE A 91 -0.73 12.42 15.75
N PRO A 92 -1.69 13.14 16.34
CA PRO A 92 -2.19 12.82 17.70
C PRO A 92 -3.00 11.53 17.72
N PHE A 93 -2.72 10.69 18.72
CA PHE A 93 -3.43 9.42 18.86
C PHE A 93 -4.90 9.58 18.51
N LEU A 94 -5.62 10.37 19.29
CA LEU A 94 -7.04 10.60 19.06
C LEU A 94 -7.35 10.64 17.57
N GLU A 95 -6.51 11.35 16.82
CA GLU A 95 -6.70 11.46 15.38
C GLU A 95 -6.35 10.16 14.67
N ALA A 96 -5.18 9.61 15.01
CA ALA A 96 -4.73 8.36 14.41
C ALA A 96 -5.87 7.35 14.34
N GLN A 97 -6.62 7.22 15.41
CA GLN A 97 -7.74 6.29 15.47
C GLN A 97 -8.78 6.61 14.40
N ARG A 98 -9.14 7.89 14.31
CA ARG A 98 -10.12 8.34 13.33
C ARG A 98 -9.59 8.17 11.91
N ARG A 99 -8.28 8.30 11.76
CA ARG A 99 -7.65 8.16 10.45
C ARG A 99 -7.50 6.70 10.07
N THR A 100 -7.37 6.43 8.76
CA THR A 100 -7.22 5.08 8.28
C THR A 100 -5.93 4.91 7.49
N LEU A 101 -5.30 3.74 7.63
CA LEU A 101 -4.05 3.46 6.93
C LEU A 101 -4.31 2.92 5.54
N LEU A 102 -4.02 3.72 4.53
CA LEU A 102 -4.23 3.32 3.14
C LEU A 102 -2.90 3.23 2.40
N LEU A 103 -2.45 2.01 2.13
CA LEU A 103 -1.19 1.79 1.42
C LEU A 103 -1.44 1.43 -0.03
N THR A 104 -0.97 2.28 -0.94
CA THR A 104 -1.15 2.05 -2.37
C THR A 104 0.17 1.65 -3.03
N VAL A 105 0.17 0.50 -3.69
CA VAL A 105 1.37 0.00 -4.36
C VAL A 105 1.37 0.40 -5.83
N VAL A 106 2.28 1.29 -6.19
CA VAL A 106 2.39 1.75 -7.57
C VAL A 106 3.71 1.31 -8.20
N ASP A 107 3.70 1.11 -9.51
CA ASP A 107 4.89 0.69 -10.24
C ASP A 107 5.49 1.85 -11.03
N PHE A 108 6.72 2.22 -10.69
CA PHE A 108 7.40 3.32 -11.37
C PHE A 108 8.06 2.83 -12.66
N ASP A 109 7.69 3.45 -13.77
CA ASP A 109 8.24 3.08 -15.07
C ASP A 109 9.40 4.00 -15.46
N LYS A 110 9.91 3.82 -16.67
CA LYS A 110 11.02 4.64 -17.15
C LYS A 110 10.59 5.49 -18.34
N PHE A 111 9.40 5.23 -18.85
CA PHE A 111 8.88 5.97 -19.99
C PHE A 111 7.80 6.95 -19.55
N SER A 112 7.79 7.27 -18.26
CA SER A 112 6.80 8.19 -17.70
C SER A 112 5.43 7.53 -17.61
N ARG A 113 5.42 6.25 -17.29
CA ARG A 113 4.17 5.51 -17.18
C ARG A 113 3.70 5.44 -15.72
N HIS A 114 2.59 4.74 -15.49
CA HIS A 114 2.04 4.60 -14.15
C HIS A 114 1.01 3.48 -14.10
N CYS A 115 0.91 2.82 -12.95
CA CYS A 115 -0.03 1.74 -12.77
C CYS A 115 -0.19 1.37 -11.30
N VAL A 116 -1.43 1.40 -10.81
CA VAL A 116 -1.71 1.08 -9.41
C VAL A 116 -1.95 -0.42 -9.23
N ILE A 117 -1.01 -1.09 -8.58
CA ILE A 117 -1.13 -2.53 -8.34
C ILE A 117 -2.30 -2.83 -7.43
N GLY A 118 -2.52 -1.98 -6.43
CA GLY A 118 -3.61 -2.18 -5.49
C GLY A 118 -3.48 -1.30 -4.25
N LYS A 119 -4.53 -1.28 -3.46
CA LYS A 119 -4.54 -0.48 -2.23
C LYS A 119 -5.14 -1.27 -1.07
N VAL A 120 -4.63 -1.02 0.14
CA VAL A 120 -5.12 -1.71 1.32
C VAL A 120 -5.46 -0.71 2.42
N SER A 121 -6.73 -0.72 2.85
CA SER A 121 -7.19 0.18 3.90
C SER A 121 -7.49 -0.59 5.19
N VAL A 122 -7.36 0.10 6.32
CA VAL A 122 -7.62 -0.52 7.62
C VAL A 122 -7.80 0.54 8.70
N PRO A 123 -8.91 0.44 9.44
CA PRO A 123 -9.22 1.39 10.52
C PRO A 123 -8.29 1.22 11.72
N LEU A 124 -7.66 2.32 12.12
CA LEU A 124 -6.73 2.29 13.25
C LEU A 124 -7.48 2.53 14.57
N CYS A 125 -8.76 2.16 14.59
CA CYS A 125 -9.58 2.32 15.78
C CYS A 125 -9.52 1.09 16.66
N GLU A 126 -9.69 -0.08 16.06
CA GLU A 126 -9.65 -1.33 16.79
C GLU A 126 -8.23 -1.85 16.92
N VAL A 127 -7.47 -1.77 15.83
CA VAL A 127 -6.08 -2.23 15.81
C VAL A 127 -5.29 -1.57 16.93
N ASP A 128 -4.49 -2.37 17.63
CA ASP A 128 -3.67 -1.86 18.72
C ASP A 128 -2.42 -1.17 18.19
N LEU A 129 -2.42 0.16 18.24
CA LEU A 129 -1.28 0.94 17.75
C LEU A 129 -0.11 0.87 18.73
N VAL A 130 -0.26 1.54 19.87
CA VAL A 130 0.78 1.53 20.89
C VAL A 130 1.45 0.17 21.01
N LYS A 131 0.64 -0.88 20.98
CA LYS A 131 1.14 -2.24 21.07
C LYS A 131 1.87 -2.65 19.79
N GLY A 132 1.32 -2.25 18.65
CA GLY A 132 1.94 -2.57 17.37
C GLY A 132 1.06 -3.48 16.52
N GLY A 133 0.96 -3.16 15.23
CA GLY A 133 0.15 -3.96 14.34
C GLY A 133 0.98 -4.63 13.25
N HIS A 134 0.69 -5.89 12.99
CA HIS A 134 1.41 -6.65 11.97
C HIS A 134 0.56 -7.81 11.45
N TRP A 135 0.10 -7.69 10.21
CA TRP A 135 -0.72 -8.71 9.59
C TRP A 135 -0.55 -8.72 8.07
N TRP A 136 -1.23 -9.65 7.41
CA TRP A 136 -1.14 -9.76 5.97
C TRP A 136 -2.52 -9.60 5.33
N LYS A 137 -2.65 -8.65 4.41
CA LYS A 137 -3.91 -8.40 3.73
C LYS A 137 -3.77 -8.61 2.22
N ALA A 138 -4.90 -8.65 1.54
CA ALA A 138 -4.90 -8.83 0.09
C ALA A 138 -5.33 -7.57 -0.64
N LEU A 139 -4.41 -6.96 -1.37
CA LEU A 139 -4.69 -5.73 -2.11
C LEU A 139 -6.03 -5.83 -2.84
N ILE A 140 -6.66 -4.69 -3.06
CA ILE A 140 -7.95 -4.66 -3.76
C ILE A 140 -7.89 -3.73 -4.97
N PRO A 141 -8.72 -4.02 -5.97
CA PRO A 141 -8.78 -3.23 -7.21
C PRO A 141 -9.40 -1.85 -6.97
N SER A 142 -8.57 -0.82 -7.10
CA SER A 142 -9.03 0.55 -6.90
C SER A 142 -9.87 1.02 -8.09
N GLY A 143 -11.05 1.55 -7.80
CA GLY A 143 -11.93 2.03 -8.86
C GLY A 143 -12.78 3.20 -8.41
N PRO A 144 -13.64 3.69 -9.32
CA PRO A 144 -14.54 4.81 -9.03
C PRO A 144 -15.64 4.45 -8.04
N SER A 145 -16.12 5.44 -7.30
CA SER A 145 -17.17 5.23 -6.31
C SER A 145 -18.52 5.05 -6.99
N SER A 146 -18.97 3.80 -7.08
CA SER A 146 -20.25 3.50 -7.70
C SER A 146 -20.35 4.15 -9.07
N GLY A 147 -19.26 4.10 -9.83
CA GLY A 147 -19.25 4.69 -11.16
C GLY A 147 -19.27 3.65 -12.26
N GLY A 1 -22.61 7.53 -12.39
CA GLY A 1 -22.03 6.76 -11.31
C GLY A 1 -22.08 5.26 -11.56
N SER A 2 -20.92 4.62 -11.56
CA SER A 2 -20.84 3.18 -11.80
C SER A 2 -19.79 2.55 -10.89
N SER A 3 -20.13 1.37 -10.36
CA SER A 3 -19.22 0.65 -9.47
C SER A 3 -19.10 -0.82 -9.88
N GLY A 4 -18.19 -1.53 -9.23
CA GLY A 4 -17.99 -2.94 -9.55
C GLY A 4 -17.45 -3.73 -8.36
N SER A 5 -16.20 -4.14 -8.47
CA SER A 5 -15.55 -4.91 -7.40
C SER A 5 -16.36 -6.17 -7.09
N SER A 6 -16.84 -6.84 -8.14
CA SER A 6 -17.62 -8.06 -7.97
C SER A 6 -16.82 -9.28 -8.40
N GLY A 7 -16.97 -10.37 -7.64
CA GLY A 7 -16.25 -11.59 -7.95
C GLY A 7 -15.94 -12.40 -6.71
N SER A 8 -16.02 -13.72 -6.83
CA SER A 8 -15.75 -14.61 -5.70
C SER A 8 -14.60 -14.07 -4.85
N LYS A 9 -13.53 -13.65 -5.52
CA LYS A 9 -12.36 -13.12 -4.83
C LYS A 9 -11.44 -12.39 -5.80
N TYR A 10 -10.65 -11.46 -5.28
CA TYR A 10 -9.73 -10.68 -6.11
C TYR A 10 -8.36 -11.37 -6.17
N GLN A 11 -7.67 -11.18 -7.29
CA GLN A 11 -6.35 -11.78 -7.48
C GLN A 11 -5.33 -10.71 -7.88
N LEU A 12 -4.92 -9.91 -6.91
CA LEU A 12 -3.94 -8.85 -7.14
C LEU A 12 -2.63 -9.15 -6.42
N GLY A 13 -2.74 -9.67 -5.20
CA GLY A 13 -1.56 -9.98 -4.43
C GLY A 13 -1.71 -9.64 -2.96
N MET A 14 -0.59 -9.46 -2.27
CA MET A 14 -0.62 -9.13 -0.84
C MET A 14 0.56 -8.22 -0.49
N LEU A 15 0.37 -7.38 0.53
CA LEU A 15 1.40 -6.47 0.97
C LEU A 15 1.62 -6.58 2.48
N HIS A 16 2.89 -6.59 2.88
CA HIS A 16 3.23 -6.69 4.31
C HIS A 16 3.49 -5.32 4.91
N PHE A 17 2.88 -5.05 6.05
CA PHE A 17 3.04 -3.77 6.72
C PHE A 17 2.72 -3.89 8.21
N SER A 18 3.23 -2.95 9.00
CA SER A 18 3.01 -2.95 10.44
C SER A 18 2.73 -1.54 10.94
N THR A 19 1.57 -1.36 11.58
CA THR A 19 1.18 -0.06 12.10
C THR A 19 1.34 -0.02 13.62
N GLN A 20 2.24 0.82 14.10
CA GLN A 20 2.48 0.95 15.54
C GLN A 20 2.69 2.41 15.92
N TYR A 21 1.92 2.88 16.89
CA TYR A 21 2.02 4.26 17.36
C TYR A 21 2.97 4.37 18.54
N ASP A 22 3.95 5.26 18.41
CA ASP A 22 4.93 5.48 19.47
C ASP A 22 4.38 6.41 20.55
N LEU A 23 4.32 5.91 21.78
CA LEU A 23 3.82 6.71 22.90
C LEU A 23 4.90 7.63 23.44
N LEU A 24 6.16 7.22 23.28
CA LEU A 24 7.29 8.01 23.77
C LEU A 24 7.46 9.27 22.93
N HIS A 25 7.52 9.10 21.62
CA HIS A 25 7.69 10.23 20.70
C HIS A 25 6.33 10.83 20.34
N ASN A 26 5.27 10.24 20.85
CA ASN A 26 3.91 10.72 20.59
C ASN A 26 3.69 10.91 19.09
N HIS A 27 4.03 9.89 18.31
CA HIS A 27 3.85 9.94 16.87
C HIS A 27 3.48 8.57 16.30
N LEU A 28 3.11 8.54 15.04
CA LEU A 28 2.72 7.30 14.38
C LEU A 28 3.90 6.70 13.60
N THR A 29 4.36 5.54 14.05
CA THR A 29 5.48 4.86 13.41
C THR A 29 4.99 3.83 12.41
N VAL A 30 4.99 4.20 11.13
CA VAL A 30 4.55 3.29 10.08
C VAL A 30 5.72 2.73 9.30
N ARG A 31 6.06 1.47 9.57
CA ARG A 31 7.18 0.81 8.89
C ARG A 31 6.68 -0.04 7.74
N VAL A 32 7.18 0.25 6.54
CA VAL A 32 6.79 -0.50 5.34
C VAL A 32 7.59 -1.79 5.22
N ILE A 33 6.88 -2.91 5.07
CA ILE A 33 7.52 -4.21 4.94
C ILE A 33 7.47 -4.70 3.50
N GLU A 34 8.27 -5.71 3.19
CA GLU A 34 8.30 -6.29 1.86
C GLU A 34 6.96 -6.92 1.49
N ALA A 35 6.74 -7.15 0.20
CA ALA A 35 5.51 -7.75 -0.27
C ALA A 35 5.79 -8.88 -1.26
N ARG A 36 4.73 -9.50 -1.76
CA ARG A 36 4.87 -10.60 -2.72
C ARG A 36 3.54 -10.87 -3.42
N ASP A 37 3.60 -11.66 -4.49
CA ASP A 37 2.40 -12.00 -5.24
C ASP A 37 1.90 -10.80 -6.03
N LEU A 38 2.82 -9.96 -6.48
CA LEU A 38 2.47 -8.77 -7.25
C LEU A 38 2.60 -9.04 -8.75
N PRO A 39 1.67 -8.48 -9.54
CA PRO A 39 1.67 -8.63 -11.00
C PRO A 39 2.82 -7.88 -11.66
N PRO A 40 3.55 -8.57 -12.54
CA PRO A 40 4.68 -7.99 -13.26
C PRO A 40 4.25 -6.96 -14.29
N PRO A 41 5.22 -6.21 -14.84
CA PRO A 41 4.95 -5.17 -15.84
C PRO A 41 4.53 -5.76 -17.18
N ILE A 42 3.25 -6.10 -17.29
CA ILE A 42 2.71 -6.66 -18.53
C ILE A 42 1.43 -5.96 -18.95
N SER A 43 1.31 -5.69 -20.25
CA SER A 43 0.14 -5.01 -20.78
C SER A 43 -0.88 -6.02 -21.30
N HIS A 44 -2.07 -5.53 -21.64
CA HIS A 44 -3.12 -6.39 -22.16
C HIS A 44 -2.57 -7.38 -23.19
N ASP A 45 -1.70 -6.89 -24.06
CA ASP A 45 -1.09 -7.72 -25.09
C ASP A 45 -0.50 -8.98 -24.49
N GLY A 46 0.39 -8.80 -23.51
CA GLY A 46 1.03 -9.93 -22.86
C GLY A 46 2.37 -10.27 -23.46
N SER A 47 3.40 -9.53 -23.04
CA SER A 47 4.75 -9.75 -23.55
C SER A 47 5.49 -10.76 -22.68
N ARG A 48 6.71 -11.09 -23.10
CA ARG A 48 7.54 -12.06 -22.38
C ARG A 48 7.36 -11.88 -20.87
N GLN A 49 6.86 -12.92 -20.21
CA GLN A 49 6.64 -12.88 -18.77
C GLN A 49 7.94 -13.19 -18.02
N ASP A 50 8.54 -14.33 -18.33
CA ASP A 50 9.78 -14.74 -17.68
C ASP A 50 10.65 -13.52 -17.37
N MET A 51 11.10 -12.83 -18.42
CA MET A 51 11.95 -11.66 -18.24
C MET A 51 11.09 -10.39 -18.14
N ALA A 52 10.66 -10.09 -16.92
CA ALA A 52 9.84 -8.91 -16.68
C ALA A 52 10.17 -8.28 -15.32
N HIS A 53 10.59 -7.02 -15.35
CA HIS A 53 10.93 -6.30 -14.12
C HIS A 53 10.58 -4.82 -14.24
N SER A 54 10.55 -4.14 -13.10
CA SER A 54 10.22 -2.72 -13.07
C SER A 54 10.64 -2.08 -11.76
N ASN A 55 10.39 -0.79 -11.62
CA ASN A 55 10.75 -0.06 -10.40
C ASN A 55 9.51 0.28 -9.60
N PRO A 56 8.96 -0.71 -8.89
CA PRO A 56 7.76 -0.54 -8.07
C PRO A 56 8.03 0.31 -6.83
N TYR A 57 6.96 0.68 -6.13
CA TYR A 57 7.08 1.50 -4.94
C TYR A 57 5.75 1.63 -4.22
N VAL A 58 5.76 1.44 -2.91
CA VAL A 58 4.55 1.55 -2.10
C VAL A 58 4.37 2.94 -1.53
N LYS A 59 3.14 3.45 -1.57
CA LYS A 59 2.84 4.78 -1.05
C LYS A 59 2.15 4.69 0.31
N ILE A 60 2.22 5.78 1.07
CA ILE A 60 1.60 5.83 2.39
C ILE A 60 0.81 7.11 2.59
N CYS A 61 -0.31 7.02 3.29
CA CYS A 61 -1.15 8.18 3.55
C CYS A 61 -2.21 7.85 4.60
N LEU A 62 -2.83 8.89 5.16
CA LEU A 62 -3.86 8.72 6.17
C LEU A 62 -5.16 9.40 5.75
N LEU A 63 -6.07 8.63 5.17
CA LEU A 63 -7.34 9.18 4.72
C LEU A 63 -8.11 9.79 5.88
N PRO A 64 -9.01 10.73 5.57
CA PRO A 64 -9.26 11.17 4.18
C PRO A 64 -8.09 11.95 3.61
N ASP A 65 -7.43 12.74 4.44
CA ASP A 65 -6.30 13.55 4.02
C ASP A 65 -5.45 12.78 3.00
N GLN A 66 -5.45 13.25 1.76
CA GLN A 66 -4.68 12.62 0.70
C GLN A 66 -3.33 13.31 0.51
N LYS A 67 -3.31 14.62 0.71
CA LYS A 67 -2.09 15.39 0.57
C LYS A 67 -1.11 15.08 1.69
N ASN A 68 0.00 15.81 1.73
CA ASN A 68 1.02 15.61 2.75
C ASN A 68 1.30 14.12 2.96
N SER A 69 1.07 13.33 1.91
CA SER A 69 1.30 11.90 1.98
C SER A 69 2.75 11.55 1.67
N LYS A 70 3.19 10.38 2.10
CA LYS A 70 4.56 9.93 1.87
C LYS A 70 4.61 8.88 0.77
N GLN A 71 5.82 8.43 0.44
CA GLN A 71 6.00 7.42 -0.60
C GLN A 71 7.39 6.79 -0.50
N THR A 72 7.44 5.47 -0.55
CA THR A 72 8.70 4.74 -0.48
C THR A 72 9.57 5.01 -1.70
N GLY A 73 10.88 4.95 -1.51
CA GLY A 73 11.80 5.19 -2.61
C GLY A 73 11.62 4.20 -3.74
N VAL A 74 12.09 4.56 -4.93
CA VAL A 74 11.99 3.69 -6.10
C VAL A 74 12.97 2.53 -6.01
N LYS A 75 12.47 1.31 -6.15
CA LYS A 75 13.30 0.12 -6.10
C LYS A 75 13.84 -0.23 -7.48
N ARG A 76 14.79 -1.16 -7.52
CA ARG A 76 15.38 -1.59 -8.79
C ARG A 76 14.55 -2.69 -9.43
N LYS A 77 14.76 -2.90 -10.73
CA LYS A 77 14.03 -3.92 -11.47
C LYS A 77 13.80 -5.17 -10.61
N THR A 78 12.54 -5.44 -10.30
CA THR A 78 12.19 -6.60 -9.48
C THR A 78 10.67 -6.76 -9.37
N GLN A 79 10.24 -7.96 -9.04
CA GLN A 79 8.81 -8.25 -8.90
C GLN A 79 8.34 -8.01 -7.47
N LYS A 80 9.12 -8.50 -6.50
CA LYS A 80 8.79 -8.34 -5.09
C LYS A 80 9.63 -7.24 -4.45
N PRO A 81 9.00 -6.08 -4.21
CA PRO A 81 9.67 -4.93 -3.60
C PRO A 81 10.02 -5.17 -2.13
N VAL A 82 11.22 -4.78 -1.73
CA VAL A 82 11.67 -4.95 -0.36
C VAL A 82 12.35 -3.69 0.16
N PHE A 83 11.57 -2.86 0.85
CA PHE A 83 12.08 -1.61 1.40
C PHE A 83 12.47 -1.78 2.86
N GLU A 84 11.50 -2.16 3.69
CA GLU A 84 11.74 -2.36 5.11
C GLU A 84 12.21 -1.07 5.77
N GLU A 85 11.62 0.05 5.37
CA GLU A 85 11.97 1.35 5.92
C GLU A 85 10.93 1.82 6.93
N ARG A 86 11.36 2.65 7.86
CA ARG A 86 10.47 3.18 8.89
C ARG A 86 10.09 4.63 8.60
N TYR A 87 8.89 5.02 8.99
CA TYR A 87 8.41 6.37 8.76
C TYR A 87 7.69 6.91 9.99
N THR A 88 7.67 8.24 10.14
CA THR A 88 7.01 8.87 11.28
C THR A 88 6.06 9.96 10.81
N PHE A 89 5.17 10.38 11.70
CA PHE A 89 4.20 11.42 11.40
C PHE A 89 3.69 12.10 12.66
N GLU A 90 3.78 13.42 12.70
CA GLU A 90 3.33 14.18 13.86
C GLU A 90 1.81 14.22 13.93
N ILE A 91 1.22 13.16 14.49
CA ILE A 91 -0.23 13.07 14.61
C ILE A 91 -0.63 12.52 15.98
N PRO A 92 -1.59 13.19 16.62
CA PRO A 92 -2.08 12.79 17.94
C PRO A 92 -2.89 11.50 17.89
N PHE A 93 -2.61 10.59 18.82
CA PHE A 93 -3.31 9.31 18.88
C PHE A 93 -4.79 9.49 18.56
N LEU A 94 -5.40 10.51 19.14
CA LEU A 94 -6.82 10.79 18.92
C LEU A 94 -7.16 10.73 17.44
N GLU A 95 -6.39 11.47 16.63
CA GLU A 95 -6.62 11.49 15.19
C GLU A 95 -6.37 10.11 14.58
N ALA A 96 -5.19 9.56 14.83
CA ALA A 96 -4.83 8.25 14.30
C ALA A 96 -6.02 7.31 14.31
N GLN A 97 -6.74 7.29 15.42
CA GLN A 97 -7.91 6.43 15.57
C GLN A 97 -8.89 6.65 14.42
N ARG A 98 -9.34 7.89 14.25
CA ARG A 98 -10.28 8.23 13.19
C ARG A 98 -9.62 8.08 11.82
N ARG A 99 -8.30 8.24 11.78
CA ARG A 99 -7.55 8.13 10.53
C ARG A 99 -7.47 6.68 10.08
N THR A 100 -7.61 6.46 8.77
CA THR A 100 -7.55 5.12 8.20
C THR A 100 -6.23 4.90 7.45
N LEU A 101 -5.51 3.85 7.84
CA LEU A 101 -4.23 3.53 7.20
C LEU A 101 -4.45 3.12 5.75
N LEU A 102 -3.91 3.91 4.84
CA LEU A 102 -4.04 3.62 3.41
C LEU A 102 -2.67 3.38 2.77
N LEU A 103 -2.50 2.20 2.18
CA LEU A 103 -1.24 1.84 1.54
C LEU A 103 -1.47 1.37 0.11
N THR A 104 -1.22 2.26 -0.86
CA THR A 104 -1.40 1.92 -2.26
C THR A 104 -0.07 1.57 -2.92
N VAL A 105 -0.04 0.44 -3.61
CA VAL A 105 1.17 -0.02 -4.30
C VAL A 105 1.13 0.35 -5.78
N VAL A 106 1.88 1.38 -6.14
CA VAL A 106 1.94 1.83 -7.53
C VAL A 106 3.25 1.41 -8.19
N ASP A 107 3.16 0.87 -9.39
CA ASP A 107 4.34 0.44 -10.12
C ASP A 107 4.76 1.49 -11.15
N PHE A 108 6.05 1.81 -11.16
CA PHE A 108 6.58 2.80 -12.09
C PHE A 108 6.78 2.19 -13.48
N ASP A 109 6.02 2.70 -14.45
CA ASP A 109 6.11 2.20 -15.82
C ASP A 109 7.31 2.81 -16.53
N LYS A 110 7.47 2.47 -17.81
CA LYS A 110 8.58 2.98 -18.60
C LYS A 110 8.09 3.98 -19.66
N PHE A 111 6.97 3.64 -20.29
CA PHE A 111 6.39 4.50 -21.32
C PHE A 111 5.60 5.64 -20.69
N SER A 112 6.21 6.30 -19.70
CA SER A 112 5.56 7.41 -19.01
C SER A 112 4.09 7.11 -18.77
N ARG A 113 3.81 5.91 -18.27
CA ARG A 113 2.44 5.50 -17.99
C ARG A 113 2.21 5.33 -16.49
N HIS A 114 0.95 5.32 -16.08
CA HIS A 114 0.60 5.16 -14.68
C HIS A 114 -0.42 4.05 -14.49
N CYS A 115 -0.22 3.24 -13.45
CA CYS A 115 -1.13 2.13 -13.16
C CYS A 115 -1.16 1.83 -11.67
N VAL A 116 -2.37 1.64 -11.13
CA VAL A 116 -2.54 1.36 -9.72
C VAL A 116 -2.89 -0.11 -9.50
N ILE A 117 -1.87 -0.95 -9.35
CA ILE A 117 -2.07 -2.37 -9.14
C ILE A 117 -3.17 -2.62 -8.11
N GLY A 118 -2.95 -2.11 -6.89
CA GLY A 118 -3.93 -2.29 -5.84
C GLY A 118 -3.70 -1.35 -4.66
N LYS A 119 -4.55 -1.46 -3.64
CA LYS A 119 -4.42 -0.61 -2.47
C LYS A 119 -5.00 -1.31 -1.24
N VAL A 120 -4.50 -0.94 -0.06
CA VAL A 120 -4.97 -1.53 1.18
C VAL A 120 -5.47 -0.46 2.14
N SER A 121 -6.65 -0.69 2.73
CA SER A 121 -7.23 0.26 3.67
C SER A 121 -7.65 -0.44 4.96
N VAL A 122 -7.02 -0.05 6.07
CA VAL A 122 -7.32 -0.64 7.37
C VAL A 122 -7.54 0.44 8.42
N PRO A 123 -8.69 0.37 9.11
CA PRO A 123 -9.05 1.33 10.15
C PRO A 123 -8.18 1.20 11.40
N LEU A 124 -7.58 2.30 11.82
CA LEU A 124 -6.72 2.30 12.99
C LEU A 124 -7.48 2.75 14.23
N CYS A 125 -8.79 2.54 14.22
CA CYS A 125 -9.64 2.92 15.34
C CYS A 125 -9.86 1.74 16.29
N GLU A 126 -9.49 0.55 15.83
CA GLU A 126 -9.65 -0.66 16.62
C GLU A 126 -8.32 -1.41 16.76
N VAL A 127 -7.50 -1.34 15.71
CA VAL A 127 -6.21 -2.01 15.69
C VAL A 127 -5.35 -1.55 16.87
N ASP A 128 -4.68 -2.50 17.52
CA ASP A 128 -3.83 -2.20 18.66
C ASP A 128 -2.61 -1.40 18.22
N LEU A 129 -2.73 -0.07 18.24
CA LEU A 129 -1.65 0.80 17.85
C LEU A 129 -0.57 0.86 18.93
N VAL A 130 -0.92 1.41 20.08
CA VAL A 130 0.02 1.52 21.20
C VAL A 130 0.86 0.25 21.33
N LYS A 131 0.21 -0.91 21.16
CA LYS A 131 0.90 -2.18 21.26
C LYS A 131 1.59 -2.53 19.95
N GLY A 132 1.05 -2.04 18.84
CA GLY A 132 1.63 -2.31 17.55
C GLY A 132 0.73 -3.16 16.67
N GLY A 133 0.98 -3.12 15.36
CA GLY A 133 0.18 -3.90 14.43
C GLY A 133 1.02 -4.61 13.38
N HIS A 134 0.74 -5.88 13.16
CA HIS A 134 1.47 -6.67 12.19
C HIS A 134 0.62 -7.82 11.66
N TRP A 135 0.20 -7.72 10.40
CA TRP A 135 -0.62 -8.75 9.79
C TRP A 135 -0.42 -8.77 8.28
N TRP A 136 -1.11 -9.68 7.60
CA TRP A 136 -1.02 -9.81 6.15
C TRP A 136 -2.38 -9.64 5.50
N LYS A 137 -2.48 -8.67 4.60
CA LYS A 137 -3.74 -8.39 3.90
C LYS A 137 -3.57 -8.60 2.39
N ALA A 138 -4.67 -8.45 1.66
CA ALA A 138 -4.65 -8.62 0.21
C ALA A 138 -5.00 -7.31 -0.49
N LEU A 139 -4.33 -7.05 -1.61
CA LEU A 139 -4.57 -5.84 -2.38
C LEU A 139 -5.91 -5.91 -3.10
N ILE A 140 -6.62 -4.78 -3.14
CA ILE A 140 -7.91 -4.71 -3.80
C ILE A 140 -7.86 -3.80 -5.01
N PRO A 141 -8.71 -4.10 -6.02
CA PRO A 141 -8.78 -3.31 -7.25
C PRO A 141 -9.38 -1.93 -7.02
N SER A 142 -8.51 -0.92 -7.00
CA SER A 142 -8.94 0.46 -6.79
C SER A 142 -9.89 0.91 -7.89
N GLY A 143 -10.99 1.56 -7.50
CA GLY A 143 -11.96 2.02 -8.47
C GLY A 143 -11.52 3.29 -9.17
N PRO A 144 -12.00 3.49 -10.40
CA PRO A 144 -11.66 4.67 -11.21
C PRO A 144 -12.27 5.95 -10.65
N SER A 145 -11.42 6.93 -10.35
CA SER A 145 -11.88 8.20 -9.80
C SER A 145 -10.72 9.18 -9.67
N SER A 146 -11.00 10.45 -9.94
CA SER A 146 -9.98 11.49 -9.86
C SER A 146 -9.41 11.59 -8.44
N GLY A 147 -8.11 11.88 -8.36
CA GLY A 147 -7.46 11.99 -7.07
C GLY A 147 -7.53 10.70 -6.28
N GLY A 1 -18.25 -2.01 -6.13
CA GLY A 1 -19.20 -2.55 -5.16
C GLY A 1 -18.83 -3.96 -4.73
N SER A 2 -19.52 -4.94 -5.31
CA SER A 2 -19.26 -6.34 -4.97
C SER A 2 -19.65 -7.25 -6.13
N SER A 3 -19.13 -8.48 -6.10
CA SER A 3 -19.42 -9.45 -7.16
C SER A 3 -20.39 -10.51 -6.67
N GLY A 4 -21.32 -10.90 -7.55
CA GLY A 4 -22.31 -11.89 -7.19
C GLY A 4 -22.37 -13.03 -8.18
N SER A 5 -22.99 -12.78 -9.33
CA SER A 5 -23.13 -13.79 -10.38
C SER A 5 -21.77 -14.40 -10.72
N SER A 6 -20.77 -13.54 -10.88
CA SER A 6 -19.42 -13.99 -11.21
C SER A 6 -18.67 -14.41 -9.95
N GLY A 7 -18.64 -13.53 -8.95
CA GLY A 7 -17.95 -13.84 -7.72
C GLY A 7 -16.53 -14.33 -7.95
N SER A 8 -15.58 -13.40 -8.07
CA SER A 8 -14.19 -13.76 -8.29
C SER A 8 -13.28 -13.06 -7.28
N LYS A 9 -12.17 -13.72 -6.95
CA LYS A 9 -11.22 -13.17 -5.99
C LYS A 9 -10.32 -12.13 -6.65
N TYR A 10 -9.93 -11.12 -5.87
CA TYR A 10 -9.07 -10.06 -6.39
C TYR A 10 -7.89 -10.64 -7.16
N GLN A 11 -7.10 -11.47 -6.49
CA GLN A 11 -5.93 -12.08 -7.12
C GLN A 11 -4.91 -11.03 -7.54
N LEU A 12 -4.74 -10.01 -6.70
CA LEU A 12 -3.80 -8.94 -6.98
C LEU A 12 -2.45 -9.21 -6.32
N GLY A 13 -2.49 -9.65 -5.07
CA GLY A 13 -1.26 -9.95 -4.35
C GLY A 13 -1.39 -9.71 -2.86
N MET A 14 -0.26 -9.51 -2.19
CA MET A 14 -0.25 -9.27 -0.75
C MET A 14 0.92 -8.38 -0.35
N LEU A 15 0.70 -7.51 0.62
CA LEU A 15 1.74 -6.60 1.10
C LEU A 15 1.97 -6.76 2.60
N HIS A 16 3.23 -6.86 3.00
CA HIS A 16 3.58 -7.01 4.41
C HIS A 16 3.86 -5.66 5.04
N PHE A 17 3.19 -5.39 6.16
CA PHE A 17 3.37 -4.13 6.87
C PHE A 17 2.92 -4.25 8.32
N SER A 18 3.18 -3.21 9.11
CA SER A 18 2.81 -3.21 10.52
C SER A 18 2.53 -1.79 11.00
N THR A 19 1.42 -1.63 11.71
CA THR A 19 1.03 -0.32 12.23
C THR A 19 1.26 -0.24 13.73
N GLN A 20 2.16 0.66 14.14
CA GLN A 20 2.47 0.84 15.56
C GLN A 20 2.63 2.32 15.90
N TYR A 21 1.80 2.81 16.80
CA TYR A 21 1.85 4.21 17.21
C TYR A 21 2.77 4.39 18.42
N ASP A 22 3.63 5.40 18.36
CA ASP A 22 4.56 5.68 19.44
C ASP A 22 4.03 6.80 20.34
N LEU A 23 4.02 6.57 21.63
CA LEU A 23 3.55 7.56 22.59
C LEU A 23 4.65 8.53 22.98
N LEU A 24 5.86 8.00 23.15
CA LEU A 24 7.01 8.82 23.51
C LEU A 24 7.02 10.12 22.71
N HIS A 25 6.75 10.03 21.42
CA HIS A 25 6.72 11.19 20.55
C HIS A 25 5.31 11.50 20.07
N ASN A 26 4.38 10.59 20.38
CA ASN A 26 2.99 10.75 19.99
C ASN A 26 2.85 10.78 18.47
N HIS A 27 3.65 9.97 17.79
CA HIS A 27 3.61 9.89 16.34
C HIS A 27 3.21 8.49 15.87
N LEU A 28 2.94 8.37 14.58
CA LEU A 28 2.54 7.09 14.01
C LEU A 28 3.71 6.44 13.26
N THR A 29 4.14 5.28 13.75
CA THR A 29 5.25 4.56 13.14
C THR A 29 4.74 3.48 12.20
N VAL A 30 4.71 3.79 10.90
CA VAL A 30 4.25 2.84 9.89
C VAL A 30 5.43 2.20 9.16
N ARG A 31 5.74 0.96 9.53
CA ARG A 31 6.84 0.24 8.90
C ARG A 31 6.35 -0.59 7.73
N VAL A 32 6.70 -0.16 6.52
CA VAL A 32 6.30 -0.87 5.31
C VAL A 32 7.25 -2.01 4.99
N ILE A 33 6.83 -3.23 5.30
CA ILE A 33 7.65 -4.41 5.05
C ILE A 33 7.55 -4.84 3.59
N GLU A 34 8.49 -5.68 3.16
CA GLU A 34 8.51 -6.17 1.78
C GLU A 34 7.17 -6.81 1.42
N ALA A 35 7.04 -7.18 0.14
CA ALA A 35 5.81 -7.79 -0.33
C ALA A 35 6.09 -8.76 -1.48
N ARG A 36 5.05 -9.45 -1.95
CA ARG A 36 5.19 -10.40 -3.04
C ARG A 36 3.86 -10.63 -3.74
N ASP A 37 3.90 -11.35 -4.86
CA ASP A 37 2.69 -11.64 -5.63
C ASP A 37 2.19 -10.38 -6.33
N LEU A 38 3.12 -9.61 -6.88
CA LEU A 38 2.76 -8.37 -7.58
C LEU A 38 2.76 -8.60 -9.09
N PRO A 39 1.66 -8.19 -9.74
CA PRO A 39 1.50 -8.32 -11.19
C PRO A 39 2.43 -7.40 -11.97
N PRO A 40 2.81 -7.82 -13.18
CA PRO A 40 3.70 -7.05 -14.05
C PRO A 40 3.03 -5.79 -14.59
N PRO A 41 3.83 -4.91 -15.21
CA PRO A 41 3.34 -3.65 -15.79
C PRO A 41 2.47 -3.88 -17.02
N ILE A 42 1.21 -4.24 -16.80
CA ILE A 42 0.28 -4.49 -17.89
C ILE A 42 -0.92 -3.53 -17.83
N SER A 43 -1.40 -3.11 -18.99
CA SER A 43 -2.52 -2.20 -19.08
C SER A 43 -3.63 -2.77 -19.95
N HIS A 44 -3.25 -3.24 -21.15
CA HIS A 44 -4.20 -3.82 -22.08
C HIS A 44 -4.01 -5.33 -22.18
N ASP A 45 -2.85 -5.74 -22.68
CA ASP A 45 -2.54 -7.16 -22.85
C ASP A 45 -1.32 -7.54 -22.03
N GLY A 46 -1.21 -8.82 -21.68
CA GLY A 46 -0.08 -9.29 -20.91
C GLY A 46 -0.41 -10.52 -20.08
N SER A 47 -0.43 -11.68 -20.73
CA SER A 47 -0.75 -12.93 -20.05
C SER A 47 0.38 -13.33 -19.09
N ARG A 48 1.59 -13.44 -19.62
CA ARG A 48 2.75 -13.81 -18.81
C ARG A 48 3.91 -12.84 -19.05
N GLN A 49 4.12 -11.95 -18.08
CA GLN A 49 5.19 -10.97 -18.16
C GLN A 49 6.04 -10.96 -16.90
N ASP A 50 7.30 -11.31 -17.04
CA ASP A 50 8.21 -11.34 -15.89
C ASP A 50 9.48 -10.53 -16.18
N MET A 51 9.89 -10.53 -17.45
CA MET A 51 11.08 -9.78 -17.85
C MET A 51 10.74 -8.32 -18.17
N ALA A 52 9.93 -7.72 -17.30
CA ALA A 52 9.53 -6.32 -17.49
C ALA A 52 9.19 -5.67 -16.15
N HIS A 53 9.99 -4.68 -15.78
CA HIS A 53 9.78 -3.97 -14.51
C HIS A 53 10.74 -2.78 -14.39
N SER A 54 10.27 -1.72 -13.75
CA SER A 54 11.09 -0.52 -13.57
C SER A 54 11.57 -0.40 -12.13
N ASN A 55 10.66 -0.04 -11.23
CA ASN A 55 11.00 0.11 -9.82
C ASN A 55 9.74 0.15 -8.96
N PRO A 56 9.47 -0.97 -8.25
CA PRO A 56 8.29 -1.09 -7.38
C PRO A 56 8.40 -0.21 -6.14
N TYR A 57 7.31 0.48 -5.81
CA TYR A 57 7.29 1.35 -4.65
C TYR A 57 5.88 1.47 -4.08
N VAL A 58 5.76 1.40 -2.76
CA VAL A 58 4.48 1.50 -2.10
C VAL A 58 4.23 2.91 -1.58
N LYS A 59 2.99 3.39 -1.73
CA LYS A 59 2.63 4.72 -1.28
C LYS A 59 1.92 4.67 0.08
N ILE A 60 1.84 5.81 0.74
CA ILE A 60 1.19 5.90 2.05
C ILE A 60 0.34 7.14 2.15
N CYS A 61 -0.97 6.95 2.34
CA CYS A 61 -1.91 8.06 2.47
C CYS A 61 -2.85 7.85 3.65
N LEU A 62 -3.01 8.88 4.47
CA LEU A 62 -3.88 8.81 5.64
C LEU A 62 -5.20 9.52 5.37
N LEU A 63 -6.19 8.76 4.88
CA LEU A 63 -7.51 9.31 4.59
C LEU A 63 -8.13 9.93 5.84
N PRO A 64 -9.04 10.89 5.62
CA PRO A 64 -9.42 11.34 4.28
C PRO A 64 -8.31 12.11 3.58
N ASP A 65 -7.41 12.69 4.37
CA ASP A 65 -6.28 13.44 3.83
C ASP A 65 -5.61 12.68 2.70
N GLN A 66 -5.62 13.27 1.51
CA GLN A 66 -4.99 12.64 0.34
C GLN A 66 -3.79 13.45 -0.14
N LYS A 67 -3.95 14.76 -0.20
CA LYS A 67 -2.87 15.64 -0.64
C LYS A 67 -1.52 15.16 -0.10
N ASN A 68 -1.41 15.06 1.22
CA ASN A 68 -0.18 14.61 1.85
C ASN A 68 -0.04 13.10 1.75
N SER A 69 0.99 12.65 1.03
CA SER A 69 1.23 11.22 0.84
C SER A 69 2.73 10.92 0.90
N LYS A 70 3.06 9.77 1.48
CA LYS A 70 4.46 9.37 1.61
C LYS A 70 4.74 8.14 0.74
N GLN A 71 5.94 8.09 0.17
CA GLN A 71 6.33 6.98 -0.70
C GLN A 71 7.69 6.42 -0.27
N THR A 72 7.89 5.13 -0.50
CA THR A 72 9.15 4.47 -0.15
C THR A 72 10.21 4.68 -1.22
N GLY A 73 11.46 4.37 -0.89
CA GLY A 73 12.54 4.53 -1.85
C GLY A 73 12.26 3.83 -3.16
N VAL A 74 13.28 3.76 -4.01
CA VAL A 74 13.14 3.10 -5.31
C VAL A 74 14.19 2.01 -5.49
N LYS A 75 13.72 0.79 -5.74
CA LYS A 75 14.61 -0.35 -5.93
C LYS A 75 14.67 -0.76 -7.40
N ARG A 76 15.60 -1.63 -7.74
CA ARG A 76 15.75 -2.10 -9.11
C ARG A 76 14.67 -3.13 -9.45
N LYS A 77 14.39 -3.28 -10.73
CA LYS A 77 13.38 -4.23 -11.19
C LYS A 77 13.40 -5.50 -10.34
N THR A 78 12.30 -5.73 -9.63
CA THR A 78 12.18 -6.91 -8.77
C THR A 78 10.73 -7.18 -8.39
N GLN A 79 10.21 -8.33 -8.80
CA GLN A 79 8.84 -8.70 -8.50
C GLN A 79 8.50 -8.43 -7.04
N LYS A 80 9.30 -9.00 -6.14
CA LYS A 80 9.10 -8.81 -4.71
C LYS A 80 10.04 -7.75 -4.15
N PRO A 81 9.53 -6.54 -3.97
CA PRO A 81 10.31 -5.42 -3.44
C PRO A 81 10.66 -5.60 -1.96
N VAL A 82 11.75 -4.97 -1.54
CA VAL A 82 12.20 -5.06 -0.16
C VAL A 82 12.50 -3.68 0.42
N PHE A 83 11.50 -3.08 1.06
CA PHE A 83 11.66 -1.76 1.64
C PHE A 83 11.92 -1.86 3.15
N GLU A 84 11.06 -2.60 3.84
CA GLU A 84 11.20 -2.78 5.28
C GLU A 84 11.78 -1.52 5.93
N GLU A 85 11.22 -0.37 5.58
CA GLU A 85 11.68 0.90 6.14
C GLU A 85 10.73 1.39 7.22
N ARG A 86 11.16 2.41 7.95
CA ARG A 86 10.36 2.98 9.03
C ARG A 86 10.03 4.44 8.75
N TYR A 87 8.82 4.85 9.11
CA TYR A 87 8.39 6.23 8.90
C TYR A 87 7.66 6.76 10.13
N THR A 88 7.72 8.08 10.32
CA THR A 88 7.08 8.72 11.45
C THR A 88 6.20 9.88 11.00
N PHE A 89 5.12 10.12 11.74
CA PHE A 89 4.20 11.20 11.41
C PHE A 89 3.70 11.89 12.68
N GLU A 90 3.89 13.20 12.75
CA GLU A 90 3.47 13.98 13.89
C GLU A 90 1.95 14.11 13.94
N ILE A 91 1.31 13.21 14.70
CA ILE A 91 -0.14 13.22 14.83
C ILE A 91 -0.59 12.59 16.14
N PRO A 92 -1.51 13.27 16.84
CA PRO A 92 -2.03 12.78 18.12
C PRO A 92 -2.92 11.56 17.96
N PHE A 93 -2.77 10.61 18.88
CA PHE A 93 -3.55 9.38 18.83
C PHE A 93 -4.98 9.67 18.38
N LEU A 94 -5.71 10.44 19.17
CA LEU A 94 -7.09 10.78 18.86
C LEU A 94 -7.29 10.89 17.34
N GLU A 95 -6.48 11.70 16.69
CA GLU A 95 -6.56 11.88 15.25
C GLU A 95 -6.30 10.57 14.51
N ALA A 96 -5.18 9.94 14.85
CA ALA A 96 -4.81 8.66 14.23
C ALA A 96 -6.02 7.75 14.10
N GLN A 97 -6.71 7.53 15.21
CA GLN A 97 -7.89 6.67 15.22
C GLN A 97 -8.83 7.01 14.06
N ARG A 98 -9.00 8.31 13.81
CA ARG A 98 -9.86 8.77 12.73
C ARG A 98 -9.23 8.49 11.36
N ARG A 99 -7.91 8.60 11.30
CA ARG A 99 -7.18 8.37 10.06
C ARG A 99 -7.12 6.88 9.74
N THR A 100 -7.05 6.55 8.46
CA THR A 100 -6.97 5.16 8.03
C THR A 100 -5.67 4.88 7.31
N LEU A 101 -5.01 3.79 7.69
CA LEU A 101 -3.74 3.40 7.08
C LEU A 101 -3.97 2.71 5.73
N LEU A 102 -3.70 3.44 4.65
CA LEU A 102 -3.88 2.90 3.31
C LEU A 102 -2.57 2.94 2.52
N LEU A 103 -2.16 1.79 2.02
CA LEU A 103 -0.92 1.68 1.25
C LEU A 103 -1.21 1.30 -0.20
N THR A 104 -0.90 2.20 -1.12
CA THR A 104 -1.13 1.96 -2.54
C THR A 104 0.17 1.59 -3.25
N VAL A 105 0.26 0.33 -3.68
CA VAL A 105 1.45 -0.15 -4.37
C VAL A 105 1.44 0.26 -5.84
N VAL A 106 2.34 1.17 -6.20
CA VAL A 106 2.42 1.65 -7.57
C VAL A 106 3.85 1.53 -8.10
N ASP A 107 3.98 1.17 -9.37
CA ASP A 107 5.28 1.02 -10.01
C ASP A 107 5.82 2.37 -10.48
N PHE A 108 7.13 2.49 -10.52
CA PHE A 108 7.77 3.73 -10.97
C PHE A 108 6.95 4.41 -12.06
N ASP A 109 6.60 5.67 -11.85
CA ASP A 109 5.82 6.43 -12.81
C ASP A 109 6.30 6.15 -14.23
N LYS A 110 5.36 5.87 -15.13
CA LYS A 110 5.68 5.59 -16.51
C LYS A 110 4.56 6.05 -17.44
N PHE A 111 4.91 6.90 -18.40
CA PHE A 111 3.94 7.42 -19.35
C PHE A 111 2.68 7.90 -18.64
N SER A 112 2.87 8.58 -17.51
CA SER A 112 1.76 9.09 -16.72
C SER A 112 0.67 8.04 -16.58
N ARG A 113 1.07 6.80 -16.30
CA ARG A 113 0.13 5.70 -16.15
C ARG A 113 -0.11 5.39 -14.67
N HIS A 114 0.91 5.65 -13.84
CA HIS A 114 0.81 5.41 -12.41
C HIS A 114 -0.02 4.16 -12.13
N CYS A 115 0.21 3.11 -12.92
CA CYS A 115 -0.52 1.86 -12.75
C CYS A 115 -0.73 1.54 -11.28
N VAL A 116 -1.98 1.57 -10.85
CA VAL A 116 -2.32 1.29 -9.45
C VAL A 116 -2.68 -0.18 -9.26
N ILE A 117 -1.68 -0.99 -8.99
CA ILE A 117 -1.90 -2.43 -8.78
C ILE A 117 -3.03 -2.67 -7.78
N GLY A 118 -2.92 -2.04 -6.62
CA GLY A 118 -3.94 -2.20 -5.60
C GLY A 118 -3.66 -1.38 -4.35
N LYS A 119 -4.55 -1.46 -3.37
CA LYS A 119 -4.39 -0.71 -2.13
C LYS A 119 -4.88 -1.53 -0.95
N VAL A 120 -4.43 -1.16 0.25
CA VAL A 120 -4.82 -1.86 1.47
C VAL A 120 -5.20 -0.88 2.57
N SER A 121 -6.50 -0.69 2.77
CA SER A 121 -7.00 0.23 3.79
C SER A 121 -7.34 -0.52 5.07
N VAL A 122 -7.07 0.11 6.21
CA VAL A 122 -7.36 -0.50 7.51
C VAL A 122 -7.62 0.58 8.56
N PRO A 123 -8.73 0.42 9.29
CA PRO A 123 -9.12 1.36 10.36
C PRO A 123 -8.20 1.28 11.56
N LEU A 124 -7.51 2.39 11.83
CA LEU A 124 -6.58 2.46 12.96
C LEU A 124 -7.30 2.90 14.23
N CYS A 125 -8.55 2.48 14.37
CA CYS A 125 -9.35 2.83 15.54
C CYS A 125 -9.72 1.59 16.34
N GLU A 126 -9.70 0.44 15.68
CA GLU A 126 -10.04 -0.83 16.33
C GLU A 126 -8.78 -1.60 16.69
N VAL A 127 -7.85 -1.68 15.74
CA VAL A 127 -6.60 -2.40 15.95
C VAL A 127 -5.72 -1.68 16.99
N ASP A 128 -4.98 -2.47 17.76
CA ASP A 128 -4.10 -1.91 18.79
C ASP A 128 -2.87 -1.26 18.16
N LEU A 129 -2.92 0.07 18.04
CA LEU A 129 -1.81 0.81 17.45
C LEU A 129 -0.65 0.92 18.44
N VAL A 130 -0.93 1.38 19.65
CA VAL A 130 0.08 1.52 20.68
C VAL A 130 0.94 0.27 20.78
N LYS A 131 0.31 -0.89 20.65
CA LYS A 131 1.00 -2.17 20.72
C LYS A 131 1.68 -2.49 19.40
N GLY A 132 0.88 -2.78 18.38
CA GLY A 132 1.41 -3.10 17.07
C GLY A 132 0.41 -3.82 16.19
N GLY A 133 0.71 -3.90 14.90
CA GLY A 133 -0.20 -4.57 13.97
C GLY A 133 0.56 -5.29 12.87
N HIS A 134 1.38 -6.26 13.24
CA HIS A 134 2.16 -7.02 12.27
C HIS A 134 1.33 -8.16 11.69
N TRP A 135 0.77 -7.94 10.51
CA TRP A 135 -0.05 -8.95 9.84
C TRP A 135 0.09 -8.85 8.33
N TRP A 136 -0.51 -9.81 7.62
CA TRP A 136 -0.46 -9.83 6.17
C TRP A 136 -1.85 -9.62 5.57
N LYS A 137 -1.93 -8.73 4.59
CA LYS A 137 -3.20 -8.43 3.93
C LYS A 137 -3.08 -8.57 2.41
N ALA A 138 -4.20 -8.80 1.74
CA ALA A 138 -4.21 -8.94 0.29
C ALA A 138 -4.65 -7.65 -0.38
N LEU A 139 -3.83 -7.17 -1.32
CA LEU A 139 -4.13 -5.94 -2.04
C LEU A 139 -5.50 -6.02 -2.72
N ILE A 140 -6.09 -4.87 -3.00
CA ILE A 140 -7.39 -4.82 -3.65
C ILE A 140 -7.42 -3.77 -4.76
N PRO A 141 -8.28 -3.99 -5.76
CA PRO A 141 -8.41 -3.07 -6.90
C PRO A 141 -9.05 -1.75 -6.50
N SER A 142 -8.22 -0.74 -6.28
CA SER A 142 -8.70 0.58 -5.89
C SER A 142 -9.77 1.08 -6.88
N GLY A 143 -10.70 1.87 -6.36
CA GLY A 143 -11.76 2.41 -7.21
C GLY A 143 -12.19 3.80 -6.79
N PRO A 144 -12.79 4.55 -7.73
CA PRO A 144 -13.27 5.91 -7.47
C PRO A 144 -14.47 5.94 -6.54
N SER A 145 -14.56 6.99 -5.72
CA SER A 145 -15.67 7.13 -4.78
C SER A 145 -17.01 7.12 -5.51
N SER A 146 -17.95 6.33 -5.00
CA SER A 146 -19.26 6.23 -5.61
C SER A 146 -20.32 5.91 -4.56
N GLY A 147 -21.42 6.66 -4.59
CA GLY A 147 -22.49 6.45 -3.63
C GLY A 147 -23.56 5.50 -4.15
N GLY A 1 -18.42 -11.77 -0.78
CA GLY A 1 -19.02 -10.67 -0.05
C GLY A 1 -19.91 -11.15 1.08
N SER A 2 -21.11 -10.56 1.17
CA SER A 2 -22.06 -10.94 2.21
C SER A 2 -23.37 -11.43 1.59
N SER A 3 -23.44 -11.41 0.26
CA SER A 3 -24.64 -11.84 -0.45
C SER A 3 -24.33 -13.02 -1.36
N GLY A 4 -23.40 -12.82 -2.29
CA GLY A 4 -23.03 -13.87 -3.22
C GLY A 4 -21.76 -13.55 -3.98
N SER A 5 -21.87 -12.70 -5.00
CA SER A 5 -20.73 -12.32 -5.82
C SER A 5 -19.92 -13.55 -6.22
N SER A 6 -20.62 -14.63 -6.57
CA SER A 6 -19.97 -15.86 -6.98
C SER A 6 -19.38 -15.73 -8.38
N GLY A 7 -18.08 -15.46 -8.45
CA GLY A 7 -17.42 -15.31 -9.73
C GLY A 7 -15.95 -14.97 -9.59
N SER A 8 -15.30 -14.67 -10.71
CA SER A 8 -13.88 -14.33 -10.71
C SER A 8 -13.57 -13.34 -9.59
N LYS A 9 -12.63 -13.70 -8.73
CA LYS A 9 -12.22 -12.85 -7.62
C LYS A 9 -10.98 -12.05 -7.98
N TYR A 10 -10.55 -11.19 -7.05
CA TYR A 10 -9.37 -10.37 -7.27
C TYR A 10 -8.15 -10.98 -6.59
N GLN A 11 -7.24 -11.51 -7.41
CA GLN A 11 -6.02 -12.12 -6.88
C GLN A 11 -4.80 -11.27 -7.22
N LEU A 12 -4.98 -9.95 -7.18
CA LEU A 12 -3.88 -9.02 -7.47
C LEU A 12 -2.61 -9.42 -6.73
N GLY A 13 -2.73 -9.62 -5.41
CA GLY A 13 -1.58 -10.00 -4.61
C GLY A 13 -1.74 -9.63 -3.16
N MET A 14 -0.62 -9.49 -2.45
CA MET A 14 -0.65 -9.12 -1.04
C MET A 14 0.56 -8.26 -0.69
N LEU A 15 0.42 -7.47 0.38
CA LEU A 15 1.50 -6.59 0.82
C LEU A 15 1.73 -6.72 2.32
N HIS A 16 2.99 -6.68 2.73
CA HIS A 16 3.35 -6.80 4.14
C HIS A 16 3.59 -5.42 4.75
N PHE A 17 2.93 -5.16 5.88
CA PHE A 17 3.08 -3.88 6.57
C PHE A 17 2.66 -4.00 8.04
N SER A 18 2.98 -2.97 8.82
CA SER A 18 2.64 -2.96 10.24
C SER A 18 2.43 -1.53 10.73
N THR A 19 1.42 -1.35 11.59
CA THR A 19 1.12 -0.04 12.14
C THR A 19 1.29 -0.02 13.65
N GLN A 20 2.27 0.76 14.12
CA GLN A 20 2.54 0.87 15.55
C GLN A 20 2.72 2.33 15.96
N TYR A 21 1.95 2.75 16.96
CA TYR A 21 2.02 4.12 17.45
C TYR A 21 2.93 4.21 18.67
N ASP A 22 3.83 5.18 18.65
CA ASP A 22 4.77 5.39 19.76
C ASP A 22 4.28 6.49 20.68
N LEU A 23 4.21 6.19 21.98
CA LEU A 23 3.76 7.17 22.95
C LEU A 23 4.89 8.12 23.35
N LEU A 24 6.00 7.54 23.78
CA LEU A 24 7.17 8.33 24.18
C LEU A 24 7.38 9.51 23.23
N HIS A 25 7.28 9.23 21.94
CA HIS A 25 7.47 10.26 20.92
C HIS A 25 6.13 10.86 20.50
N ASN A 26 5.04 10.22 20.94
CA ASN A 26 3.70 10.68 20.60
C ASN A 26 3.55 10.90 19.09
N HIS A 27 3.93 9.88 18.31
CA HIS A 27 3.84 9.96 16.87
C HIS A 27 3.50 8.59 16.27
N LEU A 28 3.21 8.58 14.97
CA LEU A 28 2.88 7.34 14.29
C LEU A 28 4.08 6.79 13.53
N THR A 29 4.42 5.54 13.79
CA THR A 29 5.56 4.89 13.13
C THR A 29 5.10 3.73 12.26
N VAL A 30 5.04 3.98 10.95
CA VAL A 30 4.61 2.95 10.00
C VAL A 30 5.82 2.25 9.38
N ARG A 31 6.07 1.02 9.82
CA ARG A 31 7.19 0.24 9.31
C ARG A 31 6.80 -0.51 8.03
N VAL A 32 7.22 0.02 6.89
CA VAL A 32 6.91 -0.60 5.60
C VAL A 32 7.70 -1.89 5.42
N ILE A 33 6.98 -2.98 5.14
CA ILE A 33 7.63 -4.28 4.93
C ILE A 33 7.57 -4.69 3.46
N GLU A 34 8.35 -5.69 3.10
CA GLU A 34 8.39 -6.18 1.73
C GLU A 34 7.01 -6.64 1.29
N ALA A 35 6.92 -7.15 0.05
CA ALA A 35 5.66 -7.63 -0.50
C ALA A 35 5.89 -8.78 -1.47
N ARG A 36 4.80 -9.33 -1.99
CA ARG A 36 4.87 -10.44 -2.93
C ARG A 36 3.54 -10.66 -3.63
N ASP A 37 3.55 -11.48 -4.68
CA ASP A 37 2.33 -11.77 -5.42
C ASP A 37 1.92 -10.58 -6.29
N LEU A 38 2.91 -9.76 -6.65
CA LEU A 38 2.64 -8.58 -7.47
C LEU A 38 2.77 -8.91 -8.96
N PRO A 39 1.74 -8.56 -9.73
CA PRO A 39 1.72 -8.82 -11.18
C PRO A 39 2.70 -7.93 -11.93
N PRO A 40 3.47 -8.53 -12.85
CA PRO A 40 4.46 -7.82 -13.64
C PRO A 40 3.82 -6.89 -14.67
N PRO A 41 4.64 -6.03 -15.30
CA PRO A 41 4.17 -5.08 -16.31
C PRO A 41 3.75 -5.77 -17.60
N ILE A 42 2.44 -5.84 -17.82
CA ILE A 42 1.90 -6.46 -19.02
C ILE A 42 0.91 -5.54 -19.72
N SER A 43 0.92 -5.58 -21.05
CA SER A 43 0.03 -4.75 -21.86
C SER A 43 -1.01 -5.60 -22.58
N HIS A 44 -2.17 -5.02 -22.83
CA HIS A 44 -3.25 -5.73 -23.52
C HIS A 44 -2.73 -6.40 -24.79
N ASP A 45 -2.00 -5.63 -25.60
CA ASP A 45 -1.44 -6.16 -26.85
C ASP A 45 -0.48 -7.30 -26.57
N GLY A 46 0.44 -7.09 -25.63
CA GLY A 46 1.41 -8.12 -25.29
C GLY A 46 2.82 -7.71 -25.61
N SER A 47 3.28 -6.62 -25.00
CA SER A 47 4.63 -6.12 -25.23
C SER A 47 5.60 -6.70 -24.22
N ARG A 48 6.44 -7.63 -24.68
CA ARG A 48 7.42 -8.27 -23.81
C ARG A 48 8.84 -8.02 -24.32
N GLN A 49 9.80 -8.00 -23.40
CA GLN A 49 11.20 -7.77 -23.76
C GLN A 49 12.11 -8.76 -23.04
N ASP A 50 13.35 -8.86 -23.50
CA ASP A 50 14.32 -9.75 -22.90
C ASP A 50 14.22 -9.72 -21.38
N MET A 51 14.54 -8.58 -20.79
CA MET A 51 14.49 -8.42 -19.35
C MET A 51 13.56 -7.27 -18.96
N ALA A 52 12.30 -7.61 -18.67
CA ALA A 52 11.31 -6.62 -18.30
C ALA A 52 11.23 -6.47 -16.78
N HIS A 53 11.94 -5.49 -16.24
CA HIS A 53 11.95 -5.24 -14.81
C HIS A 53 10.62 -4.66 -14.34
N SER A 54 10.36 -4.75 -13.04
CA SER A 54 9.12 -4.23 -12.48
C SER A 54 9.37 -2.91 -11.74
N ASN A 55 10.46 -2.86 -10.99
CA ASN A 55 10.81 -1.66 -10.23
C ASN A 55 9.57 -1.01 -9.63
N PRO A 56 8.80 -1.81 -8.87
CA PRO A 56 7.58 -1.35 -8.21
C PRO A 56 7.87 -0.37 -7.07
N TYR A 57 6.81 0.23 -6.53
CA TYR A 57 6.95 1.19 -5.43
C TYR A 57 5.60 1.45 -4.77
N VAL A 58 5.58 1.40 -3.44
CA VAL A 58 4.36 1.65 -2.68
C VAL A 58 4.33 3.06 -2.11
N LYS A 59 3.14 3.53 -1.77
CA LYS A 59 2.97 4.87 -1.21
C LYS A 59 2.22 4.82 0.11
N ILE A 60 2.30 5.91 0.87
CA ILE A 60 1.62 5.99 2.15
C ILE A 60 0.87 7.32 2.31
N CYS A 61 -0.20 7.29 3.08
CA CYS A 61 -1.01 8.49 3.31
C CYS A 61 -1.95 8.29 4.49
N LEU A 62 -2.58 9.38 4.92
CA LEU A 62 -3.51 9.33 6.05
C LEU A 62 -4.87 9.91 5.66
N LEU A 63 -5.82 9.03 5.35
CA LEU A 63 -7.15 9.46 4.96
C LEU A 63 -7.86 10.15 6.13
N PRO A 64 -8.84 11.01 5.80
CA PRO A 64 -9.22 11.28 4.41
C PRO A 64 -8.15 12.07 3.66
N ASP A 65 -7.58 13.07 4.32
CA ASP A 65 -6.54 13.89 3.73
C ASP A 65 -5.67 13.06 2.78
N GLN A 66 -5.63 13.48 1.52
CA GLN A 66 -4.83 12.78 0.51
C GLN A 66 -3.72 13.67 -0.02
N LYS A 67 -3.50 14.80 0.64
CA LYS A 67 -2.47 15.74 0.23
C LYS A 67 -1.08 15.20 0.56
N ASN A 68 -0.76 15.14 1.85
CA ASN A 68 0.54 14.65 2.30
C ASN A 68 0.66 13.16 2.03
N SER A 69 1.49 12.79 1.05
CA SER A 69 1.70 11.41 0.69
C SER A 69 3.18 11.08 0.59
N LYS A 70 3.58 9.94 1.14
CA LYS A 70 4.97 9.51 1.11
C LYS A 70 5.19 8.43 0.05
N GLN A 71 6.45 8.08 -0.18
CA GLN A 71 6.79 7.06 -1.16
C GLN A 71 8.05 6.30 -0.75
N THR A 72 7.99 4.98 -0.82
CA THR A 72 9.12 4.14 -0.46
C THR A 72 10.11 4.01 -1.61
N GLY A 73 11.40 3.98 -1.28
CA GLY A 73 12.42 3.86 -2.29
C GLY A 73 12.05 2.88 -3.38
N VAL A 74 11.95 3.36 -4.62
CA VAL A 74 11.60 2.51 -5.74
C VAL A 74 12.76 1.61 -6.14
N LYS A 75 12.59 0.31 -5.94
CA LYS A 75 13.63 -0.66 -6.27
C LYS A 75 13.71 -0.87 -7.79
N ARG A 76 14.78 -1.53 -8.22
CA ARG A 76 14.98 -1.78 -9.65
C ARG A 76 15.34 -3.25 -9.89
N LYS A 77 14.78 -3.83 -10.95
CA LYS A 77 15.04 -5.22 -11.29
C LYS A 77 14.64 -6.15 -10.14
N THR A 78 13.40 -6.01 -9.68
CA THR A 78 12.89 -6.83 -8.58
C THR A 78 11.37 -6.84 -8.57
N GLN A 79 10.79 -8.00 -8.29
CA GLN A 79 9.34 -8.15 -8.24
C GLN A 79 8.82 -7.87 -6.84
N LYS A 80 9.64 -8.15 -5.83
CA LYS A 80 9.25 -7.92 -4.44
C LYS A 80 10.01 -6.74 -3.86
N PRO A 81 9.39 -5.56 -3.90
CA PRO A 81 9.99 -4.32 -3.37
C PRO A 81 10.07 -4.32 -1.85
N VAL A 82 11.26 -4.60 -1.34
CA VAL A 82 11.47 -4.63 0.11
C VAL A 82 12.15 -3.35 0.59
N PHE A 83 11.34 -2.41 1.06
CA PHE A 83 11.86 -1.13 1.54
C PHE A 83 12.35 -1.26 2.99
N GLU A 84 11.57 -1.97 3.80
CA GLU A 84 11.92 -2.17 5.20
C GLU A 84 12.44 -0.87 5.83
N GLU A 85 11.71 0.21 5.63
CA GLU A 85 12.09 1.51 6.17
C GLU A 85 11.15 1.94 7.28
N ARG A 86 11.55 2.95 8.04
CA ARG A 86 10.74 3.46 9.14
C ARG A 86 10.43 4.94 8.95
N TYR A 87 9.17 5.30 9.14
CA TYR A 87 8.73 6.69 8.99
C TYR A 87 8.07 7.20 10.26
N THR A 88 7.87 8.51 10.34
CA THR A 88 7.26 9.12 11.49
C THR A 88 6.22 10.17 11.08
N PHE A 89 5.18 10.31 11.88
CA PHE A 89 4.12 11.28 11.60
C PHE A 89 3.56 11.86 12.89
N GLU A 90 3.82 13.14 13.12
CA GLU A 90 3.35 13.82 14.32
C GLU A 90 1.82 13.88 14.33
N ILE A 91 1.21 12.83 14.87
CA ILE A 91 -0.25 12.76 14.95
C ILE A 91 -0.71 12.29 16.33
N PRO A 92 -1.66 13.02 16.91
CA PRO A 92 -2.21 12.70 18.24
C PRO A 92 -3.05 11.42 18.22
N PHE A 93 -2.78 10.52 19.16
CA PHE A 93 -3.50 9.27 19.26
C PHE A 93 -4.96 9.46 18.85
N LEU A 94 -5.70 10.22 19.65
CA LEU A 94 -7.11 10.48 19.37
C LEU A 94 -7.37 10.53 17.87
N GLU A 95 -6.54 11.29 17.15
CA GLU A 95 -6.68 11.43 15.71
C GLU A 95 -6.49 10.07 15.02
N ALA A 96 -5.40 9.39 15.34
CA ALA A 96 -5.11 8.09 14.76
C ALA A 96 -6.38 7.27 14.58
N GLN A 97 -7.17 7.16 15.65
CA GLN A 97 -8.41 6.40 15.61
C GLN A 97 -9.28 6.84 14.44
N ARG A 98 -9.49 8.15 14.34
CA ARG A 98 -10.31 8.72 13.27
C ARG A 98 -9.66 8.48 11.91
N ARG A 99 -8.36 8.70 11.83
CA ARG A 99 -7.62 8.52 10.58
C ARG A 99 -7.52 7.03 10.23
N THR A 100 -7.38 6.74 8.94
CA THR A 100 -7.27 5.36 8.48
C THR A 100 -5.97 5.15 7.69
N LEU A 101 -5.36 3.99 7.86
CA LEU A 101 -4.13 3.66 7.17
C LEU A 101 -4.42 2.96 5.85
N LEU A 102 -4.09 3.62 4.73
CA LEU A 102 -4.32 3.06 3.41
C LEU A 102 -3.06 3.15 2.56
N LEU A 103 -2.57 1.99 2.10
CA LEU A 103 -1.38 1.94 1.27
C LEU A 103 -1.73 1.72 -0.19
N THR A 104 -0.97 2.34 -1.08
CA THR A 104 -1.21 2.20 -2.53
C THR A 104 0.04 1.70 -3.24
N VAL A 105 -0.09 0.53 -3.88
CA VAL A 105 1.02 -0.06 -4.60
C VAL A 105 0.95 0.26 -6.09
N VAL A 106 2.01 0.86 -6.61
CA VAL A 106 2.07 1.23 -8.02
C VAL A 106 3.28 0.60 -8.71
N ASP A 107 3.11 0.22 -9.98
CA ASP A 107 4.19 -0.40 -10.74
C ASP A 107 4.75 0.59 -11.76
N PHE A 108 5.79 1.32 -11.37
CA PHE A 108 6.41 2.29 -12.25
C PHE A 108 6.93 1.62 -13.53
N ASP A 109 6.53 2.16 -14.67
CA ASP A 109 6.95 1.61 -15.96
C ASP A 109 6.91 2.69 -17.04
N LYS A 110 7.51 2.38 -18.20
CA LYS A 110 7.54 3.32 -19.31
C LYS A 110 6.14 3.80 -19.67
N PHE A 111 5.99 5.09 -19.89
CA PHE A 111 4.69 5.67 -20.24
C PHE A 111 3.56 4.93 -19.53
N SER A 112 3.74 4.69 -18.24
CA SER A 112 2.73 4.00 -17.45
C SER A 112 1.83 4.98 -16.72
N ARG A 113 0.85 5.52 -17.44
CA ARG A 113 -0.08 6.48 -16.86
C ARG A 113 -0.36 6.16 -15.40
N HIS A 114 -1.03 5.03 -15.16
CA HIS A 114 -1.37 4.61 -13.81
C HIS A 114 -1.92 3.19 -13.81
N CYS A 115 -1.11 2.24 -13.33
CA CYS A 115 -1.52 0.85 -13.28
C CYS A 115 -1.34 0.29 -11.86
N VAL A 116 -1.85 1.02 -10.88
CA VAL A 116 -1.75 0.60 -9.48
C VAL A 116 -2.14 -0.87 -9.33
N ILE A 117 -1.40 -1.58 -8.48
CA ILE A 117 -1.67 -2.99 -8.24
C ILE A 117 -2.88 -3.17 -7.33
N GLY A 118 -3.00 -2.31 -6.34
CA GLY A 118 -4.12 -2.38 -5.42
C GLY A 118 -3.95 -1.45 -4.23
N LYS A 119 -4.93 -1.49 -3.32
CA LYS A 119 -4.89 -0.64 -2.13
C LYS A 119 -5.36 -1.42 -0.90
N VAL A 120 -4.77 -1.12 0.25
CA VAL A 120 -5.13 -1.78 1.50
C VAL A 120 -5.37 -0.77 2.61
N SER A 121 -6.63 -0.53 2.93
CA SER A 121 -7.00 0.42 3.97
C SER A 121 -7.41 -0.31 5.25
N VAL A 122 -7.19 0.34 6.39
CA VAL A 122 -7.54 -0.24 7.68
C VAL A 122 -7.71 0.84 8.75
N PRO A 123 -8.86 0.82 9.43
CA PRO A 123 -9.18 1.79 10.48
C PRO A 123 -8.32 1.59 11.73
N LEU A 124 -7.63 2.64 12.14
CA LEU A 124 -6.77 2.59 13.32
C LEU A 124 -7.58 2.85 14.59
N CYS A 125 -8.86 2.53 14.54
CA CYS A 125 -9.74 2.73 15.69
C CYS A 125 -9.66 1.54 16.65
N GLU A 126 -9.85 0.34 16.10
CA GLU A 126 -9.80 -0.88 16.90
C GLU A 126 -8.37 -1.41 17.01
N VAL A 127 -7.67 -1.43 15.89
CA VAL A 127 -6.29 -1.90 15.86
C VAL A 127 -5.54 -1.49 17.12
N ASP A 128 -4.63 -2.35 17.57
CA ASP A 128 -3.85 -2.07 18.76
C ASP A 128 -2.61 -1.25 18.43
N LEU A 129 -2.81 0.04 18.15
CA LEU A 129 -1.70 0.93 17.80
C LEU A 129 -0.64 0.92 18.89
N VAL A 130 -1.08 1.06 20.15
CA VAL A 130 -0.16 1.07 21.28
C VAL A 130 0.92 0.00 21.12
N LYS A 131 0.52 -1.16 20.61
CA LYS A 131 1.45 -2.27 20.40
C LYS A 131 1.94 -2.31 18.96
N GLY A 132 1.07 -2.76 18.06
CA GLY A 132 1.43 -2.84 16.66
C GLY A 132 0.37 -3.55 15.82
N GLY A 133 0.58 -3.59 14.52
CA GLY A 133 -0.37 -4.23 13.63
C GLY A 133 0.32 -5.05 12.55
N HIS A 134 1.09 -6.05 12.95
CA HIS A 134 1.80 -6.90 12.01
C HIS A 134 0.90 -8.03 11.49
N TRP A 135 0.42 -7.88 10.27
CA TRP A 135 -0.45 -8.88 9.67
C TRP A 135 -0.33 -8.86 8.15
N TRP A 136 -1.08 -9.74 7.49
CA TRP A 136 -1.06 -9.84 6.03
C TRP A 136 -2.46 -9.67 5.45
N LYS A 137 -2.58 -8.81 4.45
CA LYS A 137 -3.86 -8.56 3.80
C LYS A 137 -3.75 -8.71 2.29
N ALA A 138 -4.90 -8.81 1.63
CA ALA A 138 -4.92 -8.96 0.17
C ALA A 138 -5.27 -7.63 -0.50
N LEU A 139 -4.59 -7.34 -1.60
CA LEU A 139 -4.82 -6.09 -2.34
C LEU A 139 -6.13 -6.17 -3.10
N ILE A 140 -6.77 -5.01 -3.29
CA ILE A 140 -8.03 -4.94 -4.01
C ILE A 140 -7.94 -3.97 -5.19
N PRO A 141 -8.73 -4.22 -6.24
CA PRO A 141 -8.75 -3.39 -7.44
C PRO A 141 -9.38 -2.02 -7.18
N SER A 142 -8.54 -1.01 -7.00
CA SER A 142 -9.00 0.35 -6.74
C SER A 142 -9.81 0.88 -7.92
N GLY A 143 -9.16 0.96 -9.08
CA GLY A 143 -9.84 1.45 -10.27
C GLY A 143 -9.20 2.72 -10.80
N PRO A 144 -9.97 3.47 -11.62
CA PRO A 144 -9.49 4.72 -12.22
C PRO A 144 -9.35 5.83 -11.18
N SER A 145 -9.61 5.50 -9.91
CA SER A 145 -9.50 6.48 -8.83
C SER A 145 -8.05 6.74 -8.48
N SER A 146 -7.53 7.87 -8.95
CA SER A 146 -6.14 8.24 -8.67
C SER A 146 -6.08 9.47 -7.77
N GLY A 147 -4.93 9.66 -7.12
CA GLY A 147 -4.76 10.79 -6.23
C GLY A 147 -3.38 10.84 -5.61
#